data_8WGY
#
_entry.id   8WGY
#
_cell.length_a   1.00
_cell.length_b   1.00
_cell.length_c   1.00
_cell.angle_alpha   90.00
_cell.angle_beta   90.00
_cell.angle_gamma   90.00
#
_symmetry.space_group_name_H-M   'P 1'
#
loop_
_entity.id
_entity.type
_entity.pdbx_description
1 polymer 'Uncoating factor OPG117'
2 polymer "DNA (5'-D(P*CP*CP*C)-3')"
3 non-polymer 'PHOSPHOAMINOPHOSPHONIC ACID-ADENYLATE ESTER'
4 non-polymer 'MAGNESIUM ION'
5 non-polymer 'ZINC ION'
#
loop_
_entity_poly.entity_id
_entity_poly.type
_entity_poly.pdbx_seq_one_letter_code
_entity_poly.pdbx_strand_id
1 'polypeptide(L)'
;MDAAIRGNDVIFVLKTIGVPSACRQNEDPRFVEAFKCDELERYIDNNPECTLFESLRDEEAYSIVRIFMDVDLDACLDEI
DYLTAIQDFIIEVSNCVARFAFTECGAIHENVIKSMRSNFSLTKSTNRDKTSFHIIFLDTYTTMDTLIAMKRTLLELSRS
SENPLTRSIDTAVYRRKTTLRVVGTRKNPNCDTIHVMQPPHDNIEDYLFTYVDMNNNSYYFSLQRRLEDLVPDKLWEPGF
ISFEDAIKRVSKIFINSIINFNDLDENNFTTVPLVIDYVTPCALCKKRSHKHPHQLSLENGAIRIYKTGNPHSCKVKIVP
LDGNKLFNIAQRILDTNSVLLTERGDHIVWINNSWKFNSEEPLITKLILSIRHQLPKEYSSELLCPRKRKTVEANIRDML
VDSVETDTYPDKLPFKNGVLDLVDGMFYSGDDAKKYTCTVSTGFKFDDTKFVEDSPEMEELMNIINDIQPLTDENKKNRE
LYEKTLSSCLCGATKGCLTFFFGETATGKSTTKRLLKSAIGDLFVETGQTILTDVLDKGPNPFIANMHLKRSVFCSELPD
FACSGSKKIRSDNIKKLTEPCVIGRPCFSNKINNRNHATIIIDTNYKPVFDRIDNALMRRIAVVRFRTHFSQPSGREAAE
NNDAYDKVKLLDEGLDGKIQNNRYRFAFLYLLVKWYKKYHIPIMKLYPTPEEIPDFAFYLKIGTLLVSSSVKHIPLMTDL
SKKGYILYDNVVTLPLTTFQQKISKYFNSRLFGHDIESFINRHKKFANVSDEYLQYIFIEDISSP
;
B,E,D,F,C,A
2 'polydeoxyribonucleotide' (DC)(DC)(DC) T
#
# COMPACT_ATOMS: atom_id res chain seq x y z
N GLY A 323 44.22 -20.53 21.33
CA GLY A 323 43.33 -20.05 22.36
C GLY A 323 42.30 -19.05 21.86
N ASN A 324 42.28 -18.85 20.54
CA ASN A 324 41.34 -17.93 19.89
C ASN A 324 41.50 -16.51 20.44
N LYS A 325 42.64 -15.92 20.08
CA LYS A 325 42.97 -14.54 20.41
C LYS A 325 41.79 -13.60 20.27
N LEU A 326 40.98 -13.76 19.22
CA LEU A 326 39.87 -12.85 18.99
C LEU A 326 38.76 -13.05 20.03
N PHE A 327 38.48 -14.30 20.41
CA PHE A 327 37.53 -14.54 21.49
C PHE A 327 38.05 -13.98 22.80
N ASN A 328 39.35 -14.13 23.06
CA ASN A 328 39.92 -13.56 24.27
C ASN A 328 39.80 -12.04 24.28
N ILE A 329 40.04 -11.40 23.14
CA ILE A 329 39.88 -9.95 23.03
C ILE A 329 38.44 -9.55 23.29
N ALA A 330 37.48 -10.27 22.72
CA ALA A 330 36.08 -9.94 22.92
C ALA A 330 35.69 -10.08 24.38
N GLN A 331 36.13 -11.15 25.04
CA GLN A 331 35.84 -11.32 26.47
C GLN A 331 36.48 -10.23 27.29
N ARG A 332 37.72 -9.86 26.98
CA ARG A 332 38.40 -8.81 27.72
C ARG A 332 37.69 -7.47 27.55
N ILE A 333 37.19 -7.17 26.35
CA ILE A 333 36.43 -5.95 26.13
C ILE A 333 35.12 -5.99 26.91
N LEU A 334 34.43 -7.15 26.89
CA LEU A 334 33.18 -7.28 27.62
C LEU A 334 33.38 -7.14 29.11
N ASP A 335 34.55 -7.49 29.61
CA ASP A 335 34.82 -7.37 31.05
C ASP A 335 34.83 -5.93 31.51
N THR A 336 35.19 -4.99 30.64
CA THR A 336 35.26 -3.59 31.03
C THR A 336 33.90 -2.92 31.11
N ASN A 337 32.83 -3.60 30.68
CA ASN A 337 31.47 -3.08 30.75
C ASN A 337 31.33 -1.79 29.93
N SER A 338 31.74 -1.86 28.66
CA SER A 338 31.65 -0.72 27.75
C SER A 338 30.60 -0.91 26.66
N VAL A 339 30.05 -2.10 26.49
CA VAL A 339 28.95 -2.35 25.56
C VAL A 339 27.78 -2.89 26.38
N LEU A 340 26.61 -2.28 26.20
CA LEU A 340 25.42 -2.70 26.93
C LEU A 340 24.26 -2.88 25.95
N LEU A 341 23.35 -3.78 26.31
CA LEU A 341 22.13 -4.01 25.55
C LEU A 341 20.96 -3.44 26.33
N THR A 342 20.14 -2.63 25.68
CA THR A 342 19.05 -1.94 26.33
C THR A 342 17.74 -2.70 26.14
N GLU A 343 16.74 -2.36 26.96
CA GLU A 343 15.44 -3.00 26.89
C GLU A 343 14.71 -2.70 25.58
N ARG A 344 15.13 -1.69 24.84
CA ARG A 344 14.59 -1.41 23.51
C ARG A 344 15.31 -2.21 22.43
N GLY A 345 16.28 -3.04 22.79
CA GLY A 345 16.95 -3.88 21.82
C GLY A 345 18.07 -3.23 21.06
N ASP A 346 18.69 -2.20 21.61
CA ASP A 346 19.76 -1.48 20.94
C ASP A 346 21.03 -1.52 21.77
N HIS A 347 22.18 -1.48 21.10
CA HIS A 347 23.48 -1.56 21.75
C HIS A 347 24.03 -0.17 21.97
N ILE A 348 24.37 0.14 23.22
CA ILE A 348 24.95 1.42 23.61
C ILE A 348 26.41 1.19 23.97
N VAL A 349 27.28 2.10 23.51
CA VAL A 349 28.72 1.97 23.72
C VAL A 349 29.21 3.21 24.48
N TRP A 350 30.34 3.04 25.15
CA TRP A 350 30.93 4.10 25.97
C TRP A 350 32.22 4.58 25.29
N ILE A 351 32.10 5.62 24.47
CA ILE A 351 33.24 6.22 23.77
C ILE A 351 33.30 7.68 24.14
N ASN A 352 34.51 8.15 24.49
CA ASN A 352 34.77 9.58 24.72
C ASN A 352 33.88 10.16 25.82
N ASN A 353 33.78 9.43 26.92
CA ASN A 353 33.06 9.88 28.11
C ASN A 353 31.58 10.14 27.82
N SER A 354 30.95 9.22 27.10
CA SER A 354 29.54 9.39 26.77
C SER A 354 28.99 8.06 26.28
N TRP A 355 27.72 7.80 26.60
CA TRP A 355 27.00 6.64 26.10
C TRP A 355 26.35 7.00 24.77
N LYS A 356 26.76 6.33 23.70
CA LYS A 356 26.31 6.63 22.35
C LYS A 356 25.64 5.42 21.73
N PHE A 357 24.73 5.69 20.80
CA PHE A 357 24.06 4.64 20.04
C PHE A 357 23.57 5.22 18.73
N ASN A 358 23.40 4.33 17.75
CA ASN A 358 22.90 4.72 16.43
C ASN A 358 22.33 3.46 15.78
N SER A 359 21.01 3.45 15.58
CA SER A 359 20.35 2.25 15.06
C SER A 359 20.80 1.93 13.65
N GLU A 360 20.98 2.94 12.81
CA GLU A 360 21.40 2.70 11.43
C GLU A 360 22.82 2.14 11.38
N GLU A 361 23.76 2.80 12.05
CA GLU A 361 25.16 2.39 12.04
C GLU A 361 25.61 2.05 13.46
N PRO A 362 25.72 0.77 13.81
CA PRO A 362 26.20 0.42 15.15
C PRO A 362 27.63 0.88 15.37
N LEU A 363 27.93 1.22 16.63
CA LEU A 363 29.21 1.79 17.00
C LEU A 363 30.14 0.80 17.67
N ILE A 364 29.83 -0.51 17.58
CA ILE A 364 30.64 -1.50 18.29
C ILE A 364 32.05 -1.55 17.71
N THR A 365 32.17 -1.49 16.39
CA THR A 365 33.51 -1.50 15.79
C THR A 365 34.28 -0.22 16.09
N LYS A 366 33.58 0.92 16.17
CA LYS A 366 34.22 2.14 16.63
C LYS A 366 34.78 1.98 18.04
N LEU A 367 33.99 1.38 18.93
CA LEU A 367 34.48 1.14 20.29
C LEU A 367 35.65 0.17 20.29
N ILE A 368 35.59 -0.88 19.47
CA ILE A 368 36.67 -1.87 19.42
C ILE A 368 37.97 -1.20 19.00
N LEU A 369 37.91 -0.32 17.99
CA LEU A 369 39.11 0.41 17.60
C LEU A 369 39.55 1.38 18.69
N SER A 370 38.58 1.99 19.39
CA SER A 370 38.92 2.98 20.41
C SER A 370 39.65 2.37 21.60
N ILE A 371 39.09 1.30 22.16
CA ILE A 371 39.69 0.65 23.34
C ILE A 371 40.64 -0.42 22.80
N ARG A 372 41.83 0.02 22.43
CA ARG A 372 42.87 -0.90 21.96
C ARG A 372 44.22 -0.62 22.59
N HIS A 373 44.42 0.52 23.24
CA HIS A 373 45.62 0.76 24.03
C HIS A 373 45.52 0.16 25.43
N GLN A 374 44.32 -0.18 25.88
CA GLN A 374 44.16 -0.85 27.18
C GLN A 374 44.55 -2.31 27.10
N LEU A 375 44.44 -2.92 25.93
CA LEU A 375 44.78 -4.32 25.75
C LEU A 375 46.29 -4.51 25.72
N PRO A 376 46.77 -5.73 25.98
CA PRO A 376 48.21 -6.00 25.87
C PRO A 376 48.73 -5.70 24.48
N LYS A 377 50.07 -5.70 24.36
CA LYS A 377 50.71 -5.30 23.11
C LYS A 377 50.39 -6.27 21.99
N GLU A 378 50.35 -7.57 22.27
CA GLU A 378 50.07 -8.55 21.23
C GLU A 378 48.60 -8.52 20.81
N TYR A 379 47.70 -8.18 21.72
CA TYR A 379 46.28 -8.09 21.38
C TYR A 379 45.95 -6.80 20.64
N SER A 380 46.69 -5.73 20.92
CA SER A 380 46.38 -4.42 20.34
C SER A 380 46.58 -4.41 18.83
N SER A 381 47.66 -5.03 18.35
CA SER A 381 47.97 -5.00 16.93
C SER A 381 46.96 -5.77 16.09
N GLU A 382 46.30 -6.76 16.68
CA GLU A 382 45.32 -7.57 15.97
C GLU A 382 44.05 -6.79 15.62
N LEU A 383 43.86 -5.62 16.21
CA LEU A 383 42.64 -4.84 16.03
C LEU A 383 42.74 -3.81 14.91
N LEU A 384 43.82 -3.83 14.14
CA LEU A 384 44.00 -2.86 13.06
C LEU A 384 43.39 -3.34 11.75
N CYS A 385 42.73 -4.50 11.74
CA CYS A 385 42.10 -5.03 10.54
C CYS A 385 40.58 -4.97 10.68
N PRO A 386 39.87 -4.40 9.70
CA PRO A 386 38.40 -4.36 9.78
C PRO A 386 37.75 -5.72 9.88
N ARG A 387 38.30 -6.74 9.21
CA ARG A 387 37.72 -8.07 9.29
C ARG A 387 37.82 -8.64 10.70
N LYS A 388 38.97 -8.47 11.35
CA LYS A 388 39.11 -8.94 12.72
C LYS A 388 38.26 -8.14 13.69
N ARG A 389 38.11 -6.83 13.44
CA ARG A 389 37.20 -6.03 14.27
C ARG A 389 35.77 -6.52 14.13
N LYS A 390 35.36 -6.89 12.92
CA LYS A 390 34.01 -7.43 12.72
C LYS A 390 33.84 -8.78 13.39
N THR A 391 34.88 -9.62 13.37
CA THR A 391 34.80 -10.90 14.09
C THR A 391 34.65 -10.67 15.59
N VAL A 392 35.41 -9.74 16.16
CA VAL A 392 35.28 -9.43 17.58
C VAL A 392 33.88 -8.89 17.87
N GLU A 393 33.34 -8.07 16.97
CA GLU A 393 31.99 -7.55 17.16
C GLU A 393 30.96 -8.67 17.16
N ALA A 394 31.12 -9.66 16.27
CA ALA A 394 30.22 -10.81 16.27
C ALA A 394 30.29 -11.57 17.58
N ASN A 395 31.51 -11.77 18.10
CA ASN A 395 31.67 -12.43 19.38
C ASN A 395 30.94 -11.67 20.48
N ILE A 396 31.10 -10.34 20.51
CA ILE A 396 30.46 -9.52 21.53
C ILE A 396 28.95 -9.60 21.42
N ARG A 397 28.43 -9.52 20.19
CA ARG A 397 26.99 -9.61 19.98
C ARG A 397 26.43 -10.94 20.49
N ASP A 398 27.16 -12.03 20.25
CA ASP A 398 26.71 -13.31 20.80
C ASP A 398 26.83 -13.34 22.32
N MET A 399 27.81 -12.65 22.89
CA MET A 399 27.98 -12.64 24.34
C MET A 399 26.83 -11.91 25.03
N LEU A 400 26.41 -10.78 24.49
CA LEU A 400 25.41 -9.93 25.16
C LEU A 400 24.04 -10.58 25.02
N VAL A 401 23.47 -11.04 26.13
CA VAL A 401 22.20 -11.74 26.13
C VAL A 401 21.13 -11.01 26.93
N ASP A 402 21.45 -10.51 28.11
CA ASP A 402 20.48 -9.86 28.98
C ASP A 402 20.51 -8.35 28.80
N SER A 403 19.40 -7.72 29.15
CA SER A 403 19.21 -6.28 28.97
C SER A 403 19.30 -5.54 30.29
N VAL A 404 19.53 -4.23 30.20
CA VAL A 404 19.65 -3.36 31.36
C VAL A 404 18.74 -2.15 31.16
N GLU A 405 18.54 -1.41 32.24
CA GLU A 405 17.72 -0.20 32.24
C GLU A 405 18.60 1.04 32.22
N THR A 406 18.18 2.02 31.42
CA THR A 406 18.93 3.27 31.24
C THR A 406 18.04 4.46 31.57
N ASP A 407 18.66 5.61 31.75
CA ASP A 407 17.98 6.89 31.98
C ASP A 407 17.07 6.81 33.20
N THR A 408 17.68 6.52 34.35
CA THR A 408 16.94 6.35 35.59
C THR A 408 17.09 7.53 36.54
N TYR A 409 18.26 8.18 36.57
CA TYR A 409 18.49 9.28 37.48
C TYR A 409 17.92 10.57 36.89
N PRO A 410 17.02 11.25 37.59
CA PRO A 410 16.40 12.46 37.02
C PRO A 410 17.14 13.75 37.31
N ASP A 411 18.11 13.76 38.21
CA ASP A 411 18.79 14.99 38.62
C ASP A 411 20.23 15.00 38.15
N LYS A 412 20.50 14.37 37.01
CA LYS A 412 21.82 14.37 36.39
C LYS A 412 21.69 14.90 34.97
N LEU A 413 22.54 15.87 34.62
CA LEU A 413 22.50 16.47 33.29
C LEU A 413 23.66 15.94 32.47
N PRO A 414 23.42 15.19 31.40
CA PRO A 414 24.53 14.58 30.65
C PRO A 414 25.10 15.54 29.61
N PHE A 415 26.40 15.78 29.69
CA PHE A 415 27.15 16.53 28.70
C PHE A 415 28.01 15.58 27.88
N LYS A 416 28.46 16.08 26.73
CA LYS A 416 29.19 15.24 25.77
C LYS A 416 30.43 14.62 26.39
N ASN A 417 30.98 15.23 27.45
CA ASN A 417 32.18 14.72 28.08
C ASN A 417 31.98 14.44 29.57
N GLY A 418 30.76 14.22 30.02
CA GLY A 418 30.58 13.88 31.43
C GLY A 418 29.14 14.05 31.86
N VAL A 419 28.96 14.18 33.17
CA VAL A 419 27.63 14.35 33.76
C VAL A 419 27.72 15.39 34.87
N LEU A 420 26.83 16.37 34.85
CA LEU A 420 26.74 17.39 35.88
C LEU A 420 25.71 16.97 36.92
N ASP A 421 26.11 16.98 38.19
CA ASP A 421 25.23 16.61 39.28
C ASP A 421 24.46 17.84 39.73
N LEU A 422 23.15 17.85 39.47
CA LEU A 422 22.34 19.04 39.71
C LEU A 422 22.13 19.31 41.20
N VAL A 423 22.10 18.26 42.01
CA VAL A 423 21.89 18.45 43.45
C VAL A 423 23.11 19.11 44.09
N ASP A 424 24.30 18.80 43.61
CA ASP A 424 25.54 19.22 44.26
C ASP A 424 26.35 20.21 43.46
N GLY A 425 26.27 20.18 42.13
CA GLY A 425 27.06 21.03 41.29
C GLY A 425 28.38 20.43 40.83
N MET A 426 28.74 19.26 41.35
CA MET A 426 29.96 18.59 40.93
C MET A 426 29.80 18.06 39.51
N PHE A 427 30.90 18.07 38.75
CA PHE A 427 30.94 17.54 37.39
C PHE A 427 31.78 16.28 37.39
N TYR A 428 31.19 15.17 36.94
CA TYR A 428 31.84 13.87 36.94
C TYR A 428 32.25 13.51 35.51
N SER A 429 33.50 13.06 35.37
CA SER A 429 34.02 12.63 34.08
C SER A 429 34.62 11.23 34.23
N GLY A 430 34.48 10.43 33.19
CA GLY A 430 35.08 9.11 33.19
C GLY A 430 34.25 8.08 33.94
N ASP A 431 34.94 7.26 34.74
CA ASP A 431 34.29 6.19 35.48
C ASP A 431 33.27 6.72 36.47
N ASP A 432 33.46 7.94 36.98
CA ASP A 432 32.47 8.52 37.89
C ASP A 432 31.15 8.78 37.18
N ALA A 433 31.20 9.27 35.95
CA ALA A 433 30.00 9.52 35.17
C ALA A 433 29.49 8.28 34.46
N LYS A 434 30.28 7.20 34.43
CA LYS A 434 29.86 5.99 33.74
C LYS A 434 28.68 5.31 34.44
N LYS A 435 28.54 5.51 35.75
CA LYS A 435 27.50 4.80 36.51
C LYS A 435 26.11 5.18 36.04
N TYR A 436 25.89 6.45 35.74
CA TYR A 436 24.59 6.94 35.30
C TYR A 436 24.46 6.65 33.81
N THR A 437 23.69 5.63 33.47
CA THR A 437 23.55 5.26 32.06
C THR A 437 22.64 6.26 31.35
N CYS A 438 23.14 7.46 31.12
CA CYS A 438 22.40 8.50 30.42
C CYS A 438 22.68 8.39 28.92
N THR A 439 21.69 7.90 28.17
CA THR A 439 21.85 7.66 26.74
C THR A 439 21.52 8.90 25.91
N VAL A 440 21.21 10.02 26.53
CA VAL A 440 21.02 11.28 25.85
C VAL A 440 22.12 12.24 26.30
N SER A 441 22.26 13.35 25.58
CA SER A 441 23.32 14.30 25.89
C SER A 441 22.95 15.65 25.31
N THR A 442 23.61 16.69 25.83
CA THR A 442 23.43 18.04 25.28
C THR A 442 24.10 18.18 23.93
N GLY A 443 25.16 17.41 23.68
CA GLY A 443 25.85 17.45 22.41
C GLY A 443 27.11 18.29 22.38
N PHE A 444 27.44 18.99 23.47
CA PHE A 444 28.62 19.83 23.51
C PHE A 444 29.35 19.60 24.82
N LYS A 445 30.64 19.94 24.82
CA LYS A 445 31.46 19.76 26.01
C LYS A 445 31.11 20.79 27.07
N PHE A 446 31.57 20.52 28.29
CA PHE A 446 31.31 21.38 29.45
C PHE A 446 32.56 22.18 29.77
N ASP A 447 32.44 23.50 29.77
CA ASP A 447 33.53 24.39 30.13
C ASP A 447 33.39 24.79 31.59
N ASP A 448 34.42 24.54 32.38
CA ASP A 448 34.43 24.99 33.76
C ASP A 448 34.88 26.43 33.90
N THR A 449 35.54 26.99 32.88
CA THR A 449 35.93 28.38 32.92
C THR A 449 34.76 29.32 32.64
N LYS A 450 33.78 28.87 31.86
CA LYS A 450 32.62 29.69 31.52
C LYS A 450 31.41 29.42 32.42
N PHE A 451 31.50 28.45 33.32
CA PHE A 451 30.42 28.16 34.27
C PHE A 451 30.67 28.92 35.57
N VAL A 452 30.71 30.24 35.45
CA VAL A 452 31.09 31.12 36.55
C VAL A 452 29.99 32.16 36.77
N GLU A 453 29.99 32.75 37.96
CA GLU A 453 28.95 33.70 38.33
C GLU A 453 29.17 35.06 37.70
N ASP A 454 30.39 35.59 37.77
CA ASP A 454 30.68 36.91 37.23
C ASP A 454 31.20 36.77 35.80
N SER A 455 30.68 37.62 34.91
CA SER A 455 31.07 37.67 33.51
C SER A 455 30.36 38.82 32.80
N PRO A 456 30.97 39.42 31.78
CA PRO A 456 30.22 40.37 30.95
C PRO A 456 29.00 39.73 30.32
N GLU A 457 29.13 38.46 29.92
CA GLU A 457 27.97 37.72 29.40
C GLU A 457 26.89 37.60 30.47
N MET A 458 27.29 37.38 31.72
CA MET A 458 26.30 37.26 32.77
C MET A 458 25.57 38.58 33.02
N GLU A 459 26.30 39.70 33.00
CA GLU A 459 25.63 40.98 33.14
C GLU A 459 24.66 41.25 31.99
N GLU A 460 25.10 40.98 30.76
CA GLU A 460 24.21 41.17 29.61
C GLU A 460 22.98 40.28 29.70
N LEU A 461 23.16 39.02 30.11
CA LEU A 461 22.04 38.10 30.21
C LEU A 461 21.08 38.52 31.31
N MET A 462 21.60 38.97 32.45
CA MET A 462 20.72 39.45 33.51
C MET A 462 19.90 40.65 33.04
N ASN A 463 20.54 41.57 32.32
CA ASN A 463 19.81 42.72 31.79
C ASN A 463 18.72 42.28 30.81
N ILE A 464 19.04 41.32 29.93
CA ILE A 464 18.07 40.86 28.94
C ILE A 464 16.88 40.20 29.63
N ILE A 465 17.16 39.33 30.62
CA ILE A 465 16.09 38.61 31.29
C ILE A 465 15.23 39.56 32.11
N ASN A 466 15.85 40.55 32.75
CA ASN A 466 15.08 41.53 33.51
C ASN A 466 14.25 42.41 32.60
N ASP A 467 14.73 42.68 31.38
CA ASP A 467 13.90 43.41 30.42
C ASP A 467 12.70 42.57 29.98
N ILE A 468 12.92 41.29 29.70
CA ILE A 468 11.83 40.44 29.22
C ILE A 468 10.78 40.24 30.31
N GLN A 469 11.22 39.89 31.51
CA GLN A 469 10.32 39.72 32.66
C GLN A 469 10.74 40.67 33.77
N PRO A 470 10.06 41.80 33.92
CA PRO A 470 10.45 42.78 34.95
C PRO A 470 10.33 42.22 36.36
N LEU A 471 11.17 42.75 37.24
CA LEU A 471 11.23 42.30 38.63
C LEU A 471 10.31 43.07 39.56
N THR A 472 9.21 43.62 39.03
CA THR A 472 8.27 44.35 39.85
C THR A 472 7.35 43.40 40.62
N ASP A 473 6.77 43.92 41.70
CA ASP A 473 5.88 43.10 42.53
C ASP A 473 4.58 42.78 41.81
N GLU A 474 4.20 43.59 40.82
CA GLU A 474 3.04 43.24 40.00
C GLU A 474 3.35 42.11 39.04
N ASN A 475 4.63 41.77 38.88
CA ASN A 475 5.06 40.66 38.03
C ASN A 475 5.81 39.58 38.81
N LYS A 476 5.80 39.65 40.14
CA LYS A 476 6.59 38.71 40.95
C LYS A 476 6.16 37.27 40.73
N LYS A 477 4.87 36.99 40.86
CA LYS A 477 4.38 35.61 40.72
C LYS A 477 4.58 35.10 39.31
N ASN A 478 4.33 35.95 38.30
CA ASN A 478 4.51 35.56 36.91
C ASN A 478 5.98 35.24 36.64
N ARG A 479 6.89 36.05 37.17
CA ARG A 479 8.31 35.79 36.97
C ARG A 479 8.76 34.52 37.68
N GLU A 480 8.19 34.25 38.86
CA GLU A 480 8.51 33.00 39.55
C GLU A 480 8.05 31.80 38.73
N LEU A 481 6.86 31.89 38.14
CA LEU A 481 6.36 30.82 37.27
C LEU A 481 7.27 30.65 36.05
N TYR A 482 7.71 31.76 35.47
CA TYR A 482 8.66 31.76 34.36
C TYR A 482 9.93 31.00 34.72
N GLU A 483 10.53 31.37 35.86
CA GLU A 483 11.78 30.75 36.29
C GLU A 483 11.59 29.27 36.58
N LYS A 484 10.48 28.91 37.23
CA LYS A 484 10.20 27.51 37.54
C LYS A 484 10.05 26.68 36.28
N THR A 485 9.30 27.19 35.31
CA THR A 485 9.09 26.46 34.06
C THR A 485 10.40 26.30 33.30
N LEU A 486 11.22 27.35 33.26
CA LEU A 486 12.50 27.23 32.57
C LEU A 486 13.44 26.25 33.27
N SER A 487 13.50 26.30 34.60
CA SER A 487 14.42 25.43 35.32
C SER A 487 13.96 23.98 35.31
N SER A 488 12.66 23.74 35.10
CA SER A 488 12.19 22.36 35.01
C SER A 488 12.68 21.64 33.76
N CYS A 489 13.27 22.35 32.81
CA CYS A 489 13.80 21.71 31.60
C CYS A 489 15.05 20.88 31.87
N LEU A 490 15.63 20.98 33.07
CA LEU A 490 16.79 20.19 33.43
C LEU A 490 16.44 18.86 34.07
N CYS A 491 15.20 18.69 34.52
CA CYS A 491 14.79 17.45 35.17
C CYS A 491 14.58 16.34 34.15
N GLY A 492 14.97 15.13 34.52
CA GLY A 492 14.78 13.97 33.67
C GLY A 492 13.55 13.18 34.05
N ALA A 493 12.63 13.80 34.79
CA ALA A 493 11.41 13.17 35.23
C ALA A 493 10.26 13.57 34.30
N THR A 494 9.06 13.09 34.60
CA THR A 494 7.88 13.42 33.82
C THR A 494 7.15 14.60 34.46
N LYS A 495 6.68 15.51 33.61
CA LYS A 495 6.03 16.74 34.04
C LYS A 495 4.55 16.66 33.72
N GLY A 496 3.73 17.01 34.71
CA GLY A 496 2.29 16.87 34.57
C GLY A 496 1.55 18.17 34.32
N CYS A 497 2.12 19.05 33.50
CA CYS A 497 1.48 20.30 33.19
C CYS A 497 2.02 20.83 31.87
N LEU A 498 1.13 21.44 31.10
CA LEU A 498 1.48 22.12 29.85
C LEU A 498 1.45 23.62 30.06
N THR A 499 2.46 24.31 29.55
CA THR A 499 2.63 25.74 29.78
C THR A 499 2.49 26.50 28.47
N PHE A 500 1.83 27.65 28.53
CA PHE A 500 1.63 28.53 27.38
C PHE A 500 2.38 29.82 27.63
N PHE A 501 3.22 30.22 26.67
CA PHE A 501 3.86 31.52 26.69
C PHE A 501 3.01 32.47 25.85
N PHE A 502 2.25 33.33 26.53
CA PHE A 502 1.26 34.16 25.86
C PHE A 502 1.69 35.62 25.88
N GLY A 503 1.58 36.28 24.73
CA GLY A 503 1.90 37.69 24.65
C GLY A 503 1.58 38.21 23.27
N GLU A 504 1.87 39.49 23.08
CA GLU A 504 1.73 40.13 21.78
C GLU A 504 3.06 40.04 21.03
N THR A 505 3.17 40.79 19.94
CA THR A 505 4.36 40.72 19.11
C THR A 505 5.53 41.46 19.76
N ALA A 506 6.74 40.94 19.52
CA ALA A 506 7.97 41.53 20.01
C ALA A 506 7.96 41.66 21.53
N THR A 507 7.83 40.51 22.20
CA THR A 507 7.78 40.46 23.65
C THR A 507 8.83 39.54 24.27
N GLY A 508 9.55 38.75 23.47
CA GLY A 508 10.65 37.95 23.97
C GLY A 508 10.39 36.47 24.06
N LYS A 509 9.29 35.96 23.53
CA LYS A 509 9.01 34.53 23.60
C LYS A 509 10.00 33.72 22.77
N SER A 510 10.23 34.15 21.52
CA SER A 510 11.19 33.46 20.68
C SER A 510 12.62 33.65 21.20
N THR A 511 12.90 34.80 21.81
CA THR A 511 14.21 35.00 22.42
C THR A 511 14.43 34.02 23.56
N THR A 512 13.41 33.81 24.40
CA THR A 512 13.51 32.81 25.46
C THR A 512 13.69 31.41 24.89
N LYS A 513 12.96 31.10 23.82
CA LYS A 513 13.09 29.78 23.20
C LYS A 513 14.51 29.55 22.69
N ARG A 514 15.09 30.56 22.03
CA ARG A 514 16.45 30.44 21.51
C ARG A 514 17.48 30.37 22.63
N LEU A 515 17.28 31.13 23.72
CA LEU A 515 18.18 31.03 24.86
C LEU A 515 18.18 29.63 25.45
N LEU A 516 16.99 29.07 25.66
CA LEU A 516 16.91 27.71 26.21
C LEU A 516 17.51 26.69 25.25
N LYS A 517 17.28 26.86 23.95
CA LYS A 517 17.86 25.94 22.97
C LYS A 517 19.38 25.97 23.01
N SER A 518 19.98 27.16 23.08
CA SER A 518 21.43 27.24 23.17
C SER A 518 21.94 26.71 24.52
N ALA A 519 21.14 26.85 25.59
CA ALA A 519 21.61 26.41 26.90
C ALA A 519 21.63 24.90 27.01
N ILE A 520 20.57 24.22 26.56
CA ILE A 520 20.49 22.77 26.77
C ILE A 520 20.80 21.95 25.52
N GLY A 521 21.06 22.59 24.38
CA GLY A 521 21.59 21.86 23.25
C GLY A 521 20.62 20.81 22.70
N ASP A 522 21.09 19.57 22.68
CA ASP A 522 20.35 18.48 22.03
C ASP A 522 19.22 17.93 22.87
N LEU A 523 19.11 18.32 24.14
CA LEU A 523 17.97 17.91 24.95
C LEU A 523 16.80 18.85 24.73
N PHE A 524 16.48 19.11 23.46
CA PHE A 524 15.50 20.12 23.10
C PHE A 524 15.03 19.81 21.67
N VAL A 525 13.74 19.61 21.50
CA VAL A 525 13.17 19.33 20.19
C VAL A 525 12.01 20.28 19.95
N GLU A 526 11.87 20.73 18.71
CA GLU A 526 10.75 21.55 18.28
C GLU A 526 9.89 20.72 17.34
N THR A 527 8.59 20.66 17.61
CA THR A 527 7.67 19.83 16.85
C THR A 527 6.56 20.70 16.28
N GLY A 528 5.58 20.05 15.66
CA GLY A 528 4.47 20.73 15.03
C GLY A 528 3.23 20.77 15.91
N GLN A 529 2.15 21.26 15.32
CA GLN A 529 0.87 21.37 16.01
C GLN A 529 0.01 20.13 15.84
N THR A 530 0.44 19.15 15.05
CA THR A 530 -0.30 17.91 14.92
C THR A 530 -0.40 17.15 16.24
N ILE A 531 0.65 17.20 17.08
CA ILE A 531 0.58 16.55 18.37
C ILE A 531 -0.47 17.14 19.28
N LEU A 532 -0.98 18.34 18.96
CA LEU A 532 -2.06 18.96 19.70
C LEU A 532 -3.40 18.91 18.99
N THR A 533 -3.42 18.78 17.67
CA THR A 533 -4.64 18.88 16.88
C THR A 533 -5.14 17.55 16.34
N ASP A 534 -4.25 16.65 15.94
CA ASP A 534 -4.62 15.41 15.29
C ASP A 534 -4.57 14.24 16.28
N VAL A 535 -4.89 13.06 15.78
CA VAL A 535 -4.86 11.84 16.57
C VAL A 535 -3.45 11.29 16.60
N LEU A 536 -2.95 10.99 17.79
CA LEU A 536 -1.55 10.59 17.93
C LEU A 536 -1.30 9.20 17.36
N ASP A 537 -2.26 8.29 17.50
CA ASP A 537 -2.05 6.91 17.10
C ASP A 537 -1.92 6.77 15.58
N LYS A 538 -3.01 7.03 14.86
CA LYS A 538 -3.07 7.04 13.40
C LYS A 538 -2.13 6.03 12.75
N GLY A 539 -1.15 6.52 12.01
CA GLY A 539 -0.10 5.70 11.45
C GLY A 539 1.25 6.09 12.02
N PRO A 540 2.27 6.17 11.16
CA PRO A 540 3.56 6.68 11.61
C PRO A 540 3.45 8.14 12.03
N ASN A 541 4.28 8.52 13.00
CA ASN A 541 4.26 9.89 13.53
C ASN A 541 5.63 10.23 14.08
N PRO A 542 6.55 10.65 13.21
CA PRO A 542 7.87 11.09 13.69
C PRO A 542 7.80 12.28 14.62
N PHE A 543 6.80 13.15 14.46
CA PHE A 543 6.67 14.34 15.30
C PHE A 543 6.41 13.99 16.75
N ILE A 544 5.94 12.79 17.06
CA ILE A 544 5.81 12.35 18.44
C ILE A 544 6.77 11.23 18.80
N ALA A 545 7.32 10.50 17.82
CA ALA A 545 8.37 9.54 18.12
C ALA A 545 9.73 10.18 18.34
N ASN A 546 9.88 11.46 17.97
CA ASN A 546 11.13 12.17 18.16
C ASN A 546 11.28 12.73 19.57
N MET A 547 10.19 12.87 20.32
CA MET A 547 10.24 13.38 21.68
C MET A 547 10.39 12.26 22.72
N HIS A 548 11.36 11.39 22.47
CA HIS A 548 11.69 10.29 23.38
C HIS A 548 12.91 10.71 24.19
N LEU A 549 12.73 10.81 25.51
CA LEU A 549 13.76 11.20 26.47
C LEU A 549 14.23 12.65 26.29
N LYS A 550 13.57 13.43 25.44
CA LYS A 550 13.84 14.86 25.38
C LYS A 550 13.29 15.55 26.61
N ARG A 551 14.01 16.57 27.08
CA ARG A 551 13.64 17.28 28.29
C ARG A 551 12.94 18.60 28.02
N SER A 552 12.64 18.91 26.76
CA SER A 552 11.90 20.12 26.42
C SER A 552 11.33 19.98 25.02
N VAL A 553 10.01 20.15 24.88
CA VAL A 553 9.31 20.17 23.60
C VAL A 553 8.66 21.53 23.46
N PHE A 554 8.82 22.16 22.29
CA PHE A 554 8.53 23.58 22.13
C PHE A 554 7.72 23.83 20.86
N CYS A 555 6.61 23.12 20.70
CA CYS A 555 5.65 23.43 19.65
C CYS A 555 5.24 24.90 19.73
N SER A 556 4.90 25.48 18.58
CA SER A 556 4.70 26.92 18.50
C SER A 556 3.60 27.27 17.50
N GLU A 557 3.09 28.50 17.65
CA GLU A 557 2.22 29.15 16.66
C GLU A 557 0.92 28.37 16.43
N LEU A 558 0.08 28.35 17.47
CA LEU A 558 -1.27 27.84 17.30
C LEU A 558 -2.02 28.68 16.26
N PRO A 559 -2.85 28.06 15.41
CA PRO A 559 -3.46 28.76 14.28
C PRO A 559 -4.77 29.50 14.61
N ASP A 560 -4.79 30.17 15.76
CA ASP A 560 -5.88 31.09 16.14
C ASP A 560 -7.25 30.47 15.86
N PHE A 561 -7.55 29.41 16.62
CA PHE A 561 -8.71 28.56 16.38
C PHE A 561 -10.02 29.32 16.27
N ALA A 562 -10.07 30.59 16.68
CA ALA A 562 -11.27 31.39 16.53
C ALA A 562 -11.66 31.60 15.08
N CYS A 563 -10.75 31.34 14.13
CA CYS A 563 -11.14 31.38 12.72
C CYS A 563 -12.15 30.30 12.38
N SER A 564 -12.19 29.24 13.18
CA SER A 564 -13.06 28.08 13.01
C SER A 564 -12.77 27.31 11.72
N GLY A 565 -11.72 27.67 11.00
CA GLY A 565 -11.30 26.98 9.81
C GLY A 565 -10.34 25.84 10.05
N SER A 566 -10.07 25.49 11.31
CA SER A 566 -9.15 24.42 11.64
C SER A 566 -9.62 23.74 12.91
N LYS A 567 -9.16 22.51 13.11
CA LYS A 567 -9.52 21.73 14.28
C LYS A 567 -8.99 22.38 15.54
N LYS A 568 -9.79 22.31 16.62
CA LYS A 568 -9.41 22.85 17.90
C LYS A 568 -8.41 21.92 18.60
N ILE A 569 -8.01 22.30 19.80
CA ILE A 569 -7.10 21.48 20.60
C ILE A 569 -7.89 20.29 21.17
N ARG A 570 -7.22 19.16 21.32
CA ARG A 570 -7.86 17.94 21.79
C ARG A 570 -7.55 17.72 23.26
N SER A 571 -8.60 17.65 24.08
CA SER A 571 -8.43 17.44 25.52
C SER A 571 -7.80 16.09 25.80
N ASP A 572 -8.19 15.05 25.06
CA ASP A 572 -7.56 13.76 25.22
C ASP A 572 -6.09 13.80 24.79
N ASN A 573 -5.76 14.62 23.79
CA ASN A 573 -4.35 14.79 23.44
C ASN A 573 -3.57 15.43 24.58
N ILE A 574 -4.16 16.43 25.25
CA ILE A 574 -3.49 17.03 26.40
C ILE A 574 -3.28 15.99 27.50
N LYS A 575 -4.33 15.22 27.81
CA LYS A 575 -4.24 14.22 28.86
C LYS A 575 -3.21 13.14 28.52
N LYS A 576 -3.13 12.74 27.25
CA LYS A 576 -2.13 11.78 26.83
C LYS A 576 -0.71 12.35 26.87
N LEU A 577 -0.57 13.64 26.61
CA LEU A 577 0.74 14.26 26.65
C LEU A 577 1.25 14.47 28.07
N THR A 578 0.36 14.57 29.05
CA THR A 578 0.82 14.60 30.45
C THR A 578 0.86 13.20 31.06
N GLU A 579 1.53 12.26 30.40
CA GLU A 579 1.58 10.87 30.82
C GLU A 579 3.01 10.38 30.75
N PRO A 580 3.40 9.44 31.62
CA PRO A 580 4.80 8.97 31.62
C PRO A 580 5.22 8.25 30.35
N CYS A 581 4.28 7.68 29.60
CA CYS A 581 4.59 7.02 28.34
C CYS A 581 3.64 7.53 27.27
N VAL A 582 4.17 7.74 26.06
CA VAL A 582 3.38 8.23 24.94
C VAL A 582 3.41 7.19 23.83
N ILE A 583 2.25 6.88 23.29
CA ILE A 583 2.11 5.85 22.26
C ILE A 583 2.24 6.50 20.89
N GLY A 584 3.22 6.02 20.11
CA GLY A 584 3.50 6.57 18.80
C GLY A 584 4.68 5.90 18.14
N ARG A 585 4.59 5.67 16.83
CA ARG A 585 5.57 4.89 16.11
C ARG A 585 6.17 5.68 14.96
N PRO A 586 7.48 5.65 14.79
CA PRO A 586 8.13 6.36 13.68
C PRO A 586 8.11 5.51 12.41
N CYS A 587 8.73 6.04 11.36
CA CYS A 587 8.89 5.28 10.14
C CYS A 587 9.85 4.12 10.36
N PHE A 588 9.53 2.98 9.77
CA PHE A 588 10.23 1.71 10.02
C PHE A 588 10.06 1.38 11.51
N SER A 589 10.99 0.63 12.09
CA SER A 589 11.03 0.34 13.52
C SER A 589 9.83 -0.44 14.01
N ASN A 590 9.88 -0.90 15.27
CA ASN A 590 8.77 -1.62 15.87
C ASN A 590 8.52 -1.19 17.31
N LYS A 591 9.01 -0.03 17.72
CA LYS A 591 8.87 0.46 19.08
C LYS A 591 7.80 1.53 19.12
N ILE A 592 6.79 1.34 19.96
CA ILE A 592 5.62 2.20 19.97
C ILE A 592 5.45 2.99 21.26
N ASN A 593 6.23 2.73 22.30
CA ASN A 593 6.14 3.49 23.54
C ASN A 593 7.37 4.37 23.69
N ASN A 594 7.14 5.64 24.00
CA ASN A 594 8.20 6.62 24.15
C ASN A 594 8.17 7.18 25.56
N ARG A 595 9.34 7.26 26.18
CA ARG A 595 9.45 7.83 27.52
C ARG A 595 9.23 9.34 27.46
N ASN A 596 8.44 9.85 28.39
CA ASN A 596 8.05 11.25 28.44
C ASN A 596 8.81 11.92 29.59
N HIS A 597 9.92 12.56 29.24
CA HIS A 597 10.68 13.39 30.18
C HIS A 597 10.53 14.87 29.89
N ALA A 598 9.67 15.23 28.94
CA ALA A 598 9.63 16.56 28.36
C ALA A 598 8.68 17.48 29.12
N THR A 599 9.02 18.76 29.12
CA THR A 599 8.12 19.84 29.52
C THR A 599 7.71 20.59 28.26
N ILE A 600 6.41 20.58 27.97
CA ILE A 600 5.89 21.13 26.73
C ILE A 600 5.54 22.60 26.93
N ILE A 601 6.08 23.46 26.08
CA ILE A 601 5.83 24.89 26.12
C ILE A 601 5.34 25.33 24.75
N ILE A 602 4.33 26.19 24.72
CA ILE A 602 3.77 26.71 23.48
C ILE A 602 3.73 28.24 23.59
N ASP A 603 4.30 28.92 22.60
CA ASP A 603 4.28 30.37 22.55
C ASP A 603 3.27 30.82 21.50
N THR A 604 2.37 31.72 21.89
CA THR A 604 1.25 32.09 21.03
C THR A 604 0.90 33.55 21.26
N ASN A 605 0.19 34.11 20.29
CA ASN A 605 -0.42 35.43 20.42
C ASN A 605 -1.90 35.34 20.78
N TYR A 606 -2.44 34.13 20.93
CA TYR A 606 -3.86 33.93 21.18
C TYR A 606 -4.05 32.93 22.31
N LYS A 607 -5.14 33.11 23.06
CA LYS A 607 -5.48 32.18 24.12
C LYS A 607 -5.94 30.85 23.53
N PRO A 608 -5.69 29.75 24.23
CA PRO A 608 -6.14 28.44 23.72
C PRO A 608 -7.63 28.25 23.91
N VAL A 609 -8.22 27.49 22.99
CA VAL A 609 -9.61 27.06 23.09
C VAL A 609 -9.67 25.58 22.80
N PHE A 610 -10.45 24.84 23.59
CA PHE A 610 -10.51 23.39 23.54
C PHE A 610 -11.91 22.93 23.21
N ASP A 611 -12.01 21.72 22.66
CA ASP A 611 -13.31 21.19 22.26
C ASP A 611 -14.19 20.90 23.47
N ARG A 612 -13.62 20.34 24.54
CA ARG A 612 -14.38 20.00 25.73
C ARG A 612 -13.62 20.48 26.96
N ILE A 613 -14.35 21.08 27.89
CA ILE A 613 -13.79 21.63 29.11
C ILE A 613 -14.32 20.85 30.30
N ASP A 614 -13.41 20.36 31.14
CA ASP A 614 -13.78 19.62 32.33
C ASP A 614 -12.68 19.78 33.38
N ASN A 615 -12.90 19.16 34.54
CA ASN A 615 -11.97 19.31 35.65
C ASN A 615 -10.63 18.66 35.37
N ALA A 616 -10.61 17.60 34.56
CA ALA A 616 -9.35 16.92 34.27
C ALA A 616 -8.44 17.79 33.40
N LEU A 617 -9.03 18.63 32.54
CA LEU A 617 -8.24 19.51 31.68
C LEU A 617 -7.69 20.70 32.45
N MET A 618 -8.43 21.23 33.42
CA MET A 618 -7.99 22.40 34.17
C MET A 618 -6.81 22.11 35.08
N ARG A 619 -6.46 20.86 35.28
CA ARG A 619 -5.37 20.48 36.17
C ARG A 619 -4.01 20.43 35.47
N ARG A 620 -3.97 20.68 34.16
CA ARG A 620 -2.75 20.45 33.40
C ARG A 620 -2.37 21.62 32.51
N ILE A 621 -2.79 22.84 32.84
CA ILE A 621 -2.55 24.00 31.99
C ILE A 621 -2.10 25.18 32.84
N ALA A 622 -0.97 25.77 32.47
CA ALA A 622 -0.45 26.98 33.11
C ALA A 622 -0.08 27.99 32.05
N VAL A 623 -0.10 29.27 32.41
CA VAL A 623 0.10 30.36 31.47
C VAL A 623 1.11 31.34 32.04
N VAL A 624 2.13 31.67 31.26
CA VAL A 624 3.06 32.76 31.55
C VAL A 624 2.81 33.85 30.51
N ARG A 625 2.65 35.09 30.97
CA ARG A 625 2.30 36.20 30.09
C ARG A 625 3.47 37.14 29.90
N PHE A 626 3.66 37.59 28.66
CA PHE A 626 4.75 38.47 28.27
C PHE A 626 4.17 39.84 27.93
N ARG A 627 4.61 40.87 28.65
CA ARG A 627 4.00 42.19 28.51
C ARG A 627 5.06 43.29 28.47
N THR A 628 6.13 43.06 27.74
CA THR A 628 7.14 44.09 27.48
C THR A 628 7.39 44.15 25.98
N HIS A 629 7.27 45.33 25.40
CA HIS A 629 7.40 45.52 23.96
C HIS A 629 8.80 46.00 23.63
N PHE A 630 9.37 45.48 22.54
CA PHE A 630 10.65 45.92 22.03
C PHE A 630 10.41 46.46 20.63
N SER A 631 10.44 47.78 20.49
CA SER A 631 9.91 48.43 19.30
C SER A 631 10.97 49.31 18.65
N GLN A 632 10.67 49.70 17.40
CA GLN A 632 11.44 50.70 16.72
C GLN A 632 11.02 52.10 17.20
N PRO A 633 11.91 53.09 17.08
CA PRO A 633 11.53 54.45 17.50
C PRO A 633 10.32 54.99 16.75
N SER A 634 10.12 54.55 15.50
CA SER A 634 8.97 55.01 14.73
C SER A 634 7.65 54.46 15.27
N GLY A 635 7.69 53.35 15.99
CA GLY A 635 6.47 52.75 16.51
C GLY A 635 6.37 52.82 18.02
N ARG A 636 7.36 53.47 18.65
CA ARG A 636 7.39 53.57 20.11
C ARG A 636 6.10 54.19 20.66
N GLU A 637 5.62 55.27 20.02
CA GLU A 637 4.45 55.97 20.56
C GLU A 637 3.19 55.13 20.48
N ALA A 638 2.94 54.52 19.31
CA ALA A 638 1.79 53.64 19.17
C ALA A 638 1.87 52.47 20.13
N ALA A 639 3.10 52.03 20.44
CA ALA A 639 3.26 51.00 21.47
C ALA A 639 2.87 51.54 22.85
N GLU A 640 3.33 52.74 23.19
CA GLU A 640 3.01 53.33 24.49
C GLU A 640 1.53 53.59 24.66
N ASN A 641 0.78 53.71 23.57
CA ASN A 641 -0.67 53.91 23.66
C ASN A 641 -1.46 52.60 23.72
N ASN A 642 -0.79 51.46 23.83
CA ASN A 642 -1.45 50.16 23.83
C ASN A 642 -1.50 49.58 25.23
N ASP A 643 -2.64 48.99 25.59
CA ASP A 643 -2.80 48.36 26.90
C ASP A 643 -2.38 46.90 26.93
N ALA A 644 -1.99 46.34 25.78
CA ALA A 644 -1.45 44.99 25.73
C ALA A 644 0.01 44.93 26.15
N TYR A 645 0.64 46.08 26.38
CA TYR A 645 2.02 46.17 26.84
C TYR A 645 2.07 46.97 28.13
N ASP A 646 2.99 46.61 29.00
CA ASP A 646 3.21 47.35 30.24
C ASP A 646 4.47 48.20 30.21
N LYS A 647 5.32 48.04 29.22
CA LYS A 647 6.62 48.70 29.19
C LYS A 647 7.20 48.57 27.80
N VAL A 648 7.66 49.69 27.24
CA VAL A 648 8.21 49.74 25.89
C VAL A 648 9.70 50.05 25.98
N LYS A 649 10.49 49.31 25.21
CA LYS A 649 11.94 49.47 25.18
C LYS A 649 12.40 49.44 23.72
N LEU A 650 13.67 49.76 23.53
CA LEU A 650 14.23 49.85 22.19
C LEU A 650 14.77 48.51 21.73
N LEU A 651 14.47 48.15 20.49
CA LEU A 651 14.93 46.90 19.91
C LEU A 651 16.45 46.92 19.75
N ASP A 652 17.05 45.73 19.87
CA ASP A 652 18.48 45.55 19.66
C ASP A 652 18.69 44.68 18.44
N GLU A 653 19.50 45.17 17.49
CA GLU A 653 19.68 44.50 16.22
C GLU A 653 20.59 43.28 16.30
N GLY A 654 21.67 43.35 17.07
CA GLY A 654 22.65 42.29 17.12
C GLY A 654 22.37 41.15 18.08
N LEU A 655 21.30 41.25 18.85
CA LEU A 655 21.01 40.23 19.85
C LEU A 655 20.74 38.87 19.22
N ASP A 656 20.04 38.86 18.08
CA ASP A 656 19.76 37.59 17.40
C ASP A 656 21.04 36.89 16.99
N GLY A 657 21.97 37.63 16.38
CA GLY A 657 23.24 37.04 16.00
C GLY A 657 24.05 36.59 17.20
N LYS A 658 24.07 37.39 18.27
CA LYS A 658 24.82 37.01 19.46
C LYS A 658 24.28 35.73 20.07
N ILE A 659 22.95 35.60 20.14
CA ILE A 659 22.35 34.38 20.68
C ILE A 659 22.63 33.20 19.76
N GLN A 660 22.53 33.39 18.45
CA GLN A 660 22.85 32.33 17.50
C GLN A 660 24.29 31.86 17.62
N ASN A 661 25.21 32.75 17.97
CA ASN A 661 26.61 32.41 18.13
C ASN A 661 26.92 31.77 19.47
N ASN A 662 25.90 31.36 20.22
CA ASN A 662 26.06 30.66 21.49
C ASN A 662 26.88 31.46 22.49
N ARG A 663 26.68 32.78 22.51
CA ARG A 663 27.42 33.61 23.45
C ARG A 663 26.96 33.37 24.88
N TYR A 664 25.65 33.36 25.11
CA TYR A 664 25.08 33.12 26.44
C TYR A 664 24.73 31.65 26.64
N ARG A 665 25.66 30.75 26.33
CA ARG A 665 25.37 29.34 26.46
C ARG A 665 25.53 28.84 27.89
N PHE A 666 26.60 29.26 28.56
CA PHE A 666 26.89 28.80 29.91
C PHE A 666 26.39 29.75 30.98
N ALA A 667 26.24 31.05 30.68
CA ALA A 667 25.61 31.95 31.62
C ALA A 667 24.16 31.56 31.89
N PHE A 668 23.41 31.25 30.84
CA PHE A 668 22.04 30.80 31.02
C PHE A 668 21.98 29.44 31.69
N LEU A 669 22.96 28.56 31.44
CA LEU A 669 23.01 27.28 32.12
C LEU A 669 23.23 27.47 33.62
N TYR A 670 24.14 28.38 34.00
CA TYR A 670 24.36 28.67 35.41
C TYR A 670 23.09 29.25 36.05
N LEU A 671 22.42 30.15 35.34
CA LEU A 671 21.17 30.71 35.83
C LEU A 671 20.12 29.63 36.03
N LEU A 672 20.01 28.70 35.08
CA LEU A 672 19.02 27.63 35.18
C LEU A 672 19.33 26.68 36.33
N VAL A 673 20.61 26.37 36.55
CA VAL A 673 20.97 25.51 37.68
C VAL A 673 20.68 26.21 39.00
N LYS A 674 20.95 27.52 39.06
CA LYS A 674 20.63 28.30 40.26
C LYS A 674 19.13 28.26 40.54
N TRP A 675 18.31 28.47 39.51
CA TRP A 675 16.87 28.42 39.69
C TRP A 675 16.39 27.02 40.05
N TYR A 676 17.05 26.00 39.51
CA TYR A 676 16.71 24.62 39.85
C TYR A 676 16.92 24.36 41.33
N LYS A 677 18.08 24.78 41.85
CA LYS A 677 18.33 24.62 43.29
C LYS A 677 17.34 25.46 44.11
N LYS A 678 16.95 26.62 43.59
CA LYS A 678 16.00 27.47 44.32
C LYS A 678 14.63 26.82 44.42
N TYR A 679 14.09 26.36 43.29
CA TYR A 679 12.71 25.88 43.23
C TYR A 679 12.58 24.39 43.43
N HIS A 680 13.67 23.67 43.66
CA HIS A 680 13.60 22.24 43.91
C HIS A 680 13.63 21.98 45.42
N ILE A 681 12.53 22.36 46.05
CA ILE A 681 12.12 21.78 47.31
C ILE A 681 12.05 20.29 46.98
N PRO A 682 12.50 19.36 47.86
CA PRO A 682 12.84 17.99 47.42
C PRO A 682 11.97 17.39 46.32
N ILE A 683 10.68 17.71 46.32
CA ILE A 683 9.78 17.35 45.23
C ILE A 683 9.40 18.63 44.50
N MET A 684 9.73 18.72 43.22
CA MET A 684 9.34 19.84 42.38
C MET A 684 8.19 19.41 41.49
N LYS A 685 7.09 20.15 41.55
CA LYS A 685 5.90 19.89 40.74
C LYS A 685 5.50 21.16 40.01
N LEU A 686 4.78 20.96 38.90
CA LEU A 686 4.25 22.06 38.12
C LEU A 686 2.76 22.18 38.41
N TYR A 687 2.34 23.36 38.86
CA TYR A 687 0.95 23.57 39.21
C TYR A 687 0.24 24.40 38.15
N PRO A 688 -1.06 24.22 37.95
CA PRO A 688 -1.78 24.94 36.91
C PRO A 688 -2.26 26.32 37.38
N THR A 689 -2.67 27.13 36.40
CA THR A 689 -3.21 28.47 36.63
C THR A 689 -4.50 28.62 35.84
N PRO A 690 -5.57 27.91 36.25
CA PRO A 690 -6.80 27.93 35.45
C PRO A 690 -7.39 29.31 35.26
N GLU A 691 -7.29 30.18 36.27
CA GLU A 691 -7.85 31.52 36.18
C GLU A 691 -7.20 32.36 35.09
N GLU A 692 -6.10 31.90 34.50
CA GLU A 692 -5.49 32.64 33.41
C GLU A 692 -6.13 32.34 32.06
N ILE A 693 -7.03 31.38 31.99
CA ILE A 693 -7.67 31.00 30.73
C ILE A 693 -9.09 31.56 30.73
N PRO A 694 -9.45 32.40 29.75
CA PRO A 694 -10.82 32.93 29.73
C PRO A 694 -11.89 31.87 29.54
N ASP A 695 -11.57 30.78 28.85
CA ASP A 695 -12.56 29.73 28.60
C ASP A 695 -13.03 29.08 29.89
N PHE A 696 -12.13 28.93 30.85
CA PHE A 696 -12.46 28.26 32.11
C PHE A 696 -13.28 29.12 33.05
N ALA A 697 -13.65 30.34 32.66
CA ALA A 697 -14.30 31.27 33.58
C ALA A 697 -15.69 30.76 34.00
N PHE A 698 -16.48 30.29 33.04
CA PHE A 698 -17.83 29.81 33.32
C PHE A 698 -17.79 28.66 34.31
N TYR A 699 -17.00 27.63 34.00
CA TYR A 699 -16.95 26.44 34.84
C TYR A 699 -16.28 26.74 36.17
N LEU A 700 -15.39 27.73 36.21
CA LEU A 700 -14.69 28.05 37.45
C LEU A 700 -15.60 28.74 38.44
N LYS A 701 -16.38 29.72 37.97
CA LYS A 701 -17.23 30.46 38.91
C LYS A 701 -18.63 29.83 39.04
N ILE A 702 -18.94 28.81 38.23
CA ILE A 702 -20.06 27.94 38.57
C ILE A 702 -19.79 27.22 39.88
N GLY A 703 -18.55 26.78 40.09
CA GLY A 703 -18.21 26.04 41.30
C GLY A 703 -18.28 26.85 42.57
N THR A 704 -18.27 28.18 42.46
CA THR A 704 -18.41 29.07 43.61
C THR A 704 -19.85 29.49 43.84
N LEU A 705 -20.78 29.02 43.01
CA LEU A 705 -22.19 29.39 43.12
C LEU A 705 -23.09 28.22 43.49
N LEU A 706 -22.79 27.02 42.99
CA LEU A 706 -23.67 25.87 43.13
C LEU A 706 -23.02 24.82 44.02
N VAL A 707 -23.84 24.12 44.80
CA VAL A 707 -23.40 23.04 45.67
C VAL A 707 -24.30 21.83 45.45
N SER A 708 -23.68 20.66 45.33
CA SER A 708 -24.46 19.43 45.17
C SER A 708 -25.32 19.19 46.40
N SER A 709 -26.55 18.75 46.16
CA SER A 709 -27.49 18.51 47.25
C SER A 709 -27.00 17.36 48.13
N SER A 710 -27.22 17.50 49.44
CA SER A 710 -26.81 16.49 50.41
C SER A 710 -27.84 16.42 51.52
N VAL A 711 -27.80 15.34 52.30
CA VAL A 711 -28.77 15.12 53.35
C VAL A 711 -28.72 16.25 54.38
N LYS A 712 -27.54 16.84 54.58
CA LYS A 712 -27.42 17.94 55.54
C LYS A 712 -28.21 19.16 55.12
N HIS A 713 -28.66 19.24 53.87
CA HIS A 713 -29.50 20.33 53.42
C HIS A 713 -30.98 19.98 53.45
N ILE A 714 -31.34 18.77 53.89
CA ILE A 714 -32.75 18.40 53.97
C ILE A 714 -33.54 19.27 54.94
N PRO A 715 -33.07 19.52 56.19
CA PRO A 715 -33.90 20.30 57.12
C PRO A 715 -33.97 21.79 56.79
N LEU A 716 -34.30 22.11 55.53
CA LEU A 716 -34.52 23.49 55.13
C LEU A 716 -35.68 23.61 54.15
N MET A 717 -36.53 22.58 54.05
CA MET A 717 -37.48 22.48 52.94
C MET A 717 -38.52 23.60 52.98
N THR A 718 -38.95 24.01 54.17
CA THR A 718 -39.99 25.01 54.27
C THR A 718 -39.55 26.36 53.71
N ASP A 719 -38.45 26.91 54.25
CA ASP A 719 -37.98 28.19 53.77
C ASP A 719 -37.37 28.08 52.38
N LEU A 720 -36.95 26.87 51.97
CA LEU A 720 -36.50 26.69 50.61
C LEU A 720 -37.67 26.70 49.62
N SER A 721 -38.81 26.16 50.01
CA SER A 721 -40.02 26.28 49.20
C SER A 721 -40.50 27.73 49.15
N LYS A 722 -40.34 28.45 50.26
CA LYS A 722 -40.52 29.90 50.19
C LYS A 722 -39.54 30.53 49.20
N LYS A 723 -38.32 30.01 49.14
CA LYS A 723 -37.36 30.40 48.11
C LYS A 723 -37.65 29.75 46.76
N GLY A 724 -38.55 28.76 46.72
CA GLY A 724 -38.94 28.13 45.48
C GLY A 724 -38.40 26.74 45.24
N TYR A 725 -37.73 26.14 46.21
CA TYR A 725 -37.16 24.81 46.03
C TYR A 725 -38.21 23.72 46.27
N ILE A 726 -38.15 22.68 45.45
CA ILE A 726 -39.07 21.56 45.54
C ILE A 726 -38.33 20.37 46.17
N LEU A 727 -39.10 19.38 46.61
CA LEU A 727 -38.54 18.18 47.21
C LEU A 727 -39.04 16.97 46.44
N TYR A 728 -38.16 15.98 46.27
CA TYR A 728 -38.50 14.74 45.59
C TYR A 728 -37.68 13.62 46.22
N ASP A 729 -38.36 12.62 46.77
CA ASP A 729 -37.76 11.49 47.49
C ASP A 729 -36.61 11.95 48.38
N ASN A 730 -36.97 12.81 49.35
CA ASN A 730 -36.06 13.38 50.35
C ASN A 730 -34.79 13.97 49.74
N VAL A 731 -34.87 14.41 48.48
CA VAL A 731 -33.77 15.10 47.82
C VAL A 731 -34.29 16.46 47.35
N VAL A 732 -33.55 17.52 47.67
CA VAL A 732 -33.92 18.84 47.22
C VAL A 732 -33.68 18.96 45.71
N THR A 733 -34.61 19.59 45.01
CA THR A 733 -34.54 19.69 43.56
C THR A 733 -35.14 21.02 43.13
N LEU A 734 -34.64 21.54 42.01
CA LEU A 734 -35.15 22.76 41.43
C LEU A 734 -35.55 22.54 39.98
N PRO A 735 -36.74 22.97 39.58
CA PRO A 735 -37.21 22.71 38.21
C PRO A 735 -36.33 23.40 37.17
N LEU A 736 -36.55 22.99 35.91
CA LEU A 736 -35.74 23.50 34.81
C LEU A 736 -35.92 25.00 34.63
N THR A 737 -37.16 25.46 34.54
CA THR A 737 -37.41 26.88 34.33
C THR A 737 -36.97 27.71 35.52
N THR A 738 -37.19 27.19 36.73
CA THR A 738 -36.74 27.90 37.93
C THR A 738 -35.23 28.06 37.94
N PHE A 739 -34.50 26.98 37.59
CA PHE A 739 -33.06 27.06 37.53
C PHE A 739 -32.60 28.05 36.46
N GLN A 740 -33.24 28.01 35.29
CA GLN A 740 -32.85 28.93 34.21
C GLN A 740 -33.06 30.38 34.64
N GLN A 741 -34.20 30.68 35.25
CA GLN A 741 -34.49 32.06 35.62
C GLN A 741 -33.65 32.52 36.81
N LYS A 742 -33.26 31.60 37.70
CA LYS A 742 -32.39 31.99 38.80
C LYS A 742 -30.94 32.18 38.35
N ILE A 743 -30.50 31.37 37.39
CA ILE A 743 -29.19 31.56 36.77
C ILE A 743 -29.15 32.84 35.95
N SER A 744 -30.29 33.24 35.38
CA SER A 744 -30.34 34.48 34.59
C SER A 744 -29.97 35.70 35.42
N LYS A 745 -30.03 35.60 36.75
CA LYS A 745 -29.55 36.68 37.59
C LYS A 745 -28.03 36.77 37.59
N TYR A 746 -27.34 35.68 37.25
CA TYR A 746 -25.89 35.62 37.32
C TYR A 746 -25.23 35.57 35.93
N PHE A 747 -26.01 35.52 34.86
CA PHE A 747 -25.45 35.37 33.53
C PHE A 747 -26.22 36.23 32.54
N ASN A 748 -25.56 36.55 31.43
CA ASN A 748 -26.21 37.18 30.29
C ASN A 748 -26.78 36.10 29.37
N SER A 749 -27.19 36.48 28.16
CA SER A 749 -27.83 35.57 27.22
C SER A 749 -27.03 35.34 25.95
N ARG A 750 -26.37 36.38 25.45
CA ARG A 750 -25.79 36.33 24.10
C ARG A 750 -24.66 35.30 24.01
N LEU A 751 -23.71 35.36 24.94
CA LEU A 751 -22.54 34.49 24.87
C LEU A 751 -22.61 33.29 25.80
N PHE A 752 -23.25 33.42 26.95
CA PHE A 752 -23.29 32.36 27.94
C PHE A 752 -24.40 31.35 27.70
N GLY A 753 -25.21 31.53 26.65
CA GLY A 753 -26.27 30.59 26.38
C GLY A 753 -25.76 29.20 26.03
N HIS A 754 -24.71 29.12 25.21
CA HIS A 754 -24.15 27.83 24.84
C HIS A 754 -23.65 27.09 26.07
N ASP A 755 -22.93 27.78 26.94
CA ASP A 755 -22.41 27.16 28.15
C ASP A 755 -23.49 26.81 29.16
N ILE A 756 -24.54 27.63 29.30
CA ILE A 756 -25.61 27.28 30.22
C ILE A 756 -26.38 26.06 29.72
N GLU A 757 -26.61 25.98 28.41
CA GLU A 757 -27.24 24.78 27.86
C GLU A 757 -26.35 23.56 28.06
N SER A 758 -25.04 23.72 27.85
CA SER A 758 -24.12 22.61 28.07
C SER A 758 -24.16 22.14 29.52
N PHE A 759 -24.17 23.08 30.47
CA PHE A 759 -24.22 22.73 31.88
C PHE A 759 -25.52 22.01 32.21
N ILE A 760 -26.64 22.53 31.74
CA ILE A 760 -27.93 21.91 32.03
C ILE A 760 -27.98 20.50 31.48
N ASN A 761 -27.54 20.31 30.24
CA ASN A 761 -27.62 18.98 29.63
C ASN A 761 -26.63 18.01 30.25
N ARG A 762 -25.45 18.50 30.66
CA ARG A 762 -24.45 17.60 31.24
C ARG A 762 -24.82 17.18 32.65
N HIS A 763 -25.46 18.07 33.42
CA HIS A 763 -25.95 17.74 34.75
C HIS A 763 -27.46 17.51 34.79
N LYS A 764 -28.06 17.17 33.64
CA LYS A 764 -29.50 16.94 33.58
C LYS A 764 -29.82 15.60 34.24
N LYS A 765 -30.33 15.65 35.47
CA LYS A 765 -30.76 14.45 36.17
C LYS A 765 -32.24 14.19 35.86
N PHE A 766 -32.85 13.26 36.60
CA PHE A 766 -34.23 12.87 36.36
C PHE A 766 -35.05 13.11 37.61
N ALA A 767 -36.06 13.98 37.49
CA ALA A 767 -36.96 14.30 38.59
C ALA A 767 -38.12 15.19 38.11
N ASN A 768 -38.98 15.59 39.04
CA ASN A 768 -40.05 16.56 38.77
C ASN A 768 -41.01 16.08 37.69
N VAL A 769 -40.98 16.73 36.52
CA VAL A 769 -41.86 16.36 35.43
C VAL A 769 -41.23 15.19 34.69
N SER A 770 -41.55 13.97 35.14
CA SER A 770 -40.97 12.73 34.64
C SER A 770 -39.47 12.72 34.92
N ASP A 771 -38.72 13.55 34.20
CA ASP A 771 -37.27 13.64 34.33
C ASP A 771 -36.86 15.09 34.11
N GLU A 772 -35.57 15.31 33.83
CA GLU A 772 -35.03 16.62 33.48
C GLU A 772 -35.24 17.63 34.62
N TYR A 773 -34.58 17.34 35.73
CA TYR A 773 -34.50 18.26 36.86
C TYR A 773 -33.11 18.19 37.45
N LEU A 774 -32.71 19.27 38.15
CA LEU A 774 -31.36 19.42 38.67
C LEU A 774 -31.38 19.44 40.19
N GLN A 775 -30.60 18.58 40.81
CA GLN A 775 -30.51 18.50 42.27
C GLN A 775 -29.33 19.30 42.81
N TYR A 776 -29.25 20.59 42.48
CA TYR A 776 -28.22 21.47 42.98
C TYR A 776 -28.86 22.60 43.78
N ILE A 777 -28.08 23.21 44.67
CA ILE A 777 -28.57 24.30 45.49
C ILE A 777 -27.62 25.49 45.38
N PHE A 778 -28.18 26.68 45.23
CA PHE A 778 -27.38 27.89 45.17
C PHE A 778 -26.82 28.24 46.54
N ILE A 779 -25.59 28.77 46.55
CA ILE A 779 -24.96 29.16 47.80
C ILE A 779 -25.74 30.28 48.48
N GLU A 780 -26.29 31.20 47.68
CA GLU A 780 -27.07 32.29 48.26
C GLU A 780 -28.30 31.77 49.00
N ASP A 781 -29.02 30.82 48.40
CA ASP A 781 -30.15 30.20 49.06
C ASP A 781 -29.73 29.24 50.17
N ILE A 782 -28.49 28.75 50.14
CA ILE A 782 -27.99 27.94 51.25
C ILE A 782 -27.77 28.81 52.48
N SER A 783 -27.14 29.97 52.29
CA SER A 783 -26.86 30.86 53.41
C SER A 783 -28.14 31.52 53.92
N SER A 784 -28.98 32.01 53.01
CA SER A 784 -30.26 32.57 53.41
C SER A 784 -31.20 31.44 53.82
N PRO A 785 -31.80 31.50 55.02
CA PRO A 785 -32.68 30.44 55.51
C PRO A 785 -33.83 30.14 54.56
N ILE B 5 -5.69 -54.65 -24.33
CA ILE B 5 -5.87 -55.57 -25.45
C ILE B 5 -5.84 -57.01 -24.95
N ARG B 6 -6.02 -57.17 -23.64
CA ARG B 6 -6.00 -58.45 -22.94
C ARG B 6 -4.66 -59.16 -23.03
N GLY B 7 -3.64 -58.50 -23.56
CA GLY B 7 -2.32 -59.10 -23.65
C GLY B 7 -2.25 -60.23 -24.66
N ASN B 8 -1.18 -61.00 -24.54
CA ASN B 8 -0.95 -62.16 -25.39
C ASN B 8 -0.40 -63.29 -24.56
N ASP B 9 -0.66 -64.52 -25.00
CA ASP B 9 -0.19 -65.71 -24.29
C ASP B 9 0.50 -66.70 -25.21
N VAL B 10 0.97 -66.26 -26.38
CA VAL B 10 1.69 -67.10 -27.33
C VAL B 10 3.10 -66.55 -27.48
N ILE B 11 4.09 -67.42 -27.34
CA ILE B 11 5.49 -67.01 -27.37
C ILE B 11 6.04 -67.22 -28.78
N PHE B 12 6.54 -66.14 -29.37
CA PHE B 12 7.12 -66.15 -30.71
C PHE B 12 8.63 -66.26 -30.56
N VAL B 13 9.23 -67.22 -31.26
CA VAL B 13 10.61 -67.61 -31.03
C VAL B 13 11.36 -67.72 -32.35
N LEU B 14 12.57 -67.19 -32.36
CA LEU B 14 13.55 -67.42 -33.43
C LEU B 14 14.65 -68.33 -32.90
N LYS B 15 15.21 -69.15 -33.78
CA LYS B 15 16.25 -70.10 -33.39
C LYS B 15 17.65 -69.54 -33.55
N THR B 16 18.02 -69.18 -34.78
CA THR B 16 19.38 -68.75 -35.09
C THR B 16 19.44 -67.23 -35.15
N ILE B 17 20.53 -66.67 -34.61
CA ILE B 17 20.72 -65.23 -34.64
C ILE B 17 20.93 -64.77 -36.08
N GLY B 18 20.48 -63.56 -36.38
CA GLY B 18 20.56 -63.04 -37.72
C GLY B 18 19.70 -63.78 -38.72
N VAL B 19 18.50 -64.18 -38.33
CA VAL B 19 17.59 -64.86 -39.27
C VAL B 19 17.11 -63.87 -40.32
N PRO B 20 16.88 -64.31 -41.55
CA PRO B 20 16.52 -63.35 -42.61
C PRO B 20 15.13 -62.77 -42.42
N SER B 21 14.94 -61.56 -42.96
CA SER B 21 13.62 -60.94 -42.96
C SER B 21 12.64 -61.74 -43.81
N ALA B 22 13.11 -62.29 -44.93
CA ALA B 22 12.25 -63.15 -45.74
C ALA B 22 11.83 -64.39 -44.95
N CYS B 23 12.76 -65.00 -44.22
CA CYS B 23 12.42 -66.15 -43.39
C CYS B 23 11.41 -65.78 -42.31
N ARG B 24 11.60 -64.63 -41.66
CA ARG B 24 10.67 -64.19 -40.64
C ARG B 24 9.28 -63.94 -41.22
N GLN B 25 9.20 -63.31 -42.39
CA GLN B 25 7.91 -63.04 -43.02
C GLN B 25 7.23 -64.34 -43.44
N ASN B 26 7.98 -65.28 -43.99
CA ASN B 26 7.41 -66.56 -44.42
C ASN B 26 7.08 -67.48 -43.25
N GLU B 27 7.65 -67.22 -42.08
CA GLU B 27 7.42 -68.02 -40.88
C GLU B 27 7.78 -69.49 -41.13
N ASP B 28 8.99 -69.69 -41.61
CA ASP B 28 9.51 -71.03 -41.85
C ASP B 28 9.69 -71.77 -40.53
N PRO B 29 9.11 -72.95 -40.34
CA PRO B 29 9.27 -73.65 -39.06
C PRO B 29 10.71 -74.05 -38.74
N ARG B 30 11.64 -73.91 -39.69
CA ARG B 30 13.03 -74.24 -39.41
C ARG B 30 13.63 -73.30 -38.37
N PHE B 31 13.16 -72.06 -38.33
CA PHE B 31 13.69 -71.09 -37.37
C PHE B 31 12.57 -70.38 -36.61
N VAL B 32 11.43 -70.20 -37.26
CA VAL B 32 10.32 -69.45 -36.68
C VAL B 32 9.39 -70.41 -35.96
N GLU B 33 9.01 -70.07 -34.73
CA GLU B 33 8.15 -70.93 -33.94
C GLU B 33 7.21 -70.09 -33.07
N ALA B 34 6.13 -70.72 -32.64
CA ALA B 34 5.18 -70.10 -31.72
C ALA B 34 4.64 -71.18 -30.78
N PHE B 35 4.80 -70.97 -29.48
CA PHE B 35 4.39 -71.97 -28.50
C PHE B 35 3.52 -71.32 -27.42
N LYS B 36 3.24 -72.12 -26.39
CA LYS B 36 2.61 -71.71 -25.15
C LYS B 36 3.54 -72.13 -24.02
N CYS B 37 3.10 -72.04 -22.77
CA CYS B 37 3.97 -72.38 -21.64
C CYS B 37 4.42 -73.83 -21.66
N ASP B 38 3.45 -74.75 -21.74
CA ASP B 38 3.78 -76.18 -21.70
C ASP B 38 4.58 -76.59 -22.93
N GLU B 39 4.20 -76.09 -24.09
CA GLU B 39 4.93 -76.41 -25.31
C GLU B 39 6.36 -75.90 -25.24
N LEU B 40 6.55 -74.69 -24.71
CA LEU B 40 7.90 -74.15 -24.56
C LEU B 40 8.73 -74.99 -23.60
N GLU B 41 8.16 -75.36 -22.46
CA GLU B 41 8.90 -76.19 -21.51
C GLU B 41 9.28 -77.53 -22.12
N ARG B 42 8.33 -78.18 -22.80
CA ARG B 42 8.62 -79.47 -23.41
C ARG B 42 9.67 -79.36 -24.51
N TYR B 43 9.60 -78.29 -25.30
CA TYR B 43 10.61 -78.07 -26.35
C TYR B 43 11.99 -77.90 -25.74
N ILE B 44 12.10 -77.09 -24.69
CA ILE B 44 13.38 -76.87 -24.04
C ILE B 44 13.91 -78.18 -23.46
N ASP B 45 13.01 -78.97 -22.85
CA ASP B 45 13.44 -80.22 -22.23
C ASP B 45 13.92 -81.23 -23.28
N ASN B 46 13.13 -81.46 -24.33
CA ASN B 46 13.51 -82.46 -25.32
C ASN B 46 14.73 -82.03 -26.12
N ASN B 47 14.84 -80.75 -26.48
CA ASN B 47 16.00 -80.27 -27.20
C ASN B 47 16.89 -79.47 -26.26
N PRO B 48 17.96 -80.04 -25.74
CA PRO B 48 18.77 -79.32 -24.73
C PRO B 48 19.67 -78.25 -25.33
N GLU B 49 20.29 -78.55 -26.48
CA GLU B 49 21.33 -77.70 -27.05
C GLU B 49 20.82 -76.91 -28.26
N CYS B 50 19.59 -76.42 -28.19
CA CYS B 50 19.01 -75.59 -29.24
C CYS B 50 18.96 -74.15 -28.78
N THR B 51 19.37 -73.22 -29.65
CA THR B 51 19.28 -71.82 -29.35
C THR B 51 17.82 -71.37 -29.32
N LEU B 52 17.56 -70.29 -28.59
CA LEU B 52 16.18 -69.87 -28.35
C LEU B 52 16.19 -68.37 -28.06
N PHE B 53 15.59 -67.58 -28.95
CA PHE B 53 15.47 -66.15 -28.77
C PHE B 53 14.01 -65.74 -28.94
N GLU B 54 13.62 -64.67 -28.26
CA GLU B 54 12.25 -64.18 -28.26
C GLU B 54 12.19 -62.81 -28.93
N SER B 55 11.13 -62.61 -29.72
CA SER B 55 10.94 -61.36 -30.45
C SER B 55 9.46 -61.03 -30.46
N LEU B 56 9.08 -60.05 -31.28
CA LEU B 56 7.69 -59.63 -31.42
C LEU B 56 7.21 -59.97 -32.82
N ARG B 57 6.11 -60.72 -32.89
CA ARG B 57 5.56 -61.11 -34.19
C ARG B 57 4.90 -59.92 -34.88
N ASP B 58 4.33 -58.99 -34.11
CA ASP B 58 3.65 -57.83 -34.67
C ASP B 58 3.99 -56.61 -33.84
N GLU B 59 4.48 -55.55 -34.51
CA GLU B 59 4.77 -54.28 -33.87
C GLU B 59 3.58 -53.32 -33.96
N GLU B 60 2.49 -53.74 -34.60
CA GLU B 60 1.33 -52.89 -34.79
C GLU B 60 0.16 -53.18 -33.86
N ALA B 61 0.08 -54.37 -33.28
CA ALA B 61 -1.04 -54.67 -32.39
C ALA B 61 -0.60 -55.19 -31.03
N TYR B 62 0.44 -56.01 -30.96
CA TYR B 62 0.93 -56.58 -29.71
C TYR B 62 2.21 -55.89 -29.23
N SER B 63 2.28 -54.57 -29.39
CA SER B 63 3.43 -53.82 -28.90
C SER B 63 3.54 -53.85 -27.39
N ILE B 64 2.50 -54.30 -26.69
CA ILE B 64 2.52 -54.31 -25.23
C ILE B 64 3.55 -55.31 -24.75
N VAL B 65 4.46 -54.85 -23.90
CA VAL B 65 5.50 -55.67 -23.30
C VAL B 65 5.67 -55.25 -21.84
N ARG B 66 6.56 -55.94 -21.15
CA ARG B 66 6.89 -55.64 -19.76
C ARG B 66 8.15 -54.78 -19.70
N ILE B 67 8.48 -54.33 -18.50
CA ILE B 67 9.70 -53.57 -18.26
C ILE B 67 10.82 -54.56 -17.99
N PHE B 68 11.90 -54.48 -18.79
CA PHE B 68 12.99 -55.44 -18.69
C PHE B 68 14.31 -54.72 -18.90
N MET B 69 15.38 -55.28 -18.33
CA MET B 69 16.72 -54.73 -18.47
C MET B 69 17.74 -55.85 -18.55
N ASP B 70 18.89 -55.53 -19.13
CA ASP B 70 20.00 -56.46 -19.30
C ASP B 70 21.21 -55.84 -18.62
N VAL B 71 21.86 -56.60 -17.74
CA VAL B 71 23.05 -56.15 -17.02
C VAL B 71 24.14 -57.20 -17.17
N ASP B 72 25.36 -56.74 -17.47
CA ASP B 72 26.51 -57.64 -17.57
C ASP B 72 27.74 -56.89 -17.07
N LEU B 73 28.25 -57.32 -15.92
CA LEU B 73 29.44 -56.71 -15.32
C LEU B 73 30.57 -57.72 -15.40
N ASP B 74 31.70 -57.31 -15.99
CA ASP B 74 32.84 -58.20 -16.20
C ASP B 74 33.71 -58.27 -14.94
N ALA B 75 33.10 -58.76 -13.86
CA ALA B 75 33.79 -58.92 -12.59
C ALA B 75 32.96 -59.82 -11.70
N CYS B 76 33.56 -60.27 -10.60
CA CYS B 76 32.92 -61.17 -9.65
C CYS B 76 32.74 -60.45 -8.32
N LEU B 77 31.52 -60.50 -7.80
CA LEU B 77 31.19 -59.90 -6.52
C LEU B 77 30.74 -60.98 -5.54
N ASP B 78 31.04 -60.75 -4.27
CA ASP B 78 30.64 -61.70 -3.22
C ASP B 78 29.18 -61.44 -2.85
N GLU B 79 28.65 -62.24 -1.92
CA GLU B 79 27.22 -62.26 -1.66
C GLU B 79 26.73 -60.92 -1.09
N ILE B 80 27.46 -60.38 -0.11
CA ILE B 80 26.99 -59.19 0.57
C ILE B 80 27.03 -57.97 -0.37
N ASP B 81 28.13 -57.82 -1.11
CA ASP B 81 28.22 -56.73 -2.07
C ASP B 81 27.16 -56.88 -3.15
N TYR B 82 26.91 -58.11 -3.60
CA TYR B 82 25.87 -58.34 -4.59
C TYR B 82 24.50 -57.90 -4.06
N LEU B 83 24.19 -58.25 -2.81
CA LEU B 83 22.89 -57.91 -2.25
C LEU B 83 22.71 -56.40 -2.10
N THR B 84 23.72 -55.71 -1.55
CA THR B 84 23.57 -54.26 -1.41
C THR B 84 23.49 -53.59 -2.79
N ALA B 85 24.27 -54.08 -3.76
CA ALA B 85 24.23 -53.52 -5.09
C ALA B 85 22.87 -53.69 -5.74
N ILE B 86 22.25 -54.87 -5.58
CA ILE B 86 20.96 -55.09 -6.23
C ILE B 86 19.87 -54.26 -5.56
N GLN B 87 19.95 -54.09 -4.23
CA GLN B 87 18.99 -53.21 -3.56
C GLN B 87 19.08 -51.79 -4.11
N ASP B 88 20.30 -51.25 -4.17
CA ASP B 88 20.47 -49.88 -4.66
C ASP B 88 20.03 -49.76 -6.12
N PHE B 89 20.35 -50.77 -6.93
CA PHE B 89 19.97 -50.77 -8.34
C PHE B 89 18.46 -50.74 -8.49
N ILE B 90 17.75 -51.57 -7.73
CA ILE B 90 16.30 -51.61 -7.81
C ILE B 90 15.72 -50.25 -7.46
N ILE B 91 16.18 -49.65 -6.36
CA ILE B 91 15.64 -48.37 -5.93
C ILE B 91 15.86 -47.30 -7.00
N GLU B 92 17.10 -47.19 -7.48
CA GLU B 92 17.43 -46.15 -8.47
C GLU B 92 16.64 -46.33 -9.76
N VAL B 93 16.59 -47.55 -10.29
CA VAL B 93 15.95 -47.78 -11.58
C VAL B 93 14.44 -47.56 -11.47
N SER B 94 13.82 -48.05 -10.38
CA SER B 94 12.39 -47.84 -10.22
C SER B 94 12.07 -46.35 -10.11
N ASN B 95 12.88 -45.60 -9.37
CA ASN B 95 12.64 -44.16 -9.26
C ASN B 95 12.79 -43.46 -10.60
N CYS B 96 13.81 -43.82 -11.38
CA CYS B 96 14.02 -43.19 -12.67
C CYS B 96 12.86 -43.47 -13.62
N VAL B 97 12.44 -44.74 -13.70
CA VAL B 97 11.35 -45.10 -14.59
C VAL B 97 10.05 -44.44 -14.17
N ALA B 98 9.78 -44.39 -12.86
CA ALA B 98 8.56 -43.75 -12.39
C ALA B 98 8.56 -42.25 -12.70
N ARG B 99 9.70 -41.59 -12.52
CA ARG B 99 9.78 -40.17 -12.85
C ARG B 99 9.55 -39.93 -14.33
N PHE B 100 10.16 -40.77 -15.18
CA PHE B 100 9.93 -40.63 -16.62
C PHE B 100 8.46 -40.84 -16.97
N ALA B 101 7.82 -41.85 -16.37
CA ALA B 101 6.41 -42.10 -16.64
C ALA B 101 5.56 -40.92 -16.21
N PHE B 102 5.82 -40.37 -15.02
CA PHE B 102 5.05 -39.23 -14.54
C PHE B 102 5.22 -38.01 -15.44
N THR B 103 6.45 -37.74 -15.88
CA THR B 103 6.70 -36.51 -16.62
C THR B 103 6.46 -36.63 -18.11
N GLU B 104 6.28 -37.84 -18.64
CA GLU B 104 6.05 -37.91 -20.09
C GLU B 104 4.80 -38.70 -20.46
N CYS B 105 4.51 -39.80 -19.76
CA CYS B 105 3.39 -40.66 -20.10
C CYS B 105 2.12 -40.31 -19.34
N GLY B 106 2.16 -39.32 -18.46
CA GLY B 106 0.98 -38.93 -17.70
C GLY B 106 0.51 -39.96 -16.70
N ALA B 107 1.40 -40.85 -16.27
CA ALA B 107 1.06 -41.90 -15.32
C ALA B 107 1.18 -41.36 -13.91
N ILE B 108 1.13 -42.25 -12.92
CA ILE B 108 1.21 -41.87 -11.51
C ILE B 108 2.43 -42.54 -10.89
N HIS B 109 3.32 -41.70 -10.35
CA HIS B 109 4.61 -42.15 -9.83
C HIS B 109 4.43 -43.25 -8.79
N GLU B 110 3.41 -43.13 -7.95
CA GLU B 110 3.27 -44.04 -6.81
C GLU B 110 2.86 -45.44 -7.26
N ASN B 111 1.89 -45.55 -8.16
CA ASN B 111 1.54 -46.87 -8.66
C ASN B 111 2.66 -47.45 -9.52
N VAL B 112 3.40 -46.60 -10.24
CA VAL B 112 4.55 -47.13 -10.97
C VAL B 112 5.55 -47.75 -10.00
N ILE B 113 5.88 -47.04 -8.93
CA ILE B 113 6.82 -47.56 -7.94
C ILE B 113 6.29 -48.87 -7.35
N LYS B 114 5.01 -48.89 -6.98
CA LYS B 114 4.44 -50.09 -6.38
C LYS B 114 4.54 -51.29 -7.32
N SER B 115 4.15 -51.09 -8.59
CA SER B 115 4.16 -52.19 -9.53
C SER B 115 5.58 -52.69 -9.81
N MET B 116 6.55 -51.78 -9.95
CA MET B 116 7.91 -52.23 -10.23
C MET B 116 8.55 -52.91 -9.02
N ARG B 117 8.27 -52.42 -7.82
CA ARG B 117 8.95 -52.93 -6.63
C ARG B 117 8.21 -54.09 -5.97
N SER B 118 6.99 -54.41 -6.40
CA SER B 118 6.28 -55.53 -5.78
C SER B 118 7.00 -56.86 -6.01
N ASN B 119 7.30 -57.17 -7.27
CA ASN B 119 7.97 -58.42 -7.59
C ASN B 119 8.71 -58.29 -8.91
N PHE B 120 9.70 -59.15 -9.10
CA PHE B 120 10.48 -59.16 -10.33
C PHE B 120 11.23 -60.48 -10.42
N SER B 121 11.42 -60.96 -11.64
CA SER B 121 12.19 -62.16 -11.91
C SER B 121 13.64 -61.75 -12.17
N LEU B 122 14.56 -62.38 -11.45
CA LEU B 122 15.99 -62.06 -11.51
C LEU B 122 16.75 -63.37 -11.65
N THR B 123 17.25 -63.64 -12.85
CA THR B 123 17.97 -64.86 -13.13
C THR B 123 19.43 -64.71 -12.69
N LYS B 124 20.25 -65.73 -12.96
CA LYS B 124 21.68 -65.64 -12.70
C LYS B 124 22.39 -66.52 -13.72
N SER B 125 23.42 -65.98 -14.35
CA SER B 125 24.17 -66.76 -15.32
C SER B 125 25.02 -67.81 -14.62
N THR B 126 25.09 -68.99 -15.22
CA THR B 126 25.90 -70.07 -14.66
C THR B 126 27.39 -69.77 -14.74
N ASN B 127 27.79 -68.76 -15.50
CA ASN B 127 29.19 -68.37 -15.58
C ASN B 127 29.65 -67.76 -14.26
N ARG B 128 30.92 -67.96 -13.95
CA ARG B 128 31.48 -67.56 -12.66
C ARG B 128 32.43 -66.38 -12.71
N ASP B 129 33.02 -66.09 -13.87
CA ASP B 129 33.98 -64.98 -13.95
C ASP B 129 33.28 -63.62 -13.92
N LYS B 130 32.03 -63.56 -14.34
CA LYS B 130 31.30 -62.30 -14.40
C LYS B 130 29.91 -62.48 -13.79
N THR B 131 29.26 -61.35 -13.49
CA THR B 131 27.91 -61.33 -12.93
C THR B 131 26.98 -60.69 -13.97
N SER B 132 26.15 -61.51 -14.61
CA SER B 132 25.21 -61.04 -15.60
C SER B 132 23.85 -61.67 -15.33
N PHE B 133 22.79 -60.93 -15.64
CA PHE B 133 21.43 -61.38 -15.35
C PHE B 133 20.46 -60.56 -16.17
N HIS B 134 19.23 -61.07 -16.26
CA HIS B 134 18.09 -60.34 -16.80
C HIS B 134 17.07 -60.11 -15.70
N ILE B 135 16.46 -58.92 -15.69
CA ILE B 135 15.46 -58.57 -14.69
C ILE B 135 14.16 -58.26 -15.42
N ILE B 136 13.07 -58.86 -14.94
CA ILE B 136 11.74 -58.68 -15.52
C ILE B 136 10.80 -58.16 -14.45
N PHE B 137 10.11 -57.07 -14.75
CA PHE B 137 9.09 -56.51 -13.86
C PHE B 137 7.73 -57.01 -14.33
N LEU B 138 7.14 -57.92 -13.55
CA LEU B 138 5.99 -58.68 -14.03
C LEU B 138 4.75 -57.80 -14.22
N ASP B 139 4.50 -56.88 -13.30
CA ASP B 139 3.22 -56.19 -13.26
C ASP B 139 3.27 -54.78 -13.84
N THR B 140 4.32 -54.42 -14.56
CA THR B 140 4.40 -53.14 -15.23
C THR B 140 4.43 -53.37 -16.74
N TYR B 141 3.49 -52.74 -17.45
CA TYR B 141 3.33 -52.96 -18.88
C TYR B 141 3.37 -51.63 -19.61
N THR B 142 3.93 -51.67 -20.82
CA THR B 142 4.02 -50.48 -21.66
C THR B 142 4.34 -50.90 -23.09
N THR B 143 4.18 -49.96 -24.01
CA THR B 143 4.50 -50.18 -25.42
C THR B 143 6.01 -50.12 -25.63
N MET B 144 6.44 -50.60 -26.80
CA MET B 144 7.86 -50.62 -27.10
C MET B 144 8.39 -49.23 -27.44
N ASP B 145 7.53 -48.35 -27.96
CA ASP B 145 7.92 -46.96 -28.17
C ASP B 145 8.26 -46.29 -26.85
N THR B 146 7.64 -46.74 -25.75
CA THR B 146 7.99 -46.20 -24.44
C THR B 146 9.43 -46.54 -24.07
N LEU B 147 9.88 -47.77 -24.36
CA LEU B 147 11.29 -48.10 -24.16
C LEU B 147 12.18 -47.31 -25.12
N ILE B 148 11.69 -47.10 -26.35
CA ILE B 148 12.42 -46.27 -27.31
C ILE B 148 12.71 -44.91 -26.71
N ALA B 149 11.70 -44.30 -26.08
CA ALA B 149 11.89 -43.01 -25.43
C ALA B 149 12.76 -43.12 -24.18
N MET B 150 12.58 -44.20 -23.40
CA MET B 150 13.30 -44.42 -22.16
C MET B 150 14.80 -44.63 -22.36
N LYS B 151 15.22 -44.96 -23.58
CA LYS B 151 16.62 -45.28 -23.83
C LYS B 151 17.56 -44.16 -23.37
N ARG B 152 17.22 -42.91 -23.72
CA ARG B 152 18.12 -41.80 -23.41
C ARG B 152 18.28 -41.61 -21.90
N THR B 153 17.17 -41.59 -21.17
CA THR B 153 17.26 -41.34 -19.73
C THR B 153 17.88 -42.54 -19.00
N LEU B 154 17.64 -43.75 -19.49
CA LEU B 154 18.30 -44.90 -18.89
C LEU B 154 19.80 -44.86 -19.13
N LEU B 155 20.23 -44.42 -20.32
CA LEU B 155 21.66 -44.28 -20.56
C LEU B 155 22.27 -43.20 -19.68
N GLU B 156 21.55 -42.10 -19.47
CA GLU B 156 22.03 -41.05 -18.59
C GLU B 156 22.20 -41.57 -17.16
N LEU B 157 21.20 -42.31 -16.67
CA LEU B 157 21.30 -42.89 -15.33
C LEU B 157 22.47 -43.88 -15.26
N SER B 158 22.64 -44.69 -16.30
CA SER B 158 23.75 -45.64 -16.32
C SER B 158 25.09 -44.94 -16.26
N ARG B 159 25.23 -43.85 -17.00
CA ARG B 159 26.49 -43.11 -17.04
C ARG B 159 26.72 -42.27 -15.79
N SER B 160 25.68 -41.97 -15.02
CA SER B 160 25.84 -41.05 -13.89
C SER B 160 25.62 -41.73 -12.54
N SER B 161 26.17 -42.93 -12.34
CA SER B 161 26.05 -43.62 -11.07
C SER B 161 27.29 -44.46 -10.82
N GLU B 162 27.64 -44.62 -9.54
CA GLU B 162 28.81 -45.38 -9.14
C GLU B 162 28.52 -46.87 -9.03
N ASN B 163 27.27 -47.26 -8.79
CA ASN B 163 26.93 -48.67 -8.63
C ASN B 163 27.36 -49.46 -9.85
N PRO B 164 28.10 -50.56 -9.69
CA PRO B 164 28.50 -51.35 -10.87
C PRO B 164 27.34 -51.88 -11.68
N LEU B 165 26.28 -52.33 -11.00
CA LEU B 165 25.13 -52.89 -11.72
C LEU B 165 24.41 -51.82 -12.54
N THR B 166 24.15 -50.67 -11.93
CA THR B 166 23.49 -49.59 -12.67
C THR B 166 24.40 -49.06 -13.78
N ARG B 167 25.69 -48.96 -13.51
CA ARG B 167 26.64 -48.50 -14.52
C ARG B 167 26.77 -49.47 -15.68
N SER B 168 26.52 -50.75 -15.45
CA SER B 168 26.68 -51.79 -16.47
C SER B 168 25.35 -52.19 -17.10
N ILE B 169 24.45 -51.23 -17.25
CA ILE B 169 23.15 -51.48 -17.89
C ILE B 169 23.33 -51.43 -19.40
N ASP B 170 22.88 -52.48 -20.08
CA ASP B 170 22.95 -52.53 -21.54
C ASP B 170 21.81 -51.69 -22.09
N THR B 171 22.13 -50.50 -22.59
CA THR B 171 21.12 -49.59 -23.10
C THR B 171 20.62 -49.97 -24.48
N ALA B 172 21.22 -50.99 -25.10
CA ALA B 172 20.70 -51.56 -26.33
C ALA B 172 19.50 -52.45 -25.98
N VAL B 173 19.11 -53.32 -26.91
CA VAL B 173 17.95 -54.23 -26.79
C VAL B 173 16.68 -53.40 -26.57
N TYR B 174 16.76 -52.11 -26.86
CA TYR B 174 15.64 -51.18 -26.87
C TYR B 174 15.45 -50.61 -28.27
N ARG B 175 15.43 -51.50 -29.25
CA ARG B 175 15.29 -51.16 -30.65
C ARG B 175 14.12 -51.95 -31.24
N ARG B 176 13.88 -51.76 -32.53
CA ARG B 176 12.87 -52.53 -33.23
C ARG B 176 13.29 -53.99 -33.32
N LYS B 177 12.29 -54.87 -33.45
CA LYS B 177 12.47 -56.33 -33.52
C LYS B 177 13.50 -56.83 -32.52
N THR B 178 13.51 -56.23 -31.33
CA THR B 178 14.47 -56.60 -30.31
C THR B 178 14.25 -58.04 -29.88
N THR B 179 15.36 -58.78 -29.77
CA THR B 179 15.33 -60.19 -29.41
C THR B 179 16.01 -60.38 -28.08
N LEU B 180 15.38 -61.14 -27.19
CA LEU B 180 15.90 -61.42 -25.86
C LEU B 180 16.19 -62.90 -25.73
N ARG B 181 17.31 -63.22 -25.08
CA ARG B 181 17.68 -64.62 -24.86
C ARG B 181 16.65 -65.30 -23.98
N VAL B 182 16.35 -66.56 -24.29
CA VAL B 182 15.44 -67.37 -23.50
C VAL B 182 16.23 -68.03 -22.38
N VAL B 183 15.64 -68.07 -21.18
CA VAL B 183 16.35 -68.57 -20.01
C VAL B 183 16.67 -70.05 -20.16
N GLY B 184 17.86 -70.44 -19.73
CA GLY B 184 18.31 -71.81 -19.78
C GLY B 184 18.91 -72.23 -21.10
N THR B 185 19.03 -71.33 -22.06
CA THR B 185 19.46 -71.66 -23.41
C THR B 185 20.79 -70.98 -23.73
N ARG B 186 21.69 -71.73 -24.36
CA ARG B 186 22.99 -71.19 -24.73
C ARG B 186 22.86 -70.14 -25.83
N LYS B 187 23.69 -69.10 -25.74
CA LYS B 187 23.72 -68.07 -26.77
C LYS B 187 24.45 -68.54 -28.02
N ASN B 188 25.53 -69.28 -27.85
CA ASN B 188 26.33 -69.79 -28.94
C ASN B 188 26.34 -71.31 -28.93
N PRO B 189 26.27 -71.93 -30.11
CA PRO B 189 26.31 -73.41 -30.15
C PRO B 189 27.59 -74.00 -29.58
N ASN B 190 28.70 -73.28 -29.64
CA ASN B 190 29.98 -73.77 -29.15
C ASN B 190 30.26 -73.40 -27.70
N CYS B 191 29.36 -72.68 -27.03
CA CYS B 191 29.49 -72.39 -25.62
C CYS B 191 28.53 -73.27 -24.82
N ASP B 192 28.64 -73.21 -23.50
CA ASP B 192 27.83 -74.07 -22.65
C ASP B 192 27.11 -73.29 -21.55
N THR B 193 27.65 -72.14 -21.18
CA THR B 193 27.08 -71.35 -20.09
C THR B 193 25.68 -70.85 -20.45
N ILE B 194 24.78 -70.89 -19.48
CA ILE B 194 23.38 -70.55 -19.65
C ILE B 194 22.94 -69.68 -18.48
N HIS B 195 21.69 -69.25 -18.52
CA HIS B 195 21.06 -68.52 -17.44
C HIS B 195 20.13 -69.46 -16.69
N VAL B 196 20.25 -69.49 -15.37
CA VAL B 196 19.39 -70.33 -14.54
C VAL B 196 18.53 -69.42 -13.67
N MET B 197 17.38 -69.96 -13.27
CA MET B 197 16.38 -69.21 -12.51
C MET B 197 16.79 -69.13 -11.04
N GLN B 198 16.09 -68.27 -10.31
CA GLN B 198 16.33 -68.10 -8.88
C GLN B 198 14.98 -68.07 -8.15
N PRO B 199 14.95 -68.55 -6.91
CA PRO B 199 13.70 -68.52 -6.14
C PRO B 199 13.29 -67.10 -5.82
N PRO B 200 12.01 -66.85 -5.55
CA PRO B 200 10.89 -67.80 -5.47
C PRO B 200 10.24 -68.06 -6.83
N HIS B 201 10.78 -67.52 -7.91
CA HIS B 201 10.21 -67.70 -9.24
C HIS B 201 10.77 -68.97 -9.87
N ASP B 202 9.89 -69.88 -10.27
CA ASP B 202 10.30 -71.16 -10.82
C ASP B 202 9.65 -71.52 -12.15
N ASN B 203 8.57 -70.86 -12.55
CA ASN B 203 7.89 -71.17 -13.79
C ASN B 203 8.64 -70.55 -14.97
N ILE B 204 8.06 -70.61 -16.16
CA ILE B 204 8.69 -70.07 -17.35
C ILE B 204 8.03 -68.78 -17.84
N GLU B 205 6.76 -68.56 -17.54
CA GLU B 205 6.13 -67.29 -17.89
C GLU B 205 6.58 -66.15 -16.99
N ASP B 206 7.24 -66.46 -15.87
CA ASP B 206 7.83 -65.43 -15.02
C ASP B 206 9.04 -64.77 -15.65
N TYR B 207 9.62 -65.37 -16.69
CA TYR B 207 10.86 -64.89 -17.27
C TYR B 207 10.72 -64.47 -18.73
N LEU B 208 9.50 -64.31 -19.23
CA LEU B 208 9.26 -63.86 -20.59
C LEU B 208 8.66 -62.46 -20.57
N PHE B 209 9.22 -61.56 -21.37
CA PHE B 209 8.81 -60.17 -21.35
C PHE B 209 7.65 -59.88 -22.31
N THR B 210 7.10 -60.91 -22.95
CA THR B 210 5.91 -60.76 -23.77
C THR B 210 4.67 -61.39 -23.14
N TYR B 211 4.83 -62.40 -22.29
CA TYR B 211 3.68 -63.04 -21.65
C TYR B 211 2.99 -62.03 -20.74
N VAL B 212 1.68 -61.90 -20.91
CA VAL B 212 0.88 -60.92 -20.18
C VAL B 212 -0.19 -61.67 -19.40
N ASP B 213 -0.26 -61.41 -18.11
CA ASP B 213 -1.23 -62.00 -17.19
C ASP B 213 -1.82 -60.93 -16.29
N MET B 214 -2.31 -59.85 -16.91
CA MET B 214 -2.75 -58.67 -16.18
C MET B 214 -3.76 -59.03 -15.09
N ASN B 215 -3.55 -58.47 -13.91
CA ASN B 215 -4.40 -58.75 -12.75
C ASN B 215 -4.56 -57.46 -11.97
N ASN B 216 -5.05 -57.57 -10.72
CA ASN B 216 -5.38 -56.38 -9.94
C ASN B 216 -4.14 -55.54 -9.63
N ASN B 217 -3.01 -56.20 -9.32
CA ASN B 217 -1.81 -55.50 -8.88
C ASN B 217 -0.87 -55.16 -10.04
N SER B 218 -1.49 -54.78 -11.15
CA SER B 218 -0.80 -54.45 -12.38
C SER B 218 -0.97 -52.97 -12.69
N TYR B 219 -0.10 -52.46 -13.57
CA TYR B 219 -0.18 -51.08 -14.02
C TYR B 219 0.32 -50.99 -15.46
N TYR B 220 -0.34 -50.15 -16.24
CA TYR B 220 0.02 -49.91 -17.64
C TYR B 220 0.12 -48.42 -17.88
N PHE B 221 1.11 -48.01 -18.69
CA PHE B 221 1.27 -46.61 -19.06
C PHE B 221 1.95 -46.54 -20.42
N SER B 222 1.73 -45.42 -21.10
CA SER B 222 2.31 -45.19 -22.42
C SER B 222 2.27 -43.70 -22.71
N LEU B 223 3.02 -43.30 -23.74
CA LEU B 223 3.17 -41.89 -24.10
C LEU B 223 1.83 -41.18 -24.29
N TRP B 236 39.24 -43.45 -25.40
CA TRP B 236 39.29 -42.28 -24.53
C TRP B 236 38.75 -41.04 -25.24
N GLU B 237 37.48 -40.72 -24.96
CA GLU B 237 36.89 -39.54 -25.55
C GLU B 237 37.59 -38.29 -25.02
N PRO B 238 37.96 -37.35 -25.90
CA PRO B 238 38.57 -36.10 -25.42
C PRO B 238 37.64 -35.27 -24.54
N GLY B 239 36.34 -35.52 -24.60
CA GLY B 239 35.37 -34.79 -23.80
C GLY B 239 35.11 -35.34 -22.41
N PHE B 240 35.85 -36.37 -21.98
CA PHE B 240 35.62 -36.93 -20.65
C PHE B 240 36.29 -36.08 -19.58
N ILE B 241 37.62 -36.10 -19.56
CA ILE B 241 38.40 -35.45 -18.51
C ILE B 241 39.85 -35.45 -18.95
N SER B 242 40.64 -34.53 -18.39
CA SER B 242 42.07 -34.55 -18.67
C SER B 242 42.69 -35.84 -18.15
N PHE B 243 43.56 -36.43 -18.97
CA PHE B 243 44.17 -37.71 -18.63
C PHE B 243 44.99 -37.61 -17.35
N GLU B 244 45.69 -36.50 -17.17
CA GLU B 244 46.47 -36.30 -15.95
C GLU B 244 45.57 -36.31 -14.73
N ASP B 245 44.40 -35.66 -14.81
CA ASP B 245 43.45 -35.69 -13.69
C ASP B 245 42.89 -37.08 -13.47
N ALA B 246 42.68 -37.84 -14.54
CA ALA B 246 42.21 -39.22 -14.37
C ALA B 246 43.22 -40.06 -13.60
N ILE B 247 44.50 -39.99 -14.00
CA ILE B 247 45.53 -40.75 -13.28
C ILE B 247 45.68 -40.23 -11.87
N LYS B 248 45.52 -38.91 -11.67
CA LYS B 248 45.59 -38.35 -10.32
C LYS B 248 44.48 -38.89 -9.45
N ARG B 249 43.27 -39.02 -10.00
CA ARG B 249 42.17 -39.61 -9.26
C ARG B 249 42.46 -41.06 -8.91
N VAL B 250 43.01 -41.82 -9.86
CA VAL B 250 43.32 -43.23 -9.58
C VAL B 250 44.33 -43.33 -8.44
N SER B 251 45.41 -42.54 -8.51
CA SER B 251 46.42 -42.58 -7.47
C SER B 251 45.86 -42.13 -6.12
N LYS B 252 45.05 -41.06 -6.14
CA LYS B 252 44.46 -40.54 -4.92
C LYS B 252 43.55 -41.54 -4.24
N ILE B 253 42.76 -42.30 -5.02
CA ILE B 253 42.03 -43.42 -4.44
C ILE B 253 42.97 -44.52 -3.93
N PHE B 254 44.09 -44.76 -4.63
CA PHE B 254 45.03 -45.77 -4.16
C PHE B 254 45.66 -45.40 -2.82
N ILE B 255 45.78 -44.10 -2.51
CA ILE B 255 46.34 -43.62 -1.25
C ILE B 255 47.78 -44.10 -1.12
N ASN B 256 48.45 -44.33 -2.24
CA ASN B 256 49.84 -44.76 -2.19
C ASN B 256 50.50 -44.51 -3.54
N SER B 257 51.81 -44.34 -3.51
CA SER B 257 52.57 -44.13 -4.73
C SER B 257 52.57 -45.38 -5.60
N ILE B 258 52.86 -45.19 -6.88
CA ILE B 258 52.87 -46.27 -7.86
C ILE B 258 54.29 -46.45 -8.36
N ILE B 259 54.76 -47.70 -8.37
CA ILE B 259 56.11 -47.99 -8.85
C ILE B 259 56.21 -47.73 -10.35
N ASN B 260 55.18 -48.14 -11.10
CA ASN B 260 55.16 -47.94 -12.55
C ASN B 260 54.49 -46.61 -12.83
N PHE B 261 55.31 -45.56 -12.92
CA PHE B 261 54.83 -44.22 -13.19
C PHE B 261 55.63 -43.60 -14.32
N ASN B 262 55.04 -42.59 -14.96
CA ASN B 262 55.64 -41.85 -16.08
C ASN B 262 55.89 -42.74 -17.29
N ASP B 263 55.26 -43.91 -17.34
CA ASP B 263 55.42 -44.82 -18.46
C ASP B 263 54.05 -45.21 -19.02
N LEU B 264 53.01 -45.05 -18.20
CA LEU B 264 51.65 -45.35 -18.62
C LEU B 264 51.11 -44.16 -19.41
N ASP B 265 51.02 -44.31 -20.73
CA ASP B 265 50.51 -43.25 -21.57
C ASP B 265 49.01 -43.45 -21.82
N GLU B 266 48.46 -42.65 -22.73
CA GLU B 266 47.06 -42.80 -23.08
C GLU B 266 46.83 -44.10 -23.85
N ASN B 267 47.80 -44.51 -24.67
CA ASN B 267 47.63 -45.69 -25.52
C ASN B 267 47.75 -46.99 -24.75
N ASN B 268 48.65 -47.06 -23.77
CA ASN B 268 48.89 -48.30 -23.02
C ASN B 268 48.05 -48.38 -21.76
N PHE B 269 46.89 -47.73 -21.75
CA PHE B 269 46.06 -47.68 -20.55
C PHE B 269 45.52 -49.06 -20.18
N THR B 270 45.03 -49.82 -21.16
CA THR B 270 44.35 -51.07 -20.91
C THR B 270 45.28 -52.28 -21.02
N THR B 271 46.59 -52.07 -21.02
CA THR B 271 47.54 -53.16 -21.22
C THR B 271 48.45 -53.40 -20.04
N VAL B 272 49.11 -52.36 -19.52
CA VAL B 272 50.21 -52.57 -18.58
C VAL B 272 49.66 -52.79 -17.17
N PRO B 273 50.04 -53.87 -16.50
CA PRO B 273 49.67 -54.03 -15.09
C PRO B 273 50.24 -52.91 -14.23
N LEU B 274 49.55 -52.60 -13.14
CA LEU B 274 49.97 -51.57 -12.20
C LEU B 274 50.44 -52.23 -10.92
N VAL B 275 51.60 -51.77 -10.42
CA VAL B 275 52.25 -52.35 -9.24
C VAL B 275 52.28 -51.30 -8.15
N ILE B 276 51.88 -51.70 -6.94
CA ILE B 276 51.77 -50.80 -5.80
C ILE B 276 52.68 -51.30 -4.69
N ASP B 277 53.51 -50.41 -4.15
CA ASP B 277 54.32 -50.73 -2.97
C ASP B 277 53.44 -50.60 -1.73
N TYR B 278 53.23 -51.73 -1.04
CA TYR B 278 52.22 -51.79 0.01
C TYR B 278 52.71 -51.15 1.31
N VAL B 279 53.07 -49.87 1.26
CA VAL B 279 53.42 -49.16 2.49
C VAL B 279 52.22 -49.09 3.42
N THR B 280 51.07 -48.73 2.88
CA THR B 280 49.81 -48.75 3.58
C THR B 280 48.91 -49.85 3.02
N PRO B 281 48.10 -50.49 3.86
CA PRO B 281 47.24 -51.57 3.36
C PRO B 281 46.27 -51.05 2.31
N CYS B 282 45.99 -51.90 1.32
CA CYS B 282 45.13 -51.53 0.20
C CYS B 282 43.76 -51.10 0.69
N ALA B 283 43.41 -49.83 0.48
CA ALA B 283 42.19 -49.27 1.04
C ALA B 283 40.94 -49.89 0.44
N LEU B 284 41.05 -50.55 -0.72
CA LEU B 284 39.87 -51.15 -1.35
C LEU B 284 39.29 -52.26 -0.48
N CYS B 285 40.15 -53.11 0.08
CA CYS B 285 39.71 -54.24 0.89
C CYS B 285 40.38 -54.34 2.25
N LYS B 286 41.21 -53.36 2.62
CA LYS B 286 41.94 -53.31 3.88
C LYS B 286 42.94 -54.45 4.03
N LYS B 287 43.11 -55.29 3.01
CA LYS B 287 44.08 -56.38 3.07
C LYS B 287 45.51 -55.83 3.06
N ARG B 288 46.39 -56.53 3.77
CA ARG B 288 47.77 -56.07 3.90
C ARG B 288 48.51 -56.12 2.56
N SER B 289 48.30 -57.17 1.78
CA SER B 289 49.03 -57.34 0.53
C SER B 289 48.20 -58.13 -0.46
N HIS B 290 48.55 -57.98 -1.74
CA HIS B 290 47.89 -58.69 -2.83
C HIS B 290 48.96 -59.43 -3.64
N LYS B 291 48.65 -60.69 -4.00
CA LYS B 291 49.62 -61.53 -4.69
C LYS B 291 49.96 -60.96 -6.06
N HIS B 292 48.95 -60.68 -6.87
CA HIS B 292 49.00 -60.25 -8.25
C HIS B 292 48.72 -58.74 -8.35
N PRO B 293 49.22 -57.95 -9.31
CA PRO B 293 49.00 -56.57 -9.22
C PRO B 293 47.67 -56.12 -9.81
N HIS B 294 47.38 -54.84 -9.62
CA HIS B 294 46.08 -54.28 -9.97
C HIS B 294 46.09 -53.75 -11.40
N GLN B 295 44.90 -53.76 -12.01
CA GLN B 295 44.78 -53.38 -13.41
C GLN B 295 43.52 -52.54 -13.61
N LEU B 296 43.52 -51.80 -14.71
CA LEU B 296 42.48 -50.84 -15.04
C LEU B 296 41.80 -51.22 -16.35
N SER B 297 40.51 -50.90 -16.45
CA SER B 297 39.77 -51.08 -17.68
C SER B 297 38.86 -49.89 -17.88
N LEU B 298 38.47 -49.64 -19.13
CA LEU B 298 37.61 -48.52 -19.48
C LEU B 298 36.26 -49.05 -19.93
N GLU B 299 35.23 -48.82 -19.12
CA GLU B 299 33.87 -49.29 -19.43
C GLU B 299 32.89 -48.14 -19.21
N ASN B 300 32.14 -47.81 -20.26
CA ASN B 300 31.03 -46.87 -20.19
C ASN B 300 31.44 -45.55 -19.56
N GLY B 301 32.60 -45.05 -19.96
CA GLY B 301 33.09 -43.78 -19.45
C GLY B 301 33.55 -43.82 -18.01
N ALA B 302 33.96 -44.98 -17.50
CA ALA B 302 34.47 -45.09 -16.15
C ALA B 302 35.67 -46.03 -16.14
N ILE B 303 36.57 -45.80 -15.19
CA ILE B 303 37.73 -46.66 -15.00
C ILE B 303 37.38 -47.69 -13.93
N ARG B 304 37.34 -48.95 -14.32
CA ARG B 304 37.13 -50.06 -13.40
C ARG B 304 38.49 -50.58 -12.96
N ILE B 305 38.74 -50.55 -11.66
CA ILE B 305 39.99 -51.01 -11.07
C ILE B 305 39.75 -52.35 -10.42
N TYR B 306 40.53 -53.34 -10.83
CA TYR B 306 40.35 -54.72 -10.37
C TYR B 306 41.71 -55.32 -10.08
N LYS B 307 41.71 -56.56 -9.57
CA LYS B 307 42.92 -57.29 -9.28
C LYS B 307 42.91 -58.59 -10.09
N THR B 308 44.04 -58.91 -10.71
CA THR B 308 44.15 -60.12 -11.52
C THR B 308 44.27 -61.34 -10.62
N GLY B 309 43.70 -62.45 -11.08
CA GLY B 309 43.77 -63.70 -10.34
C GLY B 309 42.60 -63.92 -9.41
N ASN B 310 42.78 -63.64 -8.13
CA ASN B 310 41.75 -63.89 -7.13
C ASN B 310 40.58 -62.95 -7.34
N PRO B 311 39.35 -63.45 -7.51
CA PRO B 311 38.21 -62.54 -7.73
C PRO B 311 37.68 -61.91 -6.46
N HIS B 312 37.97 -62.46 -5.29
CA HIS B 312 37.44 -61.95 -4.04
C HIS B 312 38.50 -61.35 -3.13
N SER B 313 39.76 -61.36 -3.54
CA SER B 313 40.81 -60.78 -2.71
C SER B 313 40.64 -59.26 -2.59
N CYS B 314 40.28 -58.60 -3.69
CA CYS B 314 40.11 -57.16 -3.72
C CYS B 314 38.74 -56.79 -4.27
N LYS B 315 38.11 -55.80 -3.66
CA LYS B 315 36.82 -55.32 -4.11
C LYS B 315 37.00 -54.37 -5.29
N VAL B 316 36.18 -54.55 -6.33
CA VAL B 316 36.32 -53.77 -7.55
C VAL B 316 35.97 -52.31 -7.26
N LYS B 317 36.61 -51.40 -8.00
CA LYS B 317 36.40 -49.97 -7.78
C LYS B 317 36.00 -49.28 -9.08
N ILE B 318 35.20 -48.23 -8.95
CA ILE B 318 34.69 -47.46 -10.08
C ILE B 318 35.15 -46.02 -9.94
N VAL B 319 35.77 -45.50 -11.01
CA VAL B 319 36.19 -44.10 -11.04
C VAL B 319 35.51 -43.41 -12.21
N PRO B 320 34.57 -42.49 -11.96
CA PRO B 320 33.89 -41.82 -13.06
C PRO B 320 34.82 -40.87 -13.80
N LEU B 321 34.45 -40.57 -15.04
CA LEU B 321 35.23 -39.68 -15.89
C LEU B 321 34.50 -38.42 -16.32
N ASP B 322 33.19 -38.32 -16.07
CA ASP B 322 32.42 -37.14 -16.45
C ASP B 322 31.39 -36.87 -15.37
N GLY B 323 30.52 -35.89 -15.63
CA GLY B 323 29.41 -35.59 -14.75
C GLY B 323 29.82 -34.74 -13.57
N ASN B 324 28.82 -34.31 -12.81
CA ASN B 324 28.99 -33.52 -11.60
C ASN B 324 28.29 -34.24 -10.46
N LYS B 325 28.99 -34.43 -9.34
CA LYS B 325 28.43 -35.19 -8.24
C LYS B 325 27.21 -34.51 -7.63
N LEU B 326 27.29 -33.20 -7.41
CA LEU B 326 26.17 -32.47 -6.85
C LEU B 326 25.03 -32.28 -7.84
N PHE B 327 25.26 -32.56 -9.12
CA PHE B 327 24.17 -32.60 -10.09
C PHE B 327 23.52 -33.97 -10.14
N ASN B 328 24.31 -35.04 -10.01
CA ASN B 328 23.73 -36.37 -9.91
C ASN B 328 22.88 -36.51 -8.64
N ILE B 329 23.36 -35.96 -7.53
CA ILE B 329 22.58 -36.01 -6.29
C ILE B 329 21.26 -35.28 -6.47
N ALA B 330 21.29 -34.10 -7.10
CA ALA B 330 20.07 -33.35 -7.31
C ALA B 330 19.11 -34.08 -8.23
N GLN B 331 19.63 -34.74 -9.27
CA GLN B 331 18.77 -35.53 -10.14
C GLN B 331 18.12 -36.69 -9.40
N ARG B 332 18.89 -37.40 -8.56
CA ARG B 332 18.33 -38.51 -7.79
C ARG B 332 17.28 -38.02 -6.80
N ILE B 333 17.50 -36.85 -6.19
CA ILE B 333 16.47 -36.29 -5.32
C ILE B 333 15.24 -35.88 -6.13
N LEU B 334 15.44 -35.37 -7.34
CA LEU B 334 14.33 -34.90 -8.15
C LEU B 334 13.45 -36.02 -8.67
N ASP B 335 14.04 -37.18 -9.00
CA ASP B 335 13.27 -38.24 -9.63
C ASP B 335 12.49 -39.11 -8.63
N THR B 336 12.46 -38.71 -7.36
CA THR B 336 11.58 -39.36 -6.38
C THR B 336 10.24 -38.64 -6.26
N ASN B 337 10.03 -37.57 -7.02
CA ASN B 337 8.77 -36.82 -7.02
C ASN B 337 8.43 -36.32 -5.62
N SER B 338 9.44 -35.85 -4.89
CA SER B 338 9.24 -35.29 -3.56
C SER B 338 9.35 -33.77 -3.52
N VAL B 339 9.77 -33.14 -4.61
CA VAL B 339 9.72 -31.69 -4.76
C VAL B 339 9.02 -31.40 -6.08
N LEU B 340 8.00 -30.55 -6.04
CA LEU B 340 7.24 -30.24 -7.25
C LEU B 340 6.93 -28.76 -7.30
N LEU B 341 6.67 -28.27 -8.51
CA LEU B 341 6.36 -26.88 -8.76
C LEU B 341 4.89 -26.76 -9.16
N THR B 342 4.16 -25.89 -8.48
CA THR B 342 2.74 -25.74 -8.71
C THR B 342 2.46 -24.69 -9.79
N GLU B 343 1.18 -24.57 -10.17
CA GLU B 343 0.78 -23.60 -11.18
C GLU B 343 0.90 -22.16 -10.68
N ARG B 344 1.08 -21.97 -9.38
CA ARG B 344 1.23 -20.64 -8.80
C ARG B 344 2.69 -20.26 -8.55
N GLY B 345 3.63 -21.04 -9.07
CA GLY B 345 5.04 -20.75 -8.86
C GLY B 345 5.50 -20.94 -7.43
N ASP B 346 5.04 -22.00 -6.77
CA ASP B 346 5.46 -22.31 -5.42
C ASP B 346 5.88 -23.77 -5.35
N HIS B 347 6.92 -24.04 -4.58
CA HIS B 347 7.51 -25.37 -4.52
C HIS B 347 6.96 -26.12 -3.31
N ILE B 348 6.37 -27.28 -3.56
CA ILE B 348 5.81 -28.14 -2.54
C ILE B 348 6.73 -29.32 -2.31
N VAL B 349 6.98 -29.64 -1.05
CA VAL B 349 7.87 -30.73 -0.68
C VAL B 349 7.09 -31.75 0.14
N TRP B 350 7.56 -32.99 0.11
CA TRP B 350 6.92 -34.12 0.80
C TRP B 350 7.79 -34.51 1.98
N ILE B 351 7.56 -33.87 3.13
CA ILE B 351 8.28 -34.16 4.36
C ILE B 351 7.27 -34.63 5.39
N ASN B 352 7.59 -35.75 6.06
CA ASN B 352 6.81 -36.26 7.18
C ASN B 352 5.35 -36.49 6.79
N ASN B 353 5.16 -37.17 5.65
CA ASN B 353 3.85 -37.65 5.22
C ASN B 353 2.86 -36.49 5.01
N SER B 354 3.34 -35.39 4.45
CA SER B 354 2.45 -34.28 4.10
C SER B 354 3.13 -33.42 3.04
N TRP B 355 2.30 -32.72 2.27
CA TRP B 355 2.78 -31.77 1.27
C TRP B 355 2.81 -30.38 1.90
N LYS B 356 4.00 -29.78 1.92
CA LYS B 356 4.22 -28.51 2.60
C LYS B 356 4.84 -27.51 1.65
N PHE B 357 4.37 -26.27 1.72
CA PHE B 357 4.96 -25.17 0.97
C PHE B 357 4.92 -23.93 1.84
N ASN B 358 5.98 -23.11 1.75
CA ASN B 358 6.09 -21.91 2.56
C ASN B 358 6.96 -20.92 1.80
N SER B 359 6.34 -19.88 1.25
CA SER B 359 7.10 -18.87 0.51
C SER B 359 8.06 -18.11 1.41
N GLU B 360 7.69 -17.91 2.67
CA GLU B 360 8.58 -17.21 3.60
C GLU B 360 9.84 -18.01 3.87
N GLU B 361 9.70 -19.28 4.22
CA GLU B 361 10.83 -20.16 4.51
C GLU B 361 10.80 -21.35 3.57
N PRO B 362 11.55 -21.33 2.48
CA PRO B 362 11.59 -22.50 1.58
C PRO B 362 12.10 -23.74 2.31
N LEU B 363 11.51 -24.89 1.98
CA LEU B 363 11.76 -26.13 2.70
C LEU B 363 12.60 -27.11 1.88
N ILE B 364 13.20 -26.67 0.78
CA ILE B 364 13.92 -27.59 -0.09
C ILE B 364 15.17 -28.12 0.61
N THR B 365 15.86 -27.28 1.39
CA THR B 365 17.04 -27.76 2.10
C THR B 365 16.64 -28.73 3.21
N LYS B 366 15.49 -28.51 3.85
CA LYS B 366 14.97 -29.49 4.80
C LYS B 366 14.68 -30.82 4.11
N LEU B 367 14.09 -30.77 2.92
CA LEU B 367 13.84 -32.00 2.17
C LEU B 367 15.15 -32.70 1.82
N ILE B 368 16.16 -31.93 1.40
CA ILE B 368 17.44 -32.53 1.04
C ILE B 368 18.09 -33.20 2.24
N LEU B 369 18.03 -32.55 3.41
CA LEU B 369 18.60 -33.16 4.60
C LEU B 369 17.83 -34.41 5.02
N SER B 370 16.50 -34.38 4.94
CA SER B 370 15.71 -35.51 5.40
C SER B 370 15.76 -36.70 4.45
N ILE B 371 15.95 -36.45 3.14
CA ILE B 371 15.88 -37.51 2.15
C ILE B 371 17.19 -38.26 2.00
N ARG B 372 18.22 -37.91 2.76
CA ARG B 372 19.52 -38.56 2.61
C ARG B 372 19.51 -40.02 3.04
N HIS B 373 18.48 -40.45 3.77
CA HIS B 373 18.41 -41.86 4.17
C HIS B 373 17.96 -42.76 3.03
N GLN B 374 17.23 -42.23 2.05
CA GLN B 374 16.77 -42.99 0.90
C GLN B 374 17.73 -42.91 -0.29
N LEU B 375 18.99 -42.60 -0.03
CA LEU B 375 20.01 -42.42 -1.06
C LEU B 375 21.21 -43.28 -0.72
N PRO B 376 22.01 -43.65 -1.72
CA PRO B 376 23.23 -44.42 -1.44
C PRO B 376 24.17 -43.65 -0.54
N LYS B 377 24.94 -44.41 0.25
CA LYS B 377 25.85 -43.80 1.22
C LYS B 377 26.85 -42.86 0.57
N GLU B 378 27.25 -43.11 -0.68
CA GLU B 378 28.17 -42.22 -1.36
C GLU B 378 27.59 -40.82 -1.52
N TYR B 379 26.31 -40.72 -1.88
CA TYR B 379 25.64 -39.43 -1.93
C TYR B 379 25.19 -38.95 -0.56
N SER B 380 25.13 -39.84 0.43
CA SER B 380 24.59 -39.49 1.73
C SER B 380 25.50 -38.53 2.51
N SER B 381 26.81 -38.74 2.43
CA SER B 381 27.74 -37.93 3.23
C SER B 381 27.90 -36.52 2.71
N GLU B 382 27.63 -36.29 1.41
CA GLU B 382 27.76 -34.94 0.87
C GLU B 382 26.63 -34.03 1.34
N LEU B 383 25.48 -34.59 1.69
CA LEU B 383 24.34 -33.79 2.13
C LEU B 383 24.39 -33.53 3.64
N LEU B 384 25.55 -33.08 4.11
CA LEU B 384 25.71 -32.74 5.53
C LEU B 384 26.27 -31.34 5.64
N CYS B 385 26.85 -30.84 4.56
CA CYS B 385 27.34 -29.47 4.52
C CYS B 385 26.24 -28.54 4.00
N PRO B 386 25.89 -27.49 4.74
CA PRO B 386 24.85 -26.58 4.25
C PRO B 386 25.19 -25.93 2.92
N ARG B 387 26.48 -25.69 2.64
CA ARG B 387 26.86 -25.14 1.34
C ARG B 387 26.50 -26.10 0.21
N LYS B 388 26.80 -27.39 0.39
CA LYS B 388 26.47 -28.37 -0.65
C LYS B 388 24.97 -28.59 -0.77
N ARG B 389 24.25 -28.53 0.36
CA ARG B 389 22.79 -28.58 0.27
C ARG B 389 22.22 -27.39 -0.49
N LYS B 390 22.77 -26.20 -0.29
CA LYS B 390 22.35 -25.04 -1.07
C LYS B 390 22.67 -25.20 -2.55
N THR B 391 23.82 -25.78 -2.87
CA THR B 391 24.15 -26.03 -4.27
C THR B 391 23.16 -26.99 -4.90
N VAL B 392 22.83 -28.07 -4.20
CA VAL B 392 21.83 -29.01 -4.70
C VAL B 392 20.46 -28.36 -4.87
N GLU B 393 20.06 -27.50 -3.92
CA GLU B 393 18.81 -26.76 -4.06
C GLU B 393 18.83 -25.86 -5.29
N ALA B 394 19.95 -25.18 -5.55
CA ALA B 394 20.07 -24.35 -6.73
C ALA B 394 19.95 -25.16 -8.00
N ASN B 395 20.53 -26.37 -8.02
CA ASN B 395 20.33 -27.26 -9.17
C ASN B 395 18.88 -27.66 -9.33
N ILE B 396 18.21 -28.00 -8.24
CA ILE B 396 16.83 -28.49 -8.31
C ILE B 396 15.90 -27.40 -8.84
N ARG B 397 16.06 -26.17 -8.38
CA ARG B 397 15.22 -25.09 -8.87
C ARG B 397 15.37 -24.89 -10.37
N ASP B 398 16.58 -25.05 -10.88
CA ASP B 398 16.80 -24.90 -12.32
C ASP B 398 16.18 -26.06 -13.10
N MET B 399 16.28 -27.29 -12.58
CA MET B 399 15.67 -28.41 -13.29
C MET B 399 14.15 -28.35 -13.26
N LEU B 400 13.56 -27.75 -12.23
CA LEU B 400 12.10 -27.72 -12.16
C LEU B 400 11.52 -26.71 -13.15
N VAL B 401 11.29 -27.16 -14.39
CA VAL B 401 10.58 -26.40 -15.40
C VAL B 401 9.24 -27.09 -15.64
N ASP B 402 8.19 -26.29 -15.79
CA ASP B 402 6.78 -26.67 -15.97
C ASP B 402 6.13 -26.90 -14.61
N SER B 403 4.80 -26.97 -14.58
CA SER B 403 4.05 -27.06 -13.34
C SER B 403 3.11 -28.26 -13.40
N VAL B 404 2.50 -28.56 -12.25
CA VAL B 404 1.57 -29.67 -12.13
C VAL B 404 0.36 -29.20 -11.34
N GLU B 405 -0.79 -29.83 -11.59
CA GLU B 405 -2.02 -29.46 -10.89
C GLU B 405 -2.10 -30.17 -9.54
N THR B 406 -2.68 -29.48 -8.57
CA THR B 406 -2.79 -29.98 -7.21
C THR B 406 -4.22 -29.82 -6.72
N ASP B 407 -4.57 -30.65 -5.73
CA ASP B 407 -5.88 -30.60 -5.06
C ASP B 407 -7.03 -30.74 -6.06
N THR B 408 -6.98 -31.84 -6.81
CA THR B 408 -7.98 -32.11 -7.83
C THR B 408 -8.94 -33.24 -7.47
N TYR B 409 -8.80 -33.84 -6.28
CA TYR B 409 -9.69 -34.90 -5.84
C TYR B 409 -10.53 -34.39 -4.67
N PRO B 410 -11.80 -34.00 -4.90
CA PRO B 410 -12.63 -33.44 -3.84
C PRO B 410 -13.40 -34.48 -3.04
N ASP B 411 -12.69 -35.49 -2.56
CA ASP B 411 -13.35 -36.56 -1.80
C ASP B 411 -12.43 -36.98 -0.65
N LYS B 412 -11.37 -36.24 -0.41
CA LYS B 412 -10.31 -36.66 0.52
C LYS B 412 -10.12 -35.60 1.59
N LEU B 413 -9.94 -36.07 2.83
CA LEU B 413 -9.66 -35.18 3.95
C LEU B 413 -8.19 -35.30 4.32
N PRO B 414 -7.37 -34.29 4.08
CA PRO B 414 -5.92 -34.39 4.35
C PRO B 414 -5.59 -34.06 5.79
N PHE B 415 -5.11 -35.07 6.53
CA PHE B 415 -4.58 -34.90 7.87
C PHE B 415 -3.05 -34.89 7.82
N LYS B 416 -2.45 -34.35 8.87
CA LYS B 416 -1.00 -34.20 8.91
C LYS B 416 -0.28 -35.53 8.73
N ASN B 417 -0.92 -36.65 9.06
CA ASN B 417 -0.30 -37.96 8.93
C ASN B 417 -0.99 -38.84 7.89
N GLY B 418 -1.77 -38.27 6.98
CA GLY B 418 -2.35 -39.11 5.94
C GLY B 418 -3.54 -38.44 5.28
N VAL B 419 -4.36 -39.28 4.64
CA VAL B 419 -5.56 -38.84 3.93
C VAL B 419 -6.70 -39.78 4.27
N LEU B 420 -7.82 -39.22 4.70
CA LEU B 420 -9.03 -39.98 4.99
C LEU B 420 -9.95 -39.98 3.78
N ASP B 421 -10.39 -41.18 3.38
CA ASP B 421 -11.31 -41.34 2.26
C ASP B 421 -12.73 -41.10 2.75
N LEU B 422 -13.40 -40.11 2.16
CA LEU B 422 -14.75 -39.77 2.59
C LEU B 422 -15.77 -40.77 2.07
N VAL B 423 -15.55 -41.31 0.88
CA VAL B 423 -16.51 -42.25 0.29
C VAL B 423 -16.50 -43.59 1.01
N ASP B 424 -15.45 -43.90 1.76
CA ASP B 424 -15.31 -45.19 2.40
C ASP B 424 -15.05 -45.12 3.90
N GLY B 425 -14.32 -44.10 4.36
CA GLY B 425 -13.88 -44.09 5.74
C GLY B 425 -12.56 -44.79 5.97
N MET B 426 -11.78 -44.99 4.92
CA MET B 426 -10.50 -45.68 5.00
C MET B 426 -9.38 -44.65 5.06
N PHE B 427 -8.43 -44.86 5.96
CA PHE B 427 -7.34 -43.93 6.18
C PHE B 427 -6.07 -44.44 5.50
N TYR B 428 -5.48 -43.62 4.65
CA TYR B 428 -4.23 -43.93 3.97
C TYR B 428 -3.11 -43.14 4.61
N SER B 429 -2.03 -43.83 4.97
CA SER B 429 -0.88 -43.18 5.58
C SER B 429 0.38 -43.55 4.81
N GLY B 430 1.32 -42.61 4.79
CA GLY B 430 2.57 -42.85 4.09
C GLY B 430 2.45 -42.64 2.59
N ASP B 431 3.18 -43.47 1.84
CA ASP B 431 3.22 -43.34 0.39
C ASP B 431 1.84 -43.48 -0.23
N ASP B 432 0.95 -44.26 0.40
CA ASP B 432 -0.40 -44.40 -0.12
C ASP B 432 -1.14 -43.08 -0.18
N ALA B 433 -0.84 -42.16 0.75
CA ALA B 433 -1.46 -40.84 0.73
C ALA B 433 -0.75 -39.88 -0.21
N LYS B 434 0.38 -40.28 -0.79
CA LYS B 434 1.16 -39.36 -1.62
C LYS B 434 0.50 -39.10 -2.97
N LYS B 435 -0.34 -40.02 -3.44
CA LYS B 435 -0.98 -39.85 -4.75
C LYS B 435 -1.84 -38.61 -4.78
N TYR B 436 -2.62 -38.37 -3.74
CA TYR B 436 -3.53 -37.23 -3.66
C TYR B 436 -2.69 -36.03 -3.25
N THR B 437 -2.37 -35.17 -4.22
CA THR B 437 -1.51 -34.02 -3.95
C THR B 437 -2.33 -32.94 -3.25
N CYS B 438 -2.55 -33.17 -1.95
CA CYS B 438 -3.29 -32.24 -1.11
C CYS B 438 -2.29 -31.36 -0.37
N THR B 439 -2.15 -30.11 -0.82
CA THR B 439 -1.13 -29.22 -0.31
C THR B 439 -1.56 -28.48 0.95
N VAL B 440 -2.78 -28.68 1.42
CA VAL B 440 -3.27 -28.07 2.65
C VAL B 440 -3.76 -29.17 3.57
N SER B 441 -3.36 -29.11 4.83
CA SER B 441 -3.67 -30.15 5.80
C SER B 441 -4.32 -29.56 7.04
N THR B 442 -5.03 -30.41 7.78
CA THR B 442 -5.65 -29.96 9.03
C THR B 442 -4.61 -29.53 10.06
N GLY B 443 -3.39 -30.05 9.95
CA GLY B 443 -2.30 -29.70 10.84
C GLY B 443 -2.09 -30.68 11.98
N PHE B 444 -3.09 -31.48 12.31
CA PHE B 444 -2.98 -32.48 13.36
C PHE B 444 -3.11 -33.87 12.76
N LYS B 445 -2.76 -34.87 13.56
CA LYS B 445 -2.76 -36.26 13.12
C LYS B 445 -4.11 -36.90 13.35
N PHE B 446 -4.52 -37.73 12.39
CA PHE B 446 -5.72 -38.55 12.57
C PHE B 446 -5.44 -39.65 13.59
N ASP B 447 -6.48 -40.06 14.29
CA ASP B 447 -6.37 -41.10 15.31
C ASP B 447 -7.57 -42.02 15.19
N ASP B 448 -7.32 -43.28 14.84
CA ASP B 448 -8.42 -44.23 14.64
C ASP B 448 -9.07 -44.62 15.97
N THR B 449 -8.27 -44.68 17.04
CA THR B 449 -8.84 -45.02 18.34
C THR B 449 -9.84 -43.98 18.82
N LYS B 450 -9.52 -42.70 18.61
CA LYS B 450 -10.43 -41.63 19.00
C LYS B 450 -11.50 -41.35 17.95
N PHE B 451 -11.33 -41.85 16.73
CA PHE B 451 -12.34 -41.74 15.68
C PHE B 451 -13.35 -42.87 15.75
N VAL B 452 -13.96 -43.05 16.92
CA VAL B 452 -14.90 -44.14 17.16
C VAL B 452 -16.26 -43.55 17.48
N GLU B 453 -17.30 -44.37 17.29
CA GLU B 453 -18.66 -43.91 17.51
C GLU B 453 -19.00 -43.89 18.99
N ASP B 454 -18.87 -45.03 19.66
CA ASP B 454 -19.28 -45.15 21.06
C ASP B 454 -18.24 -44.47 21.95
N SER B 455 -18.61 -43.33 22.53
CA SER B 455 -17.70 -42.62 23.43
C SER B 455 -18.48 -41.63 24.28
N PRO B 456 -18.08 -41.43 25.55
CA PRO B 456 -18.75 -40.42 26.39
C PRO B 456 -18.69 -39.04 25.79
N GLU B 457 -17.58 -38.69 25.16
CA GLU B 457 -17.49 -37.44 24.43
C GLU B 457 -18.52 -37.40 23.30
N MET B 458 -18.76 -38.53 22.64
CA MET B 458 -19.75 -38.56 21.57
C MET B 458 -21.15 -38.32 22.11
N GLU B 459 -21.51 -38.95 23.24
CA GLU B 459 -22.84 -38.67 23.79
C GLU B 459 -22.97 -37.23 24.25
N GLU B 460 -21.91 -36.66 24.85
CA GLU B 460 -21.97 -35.25 25.23
C GLU B 460 -22.17 -34.36 24.01
N LEU B 461 -21.46 -34.66 22.92
CA LEU B 461 -21.57 -33.83 21.72
C LEU B 461 -22.94 -33.98 21.08
N MET B 462 -23.51 -35.19 21.09
CA MET B 462 -24.87 -35.36 20.60
C MET B 462 -25.86 -34.57 21.43
N ASN B 463 -25.69 -34.58 22.75
CA ASN B 463 -26.55 -33.77 23.61
C ASN B 463 -26.44 -32.29 23.25
N ILE B 464 -25.22 -31.80 23.05
CA ILE B 464 -25.02 -30.40 22.73
C ILE B 464 -25.67 -30.05 21.39
N ILE B 465 -25.50 -30.92 20.39
CA ILE B 465 -26.04 -30.63 19.07
C ILE B 465 -27.57 -30.62 19.10
N ASN B 466 -28.17 -31.61 19.76
CA ASN B 466 -29.63 -31.62 19.89
C ASN B 466 -30.13 -30.44 20.71
N ASP B 467 -29.32 -29.93 21.65
CA ASP B 467 -29.71 -28.74 22.38
C ASP B 467 -29.72 -27.51 21.48
N ILE B 468 -28.68 -27.36 20.65
CA ILE B 468 -28.59 -26.17 19.80
C ILE B 468 -29.66 -26.20 18.72
N GLN B 469 -29.78 -27.31 17.99
CA GLN B 469 -30.90 -27.53 17.08
C GLN B 469 -31.72 -28.72 17.56
N PRO B 470 -32.90 -28.48 18.12
CA PRO B 470 -33.77 -29.60 18.53
C PRO B 470 -34.24 -30.40 17.32
N LEU B 471 -34.52 -31.68 17.59
CA LEU B 471 -35.04 -32.59 16.57
C LEU B 471 -36.56 -32.56 16.47
N THR B 472 -37.19 -31.46 16.90
CA THR B 472 -38.63 -31.35 16.87
C THR B 472 -39.13 -31.33 15.43
N ASP B 473 -40.43 -31.61 15.26
CA ASP B 473 -41.01 -31.71 13.93
C ASP B 473 -40.92 -30.38 13.18
N GLU B 474 -41.17 -29.27 13.89
CA GLU B 474 -41.06 -27.96 13.26
C GLU B 474 -39.63 -27.65 12.87
N ASN B 475 -38.67 -28.03 13.70
CA ASN B 475 -37.27 -27.70 13.44
C ASN B 475 -36.62 -28.64 12.44
N LYS B 476 -37.24 -29.79 12.15
CA LYS B 476 -36.63 -30.86 11.37
C LYS B 476 -35.88 -30.35 10.14
N LYS B 477 -36.54 -29.55 9.30
CA LYS B 477 -35.91 -29.10 8.06
C LYS B 477 -34.72 -28.19 8.33
N ASN B 478 -34.85 -27.28 9.31
CA ASN B 478 -33.75 -26.39 9.64
C ASN B 478 -32.56 -27.17 10.19
N ARG B 479 -32.83 -28.17 11.02
CA ARG B 479 -31.76 -29.02 11.54
C ARG B 479 -31.08 -29.80 10.41
N GLU B 480 -31.86 -30.30 9.46
CA GLU B 480 -31.28 -31.00 8.32
C GLU B 480 -30.39 -30.07 7.50
N LEU B 481 -30.82 -28.83 7.31
CA LEU B 481 -29.99 -27.86 6.60
C LEU B 481 -28.73 -27.52 7.40
N TYR B 482 -28.84 -27.52 8.73
CA TYR B 482 -27.67 -27.38 9.59
C TYR B 482 -26.66 -28.50 9.31
N GLU B 483 -27.16 -29.73 9.27
CA GLU B 483 -26.31 -30.88 8.94
C GLU B 483 -25.69 -30.72 7.57
N LYS B 484 -26.50 -30.31 6.59
CA LYS B 484 -26.01 -30.15 5.22
C LYS B 484 -24.87 -29.13 5.15
N THR B 485 -25.07 -27.97 5.76
CA THR B 485 -24.05 -26.93 5.73
C THR B 485 -22.78 -27.35 6.46
N LEU B 486 -22.92 -28.02 7.61
CA LEU B 486 -21.72 -28.46 8.31
C LEU B 486 -21.00 -29.59 7.58
N SER B 487 -21.75 -30.44 6.88
CA SER B 487 -21.14 -31.57 6.18
C SER B 487 -20.45 -31.12 4.89
N SER B 488 -21.05 -30.16 4.18
CA SER B 488 -20.48 -29.71 2.91
C SER B 488 -19.15 -29.02 3.08
N CYS B 489 -18.77 -28.65 4.31
CA CYS B 489 -17.46 -28.07 4.55
C CYS B 489 -16.35 -29.09 4.26
N LEU B 490 -16.63 -30.38 4.47
CA LEU B 490 -15.66 -31.42 4.18
C LEU B 490 -15.38 -31.57 2.68
N CYS B 491 -16.34 -31.19 1.83
CA CYS B 491 -16.15 -31.30 0.39
C CYS B 491 -14.98 -30.44 -0.07
N GLY B 492 -14.13 -31.03 -0.90
CA GLY B 492 -13.02 -30.30 -1.49
C GLY B 492 -13.34 -29.58 -2.78
N ALA B 493 -14.60 -29.61 -3.21
CA ALA B 493 -15.00 -28.99 -4.46
C ALA B 493 -15.44 -27.54 -4.20
N THR B 494 -16.08 -26.92 -5.19
CA THR B 494 -16.57 -25.55 -5.08
C THR B 494 -18.09 -25.57 -5.03
N LYS B 495 -18.65 -24.94 -3.99
CA LYS B 495 -20.08 -24.87 -3.79
C LYS B 495 -20.63 -23.52 -4.24
N GLY B 496 -21.91 -23.51 -4.60
CA GLY B 496 -22.51 -22.35 -5.21
C GLY B 496 -23.49 -21.59 -4.35
N CYS B 497 -23.26 -21.58 -3.04
CA CYS B 497 -24.14 -20.85 -2.13
C CYS B 497 -23.41 -20.57 -0.83
N LEU B 498 -23.73 -19.43 -0.23
CA LEU B 498 -23.18 -19.03 1.05
C LEU B 498 -24.15 -19.39 2.18
N THR B 499 -23.64 -19.35 3.40
CA THR B 499 -24.44 -19.68 4.58
C THR B 499 -24.25 -18.61 5.64
N PHE B 500 -25.36 -18.12 6.19
CA PHE B 500 -25.36 -17.07 7.20
C PHE B 500 -25.88 -17.67 8.49
N PHE B 501 -25.09 -17.56 9.56
CA PHE B 501 -25.52 -18.03 10.88
C PHE B 501 -26.18 -16.87 11.60
N PHE B 502 -27.48 -16.71 11.38
CA PHE B 502 -28.25 -15.64 11.98
C PHE B 502 -28.91 -16.14 13.27
N GLY B 503 -28.64 -15.44 14.36
CA GLY B 503 -29.22 -15.80 15.64
C GLY B 503 -29.01 -14.71 16.66
N GLU B 504 -29.65 -14.87 17.81
CA GLU B 504 -29.54 -13.90 18.89
C GLU B 504 -28.33 -14.21 19.76
N THR B 505 -28.22 -13.53 20.89
CA THR B 505 -27.06 -13.69 21.75
C THR B 505 -27.16 -14.97 22.57
N ALA B 506 -26.00 -15.49 22.95
CA ALA B 506 -25.88 -16.66 23.82
C ALA B 506 -26.68 -17.84 23.28
N THR B 507 -26.52 -18.11 21.99
CA THR B 507 -27.28 -19.16 21.33
C THR B 507 -26.43 -20.27 20.72
N GLY B 508 -25.11 -20.12 20.70
CA GLY B 508 -24.23 -21.21 20.32
C GLY B 508 -23.58 -21.12 18.95
N LYS B 509 -23.74 -20.00 18.23
CA LYS B 509 -23.07 -19.88 16.95
C LYS B 509 -21.55 -19.89 17.10
N SER B 510 -21.04 -19.16 18.10
CA SER B 510 -19.61 -19.21 18.36
C SER B 510 -19.17 -20.57 18.87
N THR B 511 -20.06 -21.26 19.60
CA THR B 511 -19.74 -22.62 20.06
C THR B 511 -19.57 -23.57 18.87
N THR B 512 -20.48 -23.49 17.89
CA THR B 512 -20.33 -24.36 16.72
C THR B 512 -19.17 -23.93 15.85
N LYS B 513 -18.85 -22.63 15.84
CA LYS B 513 -17.64 -22.18 15.15
C LYS B 513 -16.40 -22.81 15.78
N ARG B 514 -16.33 -22.81 17.11
CA ARG B 514 -15.22 -23.45 17.80
C ARG B 514 -15.19 -24.95 17.55
N LEU B 515 -16.37 -25.58 17.50
CA LEU B 515 -16.44 -27.01 17.22
C LEU B 515 -15.87 -27.32 15.84
N LEU B 516 -16.27 -26.55 14.83
CA LEU B 516 -15.75 -26.76 13.48
C LEU B 516 -14.26 -26.46 13.43
N LYS B 517 -13.81 -25.43 14.15
CA LYS B 517 -12.39 -25.10 14.18
C LYS B 517 -11.57 -26.25 14.74
N SER B 518 -12.04 -26.84 15.84
CA SER B 518 -11.34 -27.98 16.43
C SER B 518 -11.41 -29.21 15.53
N ALA B 519 -12.55 -29.41 14.85
CA ALA B 519 -12.70 -30.60 14.01
C ALA B 519 -11.89 -30.53 12.72
N ILE B 520 -11.75 -29.34 12.13
CA ILE B 520 -11.10 -29.21 10.84
C ILE B 520 -9.65 -28.73 10.94
N GLY B 521 -9.27 -28.08 12.03
CA GLY B 521 -7.87 -27.71 12.19
C GLY B 521 -7.47 -26.57 11.27
N ASP B 522 -6.33 -26.74 10.61
CA ASP B 522 -5.77 -25.68 9.77
C ASP B 522 -6.54 -25.50 8.47
N LEU B 523 -7.43 -26.42 8.10
CA LEU B 523 -8.25 -26.22 6.91
C LEU B 523 -9.42 -25.32 7.27
N PHE B 524 -9.12 -24.18 7.89
CA PHE B 524 -10.12 -23.32 8.51
C PHE B 524 -9.48 -21.97 8.81
N VAL B 525 -10.07 -20.88 8.35
CA VAL B 525 -9.49 -19.56 8.55
C VAL B 525 -10.61 -18.57 8.88
N GLU B 526 -10.31 -17.62 9.75
CA GLU B 526 -11.25 -16.57 10.14
C GLU B 526 -10.76 -15.24 9.60
N THR B 527 -11.60 -14.57 8.83
CA THR B 527 -11.28 -13.28 8.22
C THR B 527 -12.30 -12.24 8.68
N GLY B 528 -12.03 -10.99 8.31
CA GLY B 528 -12.86 -9.87 8.72
C GLY B 528 -13.93 -9.54 7.71
N GLN B 529 -14.63 -8.43 7.97
CA GLN B 529 -15.70 -7.96 7.12
C GLN B 529 -15.22 -7.25 5.86
N THR B 530 -13.90 -7.06 5.71
CA THR B 530 -13.37 -6.41 4.53
C THR B 530 -13.71 -7.19 3.26
N ILE B 531 -13.78 -8.53 3.37
CA ILE B 531 -14.17 -9.35 2.23
C ILE B 531 -15.58 -8.98 1.77
N LEU B 532 -16.50 -8.80 2.72
CA LEU B 532 -17.88 -8.51 2.38
C LEU B 532 -18.13 -7.03 2.10
N THR B 533 -17.19 -6.15 2.43
CA THR B 533 -17.42 -4.70 2.28
C THR B 533 -16.56 -4.09 1.20
N ASP B 534 -15.23 -4.24 1.26
CA ASP B 534 -14.34 -3.57 0.32
C ASP B 534 -14.33 -4.30 -1.03
N VAL B 535 -13.67 -3.67 -2.01
CA VAL B 535 -13.53 -4.28 -3.32
C VAL B 535 -12.54 -5.44 -3.23
N LEU B 536 -12.93 -6.59 -3.77
CA LEU B 536 -12.08 -7.77 -3.65
C LEU B 536 -10.83 -7.65 -4.52
N ASP B 537 -10.96 -7.07 -5.71
CA ASP B 537 -9.80 -6.84 -6.56
C ASP B 537 -8.84 -5.88 -5.87
N LYS B 538 -9.27 -4.63 -5.71
CA LYS B 538 -8.55 -3.59 -4.98
C LYS B 538 -7.03 -3.67 -5.14
N GLY B 539 -6.33 -3.75 -4.02
CA GLY B 539 -4.89 -3.90 -4.01
C GLY B 539 -4.47 -5.10 -3.19
N PRO B 540 -3.65 -4.86 -2.17
CA PRO B 540 -3.23 -5.96 -1.29
C PRO B 540 -4.35 -6.40 -0.36
N ASN B 541 -4.83 -7.63 -0.53
CA ASN B 541 -5.90 -8.19 0.32
C ASN B 541 -5.44 -9.56 0.82
N PRO B 542 -4.63 -9.60 1.88
CA PRO B 542 -4.23 -10.89 2.44
C PRO B 542 -5.38 -11.71 2.98
N PHE B 543 -6.51 -11.08 3.33
CA PHE B 543 -7.68 -11.83 3.75
C PHE B 543 -8.19 -12.73 2.62
N ILE B 544 -8.31 -12.17 1.41
CA ILE B 544 -8.67 -12.97 0.25
C ILE B 544 -7.53 -13.93 -0.10
N ALA B 545 -6.29 -13.49 0.05
CA ALA B 545 -5.14 -14.33 -0.23
C ALA B 545 -5.02 -15.52 0.72
N ASN B 546 -5.72 -15.50 1.86
CA ASN B 546 -5.67 -16.60 2.81
C ASN B 546 -6.70 -17.68 2.54
N MET B 547 -7.62 -17.46 1.60
CA MET B 547 -8.65 -18.43 1.27
C MET B 547 -8.21 -19.44 0.21
N HIS B 548 -6.90 -19.61 0.02
CA HIS B 548 -6.39 -20.51 -1.00
C HIS B 548 -6.52 -21.95 -0.53
N LEU B 549 -7.34 -22.72 -1.24
CA LEU B 549 -7.56 -24.15 -0.96
C LEU B 549 -8.11 -24.37 0.45
N LYS B 550 -8.80 -23.37 1.00
CA LYS B 550 -9.46 -23.53 2.27
C LYS B 550 -10.79 -24.26 2.08
N ARG B 551 -11.30 -24.82 3.17
CA ARG B 551 -12.60 -25.49 3.16
C ARG B 551 -13.61 -24.89 4.10
N SER B 552 -13.19 -24.02 5.02
CA SER B 552 -14.10 -23.36 5.94
C SER B 552 -13.48 -22.06 6.40
N VAL B 553 -14.05 -20.93 5.96
CA VAL B 553 -13.66 -19.62 6.41
C VAL B 553 -14.84 -19.02 7.16
N PHE B 554 -14.56 -18.12 8.09
CA PHE B 554 -15.58 -17.52 8.93
C PHE B 554 -15.38 -16.00 9.01
N CYS B 555 -16.44 -15.25 8.74
CA CYS B 555 -16.48 -13.83 8.99
C CYS B 555 -17.45 -13.56 10.14
N SER B 556 -16.94 -12.91 11.18
CA SER B 556 -17.68 -12.79 12.43
C SER B 556 -18.13 -11.36 12.66
N GLU B 557 -19.35 -11.22 13.20
CA GLU B 557 -19.90 -9.94 13.65
C GLU B 557 -19.96 -8.93 12.50
N LEU B 558 -20.82 -9.26 11.54
CA LEU B 558 -21.08 -8.36 10.43
C LEU B 558 -21.68 -7.06 10.96
N PRO B 559 -21.09 -5.90 10.64
CA PRO B 559 -21.63 -4.64 11.17
C PRO B 559 -22.89 -4.22 10.46
N ASP B 560 -24.04 -4.73 10.90
CA ASP B 560 -25.31 -4.47 10.23
C ASP B 560 -25.57 -2.97 10.10
N PHE B 561 -26.43 -2.63 9.16
CA PHE B 561 -26.64 -1.26 8.71
C PHE B 561 -28.08 -0.82 8.95
N ALA B 562 -28.59 -1.08 10.16
CA ALA B 562 -29.92 -0.58 10.52
C ALA B 562 -29.93 0.95 10.53
N CYS B 563 -28.82 1.55 10.97
CA CYS B 563 -28.66 3.00 10.97
C CYS B 563 -27.66 3.40 9.89
N SER B 564 -27.96 4.49 9.18
CA SER B 564 -27.11 4.94 8.10
C SER B 564 -25.77 5.44 8.65
N GLY B 565 -24.74 5.31 7.82
CA GLY B 565 -23.41 5.77 8.21
C GLY B 565 -22.30 4.84 7.76
N SER B 566 -22.67 3.66 7.26
CA SER B 566 -21.71 2.67 6.79
C SER B 566 -22.16 2.10 5.46
N LYS B 567 -21.18 1.76 4.62
CA LYS B 567 -21.48 1.17 3.32
C LYS B 567 -22.01 -0.24 3.50
N LYS B 568 -23.14 -0.53 2.84
CA LYS B 568 -23.76 -1.83 2.95
C LYS B 568 -22.94 -2.89 2.25
N ILE B 569 -23.17 -4.15 2.62
CA ILE B 569 -22.51 -5.27 1.96
C ILE B 569 -22.91 -5.27 0.49
N ARG B 570 -21.91 -5.28 -0.39
CA ARG B 570 -22.12 -5.16 -1.83
C ARG B 570 -22.43 -6.52 -2.43
N SER B 571 -23.39 -6.55 -3.36
CA SER B 571 -23.75 -7.79 -4.04
C SER B 571 -22.61 -8.34 -4.90
N ASP B 572 -21.73 -7.47 -5.40
CA ASP B 572 -20.67 -7.92 -6.30
C ASP B 572 -19.80 -8.96 -5.64
N ASN B 573 -19.45 -8.74 -4.36
CA ASN B 573 -18.57 -9.67 -3.66
C ASN B 573 -19.22 -11.04 -3.53
N ILE B 574 -20.51 -11.09 -3.21
CA ILE B 574 -21.15 -12.39 -2.99
C ILE B 574 -21.37 -13.11 -4.32
N LYS B 575 -21.62 -12.36 -5.41
CA LYS B 575 -21.65 -13.03 -6.71
C LYS B 575 -20.29 -13.58 -7.08
N LYS B 576 -19.21 -12.83 -6.79
CA LYS B 576 -17.88 -13.29 -7.16
C LYS B 576 -17.43 -14.48 -6.32
N LEU B 577 -17.81 -14.51 -5.04
CA LEU B 577 -17.40 -15.61 -4.16
C LEU B 577 -17.92 -16.96 -4.60
N THR B 578 -19.02 -16.98 -5.36
CA THR B 578 -19.59 -18.23 -5.85
C THR B 578 -18.76 -18.87 -6.97
N GLU B 579 -17.89 -18.09 -7.61
CA GLU B 579 -17.16 -18.58 -8.78
C GLU B 579 -16.17 -19.68 -8.37
N PRO B 580 -15.90 -20.61 -9.28
CA PRO B 580 -14.90 -21.65 -8.98
C PRO B 580 -13.50 -21.12 -8.74
N CYS B 581 -13.21 -19.92 -9.24
CA CYS B 581 -11.93 -19.27 -9.00
C CYS B 581 -12.17 -17.83 -8.54
N VAL B 582 -11.22 -17.31 -7.77
CA VAL B 582 -11.31 -15.94 -7.23
C VAL B 582 -10.08 -15.18 -7.69
N ILE B 583 -10.30 -13.97 -8.21
CA ILE B 583 -9.22 -13.12 -8.65
C ILE B 583 -8.74 -12.26 -7.49
N GLY B 584 -7.46 -12.34 -7.18
CA GLY B 584 -6.88 -11.60 -6.07
C GLY B 584 -5.42 -11.92 -5.87
N ARG B 585 -4.62 -10.91 -5.49
CA ARG B 585 -3.19 -11.11 -5.35
C ARG B 585 -2.71 -10.65 -3.99
N PRO B 586 -1.73 -11.34 -3.40
CA PRO B 586 -1.17 -10.90 -2.11
C PRO B 586 -0.08 -9.86 -2.29
N CYS B 587 0.56 -9.47 -1.18
CA CYS B 587 1.65 -8.52 -1.24
C CYS B 587 2.89 -9.16 -1.85
N PHE B 588 3.55 -8.43 -2.75
CA PHE B 588 4.80 -8.86 -3.37
C PHE B 588 4.65 -10.23 -4.05
N SER B 589 3.58 -10.39 -4.82
CA SER B 589 3.33 -11.62 -5.55
C SER B 589 2.78 -11.28 -6.93
N ASN B 590 2.93 -12.24 -7.85
CA ASN B 590 2.44 -12.07 -9.21
C ASN B 590 1.18 -12.86 -9.51
N LYS B 591 0.91 -13.93 -8.75
CA LYS B 591 -0.28 -14.73 -8.98
C LYS B 591 -1.54 -13.93 -8.65
N ILE B 592 -2.55 -14.09 -9.50
CA ILE B 592 -3.80 -13.34 -9.37
C ILE B 592 -4.99 -14.21 -9.03
N ASN B 593 -4.89 -15.52 -9.16
CA ASN B 593 -6.04 -16.42 -9.06
C ASN B 593 -5.83 -17.44 -7.97
N ASN B 594 -6.88 -17.70 -7.19
CA ASN B 594 -6.88 -18.75 -6.18
C ASN B 594 -8.16 -19.56 -6.27
N ARG B 595 -8.04 -20.87 -6.05
CA ARG B 595 -9.18 -21.76 -6.15
C ARG B 595 -10.07 -21.62 -4.93
N ASN B 596 -11.38 -21.61 -5.17
CA ASN B 596 -12.37 -21.39 -4.11
C ASN B 596 -13.04 -22.72 -3.77
N HIS B 597 -12.42 -23.45 -2.84
CA HIS B 597 -13.02 -24.66 -2.27
C HIS B 597 -13.69 -24.39 -0.94
N ALA B 598 -13.71 -23.14 -0.48
CA ALA B 598 -14.12 -22.83 0.89
C ALA B 598 -15.62 -22.58 0.96
N THR B 599 -16.20 -22.85 2.12
CA THR B 599 -17.58 -22.52 2.42
C THR B 599 -17.60 -21.26 3.26
N ILE B 600 -18.20 -20.20 2.72
CA ILE B 600 -18.18 -18.89 3.36
C ILE B 600 -19.31 -18.85 4.39
N ILE B 601 -18.96 -18.70 5.66
CA ILE B 601 -19.93 -18.62 6.74
C ILE B 601 -19.73 -17.30 7.46
N ILE B 602 -20.81 -16.53 7.59
CA ILE B 602 -20.79 -15.24 8.27
C ILE B 602 -21.70 -15.30 9.48
N ASP B 603 -21.18 -14.86 10.63
CA ASP B 603 -21.94 -14.84 11.88
C ASP B 603 -22.43 -13.43 12.15
N THR B 604 -23.74 -13.30 12.36
CA THR B 604 -24.35 -12.00 12.61
C THR B 604 -25.55 -12.18 13.53
N ASN B 605 -25.81 -11.15 14.34
CA ASN B 605 -27.02 -11.10 15.14
C ASN B 605 -28.14 -10.34 14.45
N TYR B 606 -27.90 -9.81 13.26
CA TYR B 606 -28.86 -8.95 12.58
C TYR B 606 -29.00 -9.38 11.13
N LYS B 607 -30.13 -9.04 10.54
CA LYS B 607 -30.41 -9.38 9.15
C LYS B 607 -29.56 -8.51 8.23
N PRO B 608 -28.72 -9.11 7.39
CA PRO B 608 -27.94 -8.31 6.44
C PRO B 608 -28.83 -7.68 5.37
N VAL B 609 -28.41 -6.51 4.90
CA VAL B 609 -29.12 -5.77 3.86
C VAL B 609 -28.13 -5.41 2.77
N PHE B 610 -28.42 -5.83 1.54
CA PHE B 610 -27.51 -5.66 0.41
C PHE B 610 -27.81 -4.35 -0.30
N ASP B 611 -26.79 -3.81 -0.98
CA ASP B 611 -26.95 -2.52 -1.64
C ASP B 611 -27.82 -2.62 -2.89
N ARG B 612 -27.58 -3.63 -3.72
CA ARG B 612 -28.32 -3.83 -4.96
C ARG B 612 -28.92 -5.22 -4.98
N ILE B 613 -30.22 -5.30 -5.25
CA ILE B 613 -30.96 -6.56 -5.23
C ILE B 613 -31.51 -6.81 -6.62
N ASP B 614 -31.32 -8.03 -7.11
CA ASP B 614 -31.84 -8.43 -8.42
C ASP B 614 -32.24 -9.90 -8.35
N ASN B 615 -32.43 -10.51 -9.52
CA ASN B 615 -32.89 -11.90 -9.57
C ASN B 615 -31.82 -12.86 -9.05
N ALA B 616 -30.58 -12.72 -9.52
CA ALA B 616 -29.55 -13.71 -9.21
C ALA B 616 -29.32 -13.88 -7.71
N LEU B 617 -29.58 -12.83 -6.93
CA LEU B 617 -29.33 -12.89 -5.51
C LEU B 617 -30.25 -13.86 -4.79
N MET B 618 -31.32 -14.33 -5.44
CA MET B 618 -32.16 -15.34 -4.81
C MET B 618 -31.62 -16.76 -5.02
N ARG B 619 -30.44 -16.89 -5.62
CA ARG B 619 -29.79 -18.19 -5.81
C ARG B 619 -28.47 -18.31 -5.07
N ARG B 620 -28.20 -17.45 -4.09
CA ARG B 620 -26.92 -17.46 -3.39
C ARG B 620 -27.02 -17.34 -1.88
N ILE B 621 -28.21 -17.09 -1.33
CA ILE B 621 -28.37 -16.76 0.08
C ILE B 621 -29.07 -17.92 0.77
N ALA B 622 -28.35 -18.61 1.65
CA ALA B 622 -28.91 -19.58 2.57
C ALA B 622 -28.55 -19.14 3.98
N VAL B 623 -29.54 -19.13 4.87
CA VAL B 623 -29.36 -18.67 6.24
C VAL B 623 -29.79 -19.79 7.19
N VAL B 624 -29.23 -19.79 8.39
CA VAL B 624 -29.46 -20.82 9.38
C VAL B 624 -30.00 -20.18 10.64
N ARG B 625 -31.01 -20.82 11.24
CA ARG B 625 -31.72 -20.27 12.39
C ARG B 625 -31.16 -20.83 13.70
N PHE B 626 -31.07 -19.96 14.71
CA PHE B 626 -30.65 -20.32 16.05
C PHE B 626 -31.72 -19.84 17.02
N ARG B 627 -32.37 -20.78 17.70
CA ARG B 627 -33.51 -20.46 18.54
C ARG B 627 -33.43 -21.18 19.89
N THR B 628 -32.25 -21.19 20.48
CA THR B 628 -32.05 -21.78 21.81
C THR B 628 -31.16 -20.86 22.62
N HIS B 629 -31.55 -20.62 23.87
CA HIS B 629 -30.89 -19.67 24.74
C HIS B 629 -30.23 -20.39 25.91
N PHE B 630 -28.97 -20.04 26.18
CA PHE B 630 -28.24 -20.49 27.36
C PHE B 630 -28.04 -19.28 28.26
N SER B 631 -28.56 -19.34 29.48
CA SER B 631 -28.62 -18.16 30.33
C SER B 631 -28.27 -18.52 31.76
N GLN B 632 -27.84 -17.50 32.51
CA GLN B 632 -27.65 -17.64 33.93
C GLN B 632 -29.01 -17.79 34.62
N PRO B 633 -29.05 -18.40 35.81
CA PRO B 633 -30.34 -18.61 36.47
C PRO B 633 -31.12 -17.33 36.75
N SER B 634 -30.44 -16.20 36.94
CA SER B 634 -31.12 -14.96 37.26
C SER B 634 -32.04 -14.51 36.13
N GLY B 635 -31.58 -14.62 34.89
CA GLY B 635 -32.35 -14.16 33.75
C GLY B 635 -33.24 -15.20 33.13
N ARG B 636 -33.69 -16.17 33.94
CA ARG B 636 -34.52 -17.27 33.45
C ARG B 636 -35.82 -16.78 32.83
N GLU B 637 -36.69 -16.19 33.66
CA GLU B 637 -37.96 -15.70 33.14
C GLU B 637 -37.76 -14.50 32.22
N ALA B 638 -36.69 -13.74 32.42
CA ALA B 638 -36.39 -12.62 31.52
C ALA B 638 -36.17 -13.11 30.10
N ALA B 639 -35.43 -14.21 29.94
CA ALA B 639 -35.25 -14.80 28.62
C ALA B 639 -36.50 -15.55 28.15
N GLU B 640 -37.23 -16.15 29.08
CA GLU B 640 -38.44 -16.89 28.70
C GLU B 640 -39.49 -15.97 28.11
N ASN B 641 -39.64 -14.77 28.66
CA ASN B 641 -40.62 -13.82 28.14
C ASN B 641 -40.28 -13.38 26.73
N ASN B 642 -39.00 -13.41 26.37
CA ASN B 642 -38.59 -13.02 25.03
C ASN B 642 -39.07 -14.03 24.00
N ASP B 643 -39.45 -13.53 22.83
CA ASP B 643 -39.85 -14.38 21.71
C ASP B 643 -38.70 -14.70 20.78
N ALA B 644 -37.46 -14.31 21.13
CA ALA B 644 -36.30 -14.66 20.34
C ALA B 644 -35.90 -16.12 20.51
N TYR B 645 -36.41 -16.81 21.51
CA TYR B 645 -36.03 -18.19 21.78
C TYR B 645 -37.29 -19.05 21.91
N ASP B 646 -37.19 -20.29 21.46
CA ASP B 646 -38.28 -21.25 21.61
C ASP B 646 -38.04 -22.24 22.75
N LYS B 647 -36.91 -22.13 23.45
CA LYS B 647 -36.59 -23.01 24.57
C LYS B 647 -35.38 -22.43 25.28
N VAL B 648 -35.39 -22.53 26.61
CA VAL B 648 -34.32 -21.98 27.45
C VAL B 648 -33.65 -23.14 28.18
N LYS B 649 -32.33 -23.23 28.05
CA LYS B 649 -31.53 -24.27 28.68
C LYS B 649 -30.48 -23.61 29.55
N LEU B 650 -30.14 -24.28 30.65
CA LEU B 650 -29.13 -23.75 31.56
C LEU B 650 -27.76 -23.68 30.88
N LEU B 651 -26.96 -22.71 31.30
CA LEU B 651 -25.68 -22.41 30.66
C LEU B 651 -24.54 -23.10 31.39
N ASP B 652 -23.66 -23.76 30.64
CA ASP B 652 -22.46 -24.38 31.18
C ASP B 652 -21.25 -23.53 30.83
N GLU B 653 -20.41 -23.25 31.83
CA GLU B 653 -19.30 -22.33 31.66
C GLU B 653 -17.97 -23.00 31.35
N GLY B 654 -17.70 -24.19 31.88
CA GLY B 654 -16.48 -24.91 31.54
C GLY B 654 -16.50 -25.56 30.17
N LEU B 655 -17.65 -25.55 29.50
CA LEU B 655 -17.76 -26.11 28.16
C LEU B 655 -16.84 -25.41 27.17
N ASP B 656 -16.73 -24.08 27.28
CA ASP B 656 -15.80 -23.36 26.41
C ASP B 656 -14.37 -23.79 26.62
N GLY B 657 -13.97 -23.96 27.89
CA GLY B 657 -12.61 -24.39 28.18
C GLY B 657 -12.32 -25.79 27.66
N LYS B 658 -13.26 -26.72 27.86
CA LYS B 658 -13.01 -28.08 27.42
C LYS B 658 -13.06 -28.19 25.90
N ILE B 659 -13.84 -27.33 25.23
CA ILE B 659 -13.77 -27.26 23.78
C ILE B 659 -12.44 -26.70 23.33
N GLN B 660 -11.95 -25.66 24.00
CA GLN B 660 -10.61 -25.15 23.73
C GLN B 660 -9.55 -26.23 23.92
N ASN B 661 -9.81 -27.20 24.81
CA ASN B 661 -8.92 -28.33 24.98
C ASN B 661 -9.04 -29.36 23.86
N ASN B 662 -9.83 -29.09 22.83
CA ASN B 662 -10.01 -29.99 21.68
C ASN B 662 -10.50 -31.37 22.13
N ARG B 663 -11.39 -31.38 23.13
CA ARG B 663 -11.88 -32.64 23.68
C ARG B 663 -12.93 -33.29 22.80
N TYR B 664 -13.67 -32.51 22.00
CA TYR B 664 -14.74 -33.01 21.16
C TYR B 664 -14.35 -33.07 19.68
N ARG B 665 -13.06 -32.93 19.37
CA ARG B 665 -12.63 -32.80 17.98
C ARG B 665 -12.95 -34.04 17.17
N PHE B 666 -12.55 -35.21 17.65
CA PHE B 666 -12.76 -36.44 16.88
C PHE B 666 -14.20 -36.91 16.92
N ALA B 667 -14.92 -36.66 18.02
CA ALA B 667 -16.34 -36.96 18.03
C ALA B 667 -17.10 -36.15 16.98
N PHE B 668 -16.83 -34.84 16.91
CA PHE B 668 -17.50 -34.03 15.91
C PHE B 668 -17.03 -34.40 14.51
N LEU B 669 -15.76 -34.81 14.36
CA LEU B 669 -15.28 -35.25 13.06
C LEU B 669 -16.02 -36.50 12.58
N TYR B 670 -16.21 -37.47 13.49
CA TYR B 670 -16.96 -38.67 13.13
C TYR B 670 -18.40 -38.32 12.78
N LEU B 671 -19.02 -37.42 13.54
CA LEU B 671 -20.39 -37.03 13.24
C LEU B 671 -20.47 -36.36 11.87
N LEU B 672 -19.51 -35.49 11.55
CA LEU B 672 -19.49 -34.83 10.25
C LEU B 672 -19.29 -35.83 9.12
N VAL B 673 -18.40 -36.82 9.32
CA VAL B 673 -18.16 -37.81 8.28
C VAL B 673 -19.40 -38.65 8.05
N LYS B 674 -20.10 -39.03 9.12
CA LYS B 674 -21.35 -39.77 8.95
C LYS B 674 -22.41 -38.93 8.24
N TRP B 675 -22.50 -37.64 8.57
CA TRP B 675 -23.43 -36.76 7.87
C TRP B 675 -23.08 -36.68 6.39
N TYR B 676 -21.78 -36.58 6.07
CA TYR B 676 -21.37 -36.54 4.68
C TYR B 676 -21.73 -37.84 3.96
N LYS B 677 -21.50 -38.97 4.61
CA LYS B 677 -21.83 -40.26 4.02
C LYS B 677 -23.32 -40.39 3.77
N LYS B 678 -24.15 -39.93 4.71
CA LYS B 678 -25.59 -40.00 4.54
C LYS B 678 -26.07 -39.07 3.43
N TYR B 679 -25.59 -37.82 3.43
CA TYR B 679 -26.08 -36.84 2.49
C TYR B 679 -25.49 -37.00 1.09
N HIS B 680 -24.40 -37.75 0.96
CA HIS B 680 -23.67 -37.80 -0.31
C HIS B 680 -24.30 -38.83 -1.25
N ILE B 681 -25.47 -38.47 -1.76
CA ILE B 681 -25.98 -39.05 -3.00
C ILE B 681 -24.98 -38.63 -4.06
N PRO B 682 -24.70 -39.44 -5.10
CA PRO B 682 -23.77 -39.03 -6.15
C PRO B 682 -23.90 -37.56 -6.52
N ILE B 683 -22.78 -36.83 -6.39
CA ILE B 683 -22.62 -35.37 -6.42
C ILE B 683 -23.55 -34.68 -5.43
N MET B 684 -23.09 -33.59 -4.84
CA MET B 684 -23.82 -32.88 -3.80
C MET B 684 -23.81 -31.39 -4.11
N LYS B 685 -24.84 -30.69 -3.64
CA LYS B 685 -24.99 -29.26 -3.90
C LYS B 685 -25.68 -28.60 -2.71
N LEU B 686 -25.75 -27.28 -2.78
CA LEU B 686 -26.41 -26.46 -1.77
C LEU B 686 -27.50 -25.61 -2.42
N TYR B 687 -28.60 -25.42 -1.68
CA TYR B 687 -29.72 -24.66 -2.22
C TYR B 687 -30.08 -23.51 -1.28
N PRO B 688 -30.32 -22.32 -1.83
CA PRO B 688 -30.64 -21.17 -0.99
C PRO B 688 -32.04 -21.24 -0.42
N THR B 689 -32.27 -20.43 0.62
CA THR B 689 -33.57 -20.31 1.28
C THR B 689 -33.95 -18.83 1.28
N PRO B 690 -34.47 -18.31 0.16
CA PRO B 690 -34.77 -16.87 0.04
C PRO B 690 -36.15 -16.48 0.57
N GLU B 691 -36.49 -16.97 1.76
CA GLU B 691 -37.75 -16.60 2.41
C GLU B 691 -37.58 -16.17 3.85
N GLU B 692 -36.37 -16.24 4.41
CA GLU B 692 -36.11 -15.81 5.77
C GLU B 692 -35.55 -14.40 5.85
N ILE B 693 -34.58 -14.06 5.00
CA ILE B 693 -34.01 -12.72 5.02
C ILE B 693 -35.09 -11.75 4.54
N PRO B 694 -35.42 -10.72 5.32
CA PRO B 694 -36.63 -9.94 5.03
C PRO B 694 -36.53 -8.96 3.87
N ASP B 695 -35.33 -8.53 3.49
CA ASP B 695 -35.24 -7.53 2.43
C ASP B 695 -35.55 -8.10 1.05
N PHE B 696 -35.47 -9.43 0.89
CA PHE B 696 -35.83 -10.04 -0.38
C PHE B 696 -37.34 -10.27 -0.50
N ALA B 697 -38.05 -10.17 0.63
CA ALA B 697 -39.49 -10.39 0.61
C ALA B 697 -40.21 -9.32 -0.21
N PHE B 698 -39.68 -8.10 -0.20
CA PHE B 698 -40.24 -7.02 -1.01
C PHE B 698 -40.29 -7.42 -2.48
N TYR B 699 -39.15 -7.85 -3.03
CA TYR B 699 -39.08 -8.22 -4.43
C TYR B 699 -39.85 -9.51 -4.71
N LEU B 700 -39.84 -10.45 -3.77
CA LEU B 700 -40.63 -11.67 -3.95
C LEU B 700 -42.12 -11.35 -4.09
N LYS B 701 -42.63 -10.50 -3.18
CA LYS B 701 -44.05 -10.14 -3.24
C LYS B 701 -44.36 -9.31 -4.48
N ILE B 702 -43.46 -8.42 -4.87
CA ILE B 702 -43.69 -7.63 -6.08
C ILE B 702 -43.75 -8.52 -7.30
N GLY B 703 -42.84 -9.49 -7.39
CA GLY B 703 -42.88 -10.43 -8.51
C GLY B 703 -44.13 -11.30 -8.51
N THR B 704 -44.58 -11.71 -7.33
CA THR B 704 -45.79 -12.51 -7.23
C THR B 704 -47.07 -11.69 -7.31
N LEU B 705 -46.96 -10.35 -7.36
CA LEU B 705 -48.14 -9.49 -7.43
C LEU B 705 -48.11 -8.48 -8.58
N LEU B 706 -46.95 -8.21 -9.17
CA LEU B 706 -46.84 -7.25 -10.27
C LEU B 706 -46.05 -7.88 -11.40
N VAL B 707 -46.54 -7.74 -12.63
CA VAL B 707 -45.82 -8.25 -13.79
C VAL B 707 -45.74 -7.14 -14.84
N SER B 708 -44.80 -7.31 -15.77
CA SER B 708 -44.54 -6.29 -16.78
C SER B 708 -45.64 -6.28 -17.83
N SER B 709 -45.47 -5.42 -18.83
CA SER B 709 -46.44 -5.29 -19.90
C SER B 709 -46.40 -6.52 -20.82
N SER B 710 -47.37 -6.59 -21.73
CA SER B 710 -47.52 -7.75 -22.58
C SER B 710 -47.98 -7.33 -23.97
N VAL B 711 -47.60 -8.12 -24.97
CA VAL B 711 -48.02 -7.91 -26.35
C VAL B 711 -48.89 -9.08 -26.79
N LYS B 712 -48.63 -10.26 -26.22
CA LYS B 712 -49.47 -11.43 -26.49
C LYS B 712 -50.79 -11.38 -25.73
N HIS B 713 -50.93 -10.49 -24.75
CA HIS B 713 -52.19 -10.25 -24.07
C HIS B 713 -53.06 -9.21 -24.78
N ILE B 714 -52.68 -8.82 -26.00
CA ILE B 714 -53.47 -7.82 -26.73
C ILE B 714 -54.91 -8.25 -26.93
N PRO B 715 -55.22 -9.50 -27.35
CA PRO B 715 -56.63 -9.90 -27.43
C PRO B 715 -57.21 -10.25 -26.07
N LEU B 716 -56.95 -9.39 -25.08
CA LEU B 716 -57.51 -9.53 -23.74
C LEU B 716 -57.82 -8.17 -23.13
N MET B 717 -58.12 -7.19 -23.98
CA MET B 717 -58.31 -5.81 -23.53
C MET B 717 -59.74 -5.53 -23.05
N THR B 718 -60.69 -6.44 -23.29
CA THR B 718 -62.07 -6.17 -22.94
C THR B 718 -62.25 -6.05 -21.44
N ASP B 719 -61.78 -7.04 -20.67
CA ASP B 719 -61.93 -6.99 -19.23
C ASP B 719 -61.12 -5.86 -18.62
N LEU B 720 -59.92 -5.60 -19.16
CA LEU B 720 -59.11 -4.50 -18.67
C LEU B 720 -59.80 -3.16 -18.88
N SER B 721 -60.40 -2.95 -20.06
CA SER B 721 -61.12 -1.71 -20.31
C SER B 721 -62.35 -1.59 -19.43
N LYS B 722 -63.05 -2.71 -19.21
CA LYS B 722 -64.20 -2.68 -18.30
C LYS B 722 -63.79 -2.32 -16.89
N LYS B 723 -62.65 -2.85 -16.42
CA LYS B 723 -62.14 -2.49 -15.11
C LYS B 723 -61.73 -1.02 -15.06
N GLY B 724 -61.17 -0.50 -16.15
CA GLY B 724 -60.76 0.89 -16.21
C GLY B 724 -59.45 1.14 -16.92
N TYR B 725 -58.81 0.07 -17.38
CA TYR B 725 -57.53 0.21 -18.07
C TYR B 725 -57.71 0.90 -19.41
N ILE B 726 -56.63 1.55 -19.86
CA ILE B 726 -56.62 2.29 -21.13
C ILE B 726 -55.56 1.68 -22.04
N LEU B 727 -55.73 1.89 -23.33
CA LEU B 727 -54.84 1.34 -24.34
C LEU B 727 -54.14 2.46 -25.09
N TYR B 728 -52.85 2.27 -25.36
CA TYR B 728 -52.06 3.23 -26.12
C TYR B 728 -50.91 2.47 -26.79
N ASP B 729 -50.79 2.64 -28.11
CA ASP B 729 -49.78 2.02 -28.97
C ASP B 729 -49.41 0.59 -28.56
N ASN B 730 -50.43 -0.21 -28.22
CA ASN B 730 -50.28 -1.61 -27.86
C ASN B 730 -49.44 -1.81 -26.60
N VAL B 731 -49.31 -0.77 -25.77
CA VAL B 731 -48.59 -0.84 -24.51
C VAL B 731 -49.51 -0.34 -23.41
N VAL B 732 -49.63 -1.12 -22.33
CA VAL B 732 -50.46 -0.71 -21.21
C VAL B 732 -49.68 0.29 -20.36
N THR B 733 -50.26 1.47 -20.16
CA THR B 733 -49.66 2.54 -19.39
C THR B 733 -50.76 3.27 -18.62
N LEU B 734 -50.39 3.80 -17.45
CA LEU B 734 -51.36 4.45 -16.59
C LEU B 734 -50.64 5.53 -15.79
N PRO B 735 -51.32 6.61 -15.41
CA PRO B 735 -50.65 7.70 -14.69
C PRO B 735 -50.17 7.28 -13.30
N LEU B 736 -49.18 8.02 -12.82
CA LEU B 736 -48.57 7.75 -11.52
C LEU B 736 -49.53 7.98 -10.36
N THR B 737 -50.42 8.98 -10.46
CA THR B 737 -51.36 9.22 -9.36
C THR B 737 -52.31 8.03 -9.17
N THR B 738 -52.84 7.49 -10.26
CA THR B 738 -53.71 6.32 -10.13
C THR B 738 -52.91 5.06 -9.83
N PHE B 739 -51.64 5.01 -10.25
CA PHE B 739 -50.77 3.93 -9.80
C PHE B 739 -50.66 3.93 -8.28
N GLN B 740 -50.42 5.11 -7.69
CA GLN B 740 -50.32 5.22 -6.24
C GLN B 740 -51.65 4.89 -5.58
N GLN B 741 -52.76 5.35 -6.15
CA GLN B 741 -54.07 5.07 -5.58
C GLN B 741 -54.35 3.57 -5.57
N LYS B 742 -53.99 2.87 -6.65
CA LYS B 742 -54.20 1.43 -6.72
C LYS B 742 -53.27 0.70 -5.75
N ILE B 743 -52.01 1.14 -5.65
CA ILE B 743 -51.04 0.46 -4.79
C ILE B 743 -51.21 0.79 -3.32
N SER B 744 -52.02 1.79 -2.98
CA SER B 744 -52.18 2.18 -1.59
C SER B 744 -52.88 1.12 -0.76
N LYS B 745 -53.54 0.15 -1.39
CA LYS B 745 -54.26 -0.90 -0.68
C LYS B 745 -53.43 -2.15 -0.45
N TYR B 746 -52.18 -2.18 -0.91
CA TYR B 746 -51.30 -3.34 -0.72
C TYR B 746 -50.06 -3.00 0.07
N PHE B 747 -49.37 -1.92 -0.28
CA PHE B 747 -48.14 -1.51 0.40
C PHE B 747 -48.32 -0.10 0.97
N ASN B 748 -47.83 0.10 2.19
CA ASN B 748 -47.91 1.38 2.86
C ASN B 748 -46.67 2.21 2.55
N SER B 749 -46.90 3.52 2.30
CA SER B 749 -45.79 4.40 1.95
C SER B 749 -44.83 4.59 3.14
N ARG B 750 -45.38 4.83 4.34
CA ARG B 750 -44.52 5.05 5.49
C ARG B 750 -43.67 3.84 5.83
N LEU B 751 -44.02 2.67 5.30
CA LEU B 751 -43.19 1.47 5.50
C LEU B 751 -41.94 1.51 4.64
N PHE B 752 -42.11 1.53 3.31
CA PHE B 752 -41.00 1.37 2.37
C PHE B 752 -41.11 2.37 1.23
N GLY B 753 -41.30 3.66 1.53
CA GLY B 753 -41.30 4.66 0.48
C GLY B 753 -40.00 4.73 -0.28
N HIS B 754 -38.88 4.54 0.42
CA HIS B 754 -37.58 4.52 -0.26
C HIS B 754 -37.52 3.40 -1.29
N ASP B 755 -37.96 2.20 -0.91
CA ASP B 755 -37.98 1.09 -1.85
C ASP B 755 -38.99 1.31 -2.96
N ILE B 756 -40.12 1.95 -2.64
CA ILE B 756 -41.15 2.20 -3.63
C ILE B 756 -40.61 3.12 -4.72
N GLU B 757 -40.02 4.25 -4.32
CA GLU B 757 -39.42 5.13 -5.31
C GLU B 757 -38.20 4.49 -5.97
N SER B 758 -37.52 3.59 -5.27
CA SER B 758 -36.39 2.89 -5.86
C SER B 758 -36.83 2.06 -7.06
N PHE B 759 -37.85 1.22 -6.88
CA PHE B 759 -38.30 0.43 -8.01
C PHE B 759 -39.05 1.28 -9.03
N ILE B 760 -39.68 2.38 -8.59
CA ILE B 760 -40.37 3.27 -9.53
C ILE B 760 -39.36 3.85 -10.51
N ASN B 761 -38.26 4.41 -10.01
CA ASN B 761 -37.25 4.93 -10.94
C ASN B 761 -36.51 3.82 -11.67
N ARG B 762 -36.40 2.64 -11.05
CA ARG B 762 -35.76 1.52 -11.74
C ARG B 762 -36.53 1.12 -12.97
N HIS B 763 -37.86 1.18 -12.92
CA HIS B 763 -38.71 0.79 -14.03
C HIS B 763 -39.40 1.98 -14.70
N LYS B 764 -38.94 3.20 -14.46
CA LYS B 764 -39.55 4.37 -15.08
C LYS B 764 -39.21 4.42 -16.57
N LYS B 765 -40.22 4.75 -17.39
CA LYS B 765 -40.03 4.95 -18.81
C LYS B 765 -40.50 6.32 -19.29
N PHE B 766 -41.19 7.08 -18.45
CA PHE B 766 -41.66 8.44 -18.76
C PHE B 766 -42.60 8.36 -19.96
N ALA B 767 -42.73 9.46 -20.71
CA ALA B 767 -43.53 9.54 -21.93
C ALA B 767 -45.01 9.26 -21.68
N ASN B 768 -45.82 9.40 -22.74
CA ASN B 768 -47.25 9.11 -22.74
C ASN B 768 -48.02 10.14 -21.92
N VAL B 769 -49.13 10.64 -22.48
CA VAL B 769 -49.94 11.68 -21.87
C VAL B 769 -49.08 12.88 -21.55
N SER B 770 -49.13 13.36 -20.30
CA SER B 770 -48.33 14.48 -19.85
C SER B 770 -47.50 14.16 -18.61
N ASP B 771 -47.52 12.91 -18.16
CA ASP B 771 -46.79 12.49 -16.97
C ASP B 771 -46.08 11.16 -17.27
N GLU B 772 -45.24 10.74 -16.33
CA GLU B 772 -44.47 9.52 -16.52
C GLU B 772 -45.38 8.30 -16.56
N TYR B 773 -44.95 7.29 -17.30
CA TYR B 773 -45.69 6.04 -17.45
C TYR B 773 -44.74 4.86 -17.25
N LEU B 774 -45.26 3.81 -16.61
CA LEU B 774 -44.50 2.60 -16.34
C LEU B 774 -45.22 1.40 -16.95
N GLN B 775 -44.43 0.37 -17.27
CA GLN B 775 -44.96 -0.86 -17.86
C GLN B 775 -45.17 -1.86 -16.73
N TYR B 776 -46.34 -1.81 -16.11
CA TYR B 776 -46.64 -2.69 -14.99
C TYR B 776 -48.14 -2.92 -14.89
N ILE B 777 -48.52 -4.17 -14.68
CA ILE B 777 -49.91 -4.53 -14.39
C ILE B 777 -49.93 -5.38 -13.12
N PHE B 778 -51.09 -5.41 -12.49
CA PHE B 778 -51.27 -6.01 -11.18
C PHE B 778 -51.80 -7.43 -11.35
N ILE B 779 -51.16 -8.40 -10.68
CA ILE B 779 -51.58 -9.79 -10.81
C ILE B 779 -52.95 -9.98 -10.18
N GLU B 780 -53.24 -9.29 -9.08
CA GLU B 780 -54.54 -9.45 -8.43
C GLU B 780 -55.67 -8.93 -9.32
N ASP B 781 -55.43 -7.84 -10.06
CA ASP B 781 -56.47 -7.27 -10.90
C ASP B 781 -56.80 -8.18 -12.07
N ILE B 782 -55.78 -8.73 -12.73
CA ILE B 782 -56.02 -9.64 -13.84
C ILE B 782 -56.59 -10.97 -13.33
N SER B 783 -56.19 -11.39 -12.13
CA SER B 783 -56.77 -12.59 -11.54
C SER B 783 -58.26 -12.41 -11.25
N SER B 784 -58.64 -11.25 -10.74
CA SER B 784 -60.04 -10.97 -10.49
C SER B 784 -60.78 -10.70 -11.81
N PRO B 785 -62.06 -11.10 -11.91
CA PRO B 785 -62.87 -10.87 -13.10
C PRO B 785 -63.03 -9.38 -13.44
N TRP C 236 38.59 -49.98 13.04
CA TRP C 236 37.81 -48.82 13.48
C TRP C 236 38.63 -47.54 13.47
N GLU C 237 38.36 -46.69 12.50
CA GLU C 237 39.01 -45.38 12.44
C GLU C 237 38.51 -44.49 13.57
N PRO C 238 39.41 -43.86 14.34
CA PRO C 238 38.98 -43.03 15.47
C PRO C 238 38.48 -41.65 15.08
N GLY C 239 38.19 -41.40 13.80
CA GLY C 239 37.77 -40.08 13.39
C GLY C 239 36.32 -40.00 12.93
N PHE C 240 35.64 -41.14 12.81
CA PHE C 240 34.29 -41.13 12.25
C PHE C 240 33.24 -40.77 13.30
N ILE C 241 33.07 -41.65 14.29
CA ILE C 241 31.92 -41.60 15.20
C ILE C 241 32.29 -42.33 16.48
N SER C 242 31.67 -41.93 17.59
CA SER C 242 31.92 -42.61 18.85
C SER C 242 31.27 -43.99 18.87
N PHE C 243 31.96 -44.93 19.52
CA PHE C 243 31.53 -46.33 19.50
C PHE C 243 30.18 -46.51 20.18
N GLU C 244 29.95 -45.80 21.27
CA GLU C 244 28.64 -45.87 21.93
C GLU C 244 27.54 -45.38 21.01
N ASP C 245 27.78 -44.30 20.28
CA ASP C 245 26.82 -43.83 19.28
C ASP C 245 26.56 -44.91 18.24
N ALA C 246 27.62 -45.56 17.75
CA ALA C 246 27.43 -46.59 16.73
C ALA C 246 26.58 -47.74 17.26
N ILE C 247 26.89 -48.22 18.46
CA ILE C 247 26.17 -49.38 19.00
C ILE C 247 24.71 -49.03 19.31
N LYS C 248 24.48 -47.82 19.84
CA LYS C 248 23.10 -47.44 20.13
C LYS C 248 22.31 -47.23 18.85
N ARG C 249 22.94 -46.70 17.80
CA ARG C 249 22.25 -46.56 16.52
C ARG C 249 21.89 -47.91 15.94
N VAL C 250 22.81 -48.87 16.03
CA VAL C 250 22.54 -50.22 15.51
C VAL C 250 21.41 -50.87 16.30
N SER C 251 21.42 -50.73 17.64
CA SER C 251 20.35 -51.30 18.44
C SER C 251 19.01 -50.66 18.10
N LYS C 252 18.99 -49.33 17.92
CA LYS C 252 17.76 -48.64 17.57
C LYS C 252 17.22 -49.11 16.23
N ILE C 253 18.12 -49.28 15.24
CA ILE C 253 17.69 -49.72 13.92
C ILE C 253 17.31 -51.20 13.92
N PHE C 254 17.77 -51.97 14.90
CA PHE C 254 17.33 -53.35 15.04
C PHE C 254 16.05 -53.48 15.84
N ILE C 255 15.67 -52.44 16.59
CA ILE C 255 14.42 -52.40 17.34
C ILE C 255 14.40 -53.49 18.41
N ASN C 256 14.30 -54.74 17.97
CA ASN C 256 14.31 -55.87 18.90
C ASN C 256 15.65 -55.91 19.63
N SER C 257 15.61 -56.27 20.91
CA SER C 257 16.80 -56.34 21.72
C SER C 257 17.69 -57.49 21.26
N ILE C 258 18.95 -57.47 21.72
CA ILE C 258 19.91 -58.52 21.43
C ILE C 258 20.26 -59.21 22.74
N ILE C 259 20.61 -60.50 22.66
CA ILE C 259 20.88 -61.28 23.86
C ILE C 259 22.14 -60.77 24.55
N ASN C 260 23.20 -60.54 23.78
CA ASN C 260 24.50 -60.16 24.34
C ASN C 260 24.60 -58.64 24.44
N PHE C 261 24.00 -58.11 25.51
CA PHE C 261 24.15 -56.69 25.82
C PHE C 261 25.52 -56.41 26.39
N ASN C 262 26.14 -55.34 25.88
CA ASN C 262 27.44 -54.84 26.36
C ASN C 262 28.52 -55.92 26.26
N ASP C 263 28.50 -56.70 25.18
CA ASP C 263 29.61 -57.59 24.86
C ASP C 263 30.52 -57.04 23.76
N LEU C 264 29.98 -56.22 22.87
CA LEU C 264 30.76 -55.71 21.75
C LEU C 264 31.66 -54.57 22.22
N ASP C 265 32.95 -54.66 21.88
CA ASP C 265 33.86 -53.56 22.14
C ASP C 265 34.63 -53.20 20.87
N GLU C 266 35.63 -52.33 21.00
CA GLU C 266 36.21 -51.66 19.83
C GLU C 266 36.86 -52.63 18.84
N ASN C 267 37.19 -53.85 19.26
CA ASN C 267 37.91 -54.77 18.40
C ASN C 267 37.15 -56.05 18.08
N ASN C 268 36.09 -56.38 18.81
CA ASN C 268 35.30 -57.57 18.53
C ASN C 268 34.04 -57.28 17.74
N PHE C 269 33.81 -56.02 17.36
CA PHE C 269 32.56 -55.63 16.73
C PHE C 269 32.35 -56.28 15.37
N THR C 270 33.43 -56.66 14.68
CA THR C 270 33.33 -57.35 13.41
C THR C 270 33.61 -58.84 13.52
N THR C 271 33.73 -59.37 14.75
CA THR C 271 34.17 -60.74 14.95
C THR C 271 33.12 -61.67 15.52
N VAL C 272 32.36 -61.25 16.53
CA VAL C 272 31.41 -62.12 17.23
C VAL C 272 30.04 -61.92 16.60
N PRO C 273 29.36 -63.00 16.20
CA PRO C 273 27.95 -62.90 15.83
C PRO C 273 27.12 -62.19 16.89
N LEU C 274 25.95 -61.71 16.48
CA LEU C 274 25.00 -61.06 17.37
C LEU C 274 23.74 -61.92 17.48
N VAL C 275 23.47 -62.41 18.69
CA VAL C 275 22.29 -63.22 18.96
C VAL C 275 21.24 -62.34 19.63
N ILE C 276 19.99 -62.45 19.17
CA ILE C 276 18.89 -61.64 19.67
C ILE C 276 17.78 -62.58 20.14
N ASP C 277 16.81 -62.01 20.85
CA ASP C 277 15.62 -62.72 21.29
C ASP C 277 14.52 -62.47 20.27
N TYR C 278 14.09 -63.52 19.59
CA TYR C 278 13.15 -63.39 18.47
C TYR C 278 11.70 -63.54 18.90
N VAL C 279 11.31 -62.78 19.93
CA VAL C 279 9.90 -62.73 20.32
C VAL C 279 9.07 -62.07 19.24
N THR C 280 9.56 -60.95 18.72
CA THR C 280 9.01 -60.14 17.65
C THR C 280 9.72 -60.47 16.33
N PRO C 281 9.04 -60.32 15.20
CA PRO C 281 9.67 -60.62 13.92
C PRO C 281 10.81 -59.66 13.62
N CYS C 282 11.82 -60.17 12.90
CA CYS C 282 12.93 -59.34 12.49
C CYS C 282 12.43 -58.22 11.58
N ALA C 283 12.89 -57.00 11.86
CA ALA C 283 12.47 -55.85 11.08
C ALA C 283 13.02 -55.87 9.66
N LEU C 284 13.93 -56.79 9.35
CA LEU C 284 14.56 -56.86 8.04
C LEU C 284 14.09 -58.02 7.19
N CYS C 285 13.71 -59.15 7.80
CA CYS C 285 13.37 -60.35 7.05
C CYS C 285 11.93 -60.83 7.21
N LYS C 286 11.16 -60.22 8.12
CA LYS C 286 9.75 -60.57 8.32
C LYS C 286 9.58 -62.04 8.72
N LYS C 287 10.49 -62.57 9.52
CA LYS C 287 10.43 -63.94 9.99
C LYS C 287 10.32 -63.97 11.51
N ARG C 288 9.61 -64.98 12.02
CA ARG C 288 9.43 -65.10 13.46
C ARG C 288 10.76 -65.34 14.16
N SER C 289 11.51 -66.34 13.71
CA SER C 289 12.78 -66.69 14.32
C SER C 289 13.78 -67.06 13.23
N HIS C 290 14.95 -66.44 13.27
CA HIS C 290 15.97 -66.70 12.26
C HIS C 290 16.78 -67.94 12.60
N LYS C 291 17.46 -68.47 11.58
CA LYS C 291 18.24 -69.68 11.78
C LYS C 291 19.50 -69.40 12.60
N HIS C 292 20.22 -68.34 12.26
CA HIS C 292 21.54 -68.08 12.82
C HIS C 292 21.66 -66.63 13.25
N PRO C 293 22.58 -66.32 14.17
CA PRO C 293 22.78 -64.93 14.58
C PRO C 293 23.29 -64.06 13.44
N HIS C 294 22.92 -62.79 13.48
CA HIS C 294 23.33 -61.84 12.46
C HIS C 294 24.83 -61.52 12.58
N GLN C 295 25.34 -60.82 11.58
CA GLN C 295 26.74 -60.48 11.48
C GLN C 295 26.91 -59.01 11.13
N LEU C 296 27.99 -58.43 11.63
CA LEU C 296 28.37 -57.05 11.37
C LEU C 296 29.66 -57.01 10.55
N SER C 297 29.79 -55.95 9.76
CA SER C 297 31.00 -55.72 8.99
C SER C 297 31.26 -54.22 8.92
N LEU C 298 32.53 -53.86 8.80
CA LEU C 298 32.94 -52.48 8.64
C LEU C 298 33.61 -52.32 7.28
N GLU C 299 33.20 -51.30 6.53
CA GLU C 299 33.78 -51.03 5.23
C GLU C 299 33.56 -49.56 4.90
N ASN C 300 34.64 -48.89 4.48
CA ASN C 300 34.68 -47.50 4.07
C ASN C 300 33.72 -46.60 4.84
N GLY C 301 33.83 -46.60 6.17
CA GLY C 301 33.03 -45.73 7.00
C GLY C 301 31.54 -46.02 7.01
N ALA C 302 31.16 -47.29 7.01
CA ALA C 302 29.76 -47.68 7.10
C ALA C 302 29.68 -49.07 7.70
N ILE C 303 28.83 -49.23 8.71
CA ILE C 303 28.64 -50.51 9.38
C ILE C 303 27.49 -51.23 8.70
N ARG C 304 27.74 -52.43 8.20
CA ARG C 304 26.76 -53.19 7.45
C ARG C 304 26.36 -54.41 8.25
N ILE C 305 25.05 -54.59 8.45
CA ILE C 305 24.53 -55.72 9.22
C ILE C 305 23.75 -56.63 8.27
N TYR C 306 24.03 -57.93 8.36
CA TYR C 306 23.38 -58.90 7.48
C TYR C 306 23.14 -60.18 8.27
N LYS C 307 22.56 -61.17 7.61
CA LYS C 307 22.26 -62.46 8.21
C LYS C 307 23.34 -63.48 7.87
N THR C 308 23.48 -64.48 8.73
CA THR C 308 24.43 -65.57 8.54
C THR C 308 23.68 -66.83 8.13
N GLY C 309 24.35 -67.67 7.34
CA GLY C 309 23.72 -68.87 6.82
C GLY C 309 23.26 -68.70 5.38
N ASN C 310 21.95 -68.51 5.19
CA ASN C 310 21.41 -68.20 3.88
C ASN C 310 21.12 -66.70 3.82
N PRO C 311 22.04 -65.88 3.29
CA PRO C 311 21.82 -64.43 3.32
C PRO C 311 20.56 -63.99 2.60
N HIS C 312 20.19 -64.67 1.51
CA HIS C 312 18.99 -64.30 0.77
C HIS C 312 17.72 -64.49 1.58
N SER C 313 17.80 -65.19 2.73
CA SER C 313 16.66 -65.25 3.63
C SER C 313 16.30 -63.86 4.17
N CYS C 314 17.31 -63.06 4.50
CA CYS C 314 17.09 -61.75 5.08
C CYS C 314 17.63 -60.66 4.16
N LYS C 315 17.41 -59.40 4.55
CA LYS C 315 17.92 -58.27 3.81
C LYS C 315 19.21 -57.78 4.45
N VAL C 316 19.80 -56.74 3.88
CA VAL C 316 21.05 -56.16 4.37
C VAL C 316 20.79 -54.70 4.73
N LYS C 317 21.34 -54.25 5.85
CA LYS C 317 21.12 -52.88 6.30
C LYS C 317 22.46 -52.17 6.41
N ILE C 318 22.49 -50.92 5.95
CA ILE C 318 23.68 -50.08 5.96
C ILE C 318 23.46 -48.95 6.96
N VAL C 319 24.43 -48.75 7.84
CA VAL C 319 24.40 -47.63 8.78
C VAL C 319 25.63 -46.76 8.51
N PRO C 320 25.45 -45.56 8.01
CA PRO C 320 26.59 -44.67 7.81
C PRO C 320 27.08 -43.78 8.97
N LEU C 321 28.40 -43.73 9.06
CA LEU C 321 29.10 -42.94 10.07
C LEU C 321 30.30 -42.27 9.40
N ASP C 322 30.25 -40.95 9.28
CA ASP C 322 31.22 -40.24 8.45
C ASP C 322 31.99 -39.19 9.23
N GLY C 323 31.34 -38.52 10.18
CA GLY C 323 32.00 -37.50 10.95
C GLY C 323 31.26 -36.17 10.96
N ASN C 324 31.86 -35.15 10.37
CA ASN C 324 31.28 -33.81 10.32
C ASN C 324 31.05 -33.28 11.73
N LYS C 325 32.15 -32.96 12.42
CA LYS C 325 32.09 -32.40 13.77
C LYS C 325 30.95 -31.38 13.92
N LEU C 326 30.76 -30.51 12.93
CA LEU C 326 29.74 -29.48 13.06
C LEU C 326 28.33 -30.07 13.04
N PHE C 327 28.10 -31.07 12.18
CA PHE C 327 26.80 -31.74 12.18
C PHE C 327 26.57 -32.51 13.48
N ASN C 328 27.61 -33.14 14.02
CA ASN C 328 27.48 -33.83 15.30
C ASN C 328 27.15 -32.84 16.41
N ILE C 329 27.79 -31.66 16.39
CA ILE C 329 27.49 -30.62 17.38
C ILE C 329 26.04 -30.17 17.25
N ALA C 330 25.58 -29.98 16.02
CA ALA C 330 24.19 -29.58 15.81
C ALA C 330 23.22 -30.64 16.35
N GLN C 331 23.51 -31.92 16.08
CA GLN C 331 22.65 -32.98 16.58
C GLN C 331 22.64 -33.02 18.12
N ARG C 332 23.82 -32.87 18.73
CA ARG C 332 23.90 -32.88 20.18
C ARG C 332 23.13 -31.71 20.79
N ILE C 333 23.24 -30.53 20.18
CA ILE C 333 22.48 -29.38 20.68
C ILE C 333 20.98 -29.62 20.50
N LEU C 334 20.58 -30.22 19.38
CA LEU C 334 19.17 -30.50 19.15
C LEU C 334 18.63 -31.57 20.09
N ASP C 335 19.47 -32.44 20.62
CA ASP C 335 19.00 -33.51 21.48
C ASP C 335 18.70 -33.05 22.91
N THR C 336 19.00 -31.80 23.25
CA THR C 336 18.69 -31.26 24.57
C THR C 336 17.35 -30.53 24.59
N ASN C 337 16.66 -30.46 23.46
CA ASN C 337 15.37 -29.78 23.36
C ASN C 337 15.46 -28.32 23.80
N SER C 338 16.56 -27.66 23.43
CA SER C 338 16.76 -26.26 23.76
C SER C 338 16.32 -25.30 22.66
N VAL C 339 16.14 -25.79 21.44
CA VAL C 339 15.62 -24.99 20.34
C VAL C 339 14.32 -25.63 19.88
N LEU C 340 13.27 -24.82 19.77
CA LEU C 340 11.98 -25.32 19.32
C LEU C 340 11.41 -24.40 18.26
N LEU C 341 10.55 -24.95 17.42
CA LEU C 341 9.88 -24.22 16.35
C LEU C 341 8.38 -24.23 16.63
N THR C 342 7.75 -23.06 16.58
CA THR C 342 6.36 -22.92 16.97
C THR C 342 5.45 -22.95 15.74
N GLU C 343 4.15 -22.84 15.98
CA GLU C 343 3.18 -22.87 14.89
C GLU C 343 3.38 -21.70 13.94
N ARG C 344 3.65 -20.51 14.48
CA ARG C 344 3.85 -19.34 13.63
C ARG C 344 5.18 -19.35 12.90
N GLY C 345 6.10 -20.23 13.28
CA GLY C 345 7.36 -20.36 12.58
C GLY C 345 8.55 -19.70 13.23
N ASP C 346 8.40 -19.14 14.43
CA ASP C 346 9.53 -18.53 15.12
C ASP C 346 10.26 -19.56 15.96
N HIS C 347 11.55 -19.36 16.12
CA HIS C 347 12.38 -20.25 16.91
C HIS C 347 12.52 -19.71 18.34
N ILE C 348 12.25 -20.56 19.31
CA ILE C 348 12.38 -20.23 20.72
C ILE C 348 13.56 -21.01 21.29
N VAL C 349 14.38 -20.32 22.08
CA VAL C 349 15.59 -20.91 22.66
C VAL C 349 15.49 -20.84 24.18
N TRP C 350 16.17 -21.76 24.86
CA TRP C 350 16.16 -21.81 26.32
C TRP C 350 17.52 -21.31 26.82
N ILE C 351 17.57 -20.04 27.20
CA ILE C 351 18.78 -19.42 27.74
C ILE C 351 18.46 -18.81 29.09
N ASN C 352 19.31 -19.09 30.07
CA ASN C 352 19.26 -18.43 31.38
C ASN C 352 17.90 -18.60 32.05
N ASN C 353 17.36 -19.81 31.98
CA ASN C 353 16.09 -20.16 32.62
C ASN C 353 14.92 -19.35 32.06
N SER C 354 14.85 -19.28 30.73
CA SER C 354 13.76 -18.55 30.09
C SER C 354 13.66 -18.99 28.63
N TRP C 355 12.44 -19.00 28.12
CA TRP C 355 12.19 -19.26 26.70
C TRP C 355 12.13 -17.93 25.97
N LYS C 356 13.13 -17.64 25.15
CA LYS C 356 13.27 -16.36 24.49
C LYS C 356 13.15 -16.54 22.98
N PHE C 357 12.47 -15.59 22.34
CA PHE C 357 12.42 -15.52 20.89
C PHE C 357 12.50 -14.07 20.46
N ASN C 358 13.14 -13.84 19.32
CA ASN C 358 13.32 -12.49 18.80
C ASN C 358 13.56 -12.58 17.30
N SER C 359 12.62 -12.08 16.51
CA SER C 359 12.71 -12.22 15.06
C SER C 359 13.88 -11.43 14.49
N GLU C 360 14.03 -10.17 14.91
CA GLU C 360 15.07 -9.32 14.33
C GLU C 360 16.45 -9.70 14.86
N GLU C 361 16.54 -10.15 16.10
CA GLU C 361 17.82 -10.53 16.69
C GLU C 361 17.85 -12.03 16.91
N PRO C 362 18.45 -12.80 16.00
CA PRO C 362 18.46 -14.26 16.17
C PRO C 362 19.25 -14.67 17.41
N LEU C 363 18.76 -15.71 18.08
CA LEU C 363 19.32 -16.15 19.35
C LEU C 363 19.91 -17.57 19.30
N ILE C 364 19.87 -18.22 18.15
CA ILE C 364 20.43 -19.57 18.05
C ILE C 364 21.93 -19.54 18.28
N THR C 365 22.61 -18.54 17.74
CA THR C 365 24.05 -18.41 17.94
C THR C 365 24.38 -18.14 19.40
N LYS C 366 23.56 -17.31 20.07
CA LYS C 366 23.74 -17.09 21.50
C LYS C 366 23.58 -18.38 22.28
N LEU C 367 22.57 -19.18 21.92
CA LEU C 367 22.37 -20.45 22.61
C LEU C 367 23.53 -21.40 22.38
N ILE C 368 24.08 -21.43 21.16
CA ILE C 368 25.23 -22.28 20.88
C ILE C 368 26.43 -21.87 21.74
N LEU C 369 26.72 -20.57 21.78
CA LEU C 369 27.85 -20.09 22.56
C LEU C 369 27.66 -20.37 24.05
N SER C 370 26.43 -20.21 24.55
CA SER C 370 26.18 -20.47 25.97
C SER C 370 26.23 -21.96 26.29
N ILE C 371 25.77 -22.81 25.37
CA ILE C 371 25.70 -24.26 25.61
C ILE C 371 27.01 -24.97 25.33
N ARG C 372 28.01 -24.28 24.77
CA ARG C 372 29.30 -24.90 24.51
C ARG C 372 29.91 -25.60 25.73
N HIS C 373 29.47 -25.27 26.94
CA HIS C 373 30.06 -25.84 28.14
C HIS C 373 29.55 -27.24 28.47
N GLN C 374 28.43 -27.66 27.89
CA GLN C 374 27.89 -28.99 28.14
C GLN C 374 28.36 -30.03 27.14
N LEU C 375 28.89 -29.60 26.00
CA LEU C 375 29.43 -30.51 25.01
C LEU C 375 30.81 -31.00 25.45
N PRO C 376 31.29 -32.10 24.87
CA PRO C 376 32.64 -32.58 25.21
C PRO C 376 33.71 -31.54 24.93
N LYS C 377 34.90 -31.79 25.48
CA LYS C 377 36.01 -30.86 25.32
C LYS C 377 36.43 -30.73 23.86
N GLU C 378 36.32 -31.81 23.09
CA GLU C 378 36.70 -31.75 21.68
C GLU C 378 35.82 -30.78 20.90
N TYR C 379 34.51 -30.80 21.18
CA TYR C 379 33.57 -29.92 20.49
C TYR C 379 33.51 -28.52 21.09
N SER C 380 33.91 -28.36 22.35
CA SER C 380 33.79 -27.05 23.01
C SER C 380 34.67 -26.01 22.34
N SER C 381 35.91 -26.38 22.00
CA SER C 381 36.84 -25.41 21.43
C SER C 381 36.46 -24.99 20.01
N GLU C 382 35.63 -25.78 19.34
CA GLU C 382 35.24 -25.46 17.98
C GLU C 382 34.23 -24.32 17.91
N LEU C 383 33.45 -24.13 18.97
CA LEU C 383 32.35 -23.17 18.96
C LEU C 383 32.78 -21.76 19.34
N LEU C 384 34.08 -21.47 19.32
CA LEU C 384 34.58 -20.13 19.59
C LEU C 384 34.73 -19.30 18.33
N CYS C 385 34.34 -19.84 17.18
CA CYS C 385 34.42 -19.13 15.90
C CYS C 385 33.04 -18.77 15.41
N PRO C 386 32.80 -17.50 15.06
CA PRO C 386 31.48 -17.11 14.56
C PRO C 386 31.05 -17.85 13.30
N ARG C 387 31.98 -18.14 12.39
CA ARG C 387 31.62 -18.88 11.18
C ARG C 387 31.15 -20.29 11.51
N LYS C 388 31.85 -20.97 12.41
CA LYS C 388 31.42 -22.31 12.80
C LYS C 388 30.09 -22.28 13.54
N ARG C 389 29.88 -21.26 14.39
CA ARG C 389 28.59 -21.13 15.06
C ARG C 389 27.48 -20.93 14.04
N LYS C 390 27.74 -20.14 12.99
CA LYS C 390 26.74 -19.93 11.95
C LYS C 390 26.44 -21.21 11.18
N THR C 391 27.48 -22.01 10.90
CA THR C 391 27.26 -23.28 10.24
C THR C 391 26.41 -24.22 11.08
N VAL C 392 26.70 -24.28 12.39
CA VAL C 392 25.89 -25.10 13.29
C VAL C 392 24.45 -24.59 13.33
N GLU C 393 24.26 -23.27 13.30
CA GLU C 393 22.92 -22.72 13.26
C GLU C 393 22.18 -23.12 12.00
N ALA C 394 22.86 -23.09 10.85
CA ALA C 394 22.23 -23.50 9.60
C ALA C 394 21.82 -24.97 9.65
N ASN C 395 22.69 -25.82 10.21
CA ASN C 395 22.34 -27.23 10.36
C ASN C 395 21.11 -27.41 11.25
N ILE C 396 21.06 -26.68 12.37
CA ILE C 396 19.93 -26.80 13.29
C ILE C 396 18.64 -26.35 12.60
N ARG C 397 18.71 -25.22 11.89
CA ARG C 397 17.53 -24.69 11.23
C ARG C 397 17.02 -25.63 10.15
N ASP C 398 17.93 -26.33 9.46
CA ASP C 398 17.49 -27.35 8.52
C ASP C 398 16.92 -28.58 9.23
N MET C 399 17.43 -28.89 10.42
CA MET C 399 17.01 -30.09 11.15
C MET C 399 15.68 -29.92 11.88
N LEU C 400 15.23 -28.69 12.12
CA LEU C 400 13.94 -28.45 12.78
C LEU C 400 12.84 -28.45 11.72
N VAL C 401 11.98 -29.48 11.76
CA VAL C 401 10.95 -29.66 10.75
C VAL C 401 9.54 -29.52 11.34
N ASP C 402 9.28 -30.10 12.51
CA ASP C 402 7.96 -30.09 13.10
C ASP C 402 7.74 -28.89 14.00
N SER C 403 6.49 -28.67 14.38
CA SER C 403 6.09 -27.54 15.21
C SER C 403 5.52 -28.04 16.53
N VAL C 404 5.88 -27.37 17.62
CA VAL C 404 5.38 -27.70 18.94
C VAL C 404 4.46 -26.58 19.41
N GLU C 405 3.67 -26.88 20.44
CA GLU C 405 2.69 -25.96 20.98
C GLU C 405 3.22 -25.32 22.26
N THR C 406 3.03 -24.02 22.39
CA THR C 406 3.57 -23.24 23.49
C THR C 406 2.45 -22.48 24.20
N ASP C 407 2.70 -22.14 25.46
CA ASP C 407 1.79 -21.34 26.28
C ASP C 407 0.41 -22.00 26.39
N THR C 408 0.40 -23.20 26.95
CA THR C 408 -0.83 -23.98 27.10
C THR C 408 -1.31 -24.07 28.54
N TYR C 409 -0.49 -23.66 29.51
CA TYR C 409 -0.90 -23.67 30.90
C TYR C 409 -1.26 -22.26 31.33
N PRO C 410 -2.52 -21.96 31.66
CA PRO C 410 -2.89 -20.61 32.05
C PRO C 410 -2.72 -20.27 33.53
N ASP C 411 -2.22 -21.20 34.35
CA ASP C 411 -2.07 -20.98 35.78
C ASP C 411 -0.61 -20.82 36.20
N LYS C 412 0.28 -20.53 35.24
CA LYS C 412 1.71 -20.38 35.51
C LYS C 412 2.12 -18.96 35.14
N LEU C 413 2.90 -18.32 36.01
CA LEU C 413 3.39 -16.96 35.78
C LEU C 413 4.88 -17.00 35.51
N PRO C 414 5.34 -16.70 34.30
CA PRO C 414 6.77 -16.80 34.00
C PRO C 414 7.57 -15.57 34.36
N PHE C 415 8.54 -15.72 35.26
CA PHE C 415 9.52 -14.70 35.56
C PHE C 415 10.82 -15.02 34.83
N LYS C 416 11.70 -14.01 34.74
CA LYS C 416 12.89 -14.12 33.92
C LYS C 416 13.80 -15.27 34.34
N ASN C 417 13.67 -15.75 35.59
CA ASN C 417 14.50 -16.86 36.06
C ASN C 417 13.68 -18.06 36.51
N GLY C 418 12.41 -18.17 36.10
CA GLY C 418 11.65 -19.35 36.50
C GLY C 418 10.17 -19.17 36.20
N VAL C 419 9.38 -20.04 36.81
CA VAL C 419 7.92 -20.02 36.65
C VAL C 419 7.29 -20.20 38.03
N LEU C 420 6.39 -19.28 38.39
CA LEU C 420 5.67 -19.37 39.65
C LEU C 420 4.32 -20.06 39.42
N ASP C 421 4.01 -21.03 40.27
CA ASP C 421 2.76 -21.77 40.18
C ASP C 421 1.72 -21.06 41.03
N LEU C 422 0.68 -20.53 40.38
CA LEU C 422 -0.35 -19.80 41.12
C LEU C 422 -1.20 -20.74 41.96
N VAL C 423 -1.45 -21.95 41.47
CA VAL C 423 -2.31 -22.90 42.19
C VAL C 423 -1.67 -23.30 43.52
N ASP C 424 -0.39 -23.66 43.48
CA ASP C 424 0.28 -24.21 44.64
C ASP C 424 1.09 -23.16 45.40
N GLY C 425 1.63 -22.16 44.71
CA GLY C 425 2.43 -21.14 45.36
C GLY C 425 3.91 -21.42 45.39
N MET C 426 4.37 -22.40 44.62
CA MET C 426 5.76 -22.77 44.56
C MET C 426 6.42 -22.22 43.30
N PHE C 427 7.72 -21.99 43.39
CA PHE C 427 8.51 -21.39 42.31
C PHE C 427 9.43 -22.44 41.73
N TYR C 428 9.25 -22.76 40.46
CA TYR C 428 10.07 -23.74 39.77
C TYR C 428 11.16 -23.03 38.97
N SER C 429 12.38 -23.52 39.10
CA SER C 429 13.53 -22.95 38.42
C SER C 429 14.31 -24.04 37.71
N GLY C 430 15.09 -23.64 36.71
CA GLY C 430 15.93 -24.59 36.00
C GLY C 430 15.11 -25.53 35.13
N ASP C 431 15.45 -26.82 35.18
CA ASP C 431 14.78 -27.80 34.33
C ASP C 431 13.33 -28.00 34.73
N ASP C 432 12.95 -27.56 35.94
CA ASP C 432 11.57 -27.71 36.38
C ASP C 432 10.65 -26.71 35.69
N ALA C 433 11.18 -25.59 35.23
CA ALA C 433 10.38 -24.59 34.52
C ALA C 433 10.37 -24.80 33.02
N LYS C 434 11.18 -25.73 32.51
CA LYS C 434 11.24 -25.94 31.06
C LYS C 434 9.99 -26.61 30.52
N LYS C 435 9.33 -27.45 31.33
CA LYS C 435 8.18 -28.21 30.84
C LYS C 435 7.06 -27.28 30.39
N TYR C 436 6.79 -26.23 31.17
CA TYR C 436 5.81 -25.21 30.78
C TYR C 436 6.50 -24.28 29.79
N THR C 437 6.19 -24.44 28.51
CA THR C 437 6.83 -23.62 27.47
C THR C 437 6.19 -22.24 27.47
N CYS C 438 6.60 -21.42 28.44
CA CYS C 438 6.11 -20.06 28.57
C CYS C 438 7.09 -19.14 27.86
N THR C 439 6.74 -18.76 26.62
CA THR C 439 7.64 -17.98 25.78
C THR C 439 7.74 -16.52 26.20
N VAL C 440 6.87 -16.05 27.08
CA VAL C 440 6.90 -14.68 27.55
C VAL C 440 7.39 -14.66 28.99
N SER C 441 7.61 -13.45 29.52
CA SER C 441 8.17 -13.32 30.86
C SER C 441 7.80 -11.95 31.41
N THR C 442 7.92 -11.82 32.74
CA THR C 442 7.74 -10.53 33.38
C THR C 442 8.97 -9.65 33.27
N GLY C 443 10.08 -10.18 32.75
CA GLY C 443 11.26 -9.39 32.49
C GLY C 443 12.15 -9.13 33.67
N PHE C 444 11.73 -9.49 34.89
CA PHE C 444 12.54 -9.29 36.07
C PHE C 444 12.59 -10.58 36.89
N LYS C 445 13.67 -10.73 37.65
CA LYS C 445 13.89 -11.96 38.39
C LYS C 445 13.01 -12.02 39.64
N PHE C 446 12.40 -13.17 39.86
CA PHE C 446 11.59 -13.38 41.04
C PHE C 446 12.46 -13.44 42.29
N ASP C 447 12.09 -12.69 43.31
CA ASP C 447 12.84 -12.60 44.55
C ASP C 447 12.04 -13.24 45.68
N ASP C 448 12.64 -14.22 46.34
CA ASP C 448 11.97 -14.94 47.42
C ASP C 448 11.90 -14.15 48.72
N THR C 449 12.88 -13.27 48.97
CA THR C 449 12.90 -12.52 50.21
C THR C 449 11.87 -11.40 50.25
N LYS C 450 11.42 -10.93 49.08
CA LYS C 450 10.46 -9.83 49.01
C LYS C 450 9.03 -10.29 48.75
N PHE C 451 8.82 -11.57 48.48
CA PHE C 451 7.48 -12.10 48.23
C PHE C 451 6.85 -12.57 49.56
N VAL C 452 6.77 -11.63 50.50
CA VAL C 452 6.34 -11.93 51.85
C VAL C 452 5.15 -11.05 52.21
N GLU C 453 4.28 -11.57 53.08
CA GLU C 453 3.09 -10.82 53.50
C GLU C 453 3.44 -9.70 54.48
N ASP C 454 4.30 -9.98 55.45
CA ASP C 454 4.66 -9.01 56.47
C ASP C 454 5.93 -8.27 56.05
N SER C 455 5.80 -6.99 55.80
CA SER C 455 6.91 -6.16 55.35
C SER C 455 6.54 -4.69 55.58
N PRO C 456 7.53 -3.81 55.68
CA PRO C 456 7.21 -2.38 55.82
C PRO C 456 6.43 -1.81 54.66
N GLU C 457 6.68 -2.30 53.44
CA GLU C 457 6.00 -1.78 52.26
C GLU C 457 4.56 -2.28 52.14
N MET C 458 4.25 -3.45 52.73
CA MET C 458 2.93 -4.02 52.55
C MET C 458 1.86 -3.20 53.26
N GLU C 459 2.18 -2.67 54.44
CA GLU C 459 1.20 -1.83 55.14
C GLU C 459 0.90 -0.56 54.35
N GLU C 460 1.94 0.06 53.79
CA GLU C 460 1.75 1.25 52.97
C GLU C 460 0.93 0.94 51.72
N LEU C 461 1.22 -0.18 51.07
CA LEU C 461 0.45 -0.58 49.90
C LEU C 461 -1.01 -0.83 50.26
N MET C 462 -1.25 -1.51 51.38
CA MET C 462 -2.61 -1.78 51.81
C MET C 462 -3.35 -0.49 52.10
N ASN C 463 -2.67 0.47 52.74
CA ASN C 463 -3.29 1.77 52.99
C ASN C 463 -3.64 2.48 51.69
N ILE C 464 -2.75 2.43 50.70
CA ILE C 464 -3.02 3.07 49.41
C ILE C 464 -4.24 2.44 48.74
N ILE C 465 -4.28 1.11 48.71
CA ILE C 465 -5.38 0.42 48.05
C ILE C 465 -6.70 0.68 48.78
N ASN C 466 -6.67 0.68 50.12
CA ASN C 466 -7.88 0.97 50.88
C ASN C 466 -8.34 2.41 50.68
N ASP C 467 -7.41 3.34 50.52
CA ASP C 467 -7.79 4.71 50.22
C ASP C 467 -8.47 4.80 48.85
N ILE C 468 -7.89 4.14 47.85
CA ILE C 468 -8.47 4.21 46.51
C ILE C 468 -9.86 3.57 46.48
N GLN C 469 -9.98 2.38 47.07
CA GLN C 469 -11.26 1.68 47.14
C GLN C 469 -11.60 1.39 48.60
N PRO C 470 -12.45 2.19 49.24
CA PRO C 470 -12.72 1.98 50.67
C PRO C 470 -13.43 0.67 50.93
N LEU C 471 -13.21 0.12 52.13
CA LEU C 471 -13.82 -1.14 52.54
C LEU C 471 -15.12 -0.84 53.30
N THR C 472 -16.02 -0.13 52.63
CA THR C 472 -17.31 0.23 53.18
C THR C 472 -18.38 -0.71 52.65
N ASP C 473 -19.53 -0.72 53.33
CA ASP C 473 -20.61 -1.61 52.94
C ASP C 473 -21.25 -1.19 51.63
N GLU C 474 -21.24 0.10 51.32
CA GLU C 474 -21.81 0.58 50.07
C GLU C 474 -20.90 0.35 48.88
N ASN C 475 -19.63 0.00 49.13
CA ASN C 475 -18.65 -0.24 48.08
C ASN C 475 -18.23 -1.71 48.00
N LYS C 476 -19.01 -2.61 48.57
CA LYS C 476 -18.59 -4.01 48.67
C LYS C 476 -18.48 -4.65 47.29
N LYS C 477 -19.54 -4.54 46.47
CA LYS C 477 -19.51 -5.16 45.15
C LYS C 477 -18.49 -4.49 44.25
N ASN C 478 -18.37 -3.17 44.33
CA ASN C 478 -17.39 -2.46 43.51
C ASN C 478 -15.98 -2.87 43.86
N ARG C 479 -15.67 -2.97 45.15
CA ARG C 479 -14.34 -3.40 45.57
C ARG C 479 -14.06 -4.84 45.16
N GLU C 480 -15.06 -5.71 45.27
CA GLU C 480 -14.87 -7.09 44.84
C GLU C 480 -14.59 -7.17 43.34
N LEU C 481 -15.35 -6.41 42.53
CA LEU C 481 -15.11 -6.41 41.09
C LEU C 481 -13.75 -5.83 40.75
N TYR C 482 -13.34 -4.79 41.48
CA TYR C 482 -12.01 -4.21 41.30
C TYR C 482 -10.92 -5.26 41.55
N GLU C 483 -11.03 -5.97 42.67
CA GLU C 483 -10.04 -7.00 42.99
C GLU C 483 -10.04 -8.12 41.95
N LYS C 484 -11.23 -8.56 41.54
CA LYS C 484 -11.31 -9.65 40.57
C LYS C 484 -10.68 -9.25 39.24
N THR C 485 -11.01 -8.05 38.74
CA THR C 485 -10.46 -7.59 37.48
C THR C 485 -8.95 -7.43 37.58
N LEU C 486 -8.44 -6.90 38.69
CA LEU C 486 -7.00 -6.71 38.83
C LEU C 486 -6.27 -8.05 38.90
N SER C 487 -6.80 -9.01 39.66
CA SER C 487 -6.15 -10.31 39.77
C SER C 487 -6.32 -11.15 38.51
N SER C 488 -7.26 -10.80 37.65
CA SER C 488 -7.44 -11.52 36.39
C SER C 488 -6.29 -11.33 35.42
N CYS C 489 -5.38 -10.38 35.69
CA CYS C 489 -4.24 -10.13 34.81
C CYS C 489 -3.14 -11.15 34.95
N LEU C 490 -3.26 -12.08 35.90
CA LEU C 490 -2.30 -13.18 36.05
C LEU C 490 -2.73 -14.42 35.28
N CYS C 491 -3.92 -14.42 34.68
CA CYS C 491 -4.45 -15.58 33.99
C CYS C 491 -4.00 -15.59 32.54
N GLY C 492 -3.45 -16.71 32.10
CA GLY C 492 -3.05 -16.86 30.71
C GLY C 492 -4.16 -17.47 29.87
N ALA C 493 -5.36 -16.93 29.97
CA ALA C 493 -6.52 -17.40 29.23
C ALA C 493 -7.20 -16.22 28.55
N THR C 494 -8.20 -16.54 27.72
CA THR C 494 -8.96 -15.52 27.02
C THR C 494 -10.13 -15.07 27.88
N LYS C 495 -10.25 -13.74 28.04
CA LYS C 495 -11.29 -13.15 28.87
C LYS C 495 -12.38 -12.58 27.98
N GLY C 496 -13.63 -12.74 28.41
CA GLY C 496 -14.79 -12.36 27.62
C GLY C 496 -15.40 -11.02 27.93
N CYS C 497 -14.74 -10.17 28.71
CA CYS C 497 -15.27 -8.86 29.06
C CYS C 497 -14.18 -7.80 28.94
N LEU C 498 -14.61 -6.58 28.67
CA LEU C 498 -13.75 -5.40 28.68
C LEU C 498 -14.20 -4.52 29.84
N THR C 499 -13.23 -4.01 30.61
CA THR C 499 -13.54 -3.29 31.85
C THR C 499 -13.24 -1.82 31.68
N PHE C 500 -14.12 -0.98 32.20
CA PHE C 500 -13.96 0.47 32.19
C PHE C 500 -13.72 0.97 33.61
N PHE C 501 -12.54 1.54 33.84
CA PHE C 501 -12.22 2.22 35.09
C PHE C 501 -12.75 3.64 34.96
N PHE C 502 -14.01 3.84 35.33
CA PHE C 502 -14.69 5.11 35.12
C PHE C 502 -14.62 5.95 36.38
N GLY C 503 -14.18 7.19 36.25
CA GLY C 503 -14.14 8.06 37.41
C GLY C 503 -13.82 9.48 37.02
N GLU C 504 -14.04 10.39 37.98
CA GLU C 504 -13.69 11.79 37.79
C GLU C 504 -12.18 11.98 37.97
N THR C 505 -11.75 13.23 37.94
CA THR C 505 -10.32 13.52 37.99
C THR C 505 -9.75 13.26 39.37
N ALA C 506 -8.47 12.87 39.40
CA ALA C 506 -7.71 12.64 40.63
C ALA C 506 -8.43 11.65 41.55
N THR C 507 -8.58 10.43 41.04
CA THR C 507 -9.29 9.37 41.76
C THR C 507 -8.44 8.13 42.03
N GLY C 508 -7.46 7.82 41.18
CA GLY C 508 -6.57 6.71 41.45
C GLY C 508 -6.43 5.72 40.30
N LYS C 509 -7.01 6.06 39.14
CA LYS C 509 -6.99 5.13 38.02
C LYS C 509 -5.58 4.96 37.46
N SER C 510 -4.88 6.07 37.23
CA SER C 510 -3.51 5.98 36.74
C SER C 510 -2.58 5.39 37.78
N THR C 511 -2.83 5.65 39.07
CA THR C 511 -2.05 5.02 40.11
C THR C 511 -2.21 3.50 40.09
N THR C 512 -3.45 3.04 39.91
CA THR C 512 -3.69 1.60 39.79
C THR C 512 -2.99 1.02 38.57
N LYS C 513 -3.06 1.73 37.44
CA LYS C 513 -2.39 1.25 36.23
C LYS C 513 -0.89 1.13 36.44
N ARG C 514 -0.28 2.13 37.09
CA ARG C 514 1.17 2.10 37.27
C ARG C 514 1.58 1.05 38.29
N LEU C 515 0.76 0.82 39.32
CA LEU C 515 1.03 -0.28 40.25
C LEU C 515 0.97 -1.62 39.52
N LEU C 516 -0.04 -1.82 38.66
CA LEU C 516 -0.15 -3.07 37.92
C LEU C 516 1.04 -3.26 36.98
N LYS C 517 1.46 -2.20 36.30
CA LYS C 517 2.61 -2.30 35.42
C LYS C 517 3.87 -2.64 36.18
N SER C 518 4.08 -2.00 37.34
CA SER C 518 5.24 -2.33 38.17
C SER C 518 5.18 -3.77 38.65
N ALA C 519 3.98 -4.29 38.92
CA ALA C 519 3.86 -5.64 39.43
C ALA C 519 4.13 -6.70 38.36
N ILE C 520 3.58 -6.54 37.16
CA ILE C 520 3.63 -7.62 36.18
C ILE C 520 4.62 -7.33 35.05
N GLY C 521 5.37 -6.24 35.12
CA GLY C 521 6.50 -6.06 34.21
C GLY C 521 6.10 -5.99 32.75
N ASP C 522 6.74 -6.82 31.92
CA ASP C 522 6.54 -6.82 30.48
C ASP C 522 5.36 -7.67 30.02
N LEU C 523 4.61 -8.27 30.95
CA LEU C 523 3.33 -8.86 30.58
C LEU C 523 2.23 -7.80 30.46
N PHE C 524 2.57 -6.55 30.71
CA PHE C 524 1.66 -5.43 30.62
C PHE C 524 1.98 -4.63 29.36
N VAL C 525 0.96 -4.22 28.63
CA VAL C 525 1.16 -3.42 27.42
C VAL C 525 0.11 -2.34 27.35
N GLU C 526 0.51 -1.19 26.77
CA GLU C 526 -0.37 -0.06 26.56
C GLU C 526 -0.46 0.20 25.06
N THR C 527 -1.68 0.42 24.57
CA THR C 527 -1.91 0.63 23.15
C THR C 527 -2.82 1.84 22.96
N GLY C 528 -2.81 2.39 21.76
CA GLY C 528 -3.66 3.51 21.44
C GLY C 528 -5.12 3.11 21.33
N GLN C 529 -5.97 4.13 21.26
CA GLN C 529 -7.41 3.92 21.15
C GLN C 529 -7.84 3.63 19.72
N THR C 530 -6.91 3.58 18.77
CA THR C 530 -7.26 3.25 17.40
C THR C 530 -7.84 1.85 17.29
N ILE C 531 -7.34 0.91 18.09
CA ILE C 531 -7.88 -0.45 18.13
C ILE C 531 -9.33 -0.47 18.57
N LEU C 532 -9.86 0.67 19.03
CA LEU C 532 -11.25 0.80 19.37
C LEU C 532 -12.07 1.49 18.28
N THR C 533 -11.45 2.32 17.45
CA THR C 533 -12.18 3.14 16.48
C THR C 533 -11.49 3.13 15.12
N ASP C 534 -11.08 1.95 14.66
CA ASP C 534 -10.44 1.86 13.35
C ASP C 534 -10.59 0.44 12.82
N VAL C 535 -10.44 0.31 11.50
CA VAL C 535 -10.47 -1.00 10.87
C VAL C 535 -9.19 -1.74 11.17
N LEU C 536 -9.31 -2.96 11.69
CA LEU C 536 -8.15 -3.73 12.11
C LEU C 536 -7.36 -4.30 10.94
N ASP C 537 -7.88 -4.23 9.72
CA ASP C 537 -7.17 -4.75 8.56
C ASP C 537 -5.84 -4.03 8.34
N LYS C 538 -5.91 -2.75 7.97
CA LYS C 538 -4.74 -1.89 7.78
C LYS C 538 -3.60 -2.60 7.05
N GLY C 539 -2.37 -2.33 7.50
CA GLY C 539 -1.20 -3.00 6.97
C GLY C 539 -0.37 -3.60 8.10
N PRO C 540 0.90 -3.21 8.18
CA PRO C 540 1.70 -3.59 9.35
C PRO C 540 1.23 -2.83 10.58
N ASN C 541 0.67 -3.53 11.56
CA ASN C 541 0.00 -2.91 12.71
C ASN C 541 0.67 -3.37 14.00
N PRO C 542 1.75 -2.71 14.42
CA PRO C 542 2.34 -3.05 15.73
C PRO C 542 1.41 -2.83 16.90
N PHE C 543 0.41 -1.96 16.76
CA PHE C 543 -0.55 -1.73 17.84
C PHE C 543 -1.37 -2.96 18.16
N ILE C 544 -1.47 -3.91 17.23
CA ILE C 544 -2.05 -5.22 17.52
C ILE C 544 -0.98 -6.30 17.65
N ALA C 545 0.10 -6.22 16.86
CA ALA C 545 1.15 -7.24 16.95
C ALA C 545 1.80 -7.26 18.32
N ASN C 546 1.76 -6.14 19.04
CA ASN C 546 2.34 -6.10 20.38
C ASN C 546 1.41 -6.69 21.42
N MET C 547 0.14 -6.93 21.07
CA MET C 547 -0.81 -7.53 22.01
C MET C 547 -0.66 -9.04 22.11
N HIS C 548 0.27 -9.63 21.36
CA HIS C 548 0.41 -11.08 21.33
C HIS C 548 0.89 -11.61 22.67
N LEU C 549 0.06 -12.46 23.30
CA LEU C 549 0.38 -13.19 24.52
C LEU C 549 0.57 -12.28 25.74
N LYS C 550 0.11 -11.03 25.66
CA LYS C 550 0.13 -10.14 26.82
C LYS C 550 -1.09 -10.40 27.68
N ARG C 551 -0.91 -10.34 28.99
CA ARG C 551 -1.97 -10.65 29.94
C ARG C 551 -2.66 -9.40 30.48
N SER C 552 -2.30 -8.22 29.98
CA SER C 552 -2.93 -6.98 30.42
C SER C 552 -2.72 -5.92 29.35
N VAL C 553 -3.82 -5.36 28.85
CA VAL C 553 -3.78 -4.31 27.84
C VAL C 553 -4.51 -3.09 28.39
N PHE C 554 -3.86 -1.94 28.37
CA PHE C 554 -4.46 -0.70 28.83
C PHE C 554 -4.62 0.29 27.69
N CYS C 555 -5.82 0.85 27.57
CA CYS C 555 -6.12 1.96 26.69
C CYS C 555 -6.63 3.11 27.54
N SER C 556 -6.13 4.32 27.29
CA SER C 556 -6.36 5.44 28.19
C SER C 556 -6.93 6.63 27.45
N GLU C 557 -7.63 7.49 28.19
CA GLU C 557 -8.10 8.79 27.73
C GLU C 557 -8.98 8.65 26.48
N LEU C 558 -10.14 8.03 26.66
CA LEU C 558 -11.12 7.98 25.59
C LEU C 558 -11.62 9.38 25.29
N PRO C 559 -11.76 9.74 24.01
CA PRO C 559 -12.27 11.07 23.67
C PRO C 559 -13.72 11.23 24.11
N ASP C 560 -14.09 12.48 24.38
CA ASP C 560 -15.48 12.80 24.71
C ASP C 560 -16.27 12.85 23.41
N PHE C 561 -17.19 11.89 23.23
CA PHE C 561 -17.99 11.83 22.02
C PHE C 561 -19.17 12.78 22.05
N ALA C 562 -19.42 13.45 23.16
CA ALA C 562 -20.52 14.41 23.23
C ALA C 562 -20.31 15.55 22.23
N CYS C 563 -19.08 16.06 22.14
CA CYS C 563 -18.73 17.04 21.11
C CYS C 563 -18.63 16.29 19.79
N SER C 564 -19.78 16.11 19.15
CA SER C 564 -19.89 15.24 17.98
C SER C 564 -18.97 15.70 16.86
N GLY C 565 -18.35 14.74 16.19
CA GLY C 565 -17.39 15.02 15.14
C GLY C 565 -16.18 14.12 15.23
N SER C 566 -16.19 13.18 16.17
CA SER C 566 -15.12 12.23 16.36
C SER C 566 -15.65 10.81 16.15
N LYS C 567 -14.76 9.91 15.76
CA LYS C 567 -15.14 8.53 15.50
C LYS C 567 -15.74 7.90 16.76
N LYS C 568 -16.89 7.26 16.60
CA LYS C 568 -17.56 6.62 17.72
C LYS C 568 -17.02 5.21 17.95
N ILE C 569 -17.30 4.69 19.14
CA ILE C 569 -16.81 3.37 19.52
C ILE C 569 -17.52 2.28 18.73
N ARG C 570 -16.74 1.32 18.22
CA ARG C 570 -17.26 0.30 17.32
C ARG C 570 -17.66 -0.95 18.11
N SER C 571 -18.97 -1.20 18.16
CA SER C 571 -19.47 -2.41 18.80
C SER C 571 -18.93 -3.67 18.13
N ASP C 572 -18.70 -3.61 16.81
CA ASP C 572 -18.06 -4.74 16.14
C ASP C 572 -16.65 -4.97 16.67
N ASN C 573 -15.90 -3.89 16.90
CA ASN C 573 -14.56 -4.04 17.47
C ASN C 573 -14.61 -4.60 18.88
N ILE C 574 -15.57 -4.15 19.68
CA ILE C 574 -15.72 -4.71 21.02
C ILE C 574 -16.03 -6.20 20.94
N LYS C 575 -16.91 -6.60 20.02
CA LYS C 575 -17.26 -8.00 19.88
C LYS C 575 -16.07 -8.84 19.43
N LYS C 576 -15.27 -8.31 18.50
CA LYS C 576 -14.15 -9.07 17.97
C LYS C 576 -12.99 -9.15 18.96
N LEU C 577 -12.83 -8.14 19.81
CA LEU C 577 -11.70 -8.11 20.74
C LEU C 577 -11.81 -9.18 21.82
N THR C 578 -12.98 -9.79 22.01
CA THR C 578 -13.13 -10.84 23.01
C THR C 578 -12.84 -12.23 22.48
N GLU C 579 -12.65 -12.38 21.17
CA GLU C 579 -12.38 -13.69 20.60
C GLU C 579 -10.93 -14.10 20.89
N PRO C 580 -10.65 -15.40 20.88
CA PRO C 580 -9.30 -15.87 21.24
C PRO C 580 -8.25 -15.72 20.16
N CYS C 581 -8.50 -14.95 19.10
CA CYS C 581 -7.48 -14.73 18.07
C CYS C 581 -7.65 -13.34 17.48
N VAL C 582 -6.53 -12.72 17.13
CA VAL C 582 -6.52 -11.39 16.53
C VAL C 582 -5.54 -11.38 15.36
N ILE C 583 -5.75 -10.45 14.45
CA ILE C 583 -5.05 -10.40 13.16
C ILE C 583 -4.27 -9.10 13.06
N GLY C 584 -2.97 -9.22 12.76
CA GLY C 584 -2.10 -8.07 12.59
C GLY C 584 -0.64 -8.47 12.59
N ARG C 585 0.18 -7.79 11.79
CA ARG C 585 1.56 -8.24 11.66
C ARG C 585 2.54 -7.10 11.91
N PRO C 586 3.73 -7.41 12.44
CA PRO C 586 4.76 -6.38 12.65
C PRO C 586 5.43 -5.96 11.36
N CYS C 587 6.46 -5.13 11.46
CA CYS C 587 7.30 -4.79 10.32
C CYS C 587 8.44 -5.78 10.20
N PHE C 588 8.75 -6.17 8.96
CA PHE C 588 9.81 -7.13 8.66
C PHE C 588 9.58 -8.46 9.38
N SER C 589 8.32 -8.93 9.34
CA SER C 589 7.97 -10.18 10.00
C SER C 589 6.68 -10.71 9.37
N ASN C 590 6.72 -11.95 8.88
CA ASN C 590 5.55 -12.57 8.26
C ASN C 590 4.81 -13.46 9.27
N LYS C 591 4.37 -12.82 10.36
CA LYS C 591 3.57 -13.48 11.39
C LYS C 591 2.32 -12.64 11.61
N ILE C 592 1.16 -13.23 11.38
CA ILE C 592 -0.09 -12.50 11.28
C ILE C 592 -1.00 -12.76 12.48
N ASN C 593 -1.20 -14.03 12.83
CA ASN C 593 -2.12 -14.36 13.91
C ASN C 593 -1.47 -14.14 15.28
N ASN C 594 -2.29 -13.66 16.22
CA ASN C 594 -1.83 -13.40 17.58
C ASN C 594 -2.88 -13.90 18.57
N ARG C 595 -2.41 -14.45 19.70
CA ARG C 595 -3.31 -14.94 20.72
C ARG C 595 -3.83 -13.80 21.59
N ASN C 596 -4.96 -14.05 22.24
CA ASN C 596 -5.64 -13.05 23.06
C ASN C 596 -5.74 -13.61 24.49
N HIS C 597 -4.74 -13.31 25.30
CA HIS C 597 -4.70 -13.67 26.71
C HIS C 597 -4.91 -12.47 27.62
N ALA C 598 -5.48 -11.39 27.10
CA ALA C 598 -5.37 -10.07 27.70
C ALA C 598 -6.64 -9.67 28.44
N THR C 599 -6.45 -9.04 29.59
CA THR C 599 -7.53 -8.31 30.26
C THR C 599 -7.49 -6.86 29.78
N ILE C 600 -8.52 -6.45 29.06
CA ILE C 600 -8.55 -5.13 28.44
C ILE C 600 -9.28 -4.17 29.38
N ILE C 601 -8.56 -3.14 29.82
CA ILE C 601 -9.05 -2.15 30.76
C ILE C 601 -8.87 -0.77 30.14
N ILE C 602 -9.90 0.07 30.24
CA ILE C 602 -9.86 1.44 29.73
C ILE C 602 -10.25 2.38 30.85
N ASP C 603 -9.34 3.26 31.24
CA ASP C 603 -9.57 4.22 32.32
C ASP C 603 -10.06 5.52 31.70
N THR C 604 -11.21 6.01 32.18
CA THR C 604 -11.95 7.07 31.51
C THR C 604 -12.58 8.02 32.51
N ASN C 605 -12.86 9.23 32.02
CA ASN C 605 -13.65 10.22 32.73
C ASN C 605 -15.09 10.27 32.27
N TYR C 606 -15.42 9.58 31.19
CA TYR C 606 -16.75 9.64 30.60
C TYR C 606 -17.23 8.24 30.26
N LYS C 607 -18.53 8.01 30.42
CA LYS C 607 -19.12 6.74 30.04
C LYS C 607 -19.09 6.58 28.52
N PRO C 608 -18.73 5.41 28.01
CA PRO C 608 -18.73 5.21 26.56
C PRO C 608 -20.14 5.25 25.99
N VAL C 609 -20.23 5.71 24.75
CA VAL C 609 -21.49 5.75 24.02
C VAL C 609 -21.30 5.00 22.71
N PHE C 610 -22.09 3.95 22.51
CA PHE C 610 -21.95 3.04 21.39
C PHE C 610 -22.91 3.40 20.26
N ASP C 611 -22.53 3.02 19.04
CA ASP C 611 -23.37 3.32 17.89
C ASP C 611 -24.58 2.41 17.83
N ARG C 612 -24.41 1.13 18.15
CA ARG C 612 -25.48 0.14 18.09
C ARG C 612 -25.63 -0.50 19.46
N ILE C 613 -26.87 -0.61 19.93
CA ILE C 613 -27.18 -1.26 21.20
C ILE C 613 -28.00 -2.51 20.92
N ASP C 614 -27.57 -3.64 21.49
CA ASP C 614 -28.30 -4.89 21.35
C ASP C 614 -28.05 -5.73 22.60
N ASN C 615 -28.84 -6.80 22.72
CA ASN C 615 -28.70 -7.71 23.85
C ASN C 615 -27.34 -8.39 23.89
N ALA C 616 -26.68 -8.53 22.74
CA ALA C 616 -25.38 -9.19 22.70
C ALA C 616 -24.29 -8.33 23.33
N LEU C 617 -24.26 -7.04 22.97
CA LEU C 617 -23.22 -6.15 23.49
C LEU C 617 -23.27 -6.04 25.01
N MET C 618 -24.44 -6.25 25.61
CA MET C 618 -24.57 -6.16 27.06
C MET C 618 -23.82 -7.29 27.77
N ARG C 619 -23.35 -8.29 27.05
CA ARG C 619 -22.63 -9.41 27.65
C ARG C 619 -21.12 -9.19 27.69
N ARG C 620 -20.63 -8.00 27.32
CA ARG C 620 -19.20 -7.81 27.17
C ARG C 620 -18.69 -6.49 27.76
N ILE C 621 -19.47 -5.83 28.62
CA ILE C 621 -19.10 -4.53 29.16
C ILE C 621 -19.28 -4.54 30.67
N ALA C 622 -18.23 -4.19 31.40
CA ALA C 622 -18.29 -4.05 32.85
C ALA C 622 -17.57 -2.76 33.24
N VAL C 623 -18.04 -2.13 34.32
CA VAL C 623 -17.57 -0.82 34.74
C VAL C 623 -17.25 -0.85 36.23
N VAL C 624 -16.07 -0.34 36.59
CA VAL C 624 -15.67 -0.13 37.97
C VAL C 624 -15.52 1.36 38.19
N ARG C 625 -16.10 1.87 39.28
CA ARG C 625 -16.13 3.30 39.54
C ARG C 625 -15.16 3.68 40.65
N PHE C 626 -14.46 4.79 40.44
CA PHE C 626 -13.52 5.34 41.41
C PHE C 626 -14.11 6.63 41.97
N ARG C 627 -14.27 6.69 43.30
CA ARG C 627 -15.00 7.82 43.88
C ARG C 627 -14.29 8.45 45.06
N THR C 628 -12.98 8.27 45.21
CA THR C 628 -12.20 8.95 46.23
C THR C 628 -11.31 9.99 45.58
N HIS C 629 -11.37 11.22 46.08
CA HIS C 629 -10.66 12.34 45.48
C HIS C 629 -9.46 12.72 46.34
N PHE C 630 -8.31 12.83 45.71
CA PHE C 630 -7.07 13.26 46.36
C PHE C 630 -6.76 14.68 45.92
N SER C 631 -6.85 15.62 46.85
CA SER C 631 -6.78 17.04 46.52
C SER C 631 -5.82 17.76 47.46
N GLN C 632 -5.28 18.86 46.97
CA GLN C 632 -4.47 19.78 47.76
C GLN C 632 -5.38 20.68 48.58
N PRO C 633 -4.86 21.29 49.65
CA PRO C 633 -5.73 22.07 50.55
C PRO C 633 -6.45 23.22 49.88
N SER C 634 -5.95 23.70 48.73
CA SER C 634 -6.63 24.79 48.03
C SER C 634 -8.03 24.38 47.56
N GLY C 635 -8.16 23.17 47.03
CA GLY C 635 -9.40 22.69 46.48
C GLY C 635 -10.18 21.69 47.31
N ARG C 636 -9.79 21.48 48.57
CA ARG C 636 -10.46 20.47 49.38
C ARG C 636 -11.92 20.84 49.64
N GLU C 637 -12.18 22.10 50.01
CA GLU C 637 -13.55 22.52 50.26
C GLU C 637 -14.41 22.46 49.00
N ALA C 638 -13.87 22.87 47.86
CA ALA C 638 -14.60 22.79 46.60
C ALA C 638 -14.84 21.35 46.19
N ALA C 639 -13.96 20.43 46.56
CA ALA C 639 -14.16 19.02 46.24
C ALA C 639 -15.21 18.39 47.15
N GLU C 640 -15.24 18.78 48.43
CA GLU C 640 -16.18 18.20 49.37
C GLU C 640 -17.63 18.53 49.03
N ASN C 641 -17.87 19.51 48.17
CA ASN C 641 -19.21 19.86 47.73
C ASN C 641 -19.58 19.20 46.41
N ASN C 642 -18.71 18.33 45.87
CA ASN C 642 -18.97 17.66 44.61
C ASN C 642 -19.68 16.34 44.85
N ASP C 643 -20.60 16.01 43.94
CA ASP C 643 -21.38 14.78 44.05
C ASP C 643 -20.68 13.57 43.44
N ALA C 644 -19.59 13.78 42.68
CA ALA C 644 -18.85 12.69 42.09
C ALA C 644 -17.80 12.10 43.02
N TYR C 645 -17.63 12.66 44.21
CA TYR C 645 -16.73 12.14 45.22
C TYR C 645 -17.52 11.94 46.50
N ASP C 646 -17.40 10.74 47.08
CA ASP C 646 -17.97 10.48 48.40
C ASP C 646 -16.91 10.45 49.49
N LYS C 647 -15.67 10.80 49.16
CA LYS C 647 -14.58 10.84 50.12
C LYS C 647 -13.47 11.70 49.56
N VAL C 648 -12.90 12.55 50.41
CA VAL C 648 -11.80 13.44 50.04
C VAL C 648 -10.63 13.15 50.96
N LYS C 649 -9.45 12.96 50.38
CA LYS C 649 -8.24 12.63 51.12
C LYS C 649 -7.11 13.53 50.66
N LEU C 650 -6.15 13.78 51.55
CA LEU C 650 -5.04 14.65 51.22
C LEU C 650 -4.11 13.98 50.21
N LEU C 651 -3.67 14.75 49.21
CA LEU C 651 -2.83 14.21 48.17
C LEU C 651 -1.41 13.96 48.68
N ASP C 652 -0.78 12.92 48.14
CA ASP C 652 0.58 12.54 48.49
C ASP C 652 1.50 12.83 47.31
N GLU C 653 2.67 13.41 47.60
CA GLU C 653 3.51 13.98 46.55
C GLU C 653 4.57 13.01 46.05
N GLY C 654 5.21 12.28 46.95
CA GLY C 654 6.27 11.35 46.55
C GLY C 654 5.80 10.00 46.08
N LEU C 655 4.49 9.78 46.06
CA LEU C 655 3.94 8.46 45.70
C LEU C 655 4.29 8.08 44.27
N ASP C 656 4.22 9.05 43.34
CA ASP C 656 4.52 8.75 41.95
C ASP C 656 5.96 8.31 41.76
N GLY C 657 6.89 9.02 42.41
CA GLY C 657 8.29 8.61 42.34
C GLY C 657 8.53 7.27 42.99
N LYS C 658 7.88 7.02 44.13
CA LYS C 658 8.02 5.72 44.78
C LYS C 658 7.55 4.59 43.88
N ILE C 659 6.41 4.78 43.20
CA ILE C 659 5.90 3.75 42.31
C ILE C 659 6.80 3.58 41.09
N GLN C 660 7.32 4.68 40.53
CA GLN C 660 8.26 4.59 39.43
C GLN C 660 9.57 3.94 39.83
N ASN C 661 9.90 3.91 41.12
CA ASN C 661 11.10 3.24 41.61
C ASN C 661 10.86 1.78 41.94
N ASN C 662 9.66 1.26 41.68
CA ASN C 662 9.31 -0.15 41.89
C ASN C 662 9.40 -0.54 43.37
N ARG C 663 8.84 0.30 44.24
CA ARG C 663 8.87 -0.01 45.66
C ARG C 663 7.84 -1.06 46.04
N TYR C 664 6.66 -1.03 45.42
CA TYR C 664 5.54 -1.89 45.79
C TYR C 664 5.36 -3.05 44.84
N ARG C 665 6.40 -3.42 44.11
CA ARG C 665 6.28 -4.44 43.07
C ARG C 665 5.89 -5.80 43.66
N PHE C 666 6.71 -6.32 44.58
CA PHE C 666 6.44 -7.65 45.10
C PHE C 666 5.28 -7.65 46.09
N ALA C 667 5.06 -6.54 46.80
CA ALA C 667 3.89 -6.46 47.66
C ALA C 667 2.60 -6.52 46.85
N PHE C 668 2.54 -5.78 45.75
CA PHE C 668 1.36 -5.85 44.89
C PHE C 668 1.25 -7.22 44.21
N LEU C 669 2.38 -7.84 43.87
CA LEU C 669 2.32 -9.18 43.30
C LEU C 669 1.73 -10.19 44.28
N TYR C 670 2.15 -10.12 45.54
CA TYR C 670 1.60 -11.00 46.56
C TYR C 670 0.11 -10.74 46.76
N LEU C 671 -0.29 -9.47 46.78
CA LEU C 671 -1.71 -9.14 46.90
C LEU C 671 -2.50 -9.70 45.72
N LEU C 672 -1.97 -9.57 44.51
CA LEU C 672 -2.64 -10.09 43.33
C LEU C 672 -2.79 -11.61 43.39
N VAL C 673 -1.76 -12.31 43.86
CA VAL C 673 -1.84 -13.77 43.97
C VAL C 673 -2.88 -14.16 45.03
N LYS C 674 -2.92 -13.43 46.14
CA LYS C 674 -3.94 -13.68 47.15
C LYS C 674 -5.34 -13.52 46.58
N TRP C 675 -5.57 -12.43 45.84
CA TRP C 675 -6.88 -12.21 45.22
C TRP C 675 -7.20 -13.29 44.20
N TYR C 676 -6.19 -13.73 43.45
CA TYR C 676 -6.38 -14.81 42.48
C TYR C 676 -6.87 -16.08 43.17
N LYS C 677 -6.22 -16.45 44.27
CA LYS C 677 -6.65 -17.63 45.02
C LYS C 677 -8.06 -17.43 45.56
N LYS C 678 -8.37 -16.23 46.05
CA LYS C 678 -9.68 -15.99 46.64
C LYS C 678 -10.79 -16.10 45.60
N TYR C 679 -10.58 -15.57 44.40
CA TYR C 679 -11.62 -15.52 43.39
C TYR C 679 -11.55 -16.66 42.38
N HIS C 680 -10.62 -17.61 42.55
CA HIS C 680 -10.52 -18.72 41.60
C HIS C 680 -11.23 -19.97 42.14
N ILE C 681 -12.55 -19.83 42.25
CA ILE C 681 -13.42 -21.00 42.13
C ILE C 681 -13.11 -21.64 40.78
N PRO C 682 -12.90 -22.99 40.67
CA PRO C 682 -11.92 -23.51 39.68
C PRO C 682 -12.01 -22.95 38.27
N ILE C 683 -13.10 -22.26 37.93
CA ILE C 683 -13.19 -21.51 36.68
C ILE C 683 -13.55 -20.07 37.01
N MET C 684 -12.71 -19.14 36.57
CA MET C 684 -12.94 -17.72 36.73
C MET C 684 -13.51 -17.15 35.43
N LYS C 685 -14.52 -16.29 35.56
CA LYS C 685 -15.14 -15.70 34.39
C LYS C 685 -15.65 -14.31 34.75
N LEU C 686 -15.32 -13.33 33.93
CA LEU C 686 -15.76 -11.97 34.17
C LEU C 686 -17.23 -11.81 33.80
N TYR C 687 -17.97 -11.10 34.66
CA TYR C 687 -19.41 -10.95 34.50
C TYR C 687 -19.76 -9.49 34.19
N PRO C 688 -20.53 -9.23 33.15
CA PRO C 688 -20.90 -7.84 32.83
C PRO C 688 -21.85 -7.26 33.85
N THR C 689 -21.84 -5.93 33.96
CA THR C 689 -22.70 -5.18 34.87
C THR C 689 -23.42 -4.10 34.08
N PRO C 690 -24.30 -4.48 33.15
CA PRO C 690 -24.92 -3.49 32.27
C PRO C 690 -25.75 -2.44 33.00
N GLU C 691 -26.26 -2.77 34.18
CA GLU C 691 -27.04 -1.79 34.95
C GLU C 691 -26.21 -0.57 35.34
N GLU C 692 -24.88 -0.65 35.28
CA GLU C 692 -24.03 0.48 35.57
C GLU C 692 -23.76 1.36 34.37
N ILE C 693 -24.37 1.07 33.22
CA ILE C 693 -24.22 1.87 32.01
C ILE C 693 -25.54 2.59 31.77
N PRO C 694 -25.63 3.89 32.05
CA PRO C 694 -26.87 4.63 31.74
C PRO C 694 -27.22 4.69 30.27
N ASP C 695 -26.29 4.37 29.37
CA ASP C 695 -26.55 4.51 27.94
C ASP C 695 -27.74 3.65 27.51
N PHE C 696 -27.64 2.34 27.64
CA PHE C 696 -28.76 1.46 27.28
C PHE C 696 -29.59 1.11 28.52
N ALA C 697 -30.18 2.15 29.11
CA ALA C 697 -31.14 1.94 30.17
C ALA C 697 -32.53 1.65 29.60
N PHE C 698 -32.88 2.28 28.48
CA PHE C 698 -34.16 2.03 27.84
C PHE C 698 -34.26 0.59 27.34
N TYR C 699 -33.25 0.13 26.60
CA TYR C 699 -33.27 -1.22 26.04
C TYR C 699 -33.10 -2.29 27.11
N LEU C 700 -32.70 -1.92 28.32
CA LEU C 700 -32.63 -2.88 29.41
C LEU C 700 -33.91 -2.91 30.23
N LYS C 701 -34.55 -1.75 30.42
CA LYS C 701 -35.84 -1.68 31.09
C LYS C 701 -36.98 -2.15 30.20
N ILE C 702 -36.78 -2.23 28.88
CA ILE C 702 -37.86 -2.60 27.97
C ILE C 702 -38.33 -4.03 28.24
N GLY C 703 -37.48 -4.88 28.82
CA GLY C 703 -37.90 -6.22 29.15
C GLY C 703 -38.76 -6.31 30.39
N THR C 704 -38.71 -5.31 31.26
CA THR C 704 -39.47 -5.32 32.49
C THR C 704 -40.87 -4.76 32.32
N LEU C 705 -41.20 -4.19 31.17
CA LEU C 705 -42.53 -3.62 30.94
C LEU C 705 -43.16 -4.05 29.63
N LEU C 706 -42.50 -4.91 28.84
CA LEU C 706 -43.06 -5.38 27.58
C LEU C 706 -42.93 -6.89 27.52
N VAL C 707 -44.05 -7.57 27.28
CA VAL C 707 -44.08 -9.02 27.14
C VAL C 707 -44.75 -9.34 25.81
N SER C 708 -44.26 -10.39 25.15
CA SER C 708 -44.71 -10.74 23.81
C SER C 708 -46.21 -11.06 23.79
N SER C 709 -46.74 -11.15 22.58
CA SER C 709 -48.16 -11.37 22.38
C SER C 709 -48.59 -12.73 22.92
N SER C 710 -49.83 -12.79 23.41
CA SER C 710 -50.41 -14.02 23.97
C SER C 710 -51.24 -14.67 22.88
N VAL C 711 -50.59 -15.50 22.07
CA VAL C 711 -51.30 -16.23 21.02
C VAL C 711 -52.21 -17.29 21.64
N LYS C 712 -51.77 -17.92 22.73
CA LYS C 712 -52.50 -19.01 23.37
C LYS C 712 -53.64 -18.53 24.26
N HIS C 713 -54.02 -17.26 24.19
CA HIS C 713 -55.11 -16.74 25.00
C HIS C 713 -56.21 -16.16 24.11
N ILE C 714 -56.57 -16.89 23.05
CA ILE C 714 -57.59 -16.40 22.12
C ILE C 714 -58.93 -16.14 22.81
N PRO C 715 -59.49 -17.07 23.62
CA PRO C 715 -60.76 -16.74 24.28
C PRO C 715 -60.68 -15.52 25.19
N LEU C 716 -59.55 -15.31 25.85
CA LEU C 716 -59.39 -14.16 26.72
C LEU C 716 -59.01 -12.90 25.97
N MET C 717 -58.74 -13.01 24.67
CA MET C 717 -58.33 -11.84 23.89
C MET C 717 -59.45 -10.81 23.78
N THR C 718 -60.70 -11.21 24.00
CA THR C 718 -61.81 -10.26 23.89
C THR C 718 -61.77 -9.22 25.01
N ASP C 719 -61.25 -9.59 26.18
CA ASP C 719 -61.11 -8.62 27.26
C ASP C 719 -60.14 -7.51 26.87
N LEU C 720 -59.03 -7.88 26.22
CA LEU C 720 -58.13 -6.87 25.68
C LEU C 720 -58.79 -6.09 24.55
N SER C 721 -59.57 -6.77 23.70
CA SER C 721 -60.26 -6.09 22.61
C SER C 721 -61.20 -5.01 23.14
N LYS C 722 -61.78 -5.24 24.32
CA LYS C 722 -62.59 -4.20 24.97
C LYS C 722 -61.80 -2.92 25.17
N LYS C 723 -60.48 -3.02 25.38
CA LYS C 723 -59.63 -1.87 25.62
C LYS C 723 -59.20 -1.16 24.33
N GLY C 724 -59.90 -1.41 23.22
CA GLY C 724 -59.55 -0.78 21.95
C GLY C 724 -58.66 -1.61 21.05
N TYR C 725 -58.50 -2.90 21.32
CA TYR C 725 -57.65 -3.75 20.50
C TYR C 725 -58.38 -4.18 19.24
N ILE C 726 -57.69 -4.98 18.42
CA ILE C 726 -58.24 -5.55 17.20
C ILE C 726 -58.11 -7.06 17.28
N LEU C 727 -59.20 -7.77 17.00
CA LEU C 727 -59.24 -9.23 17.07
C LEU C 727 -59.06 -9.88 15.70
N TYR C 728 -58.26 -9.26 14.83
CA TYR C 728 -58.01 -9.84 13.52
C TYR C 728 -57.42 -11.24 13.65
N ASP C 729 -57.96 -12.17 12.87
CA ASP C 729 -57.70 -13.61 12.95
C ASP C 729 -57.57 -14.11 14.40
N ASN C 730 -58.43 -13.59 15.28
CA ASN C 730 -58.53 -14.03 16.67
C ASN C 730 -57.23 -13.78 17.44
N VAL C 731 -56.46 -12.78 17.02
CA VAL C 731 -55.22 -12.40 17.68
C VAL C 731 -55.27 -10.90 17.96
N VAL C 732 -54.91 -10.51 19.19
CA VAL C 732 -54.95 -9.11 19.56
C VAL C 732 -53.94 -8.31 18.77
N THR C 733 -54.37 -7.18 18.23
CA THR C 733 -53.51 -6.28 17.47
C THR C 733 -53.76 -4.86 17.93
N LEU C 734 -52.67 -4.14 18.24
CA LEU C 734 -52.76 -2.83 18.85
C LEU C 734 -52.47 -1.72 17.84
N PRO C 735 -53.23 -0.63 17.86
CA PRO C 735 -52.93 0.49 16.97
C PRO C 735 -51.58 1.14 17.27
N LEU C 736 -50.94 1.64 16.22
CA LEU C 736 -49.65 2.31 16.37
C LEU C 736 -49.77 3.56 17.23
N THR C 737 -50.86 4.31 17.05
CA THR C 737 -51.07 5.52 17.85
C THR C 737 -51.21 5.18 19.33
N THR C 738 -51.97 4.13 19.64
CA THR C 738 -52.11 3.72 21.04
C THR C 738 -50.78 3.27 21.61
N PHE C 739 -50.01 2.50 20.83
CA PHE C 739 -48.68 2.09 21.29
C PHE C 739 -47.81 3.30 21.59
N GLN C 740 -47.81 4.28 20.67
CA GLN C 740 -46.96 5.46 20.83
C GLN C 740 -47.37 6.27 22.06
N GLN C 741 -48.67 6.48 22.25
CA GLN C 741 -49.11 7.29 23.39
C GLN C 741 -48.85 6.56 24.71
N LYS C 742 -49.03 5.23 24.74
CA LYS C 742 -48.76 4.49 25.96
C LYS C 742 -47.26 4.51 26.29
N ILE C 743 -46.41 4.34 25.29
CA ILE C 743 -44.97 4.41 25.54
C ILE C 743 -44.54 5.84 25.89
N SER C 744 -45.26 6.85 25.41
CA SER C 744 -44.94 8.22 25.76
C SER C 744 -45.31 8.52 27.21
N LYS C 745 -46.47 8.01 27.66
CA LYS C 745 -46.84 8.22 29.06
C LYS C 745 -45.99 7.35 30.00
N TYR C 746 -45.45 6.24 29.49
CA TYR C 746 -44.54 5.43 30.30
C TYR C 746 -43.19 6.10 30.43
N PHE C 747 -42.51 6.31 29.30
CA PHE C 747 -41.21 6.98 29.27
C PHE C 747 -41.33 8.27 28.48
N ASN C 748 -40.69 9.33 28.98
CA ASN C 748 -40.73 10.61 28.30
C ASN C 748 -40.18 10.49 26.89
N SER C 749 -40.92 11.02 25.92
CA SER C 749 -40.53 10.90 24.52
C SER C 749 -39.50 11.95 24.11
N ARG C 750 -39.24 12.96 24.93
CA ARG C 750 -38.21 13.93 24.60
C ARG C 750 -36.82 13.36 24.81
N LEU C 751 -36.59 12.68 25.94
CA LEU C 751 -35.28 12.11 26.21
C LEU C 751 -34.98 10.94 25.30
N PHE C 752 -35.98 10.10 25.04
CA PHE C 752 -35.82 8.93 24.18
C PHE C 752 -36.45 9.25 22.82
N GLY C 753 -35.60 9.39 21.81
CA GLY C 753 -36.06 9.80 20.50
C GLY C 753 -36.20 8.64 19.54
N HIS C 754 -35.20 8.43 18.69
CA HIS C 754 -35.27 7.36 17.69
C HIS C 754 -35.23 5.96 18.29
N ASP C 755 -35.11 5.83 19.62
CA ASP C 755 -35.08 4.51 20.23
C ASP C 755 -36.37 3.75 19.96
N ILE C 756 -37.51 4.42 20.13
CA ILE C 756 -38.80 3.76 19.95
C ILE C 756 -39.03 3.41 18.47
N GLU C 757 -38.63 4.31 17.57
CA GLU C 757 -38.82 4.02 16.15
C GLU C 757 -37.89 2.89 15.70
N SER C 758 -36.69 2.82 16.26
CA SER C 758 -35.83 1.67 15.99
C SER C 758 -36.44 0.38 16.51
N PHE C 759 -37.01 0.44 17.73
CA PHE C 759 -37.63 -0.75 18.31
C PHE C 759 -38.78 -1.25 17.45
N ILE C 760 -39.64 -0.33 16.99
CA ILE C 760 -40.78 -0.76 16.18
C ILE C 760 -40.32 -1.22 14.80
N ASN C 761 -39.35 -0.52 14.20
CA ASN C 761 -38.85 -0.96 12.90
C ASN C 761 -38.18 -2.31 12.99
N ARG C 762 -37.66 -2.67 14.17
CA ARG C 762 -37.09 -4.00 14.35
C ARG C 762 -38.17 -5.06 14.56
N HIS C 763 -39.18 -4.76 15.38
CA HIS C 763 -40.12 -5.79 15.82
C HIS C 763 -41.57 -5.31 15.71
N LYS C 764 -41.95 -4.82 14.53
CA LYS C 764 -43.32 -4.40 14.28
C LYS C 764 -43.87 -5.17 13.09
N LYS C 765 -45.15 -5.55 13.19
CA LYS C 765 -45.89 -6.21 12.13
C LYS C 765 -47.18 -5.45 11.87
N PHE C 766 -47.98 -5.94 10.94
CA PHE C 766 -49.25 -5.30 10.61
C PHE C 766 -50.39 -6.29 10.40
N ALA C 767 -50.18 -7.58 10.70
CA ALA C 767 -51.18 -8.62 10.44
C ALA C 767 -51.56 -8.67 8.97
N ASN C 768 -50.66 -8.19 8.10
CA ASN C 768 -50.88 -8.11 6.66
C ASN C 768 -49.54 -7.71 6.04
N VAL C 769 -49.55 -7.48 4.73
CA VAL C 769 -48.38 -6.90 4.07
C VAL C 769 -48.16 -5.47 4.57
N SER C 770 -49.24 -4.74 4.79
CA SER C 770 -49.17 -3.37 5.29
C SER C 770 -50.53 -2.97 5.83
N ASP C 771 -50.56 -2.49 7.06
CA ASP C 771 -51.80 -2.07 7.70
C ASP C 771 -51.48 -0.94 8.66
N GLU C 772 -52.38 -0.67 9.60
CA GLU C 772 -52.21 0.39 10.59
C GLU C 772 -52.42 -0.15 12.01
N TYR C 773 -51.80 -1.29 12.31
CA TYR C 773 -51.94 -1.89 13.63
C TYR C 773 -50.72 -2.75 13.92
N LEU C 774 -50.37 -2.84 15.20
CA LEU C 774 -49.19 -3.58 15.66
C LEU C 774 -49.62 -4.78 16.48
N GLN C 775 -49.06 -5.95 16.16
CA GLN C 775 -49.37 -7.18 16.87
C GLN C 775 -48.46 -7.32 18.10
N TYR C 776 -48.69 -6.44 19.06
CA TYR C 776 -47.90 -6.45 20.29
C TYR C 776 -48.76 -5.98 21.45
N ILE C 777 -48.41 -6.45 22.65
CA ILE C 777 -49.15 -6.14 23.87
C ILE C 777 -48.17 -5.69 24.95
N PHE C 778 -48.71 -5.03 25.97
CA PHE C 778 -47.92 -4.49 27.06
C PHE C 778 -48.01 -5.39 28.28
N ILE C 779 -47.25 -5.04 29.34
CA ILE C 779 -47.26 -5.83 30.56
C ILE C 779 -48.59 -5.67 31.30
N GLU C 780 -49.09 -4.43 31.39
CA GLU C 780 -50.35 -4.19 32.08
C GLU C 780 -51.53 -4.76 31.32
N ASP C 781 -51.40 -4.98 30.02
CA ASP C 781 -52.43 -5.63 29.23
C ASP C 781 -52.34 -7.15 29.29
N ILE C 782 -51.14 -7.71 29.28
CA ILE C 782 -51.00 -9.16 29.37
C ILE C 782 -51.34 -9.65 30.77
N SER C 783 -51.13 -8.81 31.79
CA SER C 783 -51.57 -9.17 33.14
C SER C 783 -53.09 -9.28 33.21
N SER C 784 -53.79 -8.32 32.62
CA SER C 784 -55.25 -8.37 32.59
C SER C 784 -55.70 -9.50 31.67
N PRO C 785 -56.80 -10.19 32.00
CA PRO C 785 -57.32 -11.31 31.19
C PRO C 785 -57.71 -10.90 29.78
N GLY D 323 39.79 -17.92 -26.06
CA GLY D 323 39.25 -18.73 -24.98
C GLY D 323 37.90 -18.25 -24.47
N ASN D 324 37.72 -18.34 -23.15
CA ASN D 324 36.48 -17.94 -22.50
C ASN D 324 35.28 -18.74 -23.02
N LYS D 325 35.31 -20.04 -22.68
CA LYS D 325 34.23 -20.95 -23.03
C LYS D 325 32.88 -20.40 -22.61
N LEU D 326 32.80 -19.76 -21.44
CA LEU D 326 31.53 -19.23 -20.97
C LEU D 326 31.04 -18.09 -21.85
N PHE D 327 31.94 -17.23 -22.30
CA PHE D 327 31.55 -16.17 -23.24
C PHE D 327 31.10 -16.77 -24.56
N ASN D 328 31.78 -17.82 -25.03
CA ASN D 328 31.35 -18.47 -26.26
C ASN D 328 29.96 -19.07 -26.10
N ILE D 329 29.68 -19.69 -24.95
CA ILE D 329 28.36 -20.24 -24.69
C ILE D 329 27.30 -19.15 -24.68
N ALA D 330 27.62 -18.01 -24.04
CA ALA D 330 26.66 -16.91 -24.01
C ALA D 330 26.38 -16.39 -25.42
N GLN D 331 27.42 -16.27 -26.25
CA GLN D 331 27.21 -15.85 -27.63
C GLN D 331 26.35 -16.85 -28.39
N ARG D 332 26.62 -18.14 -28.21
CA ARG D 332 25.83 -19.17 -28.88
C ARG D 332 24.36 -19.10 -28.47
N ILE D 333 24.10 -18.94 -27.17
CA ILE D 333 22.72 -18.86 -26.70
C ILE D 333 22.04 -17.62 -27.23
N LEU D 334 22.74 -16.48 -27.22
CA LEU D 334 22.14 -15.23 -27.70
C LEU D 334 21.93 -15.24 -29.21
N ASP D 335 22.63 -16.11 -29.94
CA ASP D 335 22.41 -16.20 -31.38
C ASP D 335 21.01 -16.71 -31.71
N THR D 336 20.42 -17.52 -30.84
CA THR D 336 19.12 -18.13 -31.11
C THR D 336 17.95 -17.24 -30.75
N ASN D 337 18.21 -16.02 -30.25
CA ASN D 337 17.16 -15.04 -29.93
C ASN D 337 16.16 -15.59 -28.93
N SER D 338 16.63 -16.41 -27.98
CA SER D 338 15.75 -16.98 -26.96
C SER D 338 15.48 -16.02 -25.81
N VAL D 339 16.26 -14.95 -25.68
CA VAL D 339 16.06 -13.95 -24.63
C VAL D 339 15.93 -12.59 -25.30
N LEU D 340 14.95 -11.81 -24.88
CA LEU D 340 14.75 -10.47 -25.42
C LEU D 340 14.56 -9.47 -24.29
N LEU D 341 14.92 -8.22 -24.57
CA LEU D 341 14.71 -7.11 -23.66
C LEU D 341 13.62 -6.22 -24.22
N THR D 342 12.58 -5.97 -23.44
CA THR D 342 11.44 -5.20 -23.90
C THR D 342 11.52 -3.77 -23.40
N GLU D 343 10.63 -2.93 -23.94
CA GLU D 343 10.64 -1.49 -23.67
C GLU D 343 10.22 -1.15 -22.25
N ARG D 344 9.99 -2.13 -21.39
CA ARG D 344 9.64 -1.90 -19.99
C ARG D 344 10.84 -2.09 -19.05
N GLY D 345 12.05 -2.17 -19.60
CA GLY D 345 13.22 -2.45 -18.79
C GLY D 345 13.19 -3.84 -18.16
N ASP D 346 12.83 -4.85 -18.93
CA ASP D 346 12.64 -6.20 -18.41
C ASP D 346 12.92 -7.20 -19.52
N HIS D 347 13.02 -8.47 -19.13
CA HIS D 347 13.42 -9.54 -20.03
C HIS D 347 12.28 -10.52 -20.24
N ILE D 348 12.28 -11.14 -21.43
CA ILE D 348 11.34 -12.20 -21.77
C ILE D 348 12.14 -13.38 -22.29
N VAL D 349 11.78 -14.57 -21.82
CA VAL D 349 12.50 -15.80 -22.11
C VAL D 349 11.55 -16.78 -22.78
N TRP D 350 12.11 -17.67 -23.59
CA TRP D 350 11.35 -18.63 -24.39
C TRP D 350 11.70 -20.05 -23.93
N ILE D 351 10.93 -20.56 -22.97
CA ILE D 351 11.03 -21.95 -22.53
C ILE D 351 9.65 -22.56 -22.61
N ASN D 352 9.58 -23.84 -23.00
CA ASN D 352 8.32 -24.56 -23.15
C ASN D 352 7.40 -23.91 -24.17
N ASN D 353 7.97 -23.40 -25.26
CA ASN D 353 7.21 -22.91 -26.41
C ASN D 353 6.23 -21.81 -26.03
N SER D 354 6.70 -20.84 -25.25
CA SER D 354 5.89 -19.68 -24.88
C SER D 354 6.78 -18.61 -24.28
N TRP D 355 6.54 -17.35 -24.66
CA TRP D 355 7.22 -16.22 -24.05
C TRP D 355 6.63 -15.95 -22.68
N LYS D 356 7.25 -16.50 -21.64
CA LYS D 356 6.79 -16.30 -20.26
C LYS D 356 7.68 -15.22 -19.64
N PHE D 357 7.25 -13.97 -19.78
CA PHE D 357 7.90 -12.88 -19.07
C PHE D 357 7.81 -13.08 -17.57
N ASN D 358 8.93 -12.94 -16.88
CA ASN D 358 8.95 -13.04 -15.43
C ASN D 358 10.12 -12.21 -14.91
N SER D 359 9.83 -11.30 -13.99
CA SER D 359 10.84 -10.45 -13.39
C SER D 359 11.10 -10.73 -11.92
N GLU D 360 10.12 -11.28 -11.20
CA GLU D 360 10.32 -11.61 -9.79
C GLU D 360 11.40 -12.67 -9.63
N GLU D 361 11.36 -13.71 -10.47
CA GLU D 361 12.35 -14.77 -10.45
C GLU D 361 12.85 -15.01 -11.87
N PRO D 362 14.14 -14.79 -12.16
CA PRO D 362 14.62 -14.93 -13.54
C PRO D 362 14.52 -16.36 -14.04
N LEU D 363 14.26 -16.48 -15.35
CA LEU D 363 14.20 -17.77 -16.01
C LEU D 363 15.42 -18.01 -16.91
N ILE D 364 16.42 -17.12 -16.85
CA ILE D 364 17.55 -17.23 -17.78
C ILE D 364 18.41 -18.43 -17.43
N THR D 365 18.63 -18.69 -16.13
CA THR D 365 19.39 -19.88 -15.76
C THR D 365 18.64 -21.15 -16.11
N LYS D 366 17.31 -21.15 -15.96
CA LYS D 366 16.50 -22.27 -16.40
C LYS D 366 16.68 -22.52 -17.89
N LEU D 367 16.65 -21.45 -18.68
CA LEU D 367 16.86 -21.60 -20.13
C LEU D 367 18.26 -22.11 -20.43
N ILE D 368 19.26 -21.60 -19.72
CA ILE D 368 20.64 -22.03 -19.95
C ILE D 368 20.78 -23.53 -19.70
N LEU D 369 20.19 -24.02 -18.61
CA LEU D 369 20.22 -25.46 -18.37
C LEU D 369 19.37 -26.22 -19.38
N SER D 370 18.31 -25.58 -19.90
CA SER D 370 17.43 -26.26 -20.85
C SER D 370 18.13 -26.50 -22.19
N ILE D 371 18.75 -25.46 -22.75
CA ILE D 371 19.47 -25.60 -24.02
C ILE D 371 20.88 -26.03 -23.65
N ARG D 372 21.04 -27.34 -23.45
CA ARG D 372 22.30 -27.95 -23.07
C ARG D 372 22.72 -29.06 -24.01
N HIS D 373 21.77 -29.76 -24.61
CA HIS D 373 22.08 -30.82 -25.57
C HIS D 373 22.28 -30.28 -26.98
N GLN D 374 21.86 -29.05 -27.25
CA GLN D 374 22.18 -28.39 -28.53
C GLN D 374 23.50 -27.64 -28.44
N LEU D 375 24.51 -28.31 -27.89
CA LEU D 375 25.81 -27.73 -27.63
C LEU D 375 26.85 -28.83 -27.80
N PRO D 376 28.09 -28.47 -28.15
CA PRO D 376 29.14 -29.49 -28.24
C PRO D 376 29.38 -30.15 -26.89
N LYS D 377 29.83 -31.41 -26.93
CA LYS D 377 30.01 -32.18 -25.71
C LYS D 377 31.07 -31.57 -24.80
N GLU D 378 32.08 -30.92 -25.35
CA GLU D 378 33.08 -30.25 -24.52
C GLU D 378 32.54 -28.97 -23.89
N TYR D 379 31.37 -28.50 -24.32
CA TYR D 379 30.73 -27.33 -23.75
C TYR D 379 29.58 -27.66 -22.81
N SER D 380 28.93 -28.81 -23.00
CA SER D 380 27.76 -29.15 -22.19
C SER D 380 28.13 -29.39 -20.73
N SER D 381 29.35 -29.86 -20.46
CA SER D 381 29.74 -30.23 -19.10
C SER D 381 29.92 -29.03 -18.19
N GLU D 382 30.08 -27.83 -18.74
CA GLU D 382 30.32 -26.64 -17.92
C GLU D 382 29.06 -25.98 -17.41
N LEU D 383 27.88 -26.41 -17.89
CA LEU D 383 26.62 -25.81 -17.51
C LEU D 383 25.95 -26.52 -16.35
N LEU D 384 26.64 -27.47 -15.71
CA LEU D 384 26.12 -28.20 -14.57
C LEU D 384 26.41 -27.52 -13.24
N CYS D 385 27.14 -26.40 -13.27
CA CYS D 385 27.50 -25.67 -12.06
C CYS D 385 26.71 -24.37 -11.97
N PRO D 386 26.02 -24.12 -10.86
CA PRO D 386 25.23 -22.88 -10.74
C PRO D 386 26.06 -21.63 -10.89
N ARG D 387 27.30 -21.62 -10.41
CA ARG D 387 28.16 -20.45 -10.56
C ARG D 387 28.44 -20.15 -12.02
N LYS D 388 28.74 -21.19 -12.80
CA LYS D 388 29.01 -20.99 -14.22
C LYS D 388 27.75 -20.58 -14.97
N ARG D 389 26.59 -21.13 -14.58
CA ARG D 389 25.34 -20.71 -15.20
C ARG D 389 25.06 -19.24 -14.93
N LYS D 390 25.33 -18.78 -13.70
CA LYS D 390 25.15 -17.37 -13.38
C LYS D 390 26.13 -16.49 -14.16
N THR D 391 27.37 -16.96 -14.35
CA THR D 391 28.33 -16.22 -15.16
C THR D 391 27.82 -16.06 -16.60
N VAL D 392 27.29 -17.14 -17.17
CA VAL D 392 26.75 -17.08 -18.53
C VAL D 392 25.58 -16.12 -18.59
N GLU D 393 24.72 -16.13 -17.56
CA GLU D 393 23.59 -15.21 -17.54
C GLU D 393 24.06 -13.76 -17.48
N ALA D 394 25.10 -13.49 -16.69
CA ALA D 394 25.65 -12.13 -16.64
C ALA D 394 26.19 -11.70 -17.99
N ASN D 395 26.88 -12.61 -18.69
CA ASN D 395 27.35 -12.31 -20.04
C ASN D 395 26.19 -11.96 -20.96
N ILE D 396 25.10 -12.73 -20.91
CA ILE D 396 23.94 -12.47 -21.75
C ILE D 396 23.33 -11.11 -21.44
N ARG D 397 23.20 -10.80 -20.15
CA ARG D 397 22.63 -9.51 -19.75
C ARG D 397 23.48 -8.36 -20.25
N ASP D 398 24.81 -8.51 -20.23
CA ASP D 398 25.66 -7.46 -20.74
C ASP D 398 25.60 -7.36 -22.27
N MET D 399 25.36 -8.48 -22.95
CA MET D 399 25.36 -8.47 -24.41
C MET D 399 24.05 -8.03 -25.03
N LEU D 400 22.94 -8.06 -24.27
CA LEU D 400 21.64 -7.75 -24.87
C LEU D 400 21.58 -6.33 -25.43
N VAL D 401 21.67 -5.32 -24.54
CA VAL D 401 21.71 -3.90 -24.89
C VAL D 401 20.41 -3.39 -25.48
N ASP D 402 20.02 -3.89 -26.65
CA ASP D 402 18.93 -3.30 -27.42
C ASP D 402 17.56 -3.81 -26.97
N SER D 403 16.52 -3.08 -27.38
CA SER D 403 15.14 -3.39 -27.05
C SER D 403 14.37 -3.77 -28.30
N VAL D 404 13.24 -4.45 -28.11
CA VAL D 404 12.36 -4.86 -29.19
C VAL D 404 10.92 -4.48 -28.82
N GLU D 405 10.04 -4.54 -29.81
CA GLU D 405 8.63 -4.25 -29.62
C GLU D 405 7.87 -5.52 -29.28
N THR D 406 6.83 -5.37 -28.46
CA THR D 406 6.03 -6.49 -28.01
C THR D 406 5.04 -6.84 -29.13
N ASP D 407 4.02 -7.66 -28.82
CA ASP D 407 3.12 -8.18 -29.84
C ASP D 407 2.45 -7.07 -30.63
N THR D 408 2.74 -7.02 -31.92
CA THR D 408 2.16 -6.04 -32.83
C THR D 408 1.21 -6.63 -33.85
N TYR D 409 1.30 -7.93 -34.11
CA TYR D 409 0.43 -8.57 -35.10
C TYR D 409 -0.99 -8.69 -34.56
N PRO D 410 -1.98 -8.10 -35.23
CA PRO D 410 -3.36 -8.17 -34.70
C PRO D 410 -4.08 -9.46 -35.11
N ASP D 411 -3.74 -10.01 -36.26
CA ASP D 411 -4.40 -11.21 -36.78
C ASP D 411 -3.65 -12.47 -36.38
N LYS D 412 -3.33 -12.60 -35.10
CA LYS D 412 -2.65 -13.78 -34.57
C LYS D 412 -3.19 -14.02 -33.17
N LEU D 413 -3.80 -15.18 -32.95
CA LEU D 413 -4.34 -15.51 -31.64
C LEU D 413 -3.35 -16.41 -30.91
N PRO D 414 -2.78 -15.98 -29.79
CA PRO D 414 -1.80 -16.82 -29.09
C PRO D 414 -2.43 -17.79 -28.12
N PHE D 415 -2.15 -19.08 -28.28
CA PHE D 415 -2.56 -20.11 -27.33
C PHE D 415 -1.33 -20.59 -26.58
N LYS D 416 -1.57 -21.16 -25.40
CA LYS D 416 -0.49 -21.55 -24.49
C LYS D 416 0.57 -22.41 -25.16
N ASN D 417 0.26 -23.06 -26.28
CA ASN D 417 1.24 -23.88 -26.98
C ASN D 417 1.25 -23.57 -28.47
N GLY D 418 1.27 -22.29 -28.84
CA GLY D 418 1.46 -21.92 -30.22
C GLY D 418 0.70 -20.65 -30.57
N VAL D 419 0.65 -20.36 -31.86
CA VAL D 419 -0.03 -19.19 -32.40
C VAL D 419 -0.89 -19.63 -33.58
N LEU D 420 -2.12 -19.13 -33.61
CA LEU D 420 -3.08 -19.45 -34.67
C LEU D 420 -3.25 -18.24 -35.56
N ASP D 421 -2.94 -18.40 -36.85
CA ASP D 421 -3.14 -17.36 -37.84
C ASP D 421 -4.59 -17.44 -38.32
N LEU D 422 -5.33 -16.35 -38.11
CA LEU D 422 -6.73 -16.30 -38.48
C LEU D 422 -6.94 -16.09 -39.97
N VAL D 423 -5.92 -15.60 -40.68
CA VAL D 423 -6.07 -15.37 -42.11
C VAL D 423 -6.33 -16.67 -42.84
N ASP D 424 -5.53 -17.70 -42.56
CA ASP D 424 -5.73 -19.02 -43.11
C ASP D 424 -6.21 -20.01 -42.05
N GLY D 425 -6.52 -19.55 -40.86
CA GLY D 425 -6.98 -20.43 -39.79
C GLY D 425 -6.00 -21.53 -39.45
N MET D 426 -4.71 -21.29 -39.63
CA MET D 426 -3.69 -22.33 -39.49
C MET D 426 -2.89 -22.08 -38.21
N PHE D 427 -2.75 -23.12 -37.40
CA PHE D 427 -2.09 -23.01 -36.10
C PHE D 427 -0.72 -23.67 -36.18
N TYR D 428 0.30 -22.98 -35.68
CA TYR D 428 1.63 -23.56 -35.61
C TYR D 428 2.30 -23.19 -34.30
N SER D 429 3.22 -24.06 -33.86
CA SER D 429 3.89 -23.92 -32.58
C SER D 429 5.39 -24.01 -32.81
N GLY D 430 6.15 -24.09 -31.71
CA GLY D 430 7.59 -24.20 -31.82
C GLY D 430 8.23 -22.90 -32.28
N ASP D 431 9.38 -23.04 -32.93
CA ASP D 431 10.10 -21.86 -33.42
C ASP D 431 9.26 -21.05 -34.40
N ASP D 432 8.36 -21.71 -35.13
CA ASP D 432 7.50 -21.00 -36.07
C ASP D 432 6.60 -20.00 -35.34
N ALA D 433 6.30 -20.25 -34.07
CA ALA D 433 5.52 -19.33 -33.26
C ALA D 433 6.39 -18.37 -32.45
N LYS D 434 7.71 -18.46 -32.58
CA LYS D 434 8.58 -17.54 -31.85
C LYS D 434 8.64 -16.15 -32.47
N LYS D 435 8.37 -16.03 -33.78
CA LYS D 435 8.50 -14.74 -34.45
C LYS D 435 7.53 -13.72 -33.89
N TYR D 436 6.30 -14.14 -33.60
CA TYR D 436 5.28 -13.25 -33.05
C TYR D 436 5.48 -13.19 -31.54
N THR D 437 6.18 -12.14 -31.10
CA THR D 437 6.54 -11.98 -29.68
C THR D 437 5.29 -11.54 -28.91
N CYS D 438 4.42 -12.50 -28.64
CA CYS D 438 3.17 -12.26 -27.93
C CYS D 438 3.29 -12.80 -26.52
N THR D 439 3.10 -11.92 -25.53
CA THR D 439 3.16 -12.30 -24.12
C THR D 439 1.80 -12.76 -23.62
N VAL D 440 0.77 -11.94 -23.81
CA VAL D 440 -0.57 -12.31 -23.39
C VAL D 440 -1.04 -13.54 -24.16
N SER D 441 -1.89 -14.34 -23.52
CA SER D 441 -2.34 -15.59 -24.10
C SER D 441 -3.72 -15.92 -23.57
N THR D 442 -4.36 -16.92 -24.19
CA THR D 442 -5.69 -17.34 -23.78
C THR D 442 -5.69 -18.08 -22.45
N GLY D 443 -4.55 -18.64 -22.05
CA GLY D 443 -4.45 -19.37 -20.81
C GLY D 443 -4.85 -20.84 -20.90
N PHE D 444 -5.27 -21.32 -22.06
CA PHE D 444 -5.61 -22.72 -22.23
C PHE D 444 -5.04 -23.21 -23.56
N LYS D 445 -4.80 -24.53 -23.61
CA LYS D 445 -4.13 -25.14 -24.75
C LYS D 445 -5.08 -25.25 -25.94
N PHE D 446 -4.50 -25.52 -27.11
CA PHE D 446 -5.25 -25.68 -28.35
C PHE D 446 -5.04 -27.08 -28.88
N ASP D 447 -6.12 -27.71 -29.33
CA ASP D 447 -6.07 -29.06 -29.88
C ASP D 447 -6.47 -29.00 -31.35
N ASP D 448 -5.73 -29.71 -32.19
CA ASP D 448 -5.98 -29.67 -33.63
C ASP D 448 -7.23 -30.46 -34.00
N THR D 449 -7.48 -31.57 -33.32
CA THR D 449 -8.49 -32.54 -33.74
C THR D 449 -9.90 -32.16 -33.31
N LYS D 450 -10.08 -31.06 -32.59
CA LYS D 450 -11.41 -30.56 -32.25
C LYS D 450 -11.73 -29.25 -32.94
N PHE D 451 -10.91 -28.83 -33.90
CA PHE D 451 -11.20 -27.65 -34.73
C PHE D 451 -11.90 -28.09 -36.02
N VAL D 452 -13.07 -28.69 -35.86
CA VAL D 452 -13.75 -29.39 -36.93
C VAL D 452 -15.15 -28.84 -37.13
N GLU D 453 -15.69 -29.05 -38.32
CA GLU D 453 -17.02 -28.57 -38.67
C GLU D 453 -18.13 -29.43 -38.08
N ASP D 454 -17.92 -30.74 -37.98
CA ASP D 454 -18.97 -31.66 -37.56
C ASP D 454 -18.74 -32.07 -36.11
N SER D 455 -19.75 -31.86 -35.27
CA SER D 455 -19.70 -32.22 -33.85
C SER D 455 -21.07 -32.10 -33.22
N PRO D 456 -21.38 -32.93 -32.21
CA PRO D 456 -22.59 -32.68 -31.42
C PRO D 456 -22.57 -31.32 -30.76
N GLU D 457 -21.40 -30.89 -30.28
CA GLU D 457 -21.25 -29.55 -29.76
C GLU D 457 -21.54 -28.52 -30.84
N MET D 458 -21.06 -28.77 -32.05
CA MET D 458 -21.29 -27.83 -33.16
C MET D 458 -22.77 -27.67 -33.45
N GLU D 459 -23.49 -28.80 -33.59
CA GLU D 459 -24.90 -28.72 -33.92
C GLU D 459 -25.72 -28.10 -32.79
N GLU D 460 -25.41 -28.46 -31.53
CA GLU D 460 -26.13 -27.88 -30.42
C GLU D 460 -25.89 -26.38 -30.32
N LEU D 461 -24.63 -25.95 -30.50
CA LEU D 461 -24.32 -24.53 -30.47
C LEU D 461 -24.99 -23.78 -31.61
N MET D 462 -25.02 -24.37 -32.80
CA MET D 462 -25.70 -23.74 -33.92
C MET D 462 -27.18 -23.57 -33.61
N ASN D 463 -27.80 -24.58 -33.01
CA ASN D 463 -29.20 -24.45 -32.60
C ASN D 463 -29.37 -23.34 -31.57
N ILE D 464 -28.44 -23.22 -30.62
CA ILE D 464 -28.56 -22.20 -29.58
C ILE D 464 -28.49 -20.80 -30.19
N ILE D 465 -27.54 -20.57 -31.09
CA ILE D 465 -27.43 -19.26 -31.72
C ILE D 465 -28.65 -18.99 -32.60
N ASN D 466 -29.11 -19.98 -33.35
CA ASN D 466 -30.30 -19.78 -34.17
C ASN D 466 -31.55 -19.52 -33.33
N ASP D 467 -31.57 -20.00 -32.09
CA ASP D 467 -32.67 -19.67 -31.19
C ASP D 467 -32.54 -18.24 -30.67
N ILE D 468 -31.36 -17.88 -30.19
CA ILE D 468 -31.17 -16.56 -29.58
C ILE D 468 -31.35 -15.45 -30.61
N GLN D 469 -30.75 -15.61 -31.79
CA GLN D 469 -30.86 -14.65 -32.89
C GLN D 469 -31.47 -15.37 -34.08
N PRO D 470 -32.79 -15.26 -34.28
CA PRO D 470 -33.43 -15.96 -35.40
C PRO D 470 -32.90 -15.48 -36.74
N LEU D 471 -32.91 -16.40 -37.72
CA LEU D 471 -32.41 -16.13 -39.06
C LEU D 471 -33.47 -15.52 -39.97
N THR D 472 -34.59 -15.08 -39.41
CA THR D 472 -35.65 -14.51 -40.23
C THR D 472 -35.19 -13.21 -40.89
N ASP D 473 -35.83 -12.86 -42.00
CA ASP D 473 -35.46 -11.66 -42.74
C ASP D 473 -35.73 -10.38 -41.96
N GLU D 474 -36.56 -10.44 -40.92
CA GLU D 474 -36.76 -9.28 -40.06
C GLU D 474 -35.53 -9.02 -39.20
N ASN D 475 -34.96 -10.06 -38.62
CA ASN D 475 -33.75 -9.96 -37.79
C ASN D 475 -32.50 -10.23 -38.63
N LYS D 476 -32.35 -9.50 -39.73
CA LYS D 476 -31.20 -9.72 -40.62
C LYS D 476 -30.02 -8.85 -40.22
N LYS D 477 -30.24 -7.52 -40.20
CA LYS D 477 -29.17 -6.61 -39.81
C LYS D 477 -28.73 -6.84 -38.37
N ASN D 478 -29.68 -7.18 -37.49
CA ASN D 478 -29.32 -7.49 -36.11
C ASN D 478 -28.42 -8.71 -36.03
N ARG D 479 -28.72 -9.74 -36.82
CA ARG D 479 -27.86 -10.92 -36.86
C ARG D 479 -26.47 -10.59 -37.40
N GLU D 480 -26.41 -9.77 -38.46
CA GLU D 480 -25.11 -9.39 -39.00
C GLU D 480 -24.29 -8.60 -37.97
N LEU D 481 -24.93 -7.66 -37.27
CA LEU D 481 -24.23 -6.91 -36.23
C LEU D 481 -23.75 -7.83 -35.11
N TYR D 482 -24.61 -8.76 -34.69
CA TYR D 482 -24.24 -9.73 -33.67
C TYR D 482 -22.99 -10.51 -34.09
N GLU D 483 -23.01 -11.04 -35.32
CA GLU D 483 -21.87 -11.82 -35.80
C GLU D 483 -20.61 -10.97 -35.88
N LYS D 484 -20.72 -9.75 -36.41
CA LYS D 484 -19.55 -8.90 -36.59
C LYS D 484 -18.92 -8.52 -35.25
N THR D 485 -19.75 -8.04 -34.31
CA THR D 485 -19.23 -7.66 -33.01
C THR D 485 -18.66 -8.86 -32.26
N LEU D 486 -19.32 -10.02 -32.36
CA LEU D 486 -18.82 -11.21 -31.69
C LEU D 486 -17.48 -11.65 -32.27
N SER D 487 -17.32 -11.55 -33.59
CA SER D 487 -16.08 -11.98 -34.22
C SER D 487 -14.95 -10.99 -34.02
N SER D 488 -15.27 -9.72 -33.80
CA SER D 488 -14.24 -8.70 -33.62
C SER D 488 -13.41 -8.91 -32.36
N CYS D 489 -13.86 -9.77 -31.45
CA CYS D 489 -13.14 -10.00 -30.20
C CYS D 489 -11.82 -10.73 -30.41
N LEU D 490 -11.56 -11.24 -31.62
CA LEU D 490 -10.30 -11.92 -31.92
C LEU D 490 -9.26 -10.95 -32.46
N CYS D 491 -9.68 -9.93 -33.19
CA CYS D 491 -8.74 -8.98 -33.79
C CYS D 491 -7.98 -8.23 -32.71
N GLY D 492 -6.66 -8.11 -32.92
CA GLY D 492 -5.79 -7.47 -31.93
C GLY D 492 -5.53 -6.01 -32.20
N ALA D 493 -6.39 -5.38 -33.01
CA ALA D 493 -6.27 -3.97 -33.32
C ALA D 493 -7.09 -3.16 -32.33
N THR D 494 -7.29 -1.88 -32.62
CA THR D 494 -8.13 -1.02 -31.80
C THR D 494 -9.48 -0.80 -32.47
N LYS D 495 -10.52 -0.73 -31.64
CA LYS D 495 -11.89 -0.65 -32.11
C LYS D 495 -12.47 0.73 -31.83
N GLY D 496 -13.19 1.27 -32.81
CA GLY D 496 -13.70 2.62 -32.74
C GLY D 496 -15.16 2.77 -32.35
N CYS D 497 -15.78 1.74 -31.79
CA CYS D 497 -17.18 1.84 -31.40
C CYS D 497 -17.41 1.03 -30.13
N LEU D 498 -18.46 1.41 -29.40
CA LEU D 498 -18.92 0.69 -28.22
C LEU D 498 -20.30 0.11 -28.54
N THR D 499 -20.47 -1.18 -28.29
CA THR D 499 -21.70 -1.85 -28.67
C THR D 499 -22.57 -2.12 -27.45
N PHE D 500 -23.87 -2.20 -27.71
CA PHE D 500 -24.89 -2.36 -26.68
C PHE D 500 -25.68 -3.63 -26.93
N PHE D 501 -25.94 -4.37 -25.86
CA PHE D 501 -26.77 -5.56 -25.87
C PHE D 501 -28.05 -5.20 -25.14
N PHE D 502 -29.12 -4.94 -25.89
CA PHE D 502 -30.38 -4.46 -25.33
C PHE D 502 -31.36 -5.62 -25.24
N GLY D 503 -31.94 -5.82 -24.06
CA GLY D 503 -32.90 -6.87 -23.83
C GLY D 503 -33.83 -6.51 -22.70
N GLU D 504 -34.65 -7.48 -22.29
CA GLU D 504 -35.67 -7.27 -21.28
C GLU D 504 -35.40 -8.06 -20.01
N THR D 505 -35.27 -9.37 -20.10
CA THR D 505 -35.00 -10.19 -18.92
C THR D 505 -34.52 -11.56 -19.37
N ALA D 506 -33.28 -11.90 -19.05
CA ALA D 506 -32.72 -13.23 -19.28
C ALA D 506 -32.82 -13.64 -20.75
N THR D 507 -32.53 -12.71 -21.65
CA THR D 507 -32.57 -12.98 -23.09
C THR D 507 -31.20 -13.33 -23.65
N GLY D 508 -30.51 -14.29 -23.02
CA GLY D 508 -29.25 -14.77 -23.56
C GLY D 508 -28.05 -13.86 -23.39
N LYS D 509 -28.20 -12.74 -22.67
CA LYS D 509 -27.09 -11.80 -22.46
C LYS D 509 -25.93 -12.48 -21.77
N SER D 510 -26.13 -12.90 -20.52
CA SER D 510 -25.08 -13.60 -19.79
C SER D 510 -24.73 -14.92 -20.46
N THR D 511 -25.65 -15.49 -21.24
CA THR D 511 -25.33 -16.70 -21.98
C THR D 511 -24.21 -16.46 -22.98
N THR D 512 -24.35 -15.43 -23.81
CA THR D 512 -23.28 -15.14 -24.77
C THR D 512 -22.04 -14.57 -24.07
N LYS D 513 -22.22 -13.89 -22.94
CA LYS D 513 -21.07 -13.42 -22.17
C LYS D 513 -20.22 -14.59 -21.67
N ARG D 514 -20.87 -15.58 -21.05
CA ARG D 514 -20.14 -16.76 -20.60
C ARG D 514 -19.64 -17.59 -21.77
N LEU D 515 -20.34 -17.54 -22.92
CA LEU D 515 -19.83 -18.19 -24.12
C LEU D 515 -18.49 -17.59 -24.54
N LEU D 516 -18.40 -16.25 -24.54
CA LEU D 516 -17.13 -15.60 -24.84
C LEU D 516 -16.06 -15.91 -23.80
N LYS D 517 -16.44 -15.91 -22.52
CA LYS D 517 -15.50 -16.24 -21.47
C LYS D 517 -14.91 -17.63 -21.68
N SER D 518 -15.77 -18.61 -22.00
CA SER D 518 -15.28 -19.95 -22.32
C SER D 518 -14.43 -19.95 -23.57
N ALA D 519 -14.82 -19.15 -24.57
CA ALA D 519 -14.11 -19.12 -25.85
C ALA D 519 -12.68 -18.62 -25.71
N ILE D 520 -12.49 -17.36 -25.34
CA ILE D 520 -11.15 -16.80 -25.36
C ILE D 520 -10.45 -17.04 -24.03
N GLY D 521 -10.95 -16.42 -22.96
CA GLY D 521 -10.39 -16.64 -21.64
C GLY D 521 -9.07 -15.92 -21.44
N ASP D 522 -8.87 -15.30 -20.27
CA ASP D 522 -7.64 -14.61 -19.91
C ASP D 522 -7.38 -13.42 -20.84
N LEU D 523 -8.24 -13.25 -21.84
CA LEU D 523 -8.24 -12.09 -22.72
C LEU D 523 -9.58 -11.38 -22.65
N PHE D 524 -10.47 -11.85 -21.78
CA PHE D 524 -11.78 -11.24 -21.55
C PHE D 524 -11.87 -10.85 -20.09
N VAL D 525 -12.31 -9.62 -19.83
CA VAL D 525 -12.43 -9.11 -18.46
C VAL D 525 -13.88 -8.72 -18.24
N GLU D 526 -14.49 -9.30 -17.21
CA GLU D 526 -15.87 -9.00 -16.85
C GLU D 526 -15.88 -8.04 -15.66
N THR D 527 -16.62 -6.94 -15.81
CA THR D 527 -16.68 -5.92 -14.77
C THR D 527 -18.02 -5.19 -14.88
N GLY D 528 -18.39 -4.52 -13.80
CA GLY D 528 -19.60 -3.72 -13.78
C GLY D 528 -19.36 -2.26 -13.46
N GLN D 529 -19.90 -1.39 -14.31
CA GLN D 529 -19.82 0.06 -14.12
C GLN D 529 -18.38 0.56 -14.00
N THR D 530 -18.00 1.01 -12.80
CA THR D 530 -16.69 1.61 -12.54
C THR D 530 -16.37 2.70 -13.55
N ILE D 531 -15.51 2.39 -14.53
CA ILE D 531 -15.08 3.39 -15.49
C ILE D 531 -16.27 3.94 -16.27
N LEU D 532 -17.32 3.13 -16.47
CA LEU D 532 -18.50 3.60 -17.18
C LEU D 532 -19.23 4.71 -16.43
N THR D 533 -19.11 4.74 -15.10
CA THR D 533 -19.85 5.69 -14.27
C THR D 533 -19.00 6.80 -13.69
N ASP D 534 -17.84 6.45 -13.12
CA ASP D 534 -17.03 7.42 -12.40
C ASP D 534 -16.21 8.28 -13.37
N VAL D 535 -15.41 9.18 -12.81
CA VAL D 535 -14.49 10.00 -13.59
C VAL D 535 -13.19 9.23 -13.78
N LEU D 536 -12.70 9.20 -15.03
CA LEU D 536 -11.51 8.41 -15.34
C LEU D 536 -10.26 9.01 -14.71
N ASP D 537 -10.06 10.32 -14.87
CA ASP D 537 -8.86 10.97 -14.37
C ASP D 537 -9.05 11.38 -12.91
N LYS D 538 -7.99 11.96 -12.33
CA LYS D 538 -7.98 12.39 -10.94
C LYS D 538 -8.37 11.25 -10.00
N GLY D 539 -7.92 10.04 -10.32
CA GLY D 539 -8.33 8.87 -9.58
C GLY D 539 -7.30 7.76 -9.58
N PRO D 540 -7.34 6.95 -8.53
CA PRO D 540 -6.46 5.77 -8.45
C PRO D 540 -7.07 4.53 -9.09
N ASN D 541 -8.04 4.71 -9.99
CA ASN D 541 -8.82 3.60 -10.54
C ASN D 541 -7.94 2.54 -11.18
N PRO D 542 -8.06 1.26 -10.79
CA PRO D 542 -7.23 0.20 -11.36
C PRO D 542 -7.67 -0.33 -12.72
N PHE D 543 -8.96 -0.22 -13.06
CA PHE D 543 -9.48 -0.87 -14.25
C PHE D 543 -8.73 -0.46 -15.51
N ILE D 544 -8.39 0.81 -15.63
CA ILE D 544 -7.77 1.31 -16.85
C ILE D 544 -6.46 0.59 -17.11
N ALA D 545 -5.66 0.37 -16.06
CA ALA D 545 -4.46 -0.45 -16.21
C ALA D 545 -4.80 -1.93 -16.39
N ASN D 546 -5.89 -2.39 -15.79
CA ASN D 546 -6.27 -3.79 -15.93
C ASN D 546 -6.52 -4.15 -17.39
N MET D 547 -7.17 -3.25 -18.13
CA MET D 547 -7.58 -3.53 -19.51
C MET D 547 -6.46 -3.19 -20.50
N HIS D 548 -5.28 -3.74 -20.22
CA HIS D 548 -4.10 -3.55 -21.07
C HIS D 548 -3.91 -4.81 -21.92
N LEU D 549 -4.02 -4.65 -23.24
CA LEU D 549 -3.84 -5.73 -24.21
C LEU D 549 -4.87 -6.83 -24.08
N LYS D 550 -6.03 -6.54 -23.50
CA LYS D 550 -7.13 -7.48 -23.46
C LYS D 550 -8.06 -7.22 -24.64
N ARG D 551 -8.48 -8.28 -25.31
CA ARG D 551 -9.20 -8.16 -26.57
C ARG D 551 -10.71 -8.02 -26.41
N SER D 552 -11.24 -8.16 -25.20
CA SER D 552 -12.67 -8.03 -24.97
C SER D 552 -12.92 -7.63 -23.53
N VAL D 553 -13.82 -6.69 -23.32
CA VAL D 553 -14.19 -6.22 -21.99
C VAL D 553 -15.70 -6.03 -21.96
N PHE D 554 -16.36 -6.57 -20.94
CA PHE D 554 -17.79 -6.43 -20.75
C PHE D 554 -18.08 -5.53 -19.56
N CYS D 555 -19.03 -4.62 -19.72
CA CYS D 555 -19.53 -3.78 -18.64
C CYS D 555 -21.01 -4.09 -18.45
N SER D 556 -21.35 -4.67 -17.31
CA SER D 556 -22.70 -5.17 -17.06
C SER D 556 -23.32 -4.43 -15.88
N GLU D 557 -24.57 -4.80 -15.56
CA GLU D 557 -25.34 -4.31 -14.42
C GLU D 557 -25.23 -2.79 -14.26
N LEU D 558 -25.63 -2.09 -15.31
CA LEU D 558 -25.67 -0.64 -15.25
C LEU D 558 -26.84 -0.21 -14.37
N PRO D 559 -26.61 0.68 -13.40
CA PRO D 559 -27.59 0.86 -12.31
C PRO D 559 -28.73 1.82 -12.60
N ASP D 560 -29.37 1.70 -13.76
CA ASP D 560 -30.63 2.39 -14.06
C ASP D 560 -30.48 3.91 -13.86
N PHE D 561 -29.65 4.51 -14.71
CA PHE D 561 -29.32 5.92 -14.61
C PHE D 561 -30.54 6.84 -14.64
N ALA D 562 -31.72 6.32 -14.98
CA ALA D 562 -32.95 7.09 -14.82
C ALA D 562 -33.38 7.06 -13.36
N CYS D 563 -32.52 7.59 -12.48
CA CYS D 563 -32.68 7.42 -11.05
C CYS D 563 -32.99 8.71 -10.29
N SER D 564 -32.57 9.86 -10.80
CA SER D 564 -32.68 11.13 -10.08
C SER D 564 -31.95 11.04 -8.74
N GLY D 565 -30.63 10.90 -8.85
CA GLY D 565 -29.79 10.69 -7.69
C GLY D 565 -28.59 9.79 -7.95
N SER D 566 -28.69 8.93 -8.97
CA SER D 566 -27.55 8.12 -9.38
C SER D 566 -26.81 8.80 -10.53
N LYS D 567 -25.50 8.58 -10.58
CA LYS D 567 -24.66 9.22 -11.58
C LYS D 567 -25.01 8.74 -12.98
N LYS D 568 -24.78 9.61 -13.96
CA LYS D 568 -25.10 9.33 -15.35
C LYS D 568 -23.89 8.71 -16.04
N ILE D 569 -23.95 8.63 -17.37
CA ILE D 569 -22.85 8.16 -18.20
C ILE D 569 -22.18 9.36 -18.83
N ARG D 570 -20.85 9.38 -18.83
CA ARG D 570 -20.09 10.52 -19.32
C ARG D 570 -19.68 10.32 -20.77
N SER D 571 -20.05 11.28 -21.62
CA SER D 571 -19.62 11.26 -23.01
C SER D 571 -18.10 11.38 -23.11
N ASP D 572 -17.49 12.15 -22.21
CA ASP D 572 -16.04 12.19 -22.14
C ASP D 572 -15.47 10.83 -21.82
N ASN D 573 -16.11 10.09 -20.91
CA ASN D 573 -15.68 8.72 -20.63
C ASN D 573 -15.78 7.85 -21.87
N ILE D 574 -16.87 7.96 -22.62
CA ILE D 574 -17.03 7.17 -23.83
C ILE D 574 -15.91 7.49 -24.82
N LYS D 575 -15.62 8.78 -25.01
CA LYS D 575 -14.58 9.18 -25.95
C LYS D 575 -13.19 8.74 -25.48
N LYS D 576 -12.94 8.76 -24.18
CA LYS D 576 -11.66 8.26 -23.67
C LYS D 576 -11.53 6.76 -23.92
N LEU D 577 -12.62 6.01 -23.77
CA LEU D 577 -12.58 4.58 -24.00
C LEU D 577 -12.45 4.21 -25.48
N THR D 578 -12.45 5.20 -26.38
CA THR D 578 -12.41 4.93 -27.81
C THR D 578 -11.18 5.55 -28.45
N GLU D 579 -10.02 5.36 -27.83
CA GLU D 579 -8.75 5.85 -28.35
C GLU D 579 -7.73 4.73 -28.32
N PRO D 580 -6.74 4.76 -29.21
CA PRO D 580 -5.70 3.71 -29.20
C PRO D 580 -4.95 3.63 -27.89
N CYS D 581 -4.77 4.76 -27.20
CA CYS D 581 -4.12 4.78 -25.89
C CYS D 581 -5.09 5.36 -24.88
N VAL D 582 -5.11 4.76 -23.69
CA VAL D 582 -5.99 5.18 -22.61
C VAL D 582 -5.13 5.67 -21.45
N ILE D 583 -5.52 6.81 -20.88
CA ILE D 583 -4.76 7.47 -19.82
C ILE D 583 -5.30 7.02 -18.47
N GLY D 584 -4.43 6.47 -17.63
CA GLY D 584 -4.85 6.01 -16.32
C GLY D 584 -3.69 5.73 -15.41
N ARG D 585 -3.96 5.75 -14.11
CA ARG D 585 -2.94 5.65 -13.06
C ARG D 585 -3.33 4.49 -12.13
N PRO D 586 -2.81 3.28 -12.40
CA PRO D 586 -3.41 2.05 -11.86
C PRO D 586 -3.75 2.00 -10.39
N CYS D 587 -2.73 1.99 -9.53
CA CYS D 587 -2.89 1.94 -8.08
C CYS D 587 -1.84 2.72 -7.33
N PHE D 588 -0.56 2.37 -7.52
CA PHE D 588 0.55 2.95 -6.78
C PHE D 588 1.74 3.28 -7.67
N SER D 589 1.74 2.81 -8.92
CA SER D 589 2.84 3.05 -9.83
C SER D 589 2.64 4.38 -10.55
N ASN D 590 3.59 4.70 -11.43
CA ASN D 590 3.60 5.99 -12.12
C ASN D 590 3.26 5.87 -13.61
N LYS D 591 2.98 4.66 -14.10
CA LYS D 591 2.58 4.50 -15.49
C LYS D 591 1.24 5.19 -15.73
N ILE D 592 1.15 5.92 -16.84
CA ILE D 592 0.00 6.76 -17.12
C ILE D 592 -0.70 6.43 -18.43
N ASN D 593 -0.15 5.56 -19.25
CA ASN D 593 -0.72 5.25 -20.56
C ASN D 593 -0.78 3.73 -20.74
N ASN D 594 -1.81 3.28 -21.45
CA ASN D 594 -1.95 1.85 -21.73
C ASN D 594 -2.58 1.66 -23.10
N ARG D 595 -2.30 0.50 -23.69
CA ARG D 595 -2.79 0.18 -25.02
C ARG D 595 -4.22 -0.32 -24.96
N ASN D 596 -5.02 0.06 -25.97
CA ASN D 596 -6.43 -0.25 -26.03
C ASN D 596 -6.70 -1.19 -27.19
N HIS D 597 -7.10 -2.43 -26.88
CA HIS D 597 -7.50 -3.40 -27.88
C HIS D 597 -8.90 -3.97 -27.65
N ALA D 598 -9.51 -3.68 -26.51
CA ALA D 598 -10.74 -4.36 -26.12
C ALA D 598 -11.93 -3.92 -26.98
N THR D 599 -12.85 -4.87 -27.18
CA THR D 599 -14.17 -4.58 -27.76
C THR D 599 -15.13 -4.44 -26.60
N ILE D 600 -15.35 -3.20 -26.16
CA ILE D 600 -16.14 -2.94 -24.96
C ILE D 600 -17.61 -3.18 -25.30
N ILE D 601 -18.23 -4.14 -24.62
CA ILE D 601 -19.62 -4.50 -24.84
C ILE D 601 -20.40 -4.19 -23.57
N ILE D 602 -21.52 -3.48 -23.71
CA ILE D 602 -22.33 -3.04 -22.58
C ILE D 602 -23.71 -3.66 -22.73
N ASP D 603 -24.09 -4.54 -21.83
CA ASP D 603 -25.38 -5.22 -21.88
C ASP D 603 -26.29 -4.63 -20.81
N THR D 604 -27.46 -4.15 -21.24
CA THR D 604 -28.36 -3.45 -20.34
C THR D 604 -29.80 -3.84 -20.64
N ASN D 605 -30.63 -3.77 -19.59
CA ASN D 605 -32.07 -3.95 -19.75
C ASN D 605 -32.77 -2.60 -19.92
N TYR D 606 -32.56 -1.70 -18.96
CA TYR D 606 -33.12 -0.36 -19.03
C TYR D 606 -32.34 0.48 -20.04
N LYS D 607 -33.00 1.50 -20.56
CA LYS D 607 -32.38 2.37 -21.56
C LYS D 607 -31.28 3.22 -20.95
N PRO D 608 -30.07 3.20 -21.48
CA PRO D 608 -29.02 4.09 -20.98
C PRO D 608 -29.33 5.54 -21.30
N VAL D 609 -28.98 6.42 -20.37
CA VAL D 609 -29.11 7.86 -20.55
C VAL D 609 -27.77 8.50 -20.22
N PHE D 610 -27.31 9.38 -21.11
CA PHE D 610 -26.00 10.00 -21.00
C PHE D 610 -26.12 11.40 -20.43
N ASP D 611 -25.03 11.86 -19.80
CA ASP D 611 -25.02 13.19 -19.22
C ASP D 611 -25.18 14.26 -20.29
N ARG D 612 -24.57 14.06 -21.45
CA ARG D 612 -24.61 15.02 -22.54
C ARG D 612 -24.37 14.32 -23.85
N ILE D 613 -25.30 14.47 -24.79
CA ILE D 613 -25.20 13.80 -26.09
C ILE D 613 -24.95 14.87 -27.16
N ASP D 614 -24.27 14.45 -28.22
CA ASP D 614 -23.95 15.36 -29.31
C ASP D 614 -23.55 14.53 -30.53
N ASN D 615 -23.17 15.25 -31.60
CA ASN D 615 -22.84 14.60 -32.87
C ASN D 615 -21.64 13.67 -32.71
N ALA D 616 -20.61 14.13 -31.96
CA ALA D 616 -19.43 13.30 -31.76
C ALA D 616 -19.77 12.04 -30.98
N LEU D 617 -20.62 12.15 -29.96
CA LEU D 617 -21.01 10.97 -29.19
C LEU D 617 -21.83 10.00 -30.03
N MET D 618 -22.70 10.51 -30.92
CA MET D 618 -23.53 9.63 -31.72
C MET D 618 -22.74 8.77 -32.70
N ARG D 619 -21.46 9.07 -32.91
CA ARG D 619 -20.65 8.32 -33.86
C ARG D 619 -19.97 7.10 -33.25
N ARG D 620 -20.14 6.84 -31.95
CA ARG D 620 -19.37 5.81 -31.27
C ARG D 620 -20.24 4.79 -30.55
N ILE D 621 -21.49 4.59 -30.98
CA ILE D 621 -22.43 3.72 -30.28
C ILE D 621 -23.13 2.82 -31.29
N ALA D 622 -23.17 1.53 -30.99
CA ALA D 622 -23.92 0.56 -31.77
C ALA D 622 -24.80 -0.26 -30.83
N VAL D 623 -25.96 -0.70 -31.35
CA VAL D 623 -26.97 -1.36 -30.54
C VAL D 623 -27.33 -2.70 -31.21
N VAL D 624 -27.39 -3.75 -30.40
CA VAL D 624 -27.86 -5.07 -30.83
C VAL D 624 -29.03 -5.46 -29.94
N ARG D 625 -30.16 -5.79 -30.56
CA ARG D 625 -31.40 -6.05 -29.82
C ARG D 625 -31.60 -7.55 -29.60
N PHE D 626 -32.17 -7.88 -28.45
CA PHE D 626 -32.43 -9.26 -28.06
C PHE D 626 -33.94 -9.47 -27.98
N ARG D 627 -34.45 -10.46 -28.71
CA ARG D 627 -35.88 -10.66 -28.85
C ARG D 627 -36.35 -12.00 -28.30
N THR D 628 -35.73 -13.11 -28.69
CA THR D 628 -36.25 -14.43 -28.37
C THR D 628 -35.86 -14.83 -26.95
N HIS D 629 -36.86 -15.15 -26.13
CA HIS D 629 -36.67 -15.48 -24.73
C HIS D 629 -37.09 -16.92 -24.46
N PHE D 630 -36.58 -17.47 -23.36
CA PHE D 630 -36.85 -18.85 -22.96
C PHE D 630 -37.59 -18.86 -21.63
N SER D 631 -38.60 -19.70 -21.50
CA SER D 631 -39.42 -19.78 -20.31
C SER D 631 -39.54 -21.22 -19.85
N GLN D 632 -39.61 -21.40 -18.53
CA GLN D 632 -39.81 -22.71 -17.94
C GLN D 632 -41.20 -23.23 -18.30
N PRO D 633 -41.42 -24.55 -18.22
CA PRO D 633 -42.80 -25.04 -18.42
C PRO D 633 -43.81 -24.43 -17.46
N SER D 634 -43.42 -24.18 -16.21
CA SER D 634 -44.35 -23.59 -15.25
C SER D 634 -44.56 -22.11 -15.52
N GLY D 635 -43.50 -21.38 -15.84
CA GLY D 635 -43.58 -19.97 -16.13
C GLY D 635 -43.88 -19.65 -17.58
N ARG D 636 -44.25 -20.65 -18.39
CA ARG D 636 -44.52 -20.41 -19.79
C ARG D 636 -45.74 -19.51 -19.98
N GLU D 637 -46.82 -19.77 -19.24
CA GLU D 637 -47.99 -18.92 -19.35
C GLU D 637 -47.73 -17.52 -18.81
N ALA D 638 -46.81 -17.40 -17.85
CA ALA D 638 -46.49 -16.10 -17.29
C ALA D 638 -45.65 -15.26 -18.26
N ALA D 639 -44.67 -15.88 -18.90
CA ALA D 639 -43.74 -15.16 -19.78
C ALA D 639 -44.15 -15.16 -21.24
N GLU D 640 -45.21 -15.88 -21.61
CA GLU D 640 -45.64 -15.92 -23.00
C GLU D 640 -46.32 -14.64 -23.45
N ASN D 641 -46.61 -13.74 -22.52
CA ASN D 641 -47.25 -12.46 -22.82
C ASN D 641 -46.31 -11.36 -22.34
N ASN D 642 -45.47 -10.87 -23.25
CA ASN D 642 -44.56 -9.77 -22.96
C ASN D 642 -44.53 -8.83 -24.15
N ASP D 643 -44.33 -7.55 -23.87
CA ASP D 643 -44.43 -6.53 -24.91
C ASP D 643 -43.29 -6.64 -25.91
N ALA D 644 -42.06 -6.73 -25.44
CA ALA D 644 -40.90 -6.71 -26.32
C ALA D 644 -40.44 -8.10 -26.75
N TYR D 645 -41.11 -9.15 -26.30
CA TYR D 645 -40.75 -10.50 -26.71
C TYR D 645 -41.20 -10.75 -28.15
N ASP D 646 -40.45 -11.59 -28.86
CA ASP D 646 -40.82 -12.03 -30.19
C ASP D 646 -40.98 -13.53 -30.31
N LYS D 647 -40.28 -14.32 -29.50
CA LYS D 647 -40.40 -15.77 -29.53
C LYS D 647 -40.22 -16.30 -28.12
N VAL D 648 -40.95 -17.37 -27.79
CA VAL D 648 -40.90 -17.99 -26.47
C VAL D 648 -40.43 -19.43 -26.65
N LYS D 649 -39.47 -19.84 -25.83
CA LYS D 649 -38.92 -21.19 -25.90
C LYS D 649 -38.73 -21.69 -24.47
N LEU D 650 -37.99 -22.79 -24.32
CA LEU D 650 -37.87 -23.50 -23.05
C LEU D 650 -36.51 -23.25 -22.41
N LEU D 651 -36.46 -23.45 -21.09
CA LEU D 651 -35.22 -23.36 -20.32
C LEU D 651 -34.39 -24.64 -20.48
N ASP D 652 -33.28 -24.68 -19.74
CA ASP D 652 -32.39 -25.85 -19.73
C ASP D 652 -31.59 -25.78 -18.44
N GLU D 653 -31.84 -26.72 -17.52
CA GLU D 653 -31.24 -26.64 -16.19
C GLU D 653 -29.73 -26.89 -16.24
N GLY D 654 -29.30 -27.85 -17.06
CA GLY D 654 -27.89 -28.18 -17.15
C GLY D 654 -27.09 -27.40 -18.17
N LEU D 655 -27.68 -26.36 -18.77
CA LEU D 655 -26.98 -25.63 -19.82
C LEU D 655 -25.78 -24.86 -19.27
N ASP D 656 -25.96 -24.19 -18.13
CA ASP D 656 -24.86 -23.41 -17.56
C ASP D 656 -23.71 -24.30 -17.12
N GLY D 657 -24.02 -25.40 -16.42
CA GLY D 657 -22.97 -26.34 -16.06
C GLY D 657 -22.30 -26.95 -17.27
N LYS D 658 -23.08 -27.26 -18.31
CA LYS D 658 -22.51 -27.86 -19.50
C LYS D 658 -21.59 -26.90 -20.25
N ILE D 659 -21.93 -25.61 -20.31
CA ILE D 659 -21.04 -24.65 -20.95
C ILE D 659 -19.80 -24.42 -20.08
N GLN D 660 -19.96 -24.44 -18.76
CA GLN D 660 -18.78 -24.40 -17.91
C GLN D 660 -17.94 -25.66 -18.03
N ASN D 661 -18.50 -26.74 -18.60
CA ASN D 661 -17.72 -27.92 -18.93
C ASN D 661 -16.93 -27.77 -20.23
N ASN D 662 -16.85 -26.55 -20.76
CA ASN D 662 -16.00 -26.19 -21.89
C ASN D 662 -16.21 -27.02 -23.16
N ARG D 663 -17.39 -27.63 -23.28
CA ARG D 663 -17.68 -28.45 -24.46
C ARG D 663 -17.79 -27.63 -25.73
N TYR D 664 -18.42 -26.45 -25.67
CA TYR D 664 -18.63 -25.62 -26.84
C TYR D 664 -17.43 -24.75 -27.18
N ARG D 665 -16.34 -24.86 -26.42
CA ARG D 665 -15.19 -23.97 -26.54
C ARG D 665 -14.61 -23.94 -27.95
N PHE D 666 -14.12 -25.09 -28.43
CA PHE D 666 -13.44 -25.10 -29.72
C PHE D 666 -14.40 -24.92 -30.90
N ALA D 667 -15.63 -25.44 -30.78
CA ALA D 667 -16.61 -25.21 -31.84
C ALA D 667 -16.93 -23.73 -31.97
N PHE D 668 -17.10 -23.03 -30.84
CA PHE D 668 -17.36 -21.60 -30.87
C PHE D 668 -16.14 -20.81 -31.32
N LEU D 669 -14.93 -21.30 -31.02
CA LEU D 669 -13.73 -20.71 -31.61
C LEU D 669 -13.75 -20.80 -33.12
N TYR D 670 -14.11 -21.97 -33.66
CA TYR D 670 -14.19 -22.14 -35.11
C TYR D 670 -15.25 -21.22 -35.70
N LEU D 671 -16.40 -21.10 -35.03
CA LEU D 671 -17.46 -20.20 -35.49
C LEU D 671 -16.99 -18.75 -35.50
N LEU D 672 -16.28 -18.33 -34.45
CA LEU D 672 -15.77 -16.97 -34.41
C LEU D 672 -14.75 -16.73 -35.52
N VAL D 673 -13.89 -17.71 -35.79
CA VAL D 673 -12.93 -17.58 -36.89
C VAL D 673 -13.66 -17.46 -38.22
N LYS D 674 -14.72 -18.25 -38.40
CA LYS D 674 -15.49 -18.19 -39.65
C LYS D 674 -16.13 -16.82 -39.84
N TRP D 675 -16.74 -16.27 -38.77
CA TRP D 675 -17.32 -14.93 -38.88
C TRP D 675 -16.24 -13.88 -39.13
N TYR D 676 -15.08 -14.02 -38.48
CA TYR D 676 -13.98 -13.09 -38.70
C TYR D 676 -13.56 -13.08 -40.16
N LYS D 677 -13.40 -14.26 -40.75
CA LYS D 677 -13.06 -14.35 -42.18
C LYS D 677 -14.16 -13.75 -43.04
N LYS D 678 -15.42 -13.99 -42.66
CA LYS D 678 -16.54 -13.45 -43.44
C LYS D 678 -16.53 -11.92 -43.45
N TYR D 679 -16.30 -11.30 -42.29
CA TYR D 679 -16.46 -9.86 -42.15
C TYR D 679 -15.17 -9.08 -42.36
N HIS D 680 -14.03 -9.75 -42.52
CA HIS D 680 -12.82 -9.07 -42.98
C HIS D 680 -12.78 -9.16 -44.50
N ILE D 681 -13.24 -8.10 -45.17
CA ILE D 681 -13.16 -8.03 -46.62
C ILE D 681 -12.59 -6.69 -47.08
N PRO D 682 -11.35 -6.35 -46.74
CA PRO D 682 -10.43 -7.02 -45.81
C PRO D 682 -10.40 -6.31 -44.46
N ILE D 683 -11.41 -5.48 -44.17
CA ILE D 683 -11.45 -4.65 -42.98
C ILE D 683 -12.71 -4.96 -42.20
N MET D 684 -12.65 -4.79 -40.88
CA MET D 684 -13.80 -4.96 -40.00
C MET D 684 -13.91 -3.74 -39.06
N LYS D 685 -13.95 -2.55 -39.66
CA LYS D 685 -14.29 -1.37 -38.89
C LYS D 685 -15.73 -1.46 -38.40
N LEU D 686 -15.93 -1.11 -37.13
CA LEU D 686 -17.26 -1.19 -36.52
C LEU D 686 -18.04 0.08 -36.83
N TYR D 687 -19.29 -0.10 -37.28
CA TYR D 687 -20.11 1.02 -37.74
C TYR D 687 -21.18 1.35 -36.71
N PRO D 688 -21.39 2.62 -36.41
CA PRO D 688 -22.42 2.99 -35.42
C PRO D 688 -23.82 2.81 -35.98
N THR D 689 -24.75 2.50 -35.07
CA THR D 689 -26.17 2.35 -35.39
C THR D 689 -26.97 3.22 -34.44
N PRO D 690 -27.10 4.52 -34.74
CA PRO D 690 -27.79 5.43 -33.81
C PRO D 690 -29.30 5.39 -33.89
N GLU D 691 -29.88 4.64 -34.82
CA GLU D 691 -31.34 4.66 -34.99
C GLU D 691 -32.07 3.98 -33.85
N GLU D 692 -31.39 3.14 -33.07
CA GLU D 692 -32.07 2.39 -32.01
C GLU D 692 -32.37 3.26 -30.80
N ILE D 693 -31.55 4.27 -30.54
CA ILE D 693 -31.70 5.05 -29.31
C ILE D 693 -32.68 6.20 -29.56
N PRO D 694 -33.84 6.21 -28.90
CA PRO D 694 -34.85 7.26 -29.15
C PRO D 694 -34.43 8.69 -28.85
N ASP D 695 -33.61 8.93 -27.81
CA ASP D 695 -33.20 10.31 -27.58
C ASP D 695 -32.18 10.77 -28.61
N PHE D 696 -31.32 9.86 -29.07
CA PHE D 696 -30.49 10.15 -30.24
C PHE D 696 -31.37 10.45 -31.45
N ALA D 697 -32.46 9.70 -31.60
CA ALA D 697 -33.38 9.94 -32.70
C ALA D 697 -34.02 11.32 -32.61
N PHE D 698 -34.37 11.74 -31.40
CA PHE D 698 -34.88 13.09 -31.20
C PHE D 698 -33.84 14.14 -31.57
N TYR D 699 -32.60 13.93 -31.12
CA TYR D 699 -31.54 14.89 -31.42
C TYR D 699 -31.26 14.99 -32.91
N LEU D 700 -31.33 13.87 -33.64
CA LEU D 700 -31.12 13.91 -35.08
C LEU D 700 -32.35 14.35 -35.86
N LYS D 701 -33.56 14.16 -35.31
CA LYS D 701 -34.74 14.65 -35.99
C LYS D 701 -34.87 16.16 -35.84
N ILE D 702 -34.33 16.72 -34.76
CA ILE D 702 -34.23 18.17 -34.68
C ILE D 702 -33.40 18.72 -35.83
N GLY D 703 -32.32 18.01 -36.20
CA GLY D 703 -31.51 18.42 -37.34
C GLY D 703 -32.14 18.14 -38.69
N THR D 704 -32.86 17.03 -38.81
CA THR D 704 -33.49 16.70 -40.09
C THR D 704 -34.67 17.62 -40.38
N LEU D 705 -35.43 18.01 -39.36
CA LEU D 705 -36.58 18.88 -39.55
C LEU D 705 -36.20 20.35 -39.64
N LEU D 706 -34.92 20.68 -39.51
CA LEU D 706 -34.43 22.05 -39.56
C LEU D 706 -33.28 22.11 -40.56
N VAL D 707 -32.79 23.33 -40.81
CA VAL D 707 -31.59 23.50 -41.61
C VAL D 707 -30.95 24.83 -41.25
N SER D 708 -29.64 24.82 -41.10
CA SER D 708 -28.90 26.05 -40.77
C SER D 708 -29.04 27.06 -41.90
N SER D 709 -29.10 28.34 -41.52
CA SER D 709 -29.18 29.41 -42.50
C SER D 709 -27.90 29.49 -43.32
N SER D 710 -28.06 29.62 -44.63
CA SER D 710 -26.92 29.67 -45.54
C SER D 710 -27.21 30.69 -46.63
N VAL D 711 -26.24 30.87 -47.54
CA VAL D 711 -26.36 31.87 -48.58
C VAL D 711 -27.58 31.64 -49.47
N LYS D 712 -27.96 30.39 -49.70
CA LYS D 712 -29.12 30.10 -50.53
C LYS D 712 -30.39 30.69 -49.94
N HIS D 713 -30.42 30.88 -48.62
CA HIS D 713 -31.59 31.49 -47.97
C HIS D 713 -31.51 33.00 -47.90
N ILE D 714 -30.37 33.60 -48.25
CA ILE D 714 -30.25 35.06 -48.17
C ILE D 714 -31.18 35.78 -49.15
N PRO D 715 -31.24 35.43 -50.43
CA PRO D 715 -32.09 36.21 -51.36
C PRO D 715 -33.58 36.15 -51.05
N LEU D 716 -34.04 35.16 -50.29
CA LEU D 716 -35.47 35.03 -50.00
C LEU D 716 -35.99 36.25 -49.25
N MET D 717 -35.47 36.47 -48.03
CA MET D 717 -35.78 37.67 -47.26
C MET D 717 -37.26 37.85 -46.98
N THR D 718 -37.89 38.79 -47.72
CA THR D 718 -39.25 39.20 -47.39
C THR D 718 -40.28 38.09 -47.66
N ASP D 719 -40.10 37.35 -48.75
CA ASP D 719 -41.07 36.32 -49.10
C ASP D 719 -41.15 35.25 -48.02
N LEU D 720 -40.00 34.83 -47.48
CA LEU D 720 -40.02 33.89 -46.38
C LEU D 720 -40.42 34.57 -45.07
N SER D 721 -40.10 35.85 -44.91
CA SER D 721 -40.51 36.58 -43.71
C SER D 721 -42.02 36.69 -43.62
N LYS D 722 -42.72 36.62 -44.75
CA LYS D 722 -44.17 36.60 -44.74
C LYS D 722 -44.72 35.40 -43.99
N LYS D 723 -43.98 34.29 -43.97
CA LYS D 723 -44.42 33.09 -43.28
C LYS D 723 -44.45 33.26 -41.76
N GLY D 724 -43.86 34.32 -41.23
CA GLY D 724 -43.85 34.55 -39.80
C GLY D 724 -42.46 34.78 -39.25
N TYR D 725 -41.51 35.09 -40.14
CA TYR D 725 -40.13 35.33 -39.79
C TYR D 725 -39.79 36.81 -39.93
N ILE D 726 -38.57 37.15 -39.52
CA ILE D 726 -38.05 38.50 -39.66
C ILE D 726 -36.66 38.44 -40.28
N LEU D 727 -36.12 39.62 -40.57
CA LEU D 727 -34.81 39.75 -41.17
C LEU D 727 -33.87 40.46 -40.21
N TYR D 728 -32.67 39.91 -40.03
CA TYR D 728 -31.63 40.49 -39.19
C TYR D 728 -30.31 40.38 -39.92
N ASP D 729 -29.75 41.53 -40.29
CA ASP D 729 -28.48 41.59 -41.05
C ASP D 729 -28.57 40.77 -42.33
N ASN D 730 -29.69 40.92 -43.04
CA ASN D 730 -29.96 40.18 -44.28
C ASN D 730 -29.95 38.67 -44.04
N VAL D 731 -30.30 38.25 -42.83
CA VAL D 731 -30.32 36.85 -42.43
C VAL D 731 -31.72 36.52 -41.92
N VAL D 732 -32.28 35.41 -42.40
CA VAL D 732 -33.60 34.99 -41.93
C VAL D 732 -33.51 34.60 -40.46
N THR D 733 -34.29 35.27 -39.62
CA THR D 733 -34.23 35.07 -38.18
C THR D 733 -35.64 34.89 -37.63
N LEU D 734 -35.78 34.05 -36.61
CA LEU D 734 -37.05 33.80 -35.94
C LEU D 734 -36.95 34.17 -34.46
N PRO D 735 -37.97 34.84 -33.92
CA PRO D 735 -37.97 35.11 -32.48
C PRO D 735 -37.99 33.83 -31.66
N LEU D 736 -37.39 33.89 -30.47
CA LEU D 736 -37.27 32.71 -29.63
C LEU D 736 -38.64 32.18 -29.21
N THR D 737 -39.56 33.08 -28.85
CA THR D 737 -40.88 32.66 -28.41
C THR D 737 -41.64 31.95 -29.53
N THR D 738 -41.63 32.54 -30.73
CA THR D 738 -42.31 31.91 -31.86
C THR D 738 -41.65 30.59 -32.25
N PHE D 739 -40.31 30.52 -32.16
CA PHE D 739 -39.62 29.26 -32.43
C PHE D 739 -40.03 28.19 -31.43
N GLN D 740 -40.16 28.57 -30.15
CA GLN D 740 -40.63 27.62 -29.14
C GLN D 740 -42.05 27.17 -29.43
N GLN D 741 -42.92 28.09 -29.84
CA GLN D 741 -44.29 27.71 -30.19
C GLN D 741 -44.30 26.75 -31.37
N LYS D 742 -43.45 26.99 -32.37
CA LYS D 742 -43.40 26.10 -33.53
C LYS D 742 -42.90 24.71 -33.15
N ILE D 743 -41.81 24.64 -32.38
CA ILE D 743 -41.24 23.33 -32.07
C ILE D 743 -42.10 22.58 -31.06
N SER D 744 -42.93 23.29 -30.28
CA SER D 744 -43.71 22.66 -29.23
C SER D 744 -44.75 21.67 -29.74
N LYS D 745 -45.05 21.67 -31.03
CA LYS D 745 -46.08 20.81 -31.59
C LYS D 745 -45.53 19.51 -32.16
N TYR D 746 -44.25 19.21 -31.94
CA TYR D 746 -43.64 17.98 -32.44
C TYR D 746 -43.24 17.01 -31.33
N PHE D 747 -42.46 17.48 -30.36
CA PHE D 747 -41.93 16.61 -29.32
C PHE D 747 -42.86 16.64 -28.09
N ASN D 748 -42.43 15.99 -27.01
CA ASN D 748 -43.12 16.04 -25.73
C ASN D 748 -42.42 17.05 -24.84
N SER D 749 -43.15 18.08 -24.40
CA SER D 749 -42.54 19.12 -23.59
C SER D 749 -42.01 18.55 -22.27
N ARG D 750 -42.79 17.68 -21.63
CA ARG D 750 -42.40 17.17 -20.32
C ARG D 750 -41.09 16.40 -20.38
N LEU D 751 -40.87 15.65 -21.44
CA LEU D 751 -39.64 14.87 -21.57
C LEU D 751 -38.48 15.67 -22.15
N PHE D 752 -38.76 16.63 -23.04
CA PHE D 752 -37.70 17.31 -23.77
C PHE D 752 -37.53 18.78 -23.37
N GLY D 753 -38.06 19.20 -22.23
CA GLY D 753 -37.82 20.57 -21.80
C GLY D 753 -36.36 20.84 -21.49
N HIS D 754 -35.71 19.91 -20.78
CA HIS D 754 -34.29 20.08 -20.51
C HIS D 754 -33.48 20.06 -21.79
N ASP D 755 -33.86 19.21 -22.75
CA ASP D 755 -33.16 19.16 -24.03
C ASP D 755 -33.35 20.46 -24.80
N ILE D 756 -34.54 21.06 -24.73
CA ILE D 756 -34.78 22.33 -25.42
C ILE D 756 -33.97 23.44 -24.79
N GLU D 757 -33.93 23.50 -23.45
CA GLU D 757 -33.08 24.47 -22.78
C GLU D 757 -31.62 24.27 -23.16
N SER D 758 -31.19 23.00 -23.25
CA SER D 758 -29.82 22.69 -23.62
C SER D 758 -29.51 23.17 -25.03
N PHE D 759 -30.41 22.92 -25.98
CA PHE D 759 -30.22 23.39 -27.34
C PHE D 759 -30.17 24.91 -27.41
N ILE D 760 -31.03 25.57 -26.63
CA ILE D 760 -31.07 27.03 -26.63
C ILE D 760 -29.75 27.60 -26.12
N ASN D 761 -29.24 27.07 -25.00
CA ASN D 761 -27.99 27.57 -24.47
C ASN D 761 -26.77 27.07 -25.25
N ARG D 762 -26.94 26.08 -26.12
CA ARG D 762 -25.85 25.57 -26.94
C ARG D 762 -25.73 26.28 -28.28
N HIS D 763 -26.84 26.80 -28.83
CA HIS D 763 -26.81 27.49 -30.11
C HIS D 763 -27.43 28.88 -30.01
N LYS D 764 -27.22 29.58 -28.91
CA LYS D 764 -27.77 30.92 -28.75
C LYS D 764 -26.89 31.95 -29.46
N LYS D 765 -27.54 33.03 -29.90
CA LYS D 765 -26.84 34.16 -30.50
C LYS D 765 -27.49 35.45 -29.99
N PHE D 766 -26.66 36.35 -29.44
CA PHE D 766 -27.14 37.60 -28.89
C PHE D 766 -26.35 38.76 -29.48
N ALA D 767 -27.02 39.89 -29.67
CA ALA D 767 -26.39 41.07 -30.24
C ALA D 767 -26.54 42.28 -29.33
N ASN D 768 -27.63 42.32 -28.56
CA ASN D 768 -27.88 43.43 -27.66
C ASN D 768 -28.84 42.95 -26.56
N VAL D 769 -29.41 43.89 -25.83
CA VAL D 769 -30.29 43.55 -24.71
C VAL D 769 -31.55 42.84 -25.20
N SER D 770 -32.11 43.30 -26.32
CA SER D 770 -33.41 42.82 -26.76
C SER D 770 -33.30 41.65 -27.74
N ASP D 771 -32.64 41.86 -28.88
CA ASP D 771 -32.67 40.88 -29.96
C ASP D 771 -31.96 39.59 -29.58
N GLU D 772 -32.56 38.47 -29.93
CA GLU D 772 -31.96 37.14 -29.79
C GLU D 772 -32.14 36.42 -31.10
N TYR D 773 -31.04 36.08 -31.76
CA TYR D 773 -31.07 35.56 -33.12
C TYR D 773 -30.81 34.06 -33.14
N LEU D 774 -31.50 33.37 -34.06
CA LEU D 774 -31.26 31.97 -34.34
C LEU D 774 -31.03 31.81 -35.84
N GLN D 775 -29.89 31.24 -36.20
CA GLN D 775 -29.53 31.07 -37.61
C GLN D 775 -29.99 29.72 -38.15
N TYR D 776 -31.28 29.43 -37.97
CA TYR D 776 -31.86 28.18 -38.43
C TYR D 776 -33.24 28.45 -39.02
N ILE D 777 -33.64 27.63 -39.98
CA ILE D 777 -34.90 27.78 -40.69
C ILE D 777 -35.52 26.40 -40.87
N PHE D 778 -36.84 26.32 -40.70
CA PHE D 778 -37.54 25.06 -40.88
C PHE D 778 -37.53 24.63 -42.34
N ILE D 779 -37.33 23.34 -42.56
CA ILE D 779 -37.31 22.82 -43.93
C ILE D 779 -38.68 22.88 -44.56
N GLU D 780 -39.75 22.64 -43.78
CA GLU D 780 -41.10 22.66 -44.33
C GLU D 780 -41.50 24.06 -44.77
N ASP D 781 -40.99 25.10 -44.10
CA ASP D 781 -41.26 26.47 -44.54
C ASP D 781 -40.65 26.74 -45.91
N ILE D 782 -39.43 26.25 -46.14
CA ILE D 782 -38.81 26.38 -47.45
C ILE D 782 -39.57 25.58 -48.50
N SER D 783 -39.96 24.34 -48.16
CA SER D 783 -40.65 23.49 -49.11
C SER D 783 -42.00 24.08 -49.51
N SER D 784 -42.75 24.59 -48.55
CA SER D 784 -44.07 25.15 -48.84
C SER D 784 -43.93 26.47 -49.58
N PRO D 785 -44.63 26.65 -50.71
CA PRO D 785 -44.59 27.89 -51.50
C PRO D 785 -45.05 29.11 -50.71
N GLY E 323 51.43 -2.30 -14.06
CA GLY E 323 50.78 -2.19 -12.77
C GLY E 323 49.33 -1.72 -12.88
N ASN E 324 48.41 -2.56 -12.37
CA ASN E 324 46.98 -2.29 -12.42
C ASN E 324 46.50 -2.09 -13.86
N LYS E 325 46.56 -3.21 -14.59
CA LYS E 325 46.03 -3.25 -15.94
C LYS E 325 44.57 -2.84 -15.97
N LEU E 326 43.79 -3.23 -14.95
CA LEU E 326 42.38 -2.87 -14.93
C LEU E 326 42.19 -1.37 -14.70
N PHE E 327 43.06 -0.75 -13.88
CA PHE E 327 43.00 0.70 -13.72
C PHE E 327 43.38 1.40 -15.02
N ASN E 328 44.37 0.87 -15.75
CA ASN E 328 44.71 1.44 -17.04
C ASN E 328 43.55 1.34 -18.02
N ILE E 329 42.86 0.20 -18.01
CA ILE E 329 41.69 0.02 -18.88
C ILE E 329 40.61 1.04 -18.53
N ALA E 330 40.35 1.22 -17.24
CA ALA E 330 39.34 2.19 -16.81
C ALA E 330 39.73 3.61 -17.23
N GLN E 331 41.00 3.96 -17.07
CA GLN E 331 41.46 5.29 -17.48
C GLN E 331 41.31 5.49 -18.99
N ARG E 332 41.65 4.48 -19.78
CA ARG E 332 41.49 4.58 -21.22
C ARG E 332 40.03 4.72 -21.62
N ILE E 333 39.14 3.98 -20.96
CA ILE E 333 37.72 4.12 -21.25
C ILE E 333 37.23 5.51 -20.89
N LEU E 334 37.65 6.04 -19.75
CA LEU E 334 37.23 7.37 -19.33
C LEU E 334 37.80 8.46 -20.22
N ASP E 335 38.93 8.21 -20.87
CA ASP E 335 39.51 9.22 -21.77
C ASP E 335 38.57 9.51 -22.94
N THR E 336 37.85 8.49 -23.44
CA THR E 336 36.99 8.66 -24.60
C THR E 336 35.73 9.46 -24.30
N ASN E 337 35.45 9.74 -23.03
CA ASN E 337 34.28 10.52 -22.61
C ASN E 337 32.98 9.83 -23.04
N SER E 338 32.87 8.56 -22.67
CA SER E 338 31.69 7.77 -22.97
C SER E 338 30.76 7.57 -21.77
N VAL E 339 31.22 7.87 -20.56
CA VAL E 339 30.39 7.86 -19.36
C VAL E 339 30.36 9.26 -18.80
N LEU E 340 29.16 9.74 -18.46
CA LEU E 340 29.01 11.06 -17.88
C LEU E 340 28.13 10.98 -16.65
N LEU E 341 28.39 11.86 -15.70
CA LEU E 341 27.57 11.99 -14.49
C LEU E 341 26.71 13.24 -14.66
N THR E 342 25.41 13.09 -14.48
CA THR E 342 24.48 14.19 -14.70
C THR E 342 24.14 14.88 -13.38
N GLU E 343 23.37 15.96 -13.49
CA GLU E 343 23.00 16.73 -12.31
C GLU E 343 21.94 16.01 -11.49
N ARG E 344 21.16 15.14 -12.12
CA ARG E 344 20.16 14.36 -11.41
C ARG E 344 20.72 13.08 -10.78
N GLY E 345 22.01 12.82 -10.96
CA GLY E 345 22.70 11.75 -10.25
C GLY E 345 22.89 10.48 -11.04
N ASP E 346 22.24 10.35 -12.20
CA ASP E 346 22.32 9.12 -12.98
C ASP E 346 23.47 9.20 -13.98
N HIS E 347 24.17 8.08 -14.16
CA HIS E 347 25.21 8.00 -15.17
C HIS E 347 24.59 7.74 -16.54
N ILE E 348 25.11 8.42 -17.55
CA ILE E 348 24.67 8.25 -18.93
C ILE E 348 25.84 7.72 -19.75
N VAL E 349 25.57 6.69 -20.55
CA VAL E 349 26.58 6.03 -21.36
C VAL E 349 26.25 6.23 -22.82
N TRP E 350 27.30 6.22 -23.65
CA TRP E 350 27.18 6.45 -25.08
C TRP E 350 27.22 5.10 -25.77
N ILE E 351 26.05 4.56 -26.08
CA ILE E 351 25.91 3.24 -26.67
C ILE E 351 25.13 3.38 -27.97
N ASN E 352 25.63 2.73 -29.03
CA ASN E 352 24.93 2.65 -30.31
C ASN E 352 24.57 4.04 -30.84
N ASN E 353 25.51 4.97 -30.70
CA ASN E 353 25.33 6.35 -31.14
C ASN E 353 24.14 7.03 -30.47
N SER E 354 23.96 6.77 -29.18
CA SER E 354 22.95 7.51 -28.42
C SER E 354 23.31 7.47 -26.94
N TRP E 355 22.84 8.48 -26.21
CA TRP E 355 23.02 8.55 -24.77
C TRP E 355 21.89 7.80 -24.08
N LYS E 356 22.25 6.86 -23.22
CA LYS E 356 21.28 6.01 -22.54
C LYS E 356 21.58 5.99 -21.05
N PHE E 357 20.53 5.76 -20.26
CA PHE E 357 20.71 5.64 -18.82
C PHE E 357 19.57 4.83 -18.23
N ASN E 358 19.82 4.29 -17.04
CA ASN E 358 18.79 3.55 -16.30
C ASN E 358 19.12 3.67 -14.83
N SER E 359 18.19 4.23 -14.05
CA SER E 359 18.44 4.49 -12.65
C SER E 359 18.55 3.21 -11.84
N GLU E 360 17.71 2.22 -12.13
CA GLU E 360 17.68 0.98 -11.37
C GLU E 360 18.65 -0.08 -11.90
N GLU E 361 19.32 0.19 -13.02
CA GLU E 361 20.27 -0.77 -13.58
C GLU E 361 21.25 -0.01 -14.47
N PRO E 362 22.35 0.48 -13.89
CA PRO E 362 23.33 1.22 -14.70
C PRO E 362 23.92 0.35 -15.80
N LEU E 363 24.27 0.99 -16.92
CA LEU E 363 24.71 0.30 -18.12
C LEU E 363 26.21 0.39 -18.34
N ILE E 364 26.98 0.59 -17.27
CA ILE E 364 28.42 0.80 -17.43
C ILE E 364 29.10 -0.48 -17.89
N THR E 365 28.67 -1.64 -17.36
CA THR E 365 29.25 -2.90 -17.81
C THR E 365 28.89 -3.18 -19.26
N LYS E 366 27.67 -2.82 -19.67
CA LYS E 366 27.30 -2.92 -21.08
C LYS E 366 28.21 -2.07 -21.95
N LEU E 367 28.49 -0.84 -21.51
CA LEU E 367 29.39 0.03 -22.27
C LEU E 367 30.80 -0.56 -22.34
N ILE E 368 31.28 -1.13 -21.23
CA ILE E 368 32.61 -1.73 -21.21
C ILE E 368 32.70 -2.87 -22.22
N LEU E 369 31.70 -3.76 -22.20
CA LEU E 369 31.70 -4.87 -23.13
C LEU E 369 31.60 -4.40 -24.58
N SER E 370 30.79 -3.38 -24.84
CA SER E 370 30.67 -2.86 -26.21
C SER E 370 31.90 -2.10 -26.68
N ILE E 371 32.66 -1.51 -25.75
CA ILE E 371 33.83 -0.72 -26.10
C ILE E 371 35.11 -1.54 -26.10
N ARG E 372 35.06 -2.81 -25.67
CA ARG E 372 36.26 -3.65 -25.64
C ARG E 372 36.99 -3.70 -26.99
N HIS E 373 36.31 -3.33 -28.08
CA HIS E 373 36.91 -3.48 -29.40
C HIS E 373 37.81 -2.31 -29.80
N GLN E 374 37.82 -1.23 -29.03
CA GLN E 374 38.64 -0.07 -29.33
C GLN E 374 39.96 -0.06 -28.57
N LEU E 375 40.24 -1.10 -27.82
CA LEU E 375 41.43 -1.24 -27.01
C LEU E 375 42.39 -2.26 -27.63
N PRO E 376 43.65 -2.27 -27.20
CA PRO E 376 44.57 -3.32 -27.66
C PRO E 376 44.07 -4.70 -27.27
N LYS E 377 44.66 -5.73 -27.90
CA LYS E 377 44.17 -7.08 -27.69
C LYS E 377 44.39 -7.55 -26.26
N GLU E 378 45.49 -7.12 -25.64
CA GLU E 378 45.76 -7.52 -24.26
C GLU E 378 44.74 -6.94 -23.30
N TYR E 379 44.25 -5.72 -23.57
CA TYR E 379 43.21 -5.15 -22.74
C TYR E 379 41.85 -5.76 -23.06
N SER E 380 41.62 -6.09 -24.33
CA SER E 380 40.30 -6.56 -24.75
C SER E 380 40.04 -8.00 -24.33
N SER E 381 41.09 -8.81 -24.19
CA SER E 381 40.89 -10.20 -23.77
C SER E 381 40.35 -10.29 -22.35
N GLU E 382 40.72 -9.34 -21.49
CA GLU E 382 40.33 -9.41 -20.08
C GLU E 382 38.91 -8.91 -19.83
N LEU E 383 38.30 -8.23 -20.79
CA LEU E 383 36.98 -7.66 -20.59
C LEU E 383 35.85 -8.65 -20.83
N LEU E 384 36.18 -9.92 -21.01
CA LEU E 384 35.16 -10.95 -21.18
C LEU E 384 34.71 -11.57 -19.87
N CYS E 385 35.33 -11.18 -18.74
CA CYS E 385 34.99 -11.71 -17.42
C CYS E 385 34.13 -10.70 -16.66
N PRO E 386 32.95 -11.11 -16.19
CA PRO E 386 32.09 -10.17 -15.45
C PRO E 386 32.76 -9.59 -14.21
N ARG E 387 33.60 -10.36 -13.52
CA ARG E 387 34.29 -9.84 -12.36
C ARG E 387 35.22 -8.69 -12.74
N LYS E 388 35.98 -8.86 -13.82
CA LYS E 388 36.88 -7.79 -14.25
C LYS E 388 36.10 -6.59 -14.76
N ARG E 389 34.97 -6.83 -15.43
CA ARG E 389 34.13 -5.71 -15.86
C ARG E 389 33.60 -4.93 -14.66
N LYS E 390 33.21 -5.64 -13.59
CA LYS E 390 32.73 -4.95 -12.40
C LYS E 390 33.86 -4.17 -11.72
N THR E 391 35.07 -4.72 -11.70
CA THR E 391 36.21 -3.98 -11.16
C THR E 391 36.46 -2.69 -11.95
N VAL E 392 36.42 -2.79 -13.28
CA VAL E 392 36.58 -1.61 -14.12
C VAL E 392 35.47 -0.60 -13.86
N GLU E 393 34.24 -1.08 -13.65
CA GLU E 393 33.13 -0.18 -13.38
C GLU E 393 33.32 0.54 -12.06
N ALA E 394 33.80 -0.16 -11.03
CA ALA E 394 34.08 0.48 -9.76
C ALA E 394 35.15 1.56 -9.92
N ASN E 395 36.18 1.27 -10.71
CA ASN E 395 37.21 2.28 -10.96
C ASN E 395 36.62 3.51 -11.65
N ILE E 396 35.78 3.29 -12.66
CA ILE E 396 35.17 4.41 -13.38
C ILE E 396 34.29 5.24 -12.46
N ARG E 397 33.50 4.57 -11.62
CA ARG E 397 32.63 5.27 -10.68
C ARG E 397 33.45 6.12 -9.71
N ASP E 398 34.58 5.60 -9.23
CA ASP E 398 35.43 6.39 -8.37
C ASP E 398 36.06 7.57 -9.11
N MET E 399 36.37 7.38 -10.40
CA MET E 399 36.98 8.46 -11.19
C MET E 399 36.01 9.58 -11.53
N LEU E 400 34.72 9.30 -11.69
CA LEU E 400 33.75 10.32 -12.07
C LEU E 400 33.36 11.13 -10.84
N VAL E 401 33.78 12.39 -10.80
CA VAL E 401 33.56 13.25 -9.64
C VAL E 401 32.61 14.40 -9.96
N ASP E 402 32.75 15.02 -11.14
CA ASP E 402 32.01 16.22 -11.48
C ASP E 402 30.83 15.89 -12.39
N SER E 403 29.79 16.72 -12.30
CA SER E 403 28.57 16.55 -13.07
C SER E 403 28.54 17.52 -14.24
N VAL E 404 27.70 17.21 -15.23
CA VAL E 404 27.57 17.99 -16.44
C VAL E 404 26.10 18.28 -16.70
N GLU E 405 25.86 19.27 -17.56
CA GLU E 405 24.51 19.68 -17.93
C GLU E 405 24.16 19.08 -19.29
N THR E 406 22.90 18.68 -19.43
CA THR E 406 22.44 17.97 -20.62
C THR E 406 21.25 18.69 -21.24
N ASP E 407 21.04 18.44 -22.53
CA ASP E 407 19.90 18.98 -23.28
C ASP E 407 19.91 20.51 -23.28
N THR E 408 20.98 21.07 -23.85
CA THR E 408 21.15 22.51 -23.90
C THR E 408 21.04 23.10 -25.31
N TYR E 409 20.97 22.26 -26.34
CA TYR E 409 20.80 22.73 -27.71
C TYR E 409 19.35 22.56 -28.13
N PRO E 410 18.60 23.64 -28.38
CA PRO E 410 17.19 23.50 -28.72
C PRO E 410 16.90 23.19 -30.18
N ASP E 411 17.88 23.29 -31.07
CA ASP E 411 17.67 23.12 -32.50
C ASP E 411 18.29 21.82 -33.03
N LYS E 412 18.37 20.79 -32.19
CA LYS E 412 18.90 19.51 -32.58
C LYS E 412 17.86 18.43 -32.28
N LEU E 413 17.48 17.68 -33.30
CA LEU E 413 16.47 16.64 -33.13
C LEU E 413 17.15 15.29 -32.98
N PRO E 414 17.07 14.65 -31.83
CA PRO E 414 17.80 13.40 -31.63
C PRO E 414 17.01 12.16 -32.03
N PHE E 415 17.62 11.32 -32.87
CA PHE E 415 17.09 10.03 -33.26
C PHE E 415 17.95 8.93 -32.66
N LYS E 416 17.39 7.70 -32.66
CA LYS E 416 18.03 6.59 -31.98
C LYS E 416 19.47 6.38 -32.43
N ASN E 417 19.78 6.72 -33.67
CA ASN E 417 21.12 6.51 -34.21
C ASN E 417 21.81 7.81 -34.64
N GLY E 418 21.41 8.96 -34.09
CA GLY E 418 22.12 10.18 -34.44
C GLY E 418 21.37 11.41 -34.01
N VAL E 419 21.78 12.55 -34.58
CA VAL E 419 21.15 13.84 -34.31
C VAL E 419 21.05 14.62 -35.60
N LEU E 420 19.86 15.16 -35.89
CA LEU E 420 19.63 15.97 -37.07
C LEU E 420 19.72 17.45 -36.70
N ASP E 421 20.49 18.21 -37.47
CA ASP E 421 20.64 19.64 -37.26
C ASP E 421 19.52 20.36 -38.00
N LEU E 422 18.64 21.04 -37.25
CA LEU E 422 17.51 21.71 -37.87
C LEU E 422 17.90 22.98 -38.60
N VAL E 423 19.04 23.58 -38.24
CA VAL E 423 19.46 24.81 -38.91
C VAL E 423 19.92 24.51 -40.33
N ASP E 424 20.68 23.43 -40.52
CA ASP E 424 21.27 23.10 -41.82
C ASP E 424 20.61 21.91 -42.51
N GLY E 425 19.95 21.03 -41.78
CA GLY E 425 19.38 19.84 -42.38
C GLY E 425 20.33 18.65 -42.48
N MET E 426 21.52 18.76 -41.90
CA MET E 426 22.48 17.66 -41.94
C MET E 426 22.22 16.68 -40.80
N PHE E 427 22.71 15.46 -40.99
CA PHE E 427 22.58 14.39 -40.01
C PHE E 427 23.96 14.02 -39.50
N TYR E 428 24.09 13.86 -38.18
CA TYR E 428 25.34 13.53 -37.52
C TYR E 428 25.19 12.20 -36.80
N SER E 429 26.19 11.33 -36.96
CA SER E 429 26.21 10.05 -36.28
C SER E 429 27.59 9.81 -35.70
N GLY E 430 27.64 9.32 -34.47
CA GLY E 430 28.89 8.98 -33.83
C GLY E 430 29.45 10.14 -33.03
N ASP E 431 30.75 10.40 -33.19
CA ASP E 431 31.40 11.43 -32.39
C ASP E 431 30.87 12.81 -32.71
N ASP E 432 30.37 13.03 -33.92
CA ASP E 432 29.78 14.32 -34.26
C ASP E 432 28.46 14.54 -33.53
N ALA E 433 27.66 13.49 -33.36
CA ALA E 433 26.43 13.59 -32.59
C ALA E 433 26.66 13.48 -31.09
N LYS E 434 27.86 13.08 -30.66
CA LYS E 434 28.12 12.96 -29.23
C LYS E 434 28.22 14.31 -28.54
N LYS E 435 28.57 15.38 -29.26
CA LYS E 435 28.76 16.69 -28.64
C LYS E 435 27.48 17.16 -27.97
N TYR E 436 26.36 17.03 -28.65
CA TYR E 436 25.06 17.42 -28.11
C TYR E 436 24.57 16.31 -27.19
N THR E 437 24.60 16.57 -25.88
CA THR E 437 24.27 15.56 -24.89
C THR E 437 22.75 15.46 -24.78
N CYS E 438 22.14 14.92 -25.82
CA CYS E 438 20.69 14.75 -25.87
C CYS E 438 20.32 13.43 -25.21
N THR E 439 19.61 13.52 -24.07
CA THR E 439 19.21 12.35 -23.31
C THR E 439 17.79 11.90 -23.62
N VAL E 440 17.15 12.47 -24.63
CA VAL E 440 15.86 12.03 -25.13
C VAL E 440 16.00 11.73 -26.61
N SER E 441 15.06 10.96 -27.14
CA SER E 441 15.14 10.55 -28.54
C SER E 441 13.74 10.23 -29.05
N THR E 442 13.62 10.22 -30.38
CA THR E 442 12.39 9.75 -31.00
C THR E 442 12.16 8.28 -30.75
N GLY E 443 13.23 7.50 -30.65
CA GLY E 443 13.16 6.08 -30.39
C GLY E 443 13.41 5.20 -31.60
N PHE E 444 13.32 5.76 -32.80
CA PHE E 444 13.52 5.00 -34.03
C PHE E 444 14.73 5.55 -34.79
N LYS E 445 15.14 4.81 -35.81
CA LYS E 445 16.31 5.17 -36.59
C LYS E 445 15.94 6.14 -37.70
N PHE E 446 16.94 6.92 -38.13
CA PHE E 446 16.77 7.90 -39.19
C PHE E 446 17.15 7.26 -40.52
N ASP E 447 16.25 7.34 -41.50
CA ASP E 447 16.45 6.73 -42.80
C ASP E 447 16.69 7.83 -43.82
N ASP E 448 17.86 7.79 -44.47
CA ASP E 448 18.20 8.80 -45.46
C ASP E 448 17.31 8.68 -46.69
N THR E 449 17.07 7.44 -47.16
CA THR E 449 16.36 7.22 -48.41
C THR E 449 14.90 7.68 -48.37
N LYS E 450 14.35 7.95 -47.19
CA LYS E 450 12.97 8.41 -47.08
C LYS E 450 12.83 9.88 -46.75
N PHE E 451 13.89 10.52 -46.23
CA PHE E 451 13.84 11.95 -45.90
C PHE E 451 14.08 12.75 -47.19
N VAL E 452 13.15 12.59 -48.13
CA VAL E 452 13.28 13.14 -49.46
C VAL E 452 12.08 14.02 -49.78
N GLU E 453 12.28 14.95 -50.72
CA GLU E 453 11.24 15.92 -51.06
C GLU E 453 10.15 15.29 -51.93
N ASP E 454 10.53 14.41 -52.86
CA ASP E 454 9.58 13.80 -53.78
C ASP E 454 9.57 12.29 -53.58
N SER E 455 8.40 11.75 -53.24
CA SER E 455 8.23 10.31 -53.06
C SER E 455 6.73 10.01 -53.04
N PRO E 456 6.34 8.86 -53.60
CA PRO E 456 4.94 8.48 -53.61
C PRO E 456 4.15 8.80 -52.34
N GLU E 457 4.79 8.76 -51.17
CA GLU E 457 4.11 9.13 -49.93
C GLU E 457 3.93 10.63 -49.80
N MET E 458 4.79 11.42 -50.46
CA MET E 458 4.75 12.86 -50.28
C MET E 458 3.50 13.48 -50.87
N GLU E 459 3.10 13.06 -52.07
CA GLU E 459 1.87 13.60 -52.66
C GLU E 459 0.66 13.21 -51.84
N GLU E 460 0.61 11.97 -51.35
CA GLU E 460 -0.51 11.55 -50.51
C GLU E 460 -0.58 12.38 -49.24
N LEU E 461 0.56 12.58 -48.58
CA LEU E 461 0.57 13.39 -47.36
C LEU E 461 0.18 14.83 -47.64
N MET E 462 0.67 15.40 -48.75
CA MET E 462 0.34 16.77 -49.07
C MET E 462 -1.14 16.92 -49.37
N ASN E 463 -1.73 15.93 -50.04
CA ASN E 463 -3.18 15.98 -50.30
C ASN E 463 -3.97 15.86 -49.02
N ILE E 464 -3.54 15.00 -48.09
CA ILE E 464 -4.23 14.88 -46.81
C ILE E 464 -4.16 16.21 -46.05
N ILE E 465 -2.98 16.84 -46.05
CA ILE E 465 -2.81 18.10 -45.34
C ILE E 465 -3.66 19.20 -45.97
N ASN E 466 -3.64 19.29 -47.31
CA ASN E 466 -4.43 20.31 -47.99
C ASN E 466 -5.93 20.04 -47.88
N ASP E 467 -6.32 18.80 -47.59
CA ASP E 467 -7.74 18.53 -47.35
C ASP E 467 -8.14 18.91 -45.93
N ILE E 468 -7.30 18.59 -44.95
CA ILE E 468 -7.61 18.94 -43.56
C ILE E 468 -7.63 20.45 -43.39
N GLN E 469 -6.60 21.14 -43.89
CA GLN E 469 -6.51 22.59 -43.84
C GLN E 469 -6.40 23.14 -45.26
N PRO E 470 -7.50 23.61 -45.85
CA PRO E 470 -7.45 24.09 -47.24
C PRO E 470 -6.56 25.31 -47.39
N LEU E 471 -6.22 25.60 -48.65
CA LEU E 471 -5.33 26.69 -49.00
C LEU E 471 -6.07 27.93 -49.48
N THR E 472 -7.37 28.03 -49.17
CA THR E 472 -8.14 29.19 -49.59
C THR E 472 -7.66 30.45 -48.89
N ASP E 473 -7.88 31.60 -49.53
CA ASP E 473 -7.43 32.86 -48.97
C ASP E 473 -8.10 33.17 -47.64
N GLU E 474 -9.32 32.65 -47.43
CA GLU E 474 -9.97 32.81 -46.12
C GLU E 474 -9.18 32.09 -45.03
N ASN E 475 -8.64 30.92 -45.35
CA ASN E 475 -7.94 30.07 -44.39
C ASN E 475 -6.45 30.35 -44.34
N LYS E 476 -6.00 31.50 -44.86
CA LYS E 476 -4.56 31.76 -44.95
C LYS E 476 -3.92 31.87 -43.57
N LYS E 477 -4.48 32.73 -42.71
CA LYS E 477 -3.91 32.91 -41.38
C LYS E 477 -4.04 31.64 -40.54
N ASN E 478 -5.18 30.96 -40.64
CA ASN E 478 -5.38 29.73 -39.88
C ASN E 478 -4.38 28.67 -40.32
N ARG E 479 -4.14 28.53 -41.63
CA ARG E 479 -3.18 27.57 -42.12
C ARG E 479 -1.76 27.94 -41.69
N GLU E 480 -1.43 29.23 -41.72
CA GLU E 480 -0.12 29.67 -41.26
C GLU E 480 0.08 29.32 -39.79
N LEU E 481 -0.93 29.58 -38.94
CA LEU E 481 -0.82 29.25 -37.53
C LEU E 481 -0.74 27.75 -37.31
N TYR E 482 -1.49 26.97 -38.11
CA TYR E 482 -1.42 25.52 -38.06
C TYR E 482 0.01 25.04 -38.31
N GLU E 483 0.62 25.52 -39.40
CA GLU E 483 1.99 25.12 -39.73
C GLU E 483 2.97 25.56 -38.66
N LYS E 484 2.83 26.79 -38.16
CA LYS E 484 3.74 27.31 -37.15
C LYS E 484 3.69 26.48 -35.87
N THR E 485 2.47 26.24 -35.36
CA THR E 485 2.32 25.46 -34.14
C THR E 485 2.82 24.04 -34.33
N LEU E 486 2.54 23.43 -35.48
CA LEU E 486 2.98 22.06 -35.71
C LEU E 486 4.50 21.96 -35.78
N SER E 487 5.15 22.93 -36.45
CA SER E 487 6.60 22.89 -36.58
C SER E 487 7.31 23.27 -35.30
N SER E 488 6.66 24.02 -34.41
CA SER E 488 7.29 24.36 -33.13
C SER E 488 7.50 23.15 -32.24
N CYS E 489 6.88 22.00 -32.56
CA CYS E 489 7.04 20.80 -31.75
C CYS E 489 8.41 20.16 -31.93
N LEU E 490 9.24 20.69 -32.83
CA LEU E 490 10.57 20.14 -33.07
C LEU E 490 11.62 20.77 -32.18
N CYS E 491 11.55 22.07 -31.93
CA CYS E 491 12.57 22.76 -31.16
C CYS E 491 12.42 22.49 -29.68
N GLY E 492 13.53 22.19 -29.01
CA GLY E 492 13.53 21.88 -27.60
C GLY E 492 13.78 23.08 -26.71
N ALA E 493 12.87 24.05 -26.74
CA ALA E 493 12.94 25.23 -25.89
C ALA E 493 11.59 25.40 -25.20
N THR E 494 11.42 26.51 -24.50
CA THR E 494 10.18 26.78 -23.78
C THR E 494 9.26 27.63 -24.65
N LYS E 495 8.01 27.19 -24.77
CA LYS E 495 7.01 27.87 -25.58
C LYS E 495 6.09 28.70 -24.69
N GLY E 496 5.66 29.85 -25.21
CA GLY E 496 4.94 30.83 -24.43
C GLY E 496 3.43 30.79 -24.49
N CYS E 497 2.83 29.89 -25.27
CA CYS E 497 1.38 29.84 -25.40
C CYS E 497 0.91 28.40 -25.45
N LEU E 498 -0.36 28.20 -25.09
CA LEU E 498 -1.03 26.91 -25.22
C LEU E 498 -2.03 27.00 -26.37
N THR E 499 -2.11 25.94 -27.16
CA THR E 499 -2.89 25.95 -28.39
C THR E 499 -4.12 25.06 -28.25
N PHE E 500 -5.22 25.51 -28.85
CA PHE E 500 -6.48 24.77 -28.86
C PHE E 500 -6.83 24.40 -30.30
N PHE E 501 -7.01 23.11 -30.54
CA PHE E 501 -7.48 22.61 -31.83
C PHE E 501 -8.99 22.47 -31.74
N PHE E 502 -9.71 23.41 -32.34
CA PHE E 502 -11.15 23.50 -32.22
C PHE E 502 -11.82 23.06 -33.52
N GLY E 503 -12.84 22.22 -33.40
CA GLY E 503 -13.60 21.79 -34.55
C GLY E 503 -14.82 21.02 -34.12
N GLU E 504 -15.45 20.37 -35.08
CA GLU E 504 -16.56 19.46 -34.86
C GLU E 504 -16.08 18.03 -35.04
N THR E 505 -17.01 17.08 -34.97
CA THR E 505 -16.66 15.68 -35.11
C THR E 505 -16.18 15.39 -36.54
N ALA E 506 -15.20 14.49 -36.64
CA ALA E 506 -14.64 14.03 -37.91
C ALA E 506 -14.12 15.20 -38.75
N THR E 507 -13.08 15.86 -38.22
CA THR E 507 -12.49 17.00 -38.91
C THR E 507 -10.97 16.94 -39.00
N GLY E 508 -10.34 15.88 -38.49
CA GLY E 508 -8.92 15.67 -38.68
C GLY E 508 -8.03 15.98 -37.49
N LYS E 509 -8.59 16.31 -36.33
CA LYS E 509 -7.76 16.62 -35.17
C LYS E 509 -6.96 15.41 -34.73
N SER E 510 -7.63 14.26 -34.58
CA SER E 510 -6.92 13.05 -34.17
C SER E 510 -6.00 12.54 -35.27
N THR E 511 -6.35 12.77 -36.53
CA THR E 511 -5.44 12.43 -37.62
C THR E 511 -4.15 13.22 -37.52
N THR E 512 -4.27 14.53 -37.25
CA THR E 512 -3.08 15.36 -37.07
C THR E 512 -2.28 14.90 -35.87
N LYS E 513 -2.95 14.56 -34.77
CA LYS E 513 -2.25 14.09 -33.58
C LYS E 513 -1.49 12.79 -33.87
N ARG E 514 -2.11 11.86 -34.57
CA ARG E 514 -1.45 10.60 -34.90
C ARG E 514 -0.29 10.81 -35.86
N LEU E 515 -0.45 11.72 -36.82
CA LEU E 515 0.67 12.05 -37.71
C LEU E 515 1.84 12.61 -36.92
N LEU E 516 1.57 13.51 -35.97
CA LEU E 516 2.64 14.08 -35.16
C LEU E 516 3.31 13.00 -34.31
N LYS E 517 2.53 12.10 -33.72
CA LYS E 517 3.10 11.03 -32.91
C LYS E 517 4.00 10.14 -33.75
N SER E 518 3.54 9.79 -34.96
CA SER E 518 4.36 8.97 -35.85
C SER E 518 5.64 9.70 -36.24
N ALA E 519 5.56 11.02 -36.46
CA ALA E 519 6.73 11.75 -36.92
C ALA E 519 7.78 11.88 -35.82
N ILE E 520 7.38 12.28 -34.61
CA ILE E 520 8.34 12.65 -33.58
C ILE E 520 8.52 11.57 -32.52
N GLY E 521 7.85 10.43 -32.66
CA GLY E 521 8.16 9.28 -31.82
C GLY E 521 7.97 9.53 -30.33
N ASP E 522 9.00 9.22 -29.55
CA ASP E 522 8.93 9.26 -28.09
C ASP E 522 8.95 10.66 -27.51
N LEU E 523 9.31 11.67 -28.30
CA LEU E 523 9.21 13.05 -27.83
C LEU E 523 7.76 13.49 -27.66
N PHE E 524 6.81 12.70 -28.15
CA PHE E 524 5.39 12.95 -28.00
C PHE E 524 4.87 12.23 -26.76
N VAL E 525 3.97 12.90 -26.04
CA VAL E 525 3.35 12.31 -24.86
C VAL E 525 1.94 12.87 -24.73
N GLU E 526 1.07 12.09 -24.10
CA GLU E 526 -0.33 12.47 -23.91
C GLU E 526 -0.68 12.42 -22.44
N THR E 527 -1.48 13.38 -21.99
CA THR E 527 -1.82 13.52 -20.59
C THR E 527 -3.30 13.86 -20.46
N GLY E 528 -3.85 13.63 -19.27
CA GLY E 528 -5.24 13.89 -19.00
C GLY E 528 -5.53 15.36 -18.75
N GLN E 529 -6.79 15.63 -18.40
CA GLN E 529 -7.22 17.01 -18.21
C GLN E 529 -6.89 17.56 -16.83
N THR E 530 -6.45 16.70 -15.90
CA THR E 530 -6.13 17.16 -14.55
C THR E 530 -5.09 18.28 -14.58
N ILE E 531 -4.19 18.24 -15.56
CA ILE E 531 -3.16 19.26 -15.71
C ILE E 531 -3.77 20.66 -15.74
N LEU E 532 -4.94 20.81 -16.36
CA LEU E 532 -5.58 22.11 -16.44
C LEU E 532 -6.64 22.33 -15.38
N THR E 533 -6.95 21.33 -14.56
CA THR E 533 -8.12 21.41 -13.69
C THR E 533 -7.76 21.37 -12.21
N ASP E 534 -6.87 20.46 -11.81
CA ASP E 534 -6.59 20.24 -10.41
C ASP E 534 -5.31 20.98 -9.99
N VAL E 535 -5.04 20.92 -8.69
CA VAL E 535 -3.86 21.58 -8.12
C VAL E 535 -2.61 20.84 -8.57
N LEU E 536 -1.62 21.59 -9.05
CA LEU E 536 -0.42 20.98 -9.60
C LEU E 536 0.49 20.42 -8.51
N ASP E 537 0.60 21.11 -7.37
CA ASP E 537 1.52 20.67 -6.34
C ASP E 537 0.94 19.51 -5.53
N LYS E 538 -0.15 19.78 -4.78
CA LYS E 538 -0.89 18.79 -4.01
C LYS E 538 -0.01 17.68 -3.44
N GLY E 539 -0.24 16.46 -3.89
CA GLY E 539 0.61 15.33 -3.57
C GLY E 539 1.40 14.87 -4.77
N PRO E 540 1.46 13.56 -4.99
CA PRO E 540 2.13 13.06 -6.20
C PRO E 540 1.37 13.43 -7.46
N ASN E 541 2.11 13.58 -8.55
CA ASN E 541 1.51 13.92 -9.82
C ASN E 541 2.36 13.42 -10.98
N PRO E 542 2.30 12.11 -11.27
CA PRO E 542 3.05 11.59 -12.42
C PRO E 542 2.61 12.16 -13.76
N PHE E 543 1.36 12.64 -13.85
CA PHE E 543 0.90 13.29 -15.08
C PHE E 543 1.78 14.50 -15.41
N ILE E 544 2.06 15.35 -14.42
CA ILE E 544 2.97 16.47 -14.63
C ILE E 544 4.41 15.99 -14.70
N ALA E 545 4.77 15.00 -13.87
CA ALA E 545 6.15 14.56 -13.80
C ALA E 545 6.64 13.93 -15.11
N ASN E 546 5.72 13.42 -15.93
CA ASN E 546 6.11 12.76 -17.17
C ASN E 546 6.42 13.72 -18.31
N MET E 547 6.19 15.02 -18.11
CA MET E 547 6.43 16.01 -19.15
C MET E 547 7.87 16.50 -19.20
N HIS E 548 8.80 15.80 -18.55
CA HIS E 548 10.19 16.23 -18.49
C HIS E 548 10.84 16.11 -19.86
N LEU E 549 11.22 17.24 -20.44
CA LEU E 549 12.00 17.30 -21.69
C LEU E 549 11.24 16.73 -22.88
N LYS E 550 9.90 16.73 -22.82
CA LYS E 550 9.09 16.30 -23.95
C LYS E 550 8.86 17.48 -24.89
N ARG E 551 8.98 17.22 -26.19
CA ARG E 551 8.85 18.27 -27.19
C ARG E 551 7.40 18.62 -27.53
N SER E 552 6.44 17.78 -27.17
CA SER E 552 5.03 18.05 -27.48
C SER E 552 4.15 17.32 -26.48
N VAL E 553 3.11 18.00 -26.01
CA VAL E 553 2.16 17.44 -25.07
C VAL E 553 0.76 17.65 -25.62
N PHE E 554 -0.05 16.60 -25.61
CA PHE E 554 -1.41 16.63 -26.12
C PHE E 554 -2.40 16.25 -25.02
N CYS E 555 -3.50 17.00 -24.95
CA CYS E 555 -4.63 16.60 -24.13
C CYS E 555 -5.91 16.72 -24.95
N SER E 556 -6.79 15.74 -24.79
CA SER E 556 -7.94 15.57 -25.66
C SER E 556 -9.24 15.50 -24.85
N GLU E 557 -10.34 15.75 -25.56
CA GLU E 557 -11.69 15.58 -25.02
C GLU E 557 -11.93 16.48 -23.81
N LEU E 558 -11.97 17.78 -24.10
CA LEU E 558 -12.23 18.77 -23.07
C LEU E 558 -13.60 18.54 -22.43
N PRO E 559 -13.69 18.59 -21.10
CA PRO E 559 -14.98 18.32 -20.42
C PRO E 559 -15.97 19.47 -20.57
N ASP E 560 -16.77 19.43 -21.64
CA ASP E 560 -17.75 20.46 -21.95
C ASP E 560 -18.47 20.99 -20.71
N PHE E 561 -18.55 22.31 -20.61
CA PHE E 561 -19.21 22.99 -19.49
C PHE E 561 -20.73 22.95 -19.61
N ALA E 562 -21.28 22.24 -20.59
CA ALA E 562 -22.73 22.14 -20.74
C ALA E 562 -23.39 21.36 -19.60
N CYS E 563 -22.59 20.68 -18.77
CA CYS E 563 -23.10 19.99 -17.58
C CYS E 563 -22.88 20.91 -16.38
N SER E 564 -23.98 21.24 -15.69
CA SER E 564 -23.89 22.13 -14.54
C SER E 564 -23.04 21.52 -13.45
N GLY E 565 -22.28 22.36 -12.75
CA GLY E 565 -21.36 21.89 -11.73
C GLY E 565 -20.03 21.41 -12.24
N SER E 566 -19.74 21.59 -13.54
CA SER E 566 -18.47 21.18 -14.09
C SER E 566 -17.34 22.10 -13.62
N LYS E 567 -16.13 21.58 -13.66
CA LYS E 567 -14.96 22.35 -13.26
C LYS E 567 -14.64 23.40 -14.33
N LYS E 568 -13.62 24.21 -14.04
CA LYS E 568 -13.17 25.26 -14.94
C LYS E 568 -11.65 25.21 -15.04
N ILE E 569 -11.13 25.63 -16.20
CA ILE E 569 -9.67 25.69 -16.38
C ILE E 569 -9.12 26.80 -15.50
N ARG E 570 -7.99 26.50 -14.85
CA ARG E 570 -7.38 27.43 -13.91
C ARG E 570 -6.36 28.33 -14.60
N SER E 571 -6.55 29.64 -14.47
CA SER E 571 -5.63 30.60 -15.07
C SER E 571 -4.24 30.48 -14.48
N ASP E 572 -4.16 30.27 -13.17
CA ASP E 572 -2.85 30.05 -12.55
C ASP E 572 -2.22 28.76 -13.06
N ASN E 573 -3.02 27.75 -13.37
CA ASN E 573 -2.48 26.53 -13.98
C ASN E 573 -1.90 26.83 -15.36
N ILE E 574 -2.59 27.66 -16.15
CA ILE E 574 -2.05 28.05 -17.45
C ILE E 574 -0.73 28.78 -17.27
N LYS E 575 -0.68 29.71 -16.32
CA LYS E 575 0.54 30.48 -16.09
C LYS E 575 1.67 29.60 -15.60
N LYS E 576 1.36 28.59 -14.79
CA LYS E 576 2.39 27.67 -14.32
C LYS E 576 2.90 26.77 -15.44
N LEU E 577 2.03 26.36 -16.35
CA LEU E 577 2.45 25.55 -17.49
C LEU E 577 3.26 26.35 -18.50
N THR E 578 3.06 27.66 -18.56
CA THR E 578 3.84 28.51 -19.44
C THR E 578 5.32 28.64 -19.01
N GLU E 579 5.61 28.52 -17.72
CA GLU E 579 6.93 28.80 -17.19
C GLU E 579 7.96 27.75 -17.60
N PRO E 580 9.25 28.12 -17.63
CA PRO E 580 10.27 27.16 -18.06
C PRO E 580 10.51 26.00 -17.10
N CYS E 581 10.04 26.10 -15.86
CA CYS E 581 10.21 25.05 -14.87
C CYS E 581 8.85 24.73 -14.25
N VAL E 582 8.53 23.44 -14.16
CA VAL E 582 7.25 22.99 -13.63
C VAL E 582 7.48 22.26 -12.33
N ILE E 583 6.62 22.54 -11.34
CA ILE E 583 6.74 21.98 -10.00
C ILE E 583 5.74 20.84 -9.86
N GLY E 584 6.24 19.67 -9.44
CA GLY E 584 5.42 18.48 -9.30
C GLY E 584 6.29 17.24 -9.21
N ARG E 585 5.86 16.25 -8.44
CA ARG E 585 6.70 15.10 -8.17
C ARG E 585 5.97 13.81 -8.45
N PRO E 586 6.68 12.73 -8.78
CA PRO E 586 6.05 11.42 -8.93
C PRO E 586 5.78 10.79 -7.57
N CYS E 587 5.17 9.62 -7.62
CA CYS E 587 4.94 8.85 -6.40
C CYS E 587 6.26 8.35 -5.83
N PHE E 588 6.39 8.42 -4.51
CA PHE E 588 7.55 7.91 -3.77
C PHE E 588 8.83 8.65 -4.14
N SER E 589 8.73 9.88 -4.64
CA SER E 589 9.88 10.63 -5.12
C SER E 589 9.94 11.99 -4.46
N ASN E 590 11.15 12.56 -4.41
CA ASN E 590 11.39 13.85 -3.80
C ASN E 590 11.95 14.86 -4.80
N LYS E 591 11.74 14.63 -6.09
CA LYS E 591 12.18 15.55 -7.14
C LYS E 591 10.97 16.35 -7.61
N ILE E 592 11.05 17.68 -7.46
CA ILE E 592 9.90 18.55 -7.69
C ILE E 592 10.14 19.52 -8.83
N ASN E 593 11.22 19.38 -9.59
CA ASN E 593 11.54 20.30 -10.68
C ASN E 593 11.60 19.55 -11.99
N ASN E 594 10.86 20.04 -12.99
CA ASN E 594 10.86 19.43 -14.32
C ASN E 594 11.07 20.51 -15.37
N ARG E 595 11.83 20.17 -16.40
CA ARG E 595 12.08 21.09 -17.51
C ARG E 595 10.88 21.13 -18.45
N ASN E 596 10.47 22.34 -18.83
CA ASN E 596 9.34 22.53 -19.72
C ASN E 596 9.87 22.86 -21.11
N HIS E 597 9.91 21.85 -21.99
CA HIS E 597 10.28 22.02 -23.38
C HIS E 597 9.10 21.82 -24.32
N ALA E 598 7.90 21.69 -23.77
CA ALA E 598 6.76 21.14 -24.49
C ALA E 598 5.86 22.24 -25.03
N THR E 599 5.43 22.09 -26.28
CA THR E 599 4.28 22.81 -26.79
C THR E 599 3.03 22.02 -26.48
N ILE E 600 2.05 22.67 -25.87
CA ILE E 600 0.87 22.01 -25.32
C ILE E 600 -0.32 22.30 -26.22
N ILE E 601 -0.98 21.24 -26.69
CA ILE E 601 -2.11 21.34 -27.60
C ILE E 601 -3.28 20.58 -27.01
N ILE E 602 -4.45 21.20 -27.03
CA ILE E 602 -5.68 20.65 -26.49
C ILE E 602 -6.64 20.52 -27.65
N ASP E 603 -6.97 19.29 -28.05
CA ASP E 603 -7.93 19.09 -29.14
C ASP E 603 -9.32 18.88 -28.54
N THR E 604 -10.30 19.65 -29.02
CA THR E 604 -11.61 19.66 -28.39
C THR E 604 -12.67 20.09 -29.40
N ASN E 605 -13.92 19.76 -29.08
CA ASN E 605 -15.07 20.19 -29.85
C ASN E 605 -15.80 21.38 -29.24
N TYR E 606 -15.30 21.91 -28.12
CA TYR E 606 -15.99 22.96 -27.38
C TYR E 606 -15.00 24.05 -26.98
N LYS E 607 -15.51 25.28 -26.89
CA LYS E 607 -14.68 26.39 -26.47
C LYS E 607 -14.40 26.30 -24.97
N PRO E 608 -13.14 26.47 -24.55
CA PRO E 608 -12.84 26.40 -23.11
C PRO E 608 -13.33 27.63 -22.37
N VAL E 609 -13.54 27.44 -21.06
CA VAL E 609 -13.93 28.52 -20.17
C VAL E 609 -12.98 28.52 -18.97
N PHE E 610 -12.81 29.71 -18.38
CA PHE E 610 -11.88 29.91 -17.27
C PHE E 610 -12.60 30.61 -16.13
N ASP E 611 -12.07 30.41 -14.92
CA ASP E 611 -12.65 31.06 -13.75
C ASP E 611 -12.34 32.56 -13.73
N ARG E 612 -11.09 32.93 -14.03
CA ARG E 612 -10.67 34.31 -14.04
C ARG E 612 -10.14 34.68 -15.41
N ILE E 613 -10.47 35.88 -15.88
CA ILE E 613 -10.02 36.38 -17.16
C ILE E 613 -9.31 37.72 -16.92
N ASP E 614 -8.06 37.81 -17.35
CA ASP E 614 -7.30 39.05 -17.23
C ASP E 614 -6.24 39.07 -18.33
N ASN E 615 -5.45 40.13 -18.34
CA ASN E 615 -4.47 40.34 -19.42
C ASN E 615 -3.44 39.22 -19.44
N ALA E 616 -2.99 38.77 -18.26
CA ALA E 616 -1.99 37.71 -18.21
C ALA E 616 -2.51 36.42 -18.83
N LEU E 617 -3.79 36.11 -18.61
CA LEU E 617 -4.38 34.94 -19.26
C LEU E 617 -4.55 35.17 -20.76
N MET E 618 -5.02 36.35 -21.15
CA MET E 618 -5.22 36.66 -22.57
C MET E 618 -3.92 36.73 -23.34
N ARG E 619 -2.77 36.76 -22.66
CA ARG E 619 -1.47 36.78 -23.28
C ARG E 619 -0.93 35.38 -23.57
N ARG E 620 -1.71 34.33 -23.33
CA ARG E 620 -1.18 32.97 -23.35
C ARG E 620 -2.10 31.98 -24.05
N ILE E 621 -3.02 32.44 -24.90
CA ILE E 621 -4.02 31.56 -25.50
C ILE E 621 -4.00 31.74 -27.02
N ALA E 622 -3.92 30.63 -27.74
CA ALA E 622 -4.00 30.61 -29.20
C ALA E 622 -4.92 29.47 -29.61
N VAL E 623 -5.69 29.68 -30.67
CA VAL E 623 -6.71 28.73 -31.11
C VAL E 623 -6.57 28.49 -32.62
N VAL E 624 -6.60 27.22 -33.01
CA VAL E 624 -6.61 26.81 -34.42
C VAL E 624 -7.94 26.13 -34.70
N ARG E 625 -8.61 26.55 -35.76
CA ARG E 625 -9.96 26.09 -36.09
C ARG E 625 -9.94 25.14 -37.28
N PHE E 626 -10.78 24.10 -37.20
CA PHE E 626 -10.88 23.08 -38.23
C PHE E 626 -12.29 23.13 -38.82
N ARG E 627 -12.39 23.29 -40.14
CA ARG E 627 -13.67 23.51 -40.79
C ARG E 627 -13.84 22.62 -42.02
N THR E 628 -13.52 21.33 -41.87
CA THR E 628 -13.69 20.38 -42.96
C THR E 628 -14.20 19.06 -42.40
N HIS E 629 -15.17 18.45 -43.06
CA HIS E 629 -15.76 17.20 -42.63
C HIS E 629 -15.40 16.08 -43.59
N PHE E 630 -15.26 14.87 -43.03
CA PHE E 630 -14.99 13.67 -43.79
C PHE E 630 -16.10 12.67 -43.45
N SER E 631 -16.97 12.40 -44.42
CA SER E 631 -18.20 11.68 -44.16
C SER E 631 -18.37 10.49 -45.11
N GLN E 632 -19.15 9.53 -44.63
CA GLN E 632 -19.61 8.44 -45.48
C GLN E 632 -20.58 9.01 -46.53
N PRO E 633 -20.80 8.28 -47.63
CA PRO E 633 -21.63 8.86 -48.69
C PRO E 633 -23.13 8.78 -48.44
N SER E 634 -23.56 8.29 -47.28
CA SER E 634 -25.00 8.26 -46.97
C SER E 634 -25.42 9.53 -46.25
N GLY E 635 -24.73 9.86 -45.15
CA GLY E 635 -25.06 11.04 -44.37
C GLY E 635 -24.38 12.28 -44.87
N ARG E 636 -23.81 12.21 -46.08
CA ARG E 636 -23.10 13.35 -46.63
C ARG E 636 -24.04 14.55 -46.80
N GLU E 637 -25.21 14.33 -47.40
CA GLU E 637 -26.15 15.43 -47.56
C GLU E 637 -26.74 15.88 -46.24
N ALA E 638 -26.92 14.94 -45.30
CA ALA E 638 -27.44 15.31 -43.98
C ALA E 638 -26.49 16.23 -43.24
N ALA E 639 -25.19 15.97 -43.34
CA ALA E 639 -24.19 16.81 -42.67
C ALA E 639 -23.72 17.99 -43.50
N GLU E 640 -24.10 18.05 -44.79
CA GLU E 640 -23.70 19.19 -45.61
C GLU E 640 -24.37 20.47 -45.14
N ASN E 641 -25.63 20.40 -44.74
CA ASN E 641 -26.37 21.59 -44.35
C ASN E 641 -25.87 22.20 -43.04
N ASN E 642 -25.02 21.50 -42.30
CA ASN E 642 -24.45 22.05 -41.08
C ASN E 642 -23.54 23.23 -41.40
N ASP E 643 -23.59 24.26 -40.56
CA ASP E 643 -22.76 25.44 -40.76
C ASP E 643 -21.38 25.30 -40.12
N ALA E 644 -21.16 24.25 -39.33
CA ALA E 644 -19.85 24.05 -38.72
C ALA E 644 -18.79 23.67 -39.75
N TYR E 645 -19.19 23.27 -40.96
CA TYR E 645 -18.28 22.83 -41.99
C TYR E 645 -18.32 23.78 -43.18
N ASP E 646 -17.17 23.95 -43.82
CA ASP E 646 -17.07 24.65 -45.10
C ASP E 646 -16.78 23.73 -46.27
N LYS E 647 -16.40 22.47 -45.98
CA LYS E 647 -16.06 21.51 -47.02
C LYS E 647 -16.46 20.13 -46.53
N VAL E 648 -16.75 19.24 -47.48
CA VAL E 648 -17.10 17.87 -47.17
C VAL E 648 -16.37 16.96 -48.14
N LYS E 649 -15.69 15.94 -47.62
CA LYS E 649 -14.97 14.97 -48.42
C LYS E 649 -15.42 13.56 -48.05
N LEU E 650 -15.04 12.59 -48.88
CA LEU E 650 -15.35 11.21 -48.62
C LEU E 650 -14.38 10.63 -47.59
N LEU E 651 -14.92 9.97 -46.58
CA LEU E 651 -14.09 9.37 -45.55
C LEU E 651 -13.28 8.22 -46.13
N ASP E 652 -12.02 8.14 -45.72
CA ASP E 652 -11.12 7.09 -46.18
C ASP E 652 -10.88 6.10 -45.04
N GLU E 653 -11.03 4.81 -45.35
CA GLU E 653 -10.97 3.77 -44.33
C GLU E 653 -9.57 3.17 -44.16
N GLY E 654 -8.59 3.58 -44.97
CA GLY E 654 -7.26 3.04 -44.84
C GLY E 654 -6.28 3.97 -44.13
N LEU E 655 -6.72 5.20 -43.86
CA LEU E 655 -5.84 6.19 -43.26
C LEU E 655 -5.35 5.73 -41.89
N ASP E 656 -6.24 5.17 -41.08
CA ASP E 656 -5.86 4.78 -39.73
C ASP E 656 -4.77 3.72 -39.75
N GLY E 657 -4.94 2.68 -40.57
CA GLY E 657 -3.93 1.63 -40.65
C GLY E 657 -2.64 2.13 -41.25
N LYS E 658 -2.72 2.95 -42.31
CA LYS E 658 -1.51 3.47 -42.93
C LYS E 658 -0.71 4.32 -41.96
N ILE E 659 -1.41 5.13 -41.15
CA ILE E 659 -0.72 5.93 -40.13
C ILE E 659 -0.13 5.03 -39.05
N GLN E 660 -0.89 4.02 -38.61
CA GLN E 660 -0.41 3.10 -37.59
C GLN E 660 0.82 2.33 -38.04
N ASN E 661 0.99 2.11 -39.34
CA ASN E 661 2.15 1.41 -39.86
C ASN E 661 3.30 2.34 -40.20
N ASN E 662 3.23 3.61 -39.78
CA ASN E 662 4.33 4.57 -39.94
C ASN E 662 4.72 4.76 -41.40
N ARG E 663 3.71 4.90 -42.27
CA ARG E 663 3.99 5.11 -43.69
C ARG E 663 4.42 6.55 -43.96
N TYR E 664 3.80 7.53 -43.29
CA TYR E 664 4.00 8.93 -43.58
C TYR E 664 4.97 9.61 -42.63
N ARG E 665 5.74 8.82 -41.88
CA ARG E 665 6.58 9.37 -40.81
C ARG E 665 7.61 10.34 -41.36
N PHE E 666 8.40 9.91 -42.35
CA PHE E 666 9.47 10.76 -42.84
C PHE E 666 8.96 11.88 -43.75
N ALA E 667 7.84 11.67 -44.43
CA ALA E 667 7.25 12.76 -45.20
C ALA E 667 6.76 13.88 -44.28
N PHE E 668 6.07 13.52 -43.19
CA PHE E 668 5.65 14.53 -42.24
C PHE E 668 6.84 15.19 -41.56
N LEU E 669 7.89 14.42 -41.29
CA LEU E 669 9.09 15.01 -40.70
C LEU E 669 9.73 16.02 -41.64
N TYR E 670 9.80 15.70 -42.94
CA TYR E 670 10.35 16.64 -43.90
C TYR E 670 9.52 17.92 -43.97
N LEU E 671 8.19 17.77 -43.99
CA LEU E 671 7.34 18.97 -44.00
C LEU E 671 7.54 19.79 -42.74
N LEU E 672 7.67 19.13 -41.59
CA LEU E 672 7.87 19.84 -40.33
C LEU E 672 9.18 20.61 -40.33
N VAL E 673 10.25 20.01 -40.86
CA VAL E 673 11.53 20.71 -40.90
C VAL E 673 11.46 21.89 -41.86
N LYS E 674 10.78 21.72 -42.99
CA LYS E 674 10.61 22.83 -43.93
C LYS E 674 9.85 23.99 -43.28
N TRP E 675 8.76 23.67 -42.58
CA TRP E 675 8.01 24.72 -41.89
C TRP E 675 8.82 25.35 -40.78
N TYR E 676 9.66 24.57 -40.09
CA TYR E 676 10.53 25.13 -39.06
C TYR E 676 11.46 26.17 -39.65
N LYS E 677 12.13 25.84 -40.76
CA LYS E 677 12.99 26.80 -41.42
C LYS E 677 12.19 28.02 -41.89
N LYS E 678 10.94 27.82 -42.31
CA LYS E 678 10.15 28.93 -42.81
C LYS E 678 9.74 29.88 -41.70
N TYR E 679 9.32 29.36 -40.54
CA TYR E 679 8.70 30.15 -39.50
C TYR E 679 9.60 30.47 -38.33
N HIS E 680 10.87 30.05 -38.37
CA HIS E 680 11.83 30.39 -37.32
C HIS E 680 13.02 31.02 -38.05
N ILE E 681 12.92 32.31 -38.35
CA ILE E 681 13.96 32.95 -39.14
C ILE E 681 15.20 33.16 -38.26
N PRO E 682 15.23 34.13 -37.27
CA PRO E 682 16.23 33.98 -36.20
C PRO E 682 15.62 33.50 -34.88
N ILE E 683 14.29 33.51 -34.81
CA ILE E 683 13.57 33.45 -33.54
C ILE E 683 12.16 32.93 -33.81
N MET E 684 11.72 31.97 -33.00
CA MET E 684 10.35 31.47 -33.06
C MET E 684 9.65 31.82 -31.76
N LYS E 685 8.57 32.58 -31.87
CA LYS E 685 7.75 32.94 -30.72
C LYS E 685 6.29 32.62 -31.05
N LEU E 686 5.57 32.06 -30.10
CA LEU E 686 4.15 31.78 -30.29
C LEU E 686 3.35 32.97 -29.79
N TYR E 687 2.48 33.51 -30.67
CA TYR E 687 1.72 34.69 -30.28
C TYR E 687 0.26 34.34 -30.03
N PRO E 688 -0.42 35.05 -29.14
CA PRO E 688 -1.79 34.70 -28.80
C PRO E 688 -2.80 35.26 -29.79
N THR E 689 -3.96 34.61 -29.83
CA THR E 689 -5.09 35.01 -30.68
C THR E 689 -6.32 35.13 -29.79
N PRO E 690 -6.47 36.25 -29.07
CA PRO E 690 -7.60 36.38 -28.14
C PRO E 690 -8.96 36.48 -28.80
N GLU E 691 -9.02 36.83 -30.09
CA GLU E 691 -10.31 37.02 -30.75
C GLU E 691 -11.08 35.71 -30.88
N GLU E 692 -10.37 34.59 -30.97
CA GLU E 692 -11.04 33.32 -31.22
C GLU E 692 -11.83 32.84 -30.00
N ILE E 693 -11.32 33.09 -28.80
CA ILE E 693 -12.04 32.66 -27.59
C ILE E 693 -13.23 33.58 -27.36
N PRO E 694 -14.44 33.04 -27.20
CA PRO E 694 -15.62 33.91 -27.05
C PRO E 694 -15.76 34.50 -25.65
N ASP E 695 -15.18 33.83 -24.64
CA ASP E 695 -15.28 34.33 -23.26
C ASP E 695 -14.55 35.66 -23.09
N PHE E 696 -13.58 35.95 -23.96
CA PHE E 696 -12.78 37.16 -23.82
C PHE E 696 -13.41 38.38 -24.47
N ALA E 697 -14.60 38.25 -25.05
CA ALA E 697 -15.20 39.34 -25.82
C ALA E 697 -15.40 40.59 -24.95
N PHE E 698 -15.85 40.39 -23.71
CA PHE E 698 -16.07 41.51 -22.80
C PHE E 698 -14.79 42.33 -22.66
N TYR E 699 -13.78 41.74 -22.02
CA TYR E 699 -12.54 42.45 -21.75
C TYR E 699 -11.83 42.87 -23.02
N LEU E 700 -12.15 42.25 -24.15
CA LEU E 700 -11.59 42.68 -25.43
C LEU E 700 -12.22 43.98 -25.92
N LYS E 701 -13.52 44.16 -25.70
CA LYS E 701 -14.19 45.37 -26.18
C LYS E 701 -14.22 46.51 -25.17
N ILE E 702 -14.34 46.22 -23.87
CA ILE E 702 -14.33 47.29 -22.88
C ILE E 702 -12.95 47.92 -22.74
N GLY E 703 -11.90 47.23 -23.17
CA GLY E 703 -10.60 47.86 -23.22
C GLY E 703 -10.46 48.88 -24.32
N THR E 704 -11.38 48.89 -25.27
CA THR E 704 -11.38 49.83 -26.39
C THR E 704 -12.45 50.90 -26.26
N LEU E 705 -13.23 50.90 -25.17
CA LEU E 705 -14.25 51.90 -24.93
C LEU E 705 -13.91 52.86 -23.80
N LEU E 706 -13.33 52.36 -22.72
CA LEU E 706 -12.93 53.19 -21.59
C LEU E 706 -11.46 53.59 -21.71
N VAL E 707 -11.07 54.56 -20.88
CA VAL E 707 -9.68 54.95 -20.74
C VAL E 707 -9.48 55.47 -19.31
N SER E 708 -8.34 55.14 -18.73
CA SER E 708 -8.04 55.54 -17.36
C SER E 708 -7.90 57.06 -17.28
N SER E 709 -8.31 57.62 -16.14
CA SER E 709 -8.15 59.04 -15.92
C SER E 709 -6.67 59.43 -15.86
N SER E 710 -6.32 60.52 -16.54
CA SER E 710 -4.94 60.97 -16.62
C SER E 710 -4.88 62.47 -16.37
N VAL E 711 -3.67 62.94 -16.03
CA VAL E 711 -3.48 64.35 -15.70
C VAL E 711 -3.85 65.24 -16.87
N LYS E 712 -3.55 64.80 -18.10
CA LYS E 712 -3.90 65.58 -19.28
C LYS E 712 -5.41 65.81 -19.40
N HIS E 713 -6.22 64.94 -18.79
CA HIS E 713 -7.67 65.10 -18.82
C HIS E 713 -8.19 66.02 -17.73
N ILE E 714 -7.31 66.55 -16.86
CA ILE E 714 -7.77 67.43 -15.79
C ILE E 714 -8.42 68.71 -16.31
N PRO E 715 -7.78 69.52 -17.21
CA PRO E 715 -8.36 70.80 -17.62
C PRO E 715 -9.43 70.67 -18.71
N LEU E 716 -10.33 69.70 -18.54
CA LEU E 716 -11.42 69.49 -19.49
C LEU E 716 -12.74 69.19 -18.79
N MET E 717 -12.89 69.60 -17.53
CA MET E 717 -14.11 69.29 -16.79
C MET E 717 -15.27 70.19 -17.17
N THR E 718 -15.02 71.28 -17.91
CA THR E 718 -16.09 72.21 -18.27
C THR E 718 -17.21 71.51 -19.01
N ASP E 719 -16.91 70.93 -20.18
CA ASP E 719 -17.94 70.25 -20.95
C ASP E 719 -18.36 68.95 -20.29
N LEU E 720 -17.45 68.31 -19.55
CA LEU E 720 -17.76 67.04 -18.92
C LEU E 720 -18.75 67.21 -17.76
N SER E 721 -18.84 68.42 -17.21
CA SER E 721 -19.82 68.66 -16.15
C SER E 721 -21.24 68.49 -16.66
N LYS E 722 -21.49 68.76 -17.94
CA LYS E 722 -22.80 68.49 -18.52
C LYS E 722 -23.11 67.00 -18.50
N LYS E 723 -22.11 66.16 -18.81
CA LYS E 723 -22.32 64.72 -18.81
C LYS E 723 -22.41 64.15 -17.40
N GLY E 724 -21.73 64.76 -16.44
CA GLY E 724 -21.77 64.27 -15.07
C GLY E 724 -20.43 63.79 -14.54
N TYR E 725 -19.35 64.42 -14.99
CA TYR E 725 -17.99 64.06 -14.58
C TYR E 725 -17.59 64.92 -13.39
N ILE E 726 -17.96 64.47 -12.20
CA ILE E 726 -17.67 65.21 -10.98
C ILE E 726 -16.20 65.03 -10.62
N LEU E 727 -15.44 66.12 -10.69
CA LEU E 727 -14.01 66.06 -10.41
C LEU E 727 -13.75 65.85 -8.92
N TYR E 728 -12.93 64.85 -8.61
CA TYR E 728 -12.55 64.52 -7.24
C TYR E 728 -11.05 64.42 -7.14
N ASP E 729 -10.50 65.03 -6.07
CA ASP E 729 -9.07 65.08 -5.78
C ASP E 729 -8.22 65.31 -7.03
N ASN E 730 -8.68 66.24 -7.88
CA ASN E 730 -7.97 66.63 -9.11
C ASN E 730 -7.84 65.47 -10.08
N VAL E 731 -8.76 64.51 -10.01
CA VAL E 731 -8.81 63.39 -10.94
C VAL E 731 -10.24 63.26 -11.45
N VAL E 732 -10.39 63.25 -12.78
CA VAL E 732 -11.72 63.15 -13.37
C VAL E 732 -12.35 61.82 -12.99
N THR E 733 -13.61 61.88 -12.56
CA THR E 733 -14.25 60.73 -11.94
C THR E 733 -15.73 60.69 -12.33
N LEU E 734 -16.33 59.52 -12.20
CA LEU E 734 -17.75 59.34 -12.47
C LEU E 734 -18.43 58.67 -11.28
N PRO E 735 -19.71 58.96 -11.06
CA PRO E 735 -20.45 58.25 -10.02
C PRO E 735 -20.80 56.84 -10.48
N LEU E 736 -21.00 55.96 -9.49
CA LEU E 736 -21.18 54.54 -9.78
C LEU E 736 -22.45 54.27 -10.57
N THR E 737 -23.56 54.90 -10.19
CA THR E 737 -24.83 54.65 -10.88
C THR E 737 -24.82 55.21 -12.30
N THR E 738 -24.24 56.40 -12.49
CA THR E 738 -24.17 56.97 -13.83
C THR E 738 -23.33 56.08 -14.75
N PHE E 739 -22.20 55.58 -14.24
CA PHE E 739 -21.40 54.64 -15.03
C PHE E 739 -22.18 53.36 -15.30
N GLN E 740 -22.95 52.87 -14.33
CA GLN E 740 -23.71 51.65 -14.53
C GLN E 740 -24.73 51.82 -15.66
N GLN E 741 -25.46 52.94 -15.67
CA GLN E 741 -26.43 53.14 -16.73
C GLN E 741 -25.74 53.40 -18.07
N LYS E 742 -24.60 54.09 -18.05
CA LYS E 742 -23.87 54.33 -19.30
C LYS E 742 -23.35 53.03 -19.89
N ILE E 743 -22.92 52.10 -19.05
CA ILE E 743 -22.46 50.79 -19.54
C ILE E 743 -23.65 49.96 -20.02
N SER E 744 -24.75 49.96 -19.27
CA SER E 744 -25.94 49.26 -19.72
C SER E 744 -26.46 49.81 -21.04
N LYS E 745 -26.16 51.07 -21.35
CA LYS E 745 -26.47 51.60 -22.67
C LYS E 745 -25.69 50.89 -23.77
N TYR E 746 -24.56 50.27 -23.42
CA TYR E 746 -23.71 49.60 -24.39
C TYR E 746 -23.73 48.08 -24.29
N PHE E 747 -24.29 47.53 -23.22
CA PHE E 747 -24.25 46.08 -22.99
C PHE E 747 -25.64 45.57 -22.61
N ASN E 748 -25.83 44.27 -22.83
CA ASN E 748 -27.07 43.61 -22.45
C ASN E 748 -27.19 43.53 -20.93
N SER E 749 -28.40 43.82 -20.44
CA SER E 749 -28.62 43.79 -18.99
C SER E 749 -28.70 42.36 -18.47
N ARG E 750 -29.42 41.48 -19.16
CA ARG E 750 -29.65 40.13 -18.65
C ARG E 750 -28.44 39.22 -18.91
N LEU E 751 -27.78 39.37 -20.06
CA LEU E 751 -26.67 38.48 -20.39
C LEU E 751 -25.37 38.94 -19.75
N PHE E 752 -25.20 40.24 -19.55
CA PHE E 752 -23.91 40.77 -19.12
C PHE E 752 -24.01 41.42 -17.74
N GLY E 753 -24.67 40.75 -16.80
CA GLY E 753 -24.80 41.31 -15.46
C GLY E 753 -23.63 40.99 -14.55
N HIS E 754 -23.32 39.70 -14.42
CA HIS E 754 -22.29 39.27 -13.47
C HIS E 754 -20.94 39.87 -13.83
N ASP E 755 -20.60 39.88 -15.11
CA ASP E 755 -19.26 40.31 -15.51
C ASP E 755 -19.07 41.82 -15.28
N ILE E 756 -20.07 42.62 -15.64
CA ILE E 756 -19.96 44.06 -15.39
C ILE E 756 -20.01 44.35 -13.90
N GLU E 757 -20.76 43.55 -13.13
CA GLU E 757 -20.75 43.73 -11.68
C GLU E 757 -19.36 43.48 -11.11
N SER E 758 -18.69 42.42 -11.59
CA SER E 758 -17.33 42.15 -11.14
C SER E 758 -16.38 43.25 -11.57
N PHE E 759 -16.56 43.77 -12.79
CA PHE E 759 -15.73 44.89 -13.25
C PHE E 759 -15.86 46.10 -12.32
N ILE E 760 -17.11 46.47 -12.01
CA ILE E 760 -17.35 47.64 -11.16
C ILE E 760 -16.78 47.40 -9.76
N ASN E 761 -16.99 46.19 -9.23
CA ASN E 761 -16.49 45.87 -7.89
C ASN E 761 -14.97 45.97 -7.85
N ARG E 762 -14.29 45.42 -8.86
CA ARG E 762 -12.84 45.40 -8.86
C ARG E 762 -12.26 46.81 -9.05
N HIS E 763 -12.86 47.61 -9.91
CA HIS E 763 -12.25 48.88 -10.30
C HIS E 763 -12.86 50.09 -9.60
N LYS E 764 -13.82 49.90 -8.68
CA LYS E 764 -14.47 51.02 -8.02
C LYS E 764 -13.72 51.39 -6.75
N LYS E 765 -13.30 52.66 -6.67
CA LYS E 765 -12.59 53.15 -5.49
C LYS E 765 -13.57 53.50 -4.38
N PHE E 766 -13.20 53.14 -3.16
CA PHE E 766 -14.02 53.41 -1.98
C PHE E 766 -13.52 54.57 -1.14
N ALA E 767 -12.19 54.72 -1.00
CA ALA E 767 -11.58 55.87 -0.34
C ALA E 767 -12.12 56.08 1.08
N ASN E 768 -12.33 54.96 1.79
CA ASN E 768 -12.74 54.98 3.20
C ASN E 768 -14.10 55.66 3.37
N VAL E 769 -14.17 56.97 3.11
CA VAL E 769 -15.40 57.73 3.26
C VAL E 769 -16.38 57.30 2.18
N SER E 770 -17.65 57.71 2.32
CA SER E 770 -18.71 57.32 1.39
C SER E 770 -18.64 58.21 0.15
N ASP E 771 -17.69 57.89 -0.73
CA ASP E 771 -17.55 58.58 -2.01
C ASP E 771 -17.26 57.56 -3.11
N GLU E 772 -18.03 56.46 -3.12
CA GLU E 772 -17.84 55.39 -4.10
C GLU E 772 -17.98 55.91 -5.53
N TYR E 773 -16.90 55.84 -6.30
CA TYR E 773 -16.88 56.39 -7.65
C TYR E 773 -15.89 55.59 -8.50
N LEU E 774 -15.81 55.95 -9.78
CA LEU E 774 -15.00 55.20 -10.74
C LEU E 774 -14.14 56.16 -11.54
N GLN E 775 -12.85 55.83 -11.69
CA GLN E 775 -11.92 56.64 -12.46
C GLN E 775 -11.74 56.02 -13.84
N TYR E 776 -12.74 56.20 -14.69
CA TYR E 776 -12.70 55.68 -16.06
C TYR E 776 -13.54 56.58 -16.94
N ILE E 777 -12.91 57.24 -17.90
CA ILE E 777 -13.59 58.18 -18.79
C ILE E 777 -13.86 57.49 -20.12
N PHE E 778 -14.99 57.82 -20.73
CA PHE E 778 -15.38 57.20 -21.98
C PHE E 778 -14.69 57.87 -23.16
N ILE E 779 -14.30 57.06 -24.14
CA ILE E 779 -13.65 57.59 -25.34
C ILE E 779 -14.64 58.42 -26.16
N GLU E 780 -15.91 58.01 -26.18
CA GLU E 780 -16.91 58.73 -26.96
C GLU E 780 -17.11 60.15 -26.44
N ASP E 781 -17.11 60.32 -25.12
CA ASP E 781 -17.32 61.65 -24.55
C ASP E 781 -16.17 62.59 -24.90
N ILE E 782 -14.94 62.08 -24.89
CA ILE E 782 -13.80 62.90 -25.31
C ILE E 782 -13.87 63.19 -26.80
N SER E 783 -14.30 62.20 -27.59
CA SER E 783 -14.40 62.40 -29.03
C SER E 783 -15.43 63.48 -29.38
N SER E 784 -16.55 63.50 -28.67
CA SER E 784 -17.59 64.50 -28.89
C SER E 784 -17.69 65.39 -27.67
N PRO E 785 -17.07 66.58 -27.69
CA PRO E 785 -17.10 67.52 -26.56
C PRO E 785 -18.51 68.02 -26.22
N GLY F 323 52.51 -1.83 12.05
CA GLY F 323 52.45 -1.96 10.61
C GLY F 323 51.09 -1.64 10.03
N ASN F 324 50.57 -2.56 9.21
CA ASN F 324 49.27 -2.42 8.56
C ASN F 324 49.21 -1.15 7.70
N LYS F 325 49.95 -1.23 6.61
CA LYS F 325 50.01 -0.20 5.57
C LYS F 325 48.68 0.49 5.32
N LEU F 326 47.59 -0.28 5.24
CA LEU F 326 46.29 0.33 4.96
C LEU F 326 45.80 1.16 6.13
N PHE F 327 46.06 0.72 7.36
CA PHE F 327 45.72 1.54 8.52
C PHE F 327 46.57 2.81 8.55
N ASN F 328 47.85 2.70 8.19
CA ASN F 328 48.69 3.90 8.11
C ASN F 328 48.18 4.87 7.07
N ILE F 329 47.73 4.35 5.92
CA ILE F 329 47.18 5.20 4.87
C ILE F 329 45.92 5.90 5.36
N ALA F 330 45.04 5.16 6.04
CA ALA F 330 43.82 5.76 6.55
C ALA F 330 44.11 6.84 7.57
N GLN F 331 45.08 6.60 8.46
CA GLN F 331 45.46 7.62 9.44
C GLN F 331 46.04 8.85 8.76
N ARG F 332 46.89 8.66 7.75
CA ARG F 332 47.48 9.78 7.04
C ARG F 332 46.40 10.60 6.33
N ILE F 333 45.43 9.94 5.71
CA ILE F 333 44.34 10.65 5.06
C ILE F 333 43.50 11.40 6.09
N LEU F 334 43.22 10.77 7.22
CA LEU F 334 42.43 11.42 8.27
C LEU F 334 43.16 12.60 8.91
N ASP F 335 44.49 12.62 8.84
CA ASP F 335 45.23 13.73 9.44
C ASP F 335 45.11 15.03 8.67
N THR F 336 44.59 14.99 7.44
CA THR F 336 44.47 16.19 6.62
C THR F 336 43.11 16.87 6.76
N ASN F 337 42.20 16.31 7.55
CA ASN F 337 40.88 16.90 7.77
C ASN F 337 40.11 17.06 6.47
N SER F 338 40.20 16.05 5.59
CA SER F 338 39.45 16.04 4.35
C SER F 338 38.15 15.26 4.43
N VAL F 339 37.94 14.49 5.50
CA VAL F 339 36.67 13.81 5.76
C VAL F 339 36.14 14.34 7.08
N LEU F 340 34.85 14.67 7.11
CA LEU F 340 34.22 15.12 8.34
C LEU F 340 32.87 14.46 8.49
N LEU F 341 32.44 14.29 9.73
CA LEU F 341 31.13 13.73 10.05
C LEU F 341 30.23 14.85 10.56
N THR F 342 29.02 14.94 10.01
CA THR F 342 28.12 16.04 10.29
C THR F 342 27.11 15.68 11.37
N GLU F 343 26.30 16.66 11.76
CA GLU F 343 25.29 16.45 12.79
C GLU F 343 24.05 15.73 12.27
N ARG F 344 23.91 15.63 10.95
CA ARG F 344 22.83 14.86 10.34
C ARG F 344 23.26 13.46 9.94
N GLY F 345 24.43 13.02 10.40
CA GLY F 345 24.90 11.67 10.14
C GLY F 345 25.29 11.36 8.72
N ASP F 346 25.94 12.29 8.04
CA ASP F 346 26.48 12.05 6.71
C ASP F 346 27.88 12.64 6.60
N HIS F 347 28.74 11.96 5.85
CA HIS F 347 30.14 12.36 5.73
C HIS F 347 30.32 13.35 4.60
N ILE F 348 31.05 14.43 4.86
CA ILE F 348 31.39 15.43 3.86
C ILE F 348 32.87 15.32 3.55
N VAL F 349 33.21 15.33 2.26
CA VAL F 349 34.57 15.15 1.80
C VAL F 349 35.00 16.38 1.00
N TRP F 350 36.29 16.70 1.08
CA TRP F 350 36.85 17.88 0.42
C TRP F 350 37.46 17.44 -0.91
N ILE F 351 36.72 17.64 -1.99
CA ILE F 351 37.16 17.26 -3.33
C ILE F 351 37.07 18.49 -4.22
N ASN F 352 38.10 18.70 -5.04
CA ASN F 352 38.11 19.73 -6.08
C ASN F 352 37.74 21.10 -5.52
N ASN F 353 38.35 21.42 -4.38
CA ASN F 353 38.17 22.71 -3.70
C ASN F 353 36.71 22.93 -3.27
N SER F 354 36.02 21.88 -2.87
CA SER F 354 34.64 22.02 -2.41
C SER F 354 34.28 20.89 -1.47
N TRP F 355 33.40 21.19 -0.51
CA TRP F 355 32.84 20.19 0.39
C TRP F 355 31.63 19.55 -0.27
N LYS F 356 31.69 18.25 -0.50
CA LYS F 356 30.62 17.52 -1.16
C LYS F 356 30.18 16.35 -0.29
N PHE F 357 28.90 16.01 -0.40
CA PHE F 357 28.37 14.85 0.28
C PHE F 357 27.22 14.27 -0.53
N ASN F 358 27.00 12.97 -0.36
CA ASN F 358 25.87 12.30 -0.99
C ASN F 358 25.25 11.34 0.01
N SER F 359 23.91 11.30 0.04
CA SER F 359 23.21 10.51 1.04
C SER F 359 23.23 9.01 0.75
N GLU F 360 23.15 8.61 -0.52
CA GLU F 360 23.04 7.17 -0.79
C GLU F 360 24.36 6.57 -1.25
N GLU F 361 25.23 7.34 -1.89
CA GLU F 361 26.54 6.86 -2.32
C GLU F 361 27.62 7.73 -1.70
N PRO F 362 28.22 7.33 -0.59
CA PRO F 362 29.27 8.15 0.01
C PRO F 362 30.47 8.30 -0.93
N LEU F 363 31.17 9.42 -0.79
CA LEU F 363 32.26 9.79 -1.67
C LEU F 363 33.63 9.57 -1.03
N ILE F 364 33.72 8.73 -0.01
CA ILE F 364 34.98 8.51 0.68
C ILE F 364 35.99 7.84 -0.24
N THR F 365 35.55 6.86 -1.02
CA THR F 365 36.45 6.20 -1.96
C THR F 365 36.88 7.15 -3.06
N LYS F 366 35.98 8.02 -3.51
CA LYS F 366 36.35 9.07 -4.46
C LYS F 366 37.45 9.95 -3.89
N LEU F 367 37.30 10.36 -2.61
CA LEU F 367 38.32 11.18 -1.98
C LEU F 367 39.65 10.45 -1.88
N ILE F 368 39.61 9.16 -1.53
CA ILE F 368 40.85 8.38 -1.40
C ILE F 368 41.58 8.33 -2.75
N LEU F 369 40.85 7.99 -3.80
CA LEU F 369 41.48 7.89 -5.12
C LEU F 369 42.01 9.24 -5.58
N SER F 370 41.28 10.32 -5.30
CA SER F 370 41.77 11.64 -5.69
C SER F 370 42.99 12.06 -4.88
N ILE F 371 43.03 11.70 -3.60
CA ILE F 371 44.09 12.16 -2.70
C ILE F 371 45.33 11.29 -2.75
N ARG F 372 45.29 10.15 -3.45
CA ARG F 372 46.46 9.28 -3.53
C ARG F 372 47.72 10.01 -3.98
N HIS F 373 47.56 11.15 -4.67
CA HIS F 373 48.73 11.86 -5.18
C HIS F 373 49.50 12.60 -4.11
N GLN F 374 48.93 12.79 -2.92
CA GLN F 374 49.57 13.50 -1.84
C GLN F 374 50.32 12.58 -0.88
N LEU F 375 50.33 11.28 -1.14
CA LEU F 375 50.96 10.30 -0.27
C LEU F 375 52.25 9.78 -0.90
N PRO F 376 53.14 9.18 -0.09
CA PRO F 376 54.38 8.60 -0.64
C PRO F 376 54.15 7.64 -1.80
N LYS F 377 55.22 7.38 -2.56
CA LYS F 377 55.10 6.51 -3.73
C LYS F 377 54.71 5.10 -3.33
N GLU F 378 55.27 4.60 -2.22
CA GLU F 378 54.94 3.25 -1.76
C GLU F 378 53.47 3.12 -1.35
N TYR F 379 52.83 4.22 -0.96
CA TYR F 379 51.43 4.19 -0.56
C TYR F 379 50.49 4.46 -1.72
N SER F 380 50.92 5.25 -2.71
CA SER F 380 50.02 5.64 -3.79
C SER F 380 49.60 4.44 -4.64
N SER F 381 50.51 3.51 -4.88
CA SER F 381 50.21 2.38 -5.76
C SER F 381 49.25 1.38 -5.11
N GLU F 382 49.10 1.43 -3.80
CA GLU F 382 48.16 0.53 -3.13
C GLU F 382 46.73 0.95 -3.35
N LEU F 383 46.49 2.26 -3.51
CA LEU F 383 45.13 2.80 -3.62
C LEU F 383 44.56 2.71 -5.02
N LEU F 384 45.17 1.93 -5.91
CA LEU F 384 44.65 1.73 -7.25
C LEU F 384 43.70 0.54 -7.34
N CYS F 385 43.44 -0.15 -6.22
CA CYS F 385 42.58 -1.32 -6.14
C CYS F 385 41.31 -1.00 -5.37
N PRO F 386 40.14 -1.28 -5.93
CA PRO F 386 38.89 -0.96 -5.22
C PRO F 386 38.75 -1.66 -3.89
N ARG F 387 39.23 -2.89 -3.77
CA ARG F 387 39.12 -3.60 -2.49
C ARG F 387 39.94 -2.92 -1.40
N LYS F 388 41.16 -2.50 -1.73
CA LYS F 388 41.98 -1.78 -0.77
C LYS F 388 41.40 -0.41 -0.44
N ARG F 389 40.80 0.26 -1.43
CA ARG F 389 40.13 1.52 -1.16
C ARG F 389 38.97 1.31 -0.19
N LYS F 390 38.23 0.22 -0.34
CA LYS F 390 37.14 -0.08 0.58
C LYS F 390 37.66 -0.39 1.99
N THR F 391 38.78 -1.09 2.09
CA THR F 391 39.39 -1.33 3.40
C THR F 391 39.77 -0.02 4.08
N VAL F 392 40.40 0.89 3.33
CA VAL F 392 40.77 2.20 3.88
C VAL F 392 39.53 2.97 4.29
N GLU F 393 38.46 2.87 3.50
CA GLU F 393 37.21 3.54 3.84
C GLU F 393 36.63 3.01 5.15
N ALA F 394 36.69 1.69 5.34
CA ALA F 394 36.21 1.10 6.59
C ALA F 394 37.03 1.60 7.78
N ASN F 395 38.35 1.68 7.62
CA ASN F 395 39.19 2.22 8.68
C ASN F 395 38.82 3.66 9.01
N ILE F 396 38.63 4.48 7.99
CA ILE F 396 38.28 5.89 8.22
C ILE F 396 36.92 6.01 8.93
N ARG F 397 35.95 5.23 8.49
CA ARG F 397 34.63 5.26 9.12
C ARG F 397 34.70 4.86 10.58
N ASP F 398 35.51 3.86 10.91
CA ASP F 398 35.71 3.53 12.31
C ASP F 398 36.45 4.61 13.06
N MET F 399 37.31 5.37 12.39
CA MET F 399 38.07 6.43 13.05
C MET F 399 37.20 7.63 13.42
N LEU F 400 36.28 8.03 12.53
CA LEU F 400 35.47 9.22 12.79
C LEU F 400 34.42 8.92 13.85
N VAL F 401 34.46 9.64 14.97
CA VAL F 401 33.57 9.41 16.10
C VAL F 401 32.69 10.63 16.38
N ASP F 402 33.29 11.81 16.46
CA ASP F 402 32.57 13.01 16.84
C ASP F 402 32.16 13.84 15.62
N SER F 403 31.07 14.58 15.78
CA SER F 403 30.49 15.37 14.70
C SER F 403 30.94 16.82 14.79
N VAL F 404 30.72 17.56 13.70
CA VAL F 404 31.09 18.96 13.61
C VAL F 404 29.90 19.75 13.06
N GLU F 405 29.94 21.05 13.28
CA GLU F 405 28.91 21.96 12.81
C GLU F 405 29.33 22.62 11.51
N THR F 406 28.37 22.75 10.59
CA THR F 406 28.61 23.25 9.25
C THR F 406 27.71 24.44 8.97
N ASP F 407 28.11 25.24 7.98
CA ASP F 407 27.34 26.39 7.50
C ASP F 407 27.10 27.39 8.63
N THR F 408 28.19 27.89 9.19
CA THR F 408 28.13 28.83 10.30
C THR F 408 28.60 30.23 9.95
N TYR F 409 29.02 30.47 8.71
CA TYR F 409 29.45 31.80 8.29
C TYR F 409 28.42 32.38 7.32
N PRO F 410 27.68 33.42 7.71
CA PRO F 410 26.65 33.96 6.82
C PRO F 410 27.17 34.86 5.71
N ASP F 411 28.39 35.38 5.82
CA ASP F 411 28.92 36.35 4.86
C ASP F 411 29.94 35.73 3.92
N LYS F 412 29.79 34.44 3.62
CA LYS F 412 30.66 33.75 2.67
C LYS F 412 29.80 33.11 1.60
N LEU F 413 30.14 33.33 0.33
CA LEU F 413 29.37 32.77 -0.78
C LEU F 413 30.16 31.65 -1.43
N PRO F 414 29.72 30.40 -1.33
CA PRO F 414 30.53 29.29 -1.84
C PRO F 414 30.28 28.95 -3.31
N PHE F 415 31.35 28.89 -4.09
CA PHE F 415 31.33 28.44 -5.48
C PHE F 415 32.01 27.08 -5.57
N LYS F 416 31.73 26.39 -6.68
CA LYS F 416 32.23 25.04 -6.90
C LYS F 416 33.74 24.92 -6.74
N ASN F 417 34.47 26.02 -6.79
CA ASN F 417 35.92 25.97 -6.71
C ASN F 417 36.49 26.94 -5.68
N GLY F 418 35.68 27.39 -4.73
CA GLY F 418 36.20 28.30 -3.73
C GLY F 418 35.10 28.96 -2.94
N VAL F 419 35.50 30.01 -2.21
CA VAL F 419 34.58 30.78 -1.36
C VAL F 419 34.88 32.25 -1.54
N LEU F 420 33.83 33.04 -1.81
CA LEU F 420 33.97 34.48 -1.98
C LEU F 420 33.60 35.19 -0.69
N ASP F 421 34.47 36.08 -0.23
CA ASP F 421 34.21 36.89 0.95
C ASP F 421 33.38 38.09 0.55
N LEU F 422 32.18 38.20 1.13
CA LEU F 422 31.29 39.29 0.78
C LEU F 422 31.68 40.63 1.41
N VAL F 423 32.49 40.61 2.46
CA VAL F 423 32.90 41.85 3.10
C VAL F 423 34.14 42.44 2.44
N ASP F 424 35.14 41.61 2.15
CA ASP F 424 36.36 42.08 1.50
C ASP F 424 36.25 42.09 -0.01
N GLY F 425 35.66 41.05 -0.58
CA GLY F 425 35.67 40.84 -2.02
C GLY F 425 36.70 39.84 -2.49
N MET F 426 37.54 39.34 -1.57
CA MET F 426 38.59 38.41 -1.94
C MET F 426 38.03 37.01 -2.13
N PHE F 427 38.63 36.28 -3.07
CA PHE F 427 38.24 34.91 -3.39
C PHE F 427 39.27 33.95 -2.83
N TYR F 428 38.81 32.94 -2.09
CA TYR F 428 39.67 31.96 -1.45
C TYR F 428 39.50 30.61 -2.11
N SER F 429 40.61 29.88 -2.25
CA SER F 429 40.58 28.51 -2.72
C SER F 429 41.57 27.70 -1.90
N GLY F 430 41.31 26.39 -1.82
CA GLY F 430 42.22 25.51 -1.09
C GLY F 430 42.01 25.59 0.41
N ASP F 431 43.12 25.65 1.14
CA ASP F 431 43.05 25.64 2.60
C ASP F 431 42.38 26.89 3.15
N ASP F 432 42.43 28.00 2.40
CA ASP F 432 41.73 29.21 2.84
C ASP F 432 40.22 29.02 2.78
N ALA F 433 39.72 28.34 1.75
CA ALA F 433 38.29 28.05 1.65
C ALA F 433 37.87 26.84 2.46
N LYS F 434 38.82 26.02 2.93
CA LYS F 434 38.48 24.84 3.70
C LYS F 434 37.89 25.18 5.06
N LYS F 435 38.34 26.28 5.67
CA LYS F 435 37.91 26.61 7.03
C LYS F 435 36.40 26.81 7.11
N TYR F 436 35.82 27.43 6.10
CA TYR F 436 34.38 27.72 6.08
C TYR F 436 33.67 26.48 5.56
N THR F 437 33.17 25.67 6.49
CA THR F 437 32.57 24.39 6.13
C THR F 437 31.19 24.64 5.51
N CYS F 438 31.20 25.12 4.27
CA CYS F 438 29.98 25.37 3.52
C CYS F 438 29.64 24.13 2.72
N THR F 439 28.52 23.49 3.06
CA THR F 439 28.10 22.25 2.43
C THR F 439 27.19 22.48 1.23
N VAL F 440 26.94 23.74 0.86
CA VAL F 440 26.15 24.08 -0.31
C VAL F 440 27.01 24.98 -1.19
N SER F 441 26.61 25.09 -2.46
CA SER F 441 27.36 25.91 -3.39
C SER F 441 26.46 26.32 -4.55
N THR F 442 26.93 27.29 -5.33
CA THR F 442 26.21 27.73 -6.51
C THR F 442 26.17 26.65 -7.58
N GLY F 443 27.22 25.83 -7.67
CA GLY F 443 27.27 24.74 -8.63
C GLY F 443 28.10 25.02 -9.86
N PHE F 444 28.70 26.20 -9.97
CA PHE F 444 29.54 26.53 -11.11
C PHE F 444 30.80 27.23 -10.62
N LYS F 445 31.83 27.21 -11.45
CA LYS F 445 33.11 27.79 -11.10
C LYS F 445 33.03 29.32 -11.09
N PHE F 446 33.85 29.93 -10.26
CA PHE F 446 33.97 31.37 -10.20
C PHE F 446 35.05 31.85 -11.16
N ASP F 447 34.73 32.87 -11.94
CA ASP F 447 35.64 33.41 -12.94
C ASP F 447 36.09 34.80 -12.53
N ASP F 448 37.40 34.97 -12.32
CA ASP F 448 37.92 36.28 -11.96
C ASP F 448 37.95 37.24 -13.14
N THR F 449 37.97 36.71 -14.37
CA THR F 449 38.03 37.55 -15.56
C THR F 449 36.70 38.18 -15.91
N LYS F 450 35.59 37.47 -15.67
CA LYS F 450 34.27 38.02 -15.97
C LYS F 450 33.63 38.74 -14.80
N PHE F 451 34.29 38.76 -13.63
CA PHE F 451 33.78 39.46 -12.45
C PHE F 451 34.34 40.88 -12.41
N VAL F 452 34.02 41.65 -13.45
CA VAL F 452 34.56 43.00 -13.62
C VAL F 452 33.40 43.99 -13.68
N GLU F 453 33.74 45.26 -13.43
CA GLU F 453 32.74 46.32 -13.36
C GLU F 453 32.37 46.87 -14.73
N ASP F 454 33.30 46.86 -15.68
CA ASP F 454 33.09 47.45 -17.00
C ASP F 454 33.14 46.37 -18.06
N SER F 455 32.06 46.26 -18.84
CA SER F 455 31.94 45.31 -19.94
C SER F 455 30.65 45.54 -20.70
N PRO F 456 30.57 45.13 -21.97
CA PRO F 456 29.30 45.25 -22.70
C PRO F 456 28.15 44.51 -22.03
N GLU F 457 28.44 43.34 -21.43
CA GLU F 457 27.41 42.64 -20.67
C GLU F 457 26.91 43.49 -19.52
N MET F 458 27.82 44.16 -18.81
CA MET F 458 27.41 45.01 -17.69
C MET F 458 26.58 46.19 -18.17
N GLU F 459 26.95 46.79 -19.30
CA GLU F 459 26.16 47.90 -19.81
C GLU F 459 24.76 47.46 -20.21
N GLU F 460 24.65 46.32 -20.90
CA GLU F 460 23.33 45.79 -21.25
C GLU F 460 22.51 45.50 -20.01
N LEU F 461 23.12 44.88 -19.00
CA LEU F 461 22.39 44.55 -17.78
C LEU F 461 21.93 45.79 -17.05
N MET F 462 22.78 46.82 -16.99
CA MET F 462 22.39 48.06 -16.32
C MET F 462 21.22 48.71 -17.05
N ASN F 463 21.23 48.70 -18.38
CA ASN F 463 20.10 49.23 -19.13
C ASN F 463 18.82 48.44 -18.82
N ILE F 464 18.92 47.11 -18.78
CA ILE F 464 17.74 46.29 -18.50
C ILE F 464 17.20 46.59 -17.11
N ILE F 465 18.09 46.67 -16.12
CA ILE F 465 17.65 46.92 -14.74
C ILE F 465 17.02 48.29 -14.62
N ASN F 466 17.61 49.31 -15.27
CA ASN F 466 17.05 50.65 -15.20
C ASN F 466 15.73 50.75 -15.95
N ASP F 467 15.51 49.91 -16.95
CA ASP F 467 14.21 49.90 -17.62
C ASP F 467 13.16 49.20 -16.76
N ILE F 468 13.54 48.14 -16.06
CA ILE F 468 12.59 47.44 -15.20
C ILE F 468 12.21 48.32 -14.01
N GLN F 469 13.19 48.92 -13.35
CA GLN F 469 12.97 49.77 -12.18
C GLN F 469 13.64 51.12 -12.41
N PRO F 470 12.91 52.11 -12.94
CA PRO F 470 13.54 53.38 -13.27
C PRO F 470 14.06 54.12 -12.04
N LEU F 471 14.98 55.05 -12.28
CA LEU F 471 15.68 55.78 -11.23
C LEU F 471 15.02 57.10 -10.89
N THR F 472 13.76 57.29 -11.24
CA THR F 472 13.08 58.55 -10.98
C THR F 472 12.89 58.76 -9.48
N ASP F 473 12.61 60.01 -9.11
CA ASP F 473 12.46 60.36 -7.70
C ASP F 473 11.20 59.73 -7.11
N GLU F 474 10.18 59.51 -7.94
CA GLU F 474 8.95 58.86 -7.47
C GLU F 474 9.13 57.36 -7.28
N ASN F 475 10.28 56.80 -7.68
CA ASN F 475 10.54 55.38 -7.57
C ASN F 475 11.76 55.07 -6.68
N LYS F 476 12.25 56.08 -5.95
CA LYS F 476 13.49 55.92 -5.19
C LYS F 476 13.39 54.86 -4.09
N LYS F 477 12.38 54.98 -3.22
CA LYS F 477 12.25 54.05 -2.12
C LYS F 477 11.92 52.64 -2.63
N ASN F 478 11.08 52.55 -3.65
CA ASN F 478 10.73 51.26 -4.21
C ASN F 478 11.94 50.57 -4.82
N ARG F 479 12.77 51.34 -5.55
CA ARG F 479 13.97 50.75 -6.15
C ARG F 479 14.98 50.35 -5.08
N GLU F 480 15.09 51.14 -4.01
CA GLU F 480 15.98 50.77 -2.91
C GLU F 480 15.52 49.48 -2.25
N LEU F 481 14.21 49.33 -2.05
CA LEU F 481 13.68 48.10 -1.48
C LEU F 481 13.95 46.91 -2.41
N TYR F 482 13.80 47.11 -3.71
CA TYR F 482 14.13 46.12 -4.72
C TYR F 482 15.57 45.65 -4.60
N GLU F 483 16.49 46.61 -4.54
CA GLU F 483 17.91 46.31 -4.44
C GLU F 483 18.22 45.57 -3.13
N LYS F 484 17.62 46.02 -2.03
CA LYS F 484 17.87 45.38 -0.74
C LYS F 484 17.38 43.94 -0.74
N THR F 485 16.19 43.70 -1.26
CA THR F 485 15.66 42.34 -1.32
C THR F 485 16.52 41.44 -2.19
N LEU F 486 16.97 41.95 -3.34
CA LEU F 486 17.82 41.14 -4.20
C LEU F 486 19.19 40.88 -3.56
N SER F 487 19.70 41.85 -2.82
CA SER F 487 21.01 41.70 -2.19
C SER F 487 20.97 40.69 -1.06
N SER F 488 19.85 40.63 -0.32
CA SER F 488 19.76 39.71 0.81
C SER F 488 19.85 38.25 0.40
N CYS F 489 19.69 37.93 -0.87
CA CYS F 489 19.75 36.54 -1.33
C CYS F 489 21.17 35.99 -1.31
N LEU F 490 22.16 36.78 -0.91
CA LEU F 490 23.53 36.29 -0.75
C LEU F 490 23.84 35.89 0.68
N CYS F 491 23.14 36.45 1.64
CA CYS F 491 23.45 36.19 3.05
C CYS F 491 22.91 34.83 3.48
N GLY F 492 23.76 34.05 4.13
CA GLY F 492 23.35 32.77 4.66
C GLY F 492 22.88 32.87 6.10
N ALA F 493 21.81 33.63 6.33
CA ALA F 493 21.24 33.81 7.66
C ALA F 493 19.74 33.78 7.55
N THR F 494 19.05 34.05 8.66
CA THR F 494 17.60 33.99 8.70
C THR F 494 17.03 35.38 8.46
N LYS F 495 16.08 35.47 7.54
CA LYS F 495 15.44 36.72 7.16
C LYS F 495 14.04 36.77 7.76
N GLY F 496 13.63 37.96 8.20
CA GLY F 496 12.42 38.13 8.96
C GLY F 496 11.21 38.65 8.21
N CYS F 497 11.27 38.79 6.90
CA CYS F 497 10.14 39.28 6.12
C CYS F 497 9.93 38.43 4.89
N LEU F 498 8.68 38.38 4.43
CA LEU F 498 8.32 37.77 3.16
C LEU F 498 7.97 38.88 2.18
N THR F 499 8.58 38.86 1.00
CA THR F 499 8.45 39.93 0.03
C THR F 499 7.54 39.51 -1.11
N PHE F 500 6.78 40.47 -1.63
CA PHE F 500 5.84 40.25 -2.72
C PHE F 500 6.26 41.10 -3.90
N PHE F 501 6.53 40.46 -5.03
CA PHE F 501 6.84 41.17 -6.27
C PHE F 501 5.53 41.34 -7.04
N PHE F 502 4.89 42.50 -6.86
CA PHE F 502 3.54 42.72 -7.37
C PHE F 502 3.57 43.67 -8.55
N GLY F 503 2.87 43.30 -9.61
CA GLY F 503 2.73 44.16 -10.76
C GLY F 503 1.91 43.47 -11.82
N GLU F 504 1.41 44.25 -12.75
CA GLU F 504 0.56 43.72 -13.81
C GLU F 504 1.40 42.97 -14.83
N THR F 505 0.74 42.53 -15.90
CA THR F 505 1.37 41.61 -16.84
C THR F 505 2.48 42.29 -17.64
N ALA F 506 3.51 41.51 -17.96
CA ALA F 506 4.66 41.94 -18.76
C ALA F 506 5.34 43.16 -18.13
N THR F 507 5.86 42.96 -16.92
CA THR F 507 6.50 44.04 -16.18
C THR F 507 7.91 43.73 -15.70
N GLY F 508 8.43 42.53 -15.95
CA GLY F 508 9.80 42.20 -15.62
C GLY F 508 10.01 41.36 -14.39
N LYS F 509 8.94 40.87 -13.75
CA LYS F 509 9.06 40.09 -12.53
C LYS F 509 9.75 38.74 -12.78
N SER F 510 9.29 38.00 -13.78
CA SER F 510 9.93 36.73 -14.10
C SER F 510 11.31 36.94 -14.69
N THR F 511 11.53 38.06 -15.38
CA THR F 511 12.87 38.39 -15.86
C THR F 511 13.83 38.57 -14.70
N THR F 512 13.40 39.29 -13.67
CA THR F 512 14.23 39.46 -12.47
C THR F 512 14.48 38.12 -11.79
N LYS F 513 13.45 37.28 -11.69
CA LYS F 513 13.63 35.98 -11.07
C LYS F 513 14.64 35.12 -11.84
N ARG F 514 14.56 35.13 -13.17
CA ARG F 514 15.48 34.34 -13.98
C ARG F 514 16.90 34.90 -13.89
N LEU F 515 17.04 36.22 -13.85
CA LEU F 515 18.37 36.81 -13.66
C LEU F 515 18.99 36.39 -12.33
N LEU F 516 18.20 36.42 -11.27
CA LEU F 516 18.71 36.00 -9.96
C LEU F 516 19.08 34.52 -9.95
N LYS F 517 18.25 33.69 -10.60
CA LYS F 517 18.57 32.26 -10.67
C LYS F 517 19.86 32.03 -11.43
N SER F 518 20.06 32.74 -12.54
CA SER F 518 21.32 32.63 -13.28
C SER F 518 22.50 33.08 -12.43
N ALA F 519 22.30 34.11 -11.61
CA ALA F 519 23.41 34.63 -10.80
C ALA F 519 23.82 33.64 -9.71
N ILE F 520 22.86 33.13 -8.94
CA ILE F 520 23.20 32.40 -7.73
C ILE F 520 23.05 30.88 -7.88
N GLY F 521 22.63 30.39 -9.05
CA GLY F 521 22.75 28.97 -9.34
C GLY F 521 21.94 28.09 -8.42
N ASP F 522 22.62 27.10 -7.81
CA ASP F 522 21.96 26.07 -7.02
C ASP F 522 21.51 26.56 -5.65
N LEU F 523 21.88 27.76 -5.24
CA LEU F 523 21.36 28.34 -4.00
C LEU F 523 19.95 28.87 -4.17
N PHE F 524 19.39 28.80 -5.36
CA PHE F 524 18.06 29.28 -5.69
C PHE F 524 17.14 28.08 -5.85
N VAL F 525 15.96 28.13 -5.22
CA VAL F 525 15.01 27.04 -5.33
C VAL F 525 13.61 27.62 -5.51
N GLU F 526 12.73 26.83 -6.11
CA GLU F 526 11.37 27.22 -6.41
C GLU F 526 10.42 26.16 -5.88
N THR F 527 9.37 26.60 -5.18
CA THR F 527 8.39 25.72 -4.57
C THR F 527 6.99 26.16 -5.02
N GLY F 528 5.97 25.57 -4.40
CA GLY F 528 4.59 25.84 -4.76
C GLY F 528 3.84 26.64 -3.71
N GLN F 529 2.58 26.92 -4.04
CA GLN F 529 1.67 27.65 -3.14
C GLN F 529 1.25 26.83 -1.94
N THR F 530 1.57 25.54 -1.92
CA THR F 530 1.19 24.69 -0.80
C THR F 530 1.80 25.17 0.51
N ILE F 531 3.05 25.65 0.47
CA ILE F 531 3.70 26.13 1.69
C ILE F 531 3.01 27.36 2.25
N LEU F 532 2.26 28.09 1.42
CA LEU F 532 1.51 29.24 1.88
C LEU F 532 0.07 28.92 2.25
N THR F 533 -0.52 27.89 1.64
CA THR F 533 -1.95 27.64 1.78
C THR F 533 -2.29 26.45 2.66
N ASP F 534 -1.55 25.34 2.56
CA ASP F 534 -1.84 24.15 3.34
C ASP F 534 -1.05 24.14 4.64
N VAL F 535 -1.35 23.14 5.48
CA VAL F 535 -0.57 22.95 6.71
C VAL F 535 0.80 22.37 6.36
N LEU F 536 1.75 22.56 7.28
CA LEU F 536 3.13 22.18 7.03
C LEU F 536 3.55 20.86 7.67
N ASP F 537 2.90 20.44 8.75
CA ASP F 537 3.30 19.19 9.39
C ASP F 537 2.72 17.98 8.67
N LYS F 538 1.39 17.85 8.70
CA LYS F 538 0.62 16.85 7.93
C LYS F 538 1.37 15.54 7.71
N GLY F 539 1.55 15.19 6.44
CA GLY F 539 2.38 14.06 6.07
C GLY F 539 3.72 14.52 5.54
N PRO F 540 4.36 13.71 4.70
CA PRO F 540 5.62 14.13 4.09
C PRO F 540 5.41 15.38 3.23
N ASN F 541 6.40 16.26 3.25
CA ASN F 541 6.34 17.54 2.54
C ASN F 541 7.70 17.85 1.94
N PRO F 542 8.01 17.27 0.78
CA PRO F 542 9.28 17.61 0.11
C PRO F 542 9.38 19.06 -0.31
N PHE F 543 8.26 19.76 -0.49
CA PHE F 543 8.30 21.17 -0.82
C PHE F 543 8.91 22.02 0.29
N ILE F 544 8.73 21.62 1.55
CA ILE F 544 9.41 22.25 2.67
C ILE F 544 10.78 21.63 2.91
N ALA F 545 10.88 20.31 2.75
CA ALA F 545 12.16 19.64 2.98
C ALA F 545 13.25 20.07 2.01
N ASN F 546 12.88 20.59 0.83
CA ASN F 546 13.86 21.02 -0.15
C ASN F 546 14.41 22.42 0.13
N MET F 547 13.85 23.14 1.08
CA MET F 547 14.28 24.50 1.39
C MET F 547 15.45 24.55 2.35
N HIS F 548 15.99 23.40 2.73
CA HIS F 548 17.08 23.36 3.71
C HIS F 548 18.34 24.01 3.15
N LEU F 549 18.77 25.09 3.81
CA LEU F 549 20.01 25.80 3.52
C LEU F 549 20.00 26.53 2.17
N LYS F 550 18.84 26.77 1.58
CA LYS F 550 18.75 27.54 0.36
C LYS F 550 18.73 29.02 0.67
N ARG F 551 19.40 29.81 -0.17
CA ARG F 551 19.49 31.26 0.06
C ARG F 551 18.30 32.02 -0.51
N SER F 552 17.54 31.44 -1.43
CA SER F 552 16.41 32.11 -2.05
C SER F 552 15.36 31.09 -2.43
N VAL F 553 14.11 31.37 -2.06
CA VAL F 553 12.97 30.53 -2.41
C VAL F 553 11.97 31.41 -3.15
N PHE F 554 11.51 30.93 -4.30
CA PHE F 554 10.52 31.65 -5.09
C PHE F 554 9.23 30.85 -5.21
N CYS F 555 8.11 31.51 -4.97
CA CYS F 555 6.79 31.00 -5.29
C CYS F 555 6.12 31.97 -6.24
N SER F 556 5.27 31.46 -7.13
CA SER F 556 4.75 32.27 -8.21
C SER F 556 3.25 32.02 -8.39
N GLU F 557 2.60 32.99 -9.04
CA GLU F 557 1.22 32.89 -9.48
C GLU F 557 0.27 32.65 -8.29
N LEU F 558 0.19 33.68 -7.45
CA LEU F 558 -0.75 33.65 -6.34
C LEU F 558 -2.18 33.51 -6.88
N PRO F 559 -2.96 32.56 -6.37
CA PRO F 559 -4.31 32.34 -6.91
C PRO F 559 -5.32 33.36 -6.45
N ASP F 560 -5.46 34.46 -7.21
CA ASP F 560 -6.36 35.56 -6.88
C ASP F 560 -7.66 35.06 -6.25
N PHE F 561 -7.98 35.61 -5.08
CA PHE F 561 -9.02 35.09 -4.21
C PHE F 561 -10.36 35.79 -4.40
N ALA F 562 -10.47 36.70 -5.37
CA ALA F 562 -11.76 37.29 -5.68
C ALA F 562 -12.74 36.23 -6.17
N CYS F 563 -12.28 35.31 -7.01
CA CYS F 563 -13.10 34.17 -7.40
C CYS F 563 -13.24 33.19 -6.24
N SER F 564 -14.39 32.55 -6.17
CA SER F 564 -14.68 31.64 -5.06
C SER F 564 -13.85 30.36 -5.18
N GLY F 565 -13.86 29.59 -4.10
CA GLY F 565 -13.15 28.33 -4.05
C GLY F 565 -11.67 28.42 -3.76
N SER F 566 -11.15 29.63 -3.53
CA SER F 566 -9.72 29.83 -3.29
C SER F 566 -9.45 29.93 -1.80
N LYS F 567 -8.51 29.14 -1.31
CA LYS F 567 -8.14 29.16 0.10
C LYS F 567 -7.24 30.36 0.39
N LYS F 568 -7.55 31.08 1.45
CA LYS F 568 -6.76 32.26 1.81
C LYS F 568 -5.41 31.84 2.38
N ILE F 569 -4.48 32.81 2.40
CA ILE F 569 -3.16 32.58 2.97
C ILE F 569 -3.27 32.45 4.48
N ARG F 570 -2.52 31.51 5.05
CA ARG F 570 -2.52 31.30 6.48
C ARG F 570 -1.46 32.17 7.15
N SER F 571 -1.87 32.88 8.20
CA SER F 571 -0.95 33.76 8.92
C SER F 571 0.05 32.96 9.74
N ASP F 572 -0.36 31.80 10.29
CA ASP F 572 0.59 30.98 11.03
C ASP F 572 1.67 30.41 10.12
N ASN F 573 1.33 30.11 8.86
CA ASN F 573 2.34 29.69 7.92
C ASN F 573 3.36 30.79 7.67
N ILE F 574 2.88 32.04 7.54
CA ILE F 574 3.78 33.18 7.38
C ILE F 574 4.69 33.31 8.60
N LYS F 575 4.13 33.12 9.80
CA LYS F 575 4.94 33.25 11.02
C LYS F 575 5.94 32.10 11.16
N LYS F 576 5.59 30.90 10.71
CA LYS F 576 6.51 29.77 10.79
C LYS F 576 7.60 29.83 9.73
N LEU F 577 7.32 30.43 8.57
CA LEU F 577 8.35 30.55 7.54
C LEU F 577 9.43 31.57 7.89
N THR F 578 9.25 32.33 8.97
CA THR F 578 10.22 33.31 9.41
C THR F 578 11.18 32.76 10.46
N GLU F 579 10.79 31.72 11.19
CA GLU F 579 11.64 31.17 12.23
C GLU F 579 12.90 30.53 11.64
N PRO F 580 13.99 30.51 12.40
CA PRO F 580 15.25 29.94 11.87
C PRO F 580 15.20 28.44 11.64
N CYS F 581 14.20 27.73 12.16
CA CYS F 581 14.07 26.30 11.94
C CYS F 581 12.64 26.01 11.50
N VAL F 582 12.50 25.34 10.37
CA VAL F 582 11.20 25.01 9.81
C VAL F 582 10.96 23.51 9.97
N ILE F 583 9.78 23.13 10.42
CA ILE F 583 9.47 21.76 10.79
C ILE F 583 8.76 21.09 9.62
N GLY F 584 9.41 20.08 9.04
CA GLY F 584 8.84 19.33 7.95
C GLY F 584 9.75 18.18 7.57
N ARG F 585 9.17 17.15 6.96
CA ARG F 585 9.93 15.96 6.64
C ARG F 585 9.67 15.51 5.22
N PRO F 586 10.67 14.88 4.57
CA PRO F 586 10.45 14.33 3.24
C PRO F 586 9.87 12.92 3.29
N CYS F 587 9.75 12.28 2.13
CA CYS F 587 9.29 10.91 2.08
C CYS F 587 10.38 9.95 2.54
N PHE F 588 9.96 8.92 3.28
CA PHE F 588 10.87 7.89 3.82
C PHE F 588 12.00 8.52 4.63
N SER F 589 11.65 9.42 5.54
CA SER F 589 12.66 10.08 6.35
C SER F 589 12.08 10.42 7.72
N ASN F 590 12.97 10.55 8.70
CA ASN F 590 12.59 10.90 10.07
C ASN F 590 13.14 12.25 10.49
N LYS F 591 13.92 12.93 9.66
CA LYS F 591 14.40 14.27 9.98
C LYS F 591 13.27 15.26 9.79
N ILE F 592 12.94 16.01 10.84
CA ILE F 592 11.79 16.90 10.83
C ILE F 592 12.16 18.36 11.03
N ASN F 593 13.45 18.68 11.03
CA ASN F 593 13.89 20.05 11.25
C ASN F 593 14.82 20.48 10.14
N ASN F 594 14.54 21.66 9.57
CA ASN F 594 15.29 22.20 8.45
C ASN F 594 15.80 23.59 8.80
N ARG F 595 17.04 23.88 8.42
CA ARG F 595 17.63 25.18 8.69
C ARG F 595 17.14 26.20 7.65
N ASN F 596 16.67 27.34 8.14
CA ASN F 596 16.05 28.36 7.29
C ASN F 596 17.04 29.48 7.03
N HIS F 597 17.52 29.57 5.80
CA HIS F 597 18.44 30.61 5.37
C HIS F 597 17.92 31.42 4.19
N ALA F 598 16.61 31.35 3.92
CA ALA F 598 16.08 31.72 2.62
C ALA F 598 15.36 33.06 2.65
N THR F 599 15.51 33.80 1.56
CA THR F 599 14.65 34.92 1.24
C THR F 599 13.47 34.40 0.42
N ILE F 600 12.27 34.48 0.97
CA ILE F 600 11.07 33.96 0.32
C ILE F 600 10.42 35.09 -0.45
N ILE F 601 10.27 34.90 -1.75
CA ILE F 601 9.68 35.92 -2.62
C ILE F 601 8.51 35.30 -3.38
N ILE F 602 7.38 36.00 -3.37
CA ILE F 602 6.17 35.57 -4.07
C ILE F 602 5.95 36.54 -5.23
N ASP F 603 5.83 35.98 -6.43
CA ASP F 603 5.63 36.76 -7.65
C ASP F 603 4.18 36.65 -8.08
N THR F 604 3.50 37.80 -8.20
CA THR F 604 2.07 37.80 -8.42
C THR F 604 1.64 39.10 -9.06
N ASN F 605 0.45 39.07 -9.68
CA ASN F 605 -0.20 40.29 -10.15
C ASN F 605 -1.48 40.59 -9.38
N TYR F 606 -1.71 39.92 -8.25
CA TYR F 606 -2.86 40.17 -7.40
C TYR F 606 -2.39 40.34 -5.96
N LYS F 607 -3.06 41.22 -5.23
CA LYS F 607 -2.73 41.45 -3.84
C LYS F 607 -3.10 40.23 -2.99
N PRO F 608 -2.35 39.97 -1.92
CA PRO F 608 -2.66 38.81 -1.08
C PRO F 608 -3.71 39.14 -0.03
N VAL F 609 -4.51 38.12 0.28
CA VAL F 609 -5.51 38.21 1.35
C VAL F 609 -5.23 37.08 2.35
N PHE F 610 -5.40 37.37 3.62
CA PHE F 610 -5.09 36.43 4.70
C PHE F 610 -6.35 36.09 5.49
N ASP F 611 -6.32 34.94 6.16
CA ASP F 611 -7.48 34.51 6.94
C ASP F 611 -7.75 35.46 8.09
N ARG F 612 -6.70 35.88 8.80
CA ARG F 612 -6.83 36.87 9.86
C ARG F 612 -5.63 37.82 9.81
N ILE F 613 -5.84 39.03 10.32
CA ILE F 613 -4.83 40.08 10.30
C ILE F 613 -4.54 40.51 11.74
N ASP F 614 -3.25 40.55 12.09
CA ASP F 614 -2.82 41.04 13.38
C ASP F 614 -1.44 41.66 13.23
N ASN F 615 -0.93 42.22 14.33
CA ASN F 615 0.36 42.92 14.30
C ASN F 615 1.50 41.97 13.94
N ALA F 616 1.43 40.72 14.38
CA ALA F 616 2.48 39.76 14.06
C ALA F 616 2.56 39.54 12.56
N LEU F 617 1.41 39.44 11.89
CA LEU F 617 1.40 39.35 10.43
C LEU F 617 1.88 40.64 9.80
N MET F 618 1.42 41.78 10.30
CA MET F 618 1.80 43.06 9.73
C MET F 618 3.28 43.38 9.92
N ARG F 619 3.98 42.65 10.77
CA ARG F 619 5.41 42.83 10.97
C ARG F 619 6.26 42.05 9.97
N ARG F 620 5.65 41.29 9.06
CA ARG F 620 6.41 40.34 8.26
C ARG F 620 6.02 40.33 6.78
N ILE F 621 5.54 41.45 6.25
CA ILE F 621 5.18 41.53 4.84
C ILE F 621 5.76 42.79 4.23
N ALA F 622 6.39 42.66 3.06
CA ALA F 622 6.88 43.79 2.28
C ALA F 622 6.48 43.59 0.82
N VAL F 623 6.32 44.70 0.10
CA VAL F 623 5.80 44.68 -1.26
C VAL F 623 6.69 45.55 -2.15
N VAL F 624 7.02 45.04 -3.33
CA VAL F 624 7.75 45.78 -4.36
C VAL F 624 6.86 45.85 -5.61
N ARG F 625 6.76 47.03 -6.20
CA ARG F 625 5.88 47.26 -7.33
C ARG F 625 6.65 47.33 -8.64
N PHE F 626 6.05 46.79 -9.70
CA PHE F 626 6.60 46.83 -11.05
C PHE F 626 5.60 47.55 -11.95
N ARG F 627 6.01 48.68 -12.52
CA ARG F 627 5.12 49.56 -13.26
C ARG F 627 5.70 49.97 -14.60
N THR F 628 6.37 49.05 -15.28
CA THR F 628 6.87 49.31 -16.63
C THR F 628 6.41 48.19 -17.54
N HIS F 629 5.81 48.54 -18.66
CA HIS F 629 5.22 47.58 -19.57
C HIS F 629 6.07 47.44 -20.82
N PHE F 630 6.35 46.21 -21.22
CA PHE F 630 7.08 45.90 -22.44
C PHE F 630 6.11 45.26 -23.42
N SER F 631 5.86 45.95 -24.54
CA SER F 631 4.76 45.59 -25.43
C SER F 631 5.21 45.60 -26.87
N GLN F 632 4.46 44.87 -27.70
CA GLN F 632 4.59 44.95 -29.13
C GLN F 632 3.98 46.26 -29.65
N PRO F 633 4.34 46.69 -30.86
CA PRO F 633 3.70 47.88 -31.42
C PRO F 633 2.20 47.74 -31.59
N SER F 634 1.68 46.51 -31.67
CA SER F 634 0.24 46.32 -31.78
C SER F 634 -0.49 46.82 -30.54
N GLY F 635 0.05 46.55 -29.36
CA GLY F 635 -0.62 46.91 -28.12
C GLY F 635 -0.03 48.12 -27.41
N ARG F 636 0.83 48.86 -28.10
CA ARG F 636 1.49 50.00 -27.48
C ARG F 636 0.47 51.08 -27.08
N GLU F 637 -0.41 51.45 -28.01
CA GLU F 637 -1.40 52.48 -27.71
C GLU F 637 -2.39 52.00 -26.64
N ALA F 638 -2.81 50.73 -26.72
CA ALA F 638 -3.75 50.20 -25.74
C ALA F 638 -3.15 50.20 -24.34
N ALA F 639 -1.87 49.83 -24.22
CA ALA F 639 -1.24 49.79 -22.91
C ALA F 639 -0.81 51.16 -22.42
N GLU F 640 -0.69 52.13 -23.33
CA GLU F 640 -0.32 53.49 -22.91
C GLU F 640 -1.47 54.23 -22.25
N ASN F 641 -2.68 53.69 -22.30
CA ASN F 641 -3.84 54.32 -21.67
C ASN F 641 -4.31 53.54 -20.44
N ASN F 642 -3.38 52.86 -19.77
CA ASN F 642 -3.69 52.06 -18.60
C ASN F 642 -3.02 52.67 -17.37
N ASP F 643 -3.80 52.84 -16.30
CA ASP F 643 -3.28 53.40 -15.06
C ASP F 643 -2.32 52.46 -14.33
N ALA F 644 -2.23 51.20 -14.76
CA ALA F 644 -1.37 50.23 -14.11
C ALA F 644 0.08 50.34 -14.51
N TYR F 645 0.42 51.18 -15.49
CA TYR F 645 1.78 51.34 -15.96
C TYR F 645 2.18 52.80 -15.89
N ASP F 646 3.43 53.03 -15.50
CA ASP F 646 4.00 54.38 -15.51
C ASP F 646 4.98 54.59 -16.66
N LYS F 647 5.21 53.57 -17.49
CA LYS F 647 6.14 53.67 -18.61
C LYS F 647 5.92 52.48 -19.53
N VAL F 648 5.99 52.72 -20.84
CA VAL F 648 5.86 51.68 -21.84
C VAL F 648 7.14 51.63 -22.66
N LYS F 649 7.70 50.44 -22.82
CA LYS F 649 8.93 50.22 -23.56
C LYS F 649 8.66 49.20 -24.67
N LEU F 650 9.67 48.94 -25.48
CA LEU F 650 9.57 48.00 -26.58
C LEU F 650 10.13 46.65 -26.16
N LEU F 651 9.37 45.58 -26.42
CA LEU F 651 9.76 44.25 -26.02
C LEU F 651 10.98 43.78 -26.81
N ASP F 652 11.91 43.11 -26.12
CA ASP F 652 13.09 42.53 -26.73
C ASP F 652 12.85 41.05 -26.96
N GLU F 653 13.17 40.56 -28.15
CA GLU F 653 12.80 39.21 -28.53
C GLU F 653 13.80 38.18 -28.05
N GLY F 654 15.09 38.48 -28.16
CA GLY F 654 16.12 37.54 -27.76
C GLY F 654 16.58 37.62 -26.32
N LEU F 655 15.94 38.46 -25.51
CA LEU F 655 16.41 38.66 -24.14
C LEU F 655 16.26 37.40 -23.29
N ASP F 656 15.15 36.68 -23.44
CA ASP F 656 14.95 35.49 -22.63
C ASP F 656 15.98 34.41 -22.95
N GLY F 657 16.28 34.21 -24.23
CA GLY F 657 17.32 33.26 -24.60
C GLY F 657 18.70 33.70 -24.15
N LYS F 658 18.98 35.01 -24.26
CA LYS F 658 20.25 35.53 -23.78
C LYS F 658 20.42 35.28 -22.29
N ILE F 659 19.36 35.47 -21.51
CA ILE F 659 19.41 35.17 -20.08
C ILE F 659 19.60 33.67 -19.86
N GLN F 660 18.88 32.84 -20.63
CA GLN F 660 19.00 31.40 -20.48
C GLN F 660 20.42 30.91 -20.74
N ASN F 661 21.16 31.58 -21.62
CA ASN F 661 22.53 31.22 -21.91
C ASN F 661 23.52 31.75 -20.89
N ASN F 662 23.04 32.22 -19.73
CA ASN F 662 23.90 32.68 -18.64
C ASN F 662 24.83 33.81 -19.09
N ARG F 663 24.28 34.76 -19.86
CA ARG F 663 25.10 35.86 -20.36
C ARG F 663 25.41 36.88 -19.26
N TYR F 664 24.42 37.21 -18.44
CA TYR F 664 24.55 38.26 -17.42
C TYR F 664 24.80 37.69 -16.03
N ARG F 665 25.34 36.47 -15.96
CA ARG F 665 25.52 35.81 -14.68
C ARG F 665 26.49 36.58 -13.79
N PHE F 666 27.68 36.88 -14.29
CA PHE F 666 28.68 37.53 -13.46
C PHE F 666 28.47 39.03 -13.36
N ALA F 667 27.84 39.65 -14.37
CA ALA F 667 27.46 41.05 -14.24
C ALA F 667 26.44 41.24 -13.13
N PHE F 668 25.42 40.38 -13.10
CA PHE F 668 24.43 40.47 -12.03
C PHE F 668 25.02 40.06 -10.69
N LEU F 669 25.97 39.13 -10.67
CA LEU F 669 26.66 38.80 -9.43
C LEU F 669 27.43 40.01 -8.89
N TYR F 670 28.13 40.74 -9.76
CA TYR F 670 28.86 41.92 -9.32
C TYR F 670 27.90 42.99 -8.80
N LEU F 671 26.77 43.18 -9.49
CA LEU F 671 25.77 44.12 -9.00
C LEU F 671 25.25 43.72 -7.63
N LEU F 672 24.98 42.43 -7.43
CA LEU F 672 24.47 41.94 -6.15
C LEU F 672 25.48 42.16 -5.03
N VAL F 673 26.76 41.90 -5.31
CA VAL F 673 27.78 42.10 -4.27
C VAL F 673 27.92 43.58 -3.92
N LYS F 674 27.88 44.45 -4.93
CA LYS F 674 27.96 45.88 -4.67
C LYS F 674 26.79 46.34 -3.81
N TRP F 675 25.57 45.87 -4.14
CA TRP F 675 24.41 46.23 -3.34
C TRP F 675 24.49 45.65 -1.93
N TYR F 676 25.05 44.45 -1.78
CA TYR F 676 25.25 43.87 -0.47
C TYR F 676 26.14 44.75 0.39
N LYS F 677 27.26 45.21 -0.17
CA LYS F 677 28.13 46.13 0.56
C LYS F 677 27.39 47.42 0.90
N LYS F 678 26.60 47.94 -0.04
CA LYS F 678 25.92 49.21 0.18
C LYS F 678 24.90 49.12 1.30
N TYR F 679 24.01 48.14 1.25
CA TYR F 679 22.90 48.05 2.19
C TYR F 679 23.24 47.27 3.45
N HIS F 680 24.41 46.64 3.52
CA HIS F 680 24.80 45.86 4.69
C HIS F 680 25.72 46.69 5.56
N ILE F 681 25.12 47.62 6.31
CA ILE F 681 25.77 48.26 7.44
C ILE F 681 25.98 47.15 8.48
N PRO F 682 26.68 47.38 9.61
CA PRO F 682 27.01 46.27 10.53
C PRO F 682 25.92 45.23 10.72
N ILE F 683 24.65 45.64 10.66
CA ILE F 683 23.51 44.73 10.68
C ILE F 683 22.63 45.02 9.47
N MET F 684 22.26 43.98 8.73
CA MET F 684 21.31 44.09 7.65
C MET F 684 20.02 43.38 8.02
N LYS F 685 18.91 44.10 7.96
CA LYS F 685 17.61 43.57 8.32
C LYS F 685 16.58 43.96 7.27
N LEU F 686 15.52 43.18 7.19
CA LEU F 686 14.42 43.41 6.28
C LEU F 686 13.24 43.99 7.06
N TYR F 687 12.72 45.13 6.61
CA TYR F 687 11.64 45.80 7.32
C TYR F 687 10.35 45.76 6.52
N PRO F 688 9.21 45.65 7.19
CA PRO F 688 7.94 45.52 6.48
C PRO F 688 7.44 46.85 5.92
N THR F 689 6.53 46.74 4.96
CA THR F 689 5.84 47.89 4.37
C THR F 689 4.33 47.62 4.44
N PRO F 690 3.71 47.89 5.59
CA PRO F 690 2.28 47.60 5.74
C PRO F 690 1.37 48.59 5.05
N GLU F 691 1.90 49.65 4.46
CA GLU F 691 1.09 50.67 3.81
C GLU F 691 0.72 50.32 2.38
N GLU F 692 1.19 49.19 1.87
CA GLU F 692 0.95 48.82 0.48
C GLU F 692 -0.10 47.75 0.30
N ILE F 693 -0.69 47.24 1.38
CA ILE F 693 -1.67 46.15 1.30
C ILE F 693 -3.04 46.72 1.67
N PRO F 694 -4.04 46.61 0.81
CA PRO F 694 -5.38 47.11 1.15
C PRO F 694 -6.01 46.40 2.35
N ASP F 695 -5.60 45.16 2.65
CA ASP F 695 -6.20 44.43 3.75
C ASP F 695 -5.88 45.06 5.09
N PHE F 696 -4.69 45.67 5.21
CA PHE F 696 -4.25 46.22 6.48
C PHE F 696 -4.81 47.61 6.74
N ALA F 697 -5.57 48.17 5.80
CA ALA F 697 -5.99 49.56 5.87
C ALA F 697 -6.85 49.87 7.08
N PHE F 698 -7.84 49.00 7.35
CA PHE F 698 -8.72 49.21 8.49
C PHE F 698 -7.94 49.14 9.80
N TYR F 699 -7.06 48.15 9.91
CA TYR F 699 -6.31 47.96 11.14
C TYR F 699 -5.21 48.99 11.32
N LEU F 700 -4.85 49.73 10.27
CA LEU F 700 -3.98 50.88 10.43
C LEU F 700 -4.76 52.13 10.84
N LYS F 701 -5.89 52.38 10.19
CA LYS F 701 -6.69 53.54 10.54
C LYS F 701 -7.23 53.44 11.96
N ILE F 702 -7.61 52.24 12.40
CA ILE F 702 -8.07 52.08 13.78
C ILE F 702 -6.97 52.46 14.76
N GLY F 703 -5.74 51.99 14.52
CA GLY F 703 -4.63 52.38 15.37
C GLY F 703 -4.31 53.86 15.31
N THR F 704 -4.61 54.53 14.21
CA THR F 704 -4.44 55.96 14.12
C THR F 704 -5.58 56.76 14.76
N LEU F 705 -6.74 56.15 15.00
CA LEU F 705 -7.89 56.88 15.52
C LEU F 705 -8.21 56.62 16.99
N LEU F 706 -7.68 55.57 17.60
CA LEU F 706 -8.08 55.20 18.95
C LEU F 706 -6.85 54.94 19.80
N VAL F 707 -7.01 55.13 21.12
CA VAL F 707 -6.00 54.73 22.09
C VAL F 707 -6.69 53.94 23.19
N SER F 708 -5.90 53.13 23.89
CA SER F 708 -6.44 52.35 25.00
C SER F 708 -6.56 53.24 26.24
N SER F 709 -7.66 53.08 26.98
CA SER F 709 -7.91 53.90 28.16
C SER F 709 -6.93 53.49 29.26
N SER F 710 -5.97 54.37 29.55
CA SER F 710 -4.99 54.14 30.58
C SER F 710 -5.38 54.90 31.84
N VAL F 711 -4.53 54.83 32.87
CA VAL F 711 -4.81 55.51 34.13
C VAL F 711 -4.73 57.02 33.95
N LYS F 712 -3.80 57.49 33.10
CA LYS F 712 -3.53 58.92 32.91
C LYS F 712 -4.70 59.68 32.30
N HIS F 713 -5.83 59.05 31.99
CA HIS F 713 -7.02 59.74 31.50
C HIS F 713 -8.13 59.77 32.54
N ILE F 714 -7.90 59.27 33.75
CA ILE F 714 -8.93 59.26 34.78
C ILE F 714 -9.37 60.66 35.20
N PRO F 715 -8.46 61.58 35.56
CA PRO F 715 -8.93 62.85 36.15
C PRO F 715 -9.77 63.71 35.22
N LEU F 716 -9.64 63.54 33.91
CA LEU F 716 -10.31 64.38 32.93
C LEU F 716 -11.69 63.84 32.57
N MET F 717 -12.34 63.12 33.48
CA MET F 717 -13.55 62.39 33.13
C MET F 717 -14.77 63.30 32.96
N THR F 718 -14.67 64.58 33.32
CA THR F 718 -15.83 65.47 33.25
C THR F 718 -16.24 65.74 31.81
N ASP F 719 -15.34 66.31 31.01
CA ASP F 719 -15.64 66.57 29.61
C ASP F 719 -15.90 65.27 28.86
N LEU F 720 -15.24 64.19 29.28
CA LEU F 720 -15.48 62.90 28.67
C LEU F 720 -16.86 62.35 28.99
N SER F 721 -17.40 62.64 30.17
CA SER F 721 -18.77 62.25 30.48
C SER F 721 -19.76 63.12 29.72
N LYS F 722 -19.40 64.39 29.48
CA LYS F 722 -20.17 65.19 28.54
C LYS F 722 -20.18 64.56 27.15
N LYS F 723 -19.04 64.02 26.72
CA LYS F 723 -18.98 63.31 25.45
C LYS F 723 -19.86 62.06 25.46
N GLY F 724 -19.80 61.28 26.53
CA GLY F 724 -20.55 60.05 26.63
C GLY F 724 -19.81 58.92 27.31
N TYR F 725 -18.54 59.15 27.67
CA TYR F 725 -17.75 58.15 28.37
C TYR F 725 -18.24 57.98 29.80
N ILE F 726 -18.22 56.74 30.28
CA ILE F 726 -18.66 56.43 31.64
C ILE F 726 -17.48 55.83 32.40
N LEU F 727 -17.39 56.20 33.67
CA LEU F 727 -16.29 55.77 34.54
C LEU F 727 -16.77 54.58 35.37
N TYR F 728 -16.30 53.39 35.01
CA TYR F 728 -16.61 52.17 35.74
C TYR F 728 -15.32 51.50 36.18
N ASP F 729 -15.32 50.99 37.42
CA ASP F 729 -14.16 50.32 37.99
C ASP F 729 -12.90 51.19 37.89
N ASN F 730 -13.10 52.49 38.07
CA ASN F 730 -12.03 53.48 38.00
C ASN F 730 -11.29 53.43 36.64
N VAL F 731 -12.07 53.28 35.57
CA VAL F 731 -11.53 53.40 34.22
C VAL F 731 -12.63 53.95 33.33
N VAL F 732 -12.22 54.77 32.34
CA VAL F 732 -13.15 55.41 31.42
C VAL F 732 -13.41 54.47 30.25
N THR F 733 -14.69 54.27 29.93
CA THR F 733 -15.07 53.31 28.91
C THR F 733 -16.24 53.87 28.12
N LEU F 734 -16.61 53.16 27.04
CA LEU F 734 -17.63 53.62 26.10
C LEU F 734 -18.57 52.47 25.75
N PRO F 735 -19.89 52.66 25.91
CA PRO F 735 -20.84 51.56 25.64
C PRO F 735 -20.97 51.19 24.17
N LEU F 736 -21.89 50.27 23.87
CA LEU F 736 -22.07 49.71 22.54
C LEU F 736 -22.47 50.74 21.48
N THR F 737 -23.68 51.28 21.62
CA THR F 737 -24.30 52.02 20.53
C THR F 737 -23.57 53.33 20.26
N THR F 738 -23.16 54.03 21.32
CA THR F 738 -22.45 55.30 21.15
C THR F 738 -21.14 55.10 20.42
N PHE F 739 -20.37 54.07 20.82
CA PHE F 739 -19.15 53.75 20.09
C PHE F 739 -19.43 53.36 18.65
N GLN F 740 -20.52 52.60 18.43
CA GLN F 740 -20.88 52.20 17.08
C GLN F 740 -21.11 53.41 16.18
N GLN F 741 -21.89 54.38 16.66
CA GLN F 741 -22.17 55.54 15.82
C GLN F 741 -20.95 56.46 15.68
N LYS F 742 -20.15 56.58 16.74
CA LYS F 742 -18.93 57.38 16.64
C LYS F 742 -17.98 56.81 15.59
N ILE F 743 -17.84 55.49 15.55
CA ILE F 743 -16.98 54.87 14.54
C ILE F 743 -17.61 54.98 13.16
N SER F 744 -18.93 54.77 13.07
CA SER F 744 -19.60 54.87 11.78
C SER F 744 -19.47 56.27 11.19
N LYS F 745 -19.33 57.29 12.04
CA LYS F 745 -19.02 58.62 11.54
C LYS F 745 -17.66 58.66 10.86
N TYR F 746 -16.75 57.77 11.24
CA TYR F 746 -15.39 57.77 10.71
C TYR F 746 -15.17 56.76 9.60
N PHE F 747 -16.04 55.77 9.46
CA PHE F 747 -15.86 54.71 8.47
C PHE F 747 -17.13 54.60 7.64
N ASN F 748 -17.16 53.60 6.74
CA ASN F 748 -18.30 53.36 5.87
C ASN F 748 -18.97 52.05 6.30
N SER F 749 -20.28 52.11 6.53
CA SER F 749 -21.00 50.93 7.00
C SER F 749 -21.22 49.92 5.88
N ARG F 750 -21.28 50.38 4.63
CA ARG F 750 -21.57 49.47 3.53
C ARG F 750 -20.38 48.56 3.23
N LEU F 751 -19.17 49.12 3.22
CA LEU F 751 -17.98 48.37 2.83
C LEU F 751 -17.16 47.87 4.01
N PHE F 752 -17.15 48.59 5.13
CA PHE F 752 -16.34 48.24 6.29
C PHE F 752 -17.20 47.65 7.42
N GLY F 753 -18.19 46.83 7.08
CA GLY F 753 -19.04 46.25 8.11
C GLY F 753 -18.41 45.07 8.84
N HIS F 754 -18.05 44.02 8.09
CA HIS F 754 -17.64 42.77 8.71
C HIS F 754 -16.46 42.96 9.65
N ASP F 755 -15.47 43.77 9.23
CA ASP F 755 -14.33 44.02 10.10
C ASP F 755 -14.72 44.86 11.31
N ILE F 756 -15.74 45.72 11.18
CA ILE F 756 -16.21 46.48 12.34
C ILE F 756 -16.81 45.53 13.37
N GLU F 757 -17.67 44.60 12.92
CA GLU F 757 -18.22 43.62 13.85
C GLU F 757 -17.12 42.74 14.45
N SER F 758 -16.12 42.37 13.64
CA SER F 758 -15.03 41.55 14.14
C SER F 758 -14.24 42.28 15.21
N PHE F 759 -13.96 43.56 15.00
CA PHE F 759 -13.25 44.35 16.00
C PHE F 759 -14.08 44.49 17.27
N ILE F 760 -15.38 44.74 17.14
CA ILE F 760 -16.24 44.87 18.31
C ILE F 760 -16.21 43.58 19.12
N ASN F 761 -16.35 42.44 18.45
CA ASN F 761 -16.33 41.16 19.15
C ASN F 761 -14.95 40.83 19.71
N ARG F 762 -13.88 41.27 19.05
CA ARG F 762 -12.53 40.97 19.50
C ARG F 762 -12.15 41.76 20.75
N HIS F 763 -12.49 43.06 20.78
CA HIS F 763 -12.12 43.92 21.89
C HIS F 763 -13.27 44.15 22.87
N LYS F 764 -14.37 43.43 22.73
CA LYS F 764 -15.49 43.56 23.65
C LYS F 764 -15.10 43.07 25.04
N LYS F 765 -15.57 43.80 26.06
CA LYS F 765 -15.43 43.38 27.45
C LYS F 765 -16.71 43.72 28.19
N PHE F 766 -17.31 42.71 28.83
CA PHE F 766 -18.47 42.93 29.71
C PHE F 766 -17.94 43.34 31.07
N ALA F 767 -17.84 44.66 31.27
CA ALA F 767 -17.23 45.19 32.49
C ALA F 767 -18.02 44.78 33.73
N ASN F 768 -19.32 45.01 33.72
CA ASN F 768 -20.21 44.61 34.80
C ASN F 768 -21.10 43.48 34.32
N VAL F 769 -22.06 43.08 35.16
CA VAL F 769 -23.08 42.12 34.74
C VAL F 769 -23.85 42.74 33.59
N SER F 770 -23.70 42.18 32.39
CA SER F 770 -24.24 42.74 31.16
C SER F 770 -23.70 44.15 30.91
N ASP F 771 -24.30 44.86 29.96
CA ASP F 771 -23.92 46.23 29.61
C ASP F 771 -22.43 46.33 29.28
N GLU F 772 -22.05 45.66 28.20
CA GLU F 772 -20.66 45.62 27.79
C GLU F 772 -20.20 46.99 27.26
N TYR F 773 -18.88 47.15 27.18
CA TYR F 773 -18.29 48.40 26.74
C TYR F 773 -16.85 48.16 26.28
N LEU F 774 -16.31 49.13 25.55
CA LEU F 774 -14.90 49.11 25.14
C LEU F 774 -14.13 50.14 25.96
N GLN F 775 -12.92 49.76 26.39
CA GLN F 775 -12.04 50.68 27.10
C GLN F 775 -11.10 51.39 26.12
N TYR F 776 -11.72 52.04 25.13
CA TYR F 776 -10.98 52.74 24.09
C TYR F 776 -11.48 54.18 24.02
N ILE F 777 -10.55 55.11 23.85
CA ILE F 777 -10.87 56.54 23.77
C ILE F 777 -10.36 57.07 22.43
N PHE F 778 -11.24 57.80 21.74
CA PHE F 778 -10.84 58.51 20.54
C PHE F 778 -9.88 59.64 20.89
N ILE F 779 -8.81 59.75 20.12
CA ILE F 779 -7.86 60.85 20.33
C ILE F 779 -8.47 62.19 19.96
N GLU F 780 -9.53 62.20 19.14
CA GLU F 780 -10.15 63.46 18.75
C GLU F 780 -10.92 64.08 19.91
N ASP F 781 -11.53 63.27 20.76
CA ASP F 781 -12.28 63.80 21.89
C ASP F 781 -11.35 64.51 22.88
N ILE F 782 -10.20 63.93 23.18
CA ILE F 782 -9.25 64.59 24.06
C ILE F 782 -8.58 65.76 23.36
N SER F 783 -8.34 65.64 22.04
CA SER F 783 -7.68 66.71 21.31
C SER F 783 -8.54 67.96 21.23
N SER F 784 -9.84 67.79 21.00
CA SER F 784 -10.76 68.92 20.85
C SER F 784 -11.82 68.86 21.94
N PRO F 785 -11.66 69.61 23.04
CA PRO F 785 -12.63 69.63 24.15
C PRO F 785 -13.99 70.17 23.72
#